data_3QU8
#
_entry.id   3QU8
#
_cell.length_a   101.880
_cell.length_b   101.880
_cell.length_c   299.509
_cell.angle_alpha   90.00
_cell.angle_beta   90.00
_cell.angle_gamma   120.00
#
_symmetry.space_group_name_H-M   'P 32'
#
loop_
_entity.id
_entity.type
_entity.pdbx_description
1 polymer 'Cytochrome P450 2B6'
2 non-polymer 'PROTOPORPHYRIN IX CONTAINING FE'
3 non-polymer 4-(4-nitrobenzyl)pyridine
4 non-polymer 5-CYCLOHEXYL-1-PENTYL-BETA-D-MALTOSIDE
5 water water
#
_entity_poly.entity_id   1
_entity_poly.type   'polypeptide(L)'
_entity_poly.pdbx_seq_one_letter_code
;MAKKTSSKGKLPPGPRPLPLLGNLLQMDRRGLLKSFLRFREKYGDVFTVHLGPRPVVMLCGVEAIREALVDKAEAFSGRG
KIAMVDPFFRGYGVIFANGNRWKVLRRFSVTTMRDFGMGKRSVEERIQEEAQCLIEELRKSKGALMDPTFLFQSITANII
CSIVFGKRFHYQDQEFLKMLNLFYQTFSLISSVFGQLFELFSGFLKHFPGAHRQVYKNLQEINAYIGHSVEKHRETLDPS
APRDLIDTYLLHMEKEKSNAHSEFSHQNLNLNTLSLFFAGTETTSTTLRYGFLLMLKYPHVAERVYREIEQVIGPHRPPE
LHDRAKMPYTEAVIYEIQRFSDLLPMGVPHIVTQHTSFRGYIIPKDTEVFLILSTALHDPHYFEKPDAFNPDHFLDANGA
LKKTEAFIPFSLGKRICLGEGIARAELFLFFTTILQNFSMASPVAPEDIDLTPQECGVGKIPPTYQIRFLPRHHHH
;
_entity_poly.pdbx_strand_id   A,B,C,D,E,F
#
loop_
_chem_comp.id
_chem_comp.type
_chem_comp.name
_chem_comp.formula
3QU non-polymer 4-(4-nitrobenzyl)pyridine 'C12 H10 N2 O2'
CM5 non-polymer 5-CYCLOHEXYL-1-PENTYL-BETA-D-MALTOSIDE 'C23 H42 O11'
HEM non-polymer 'PROTOPORPHYRIN IX CONTAINING FE' 'C34 H32 Fe N4 O4'
#
# COMPACT_ATOMS: atom_id res chain seq x y z
N GLY A 9 -17.74 9.75 28.33
CA GLY A 9 -17.18 10.59 29.37
C GLY A 9 -15.67 10.50 29.43
N LYS A 10 -15.08 9.85 28.42
CA LYS A 10 -13.64 9.72 28.34
C LYS A 10 -13.20 9.84 26.87
N LEU A 11 -11.90 9.70 26.62
CA LEU A 11 -11.36 9.79 25.29
C LEU A 11 -12.30 9.05 24.32
N PRO A 12 -12.42 9.56 23.10
CA PRO A 12 -13.31 8.97 22.12
C PRO A 12 -13.24 7.43 21.90
N PRO A 13 -14.34 6.80 21.42
CA PRO A 13 -14.40 5.34 21.27
C PRO A 13 -13.52 4.88 20.11
N GLY A 14 -13.20 3.58 20.04
CA GLY A 14 -12.31 3.05 19.04
C GLY A 14 -11.90 1.62 19.28
N PRO A 15 -11.15 1.04 18.33
CA PRO A 15 -10.74 -0.33 18.38
C PRO A 15 -9.91 -0.58 19.61
N ARG A 16 -10.31 -1.60 20.37
CA ARG A 16 -9.62 -2.02 21.57
C ARG A 16 -8.21 -2.44 21.22
N PRO A 17 -7.25 -1.78 21.85
CA PRO A 17 -5.82 -1.99 21.58
C PRO A 17 -5.24 -3.17 22.38
N LEU A 18 -4.08 -3.63 21.97
CA LEU A 18 -3.34 -4.52 22.79
C LEU A 18 -2.19 -3.78 23.39
N PRO A 19 -1.62 -4.31 24.43
CA PRO A 19 -0.37 -3.76 24.90
C PRO A 19 0.66 -3.84 23.81
N LEU A 20 1.62 -2.92 23.81
CA LEU A 20 2.72 -2.95 22.87
C LEU A 20 2.40 -2.64 21.42
N LEU A 21 1.41 -3.34 20.87
CA LEU A 21 0.98 -3.12 19.49
C LEU A 21 -0.35 -2.39 19.28
N GLY A 22 -0.80 -1.58 20.25
CA GLY A 22 -1.99 -0.76 20.07
C GLY A 22 -2.97 -1.43 19.12
N ASN A 23 -3.22 -0.82 17.99
CA ASN A 23 -4.20 -1.38 17.11
C ASN A 23 -3.62 -1.93 15.84
N LEU A 24 -2.34 -2.29 15.89
CA LEU A 24 -1.68 -2.84 14.71
C LEU A 24 -2.51 -3.92 14.02
N LEU A 25 -3.01 -4.91 14.79
CA LEU A 25 -3.73 -6.04 14.15
C LEU A 25 -5.06 -5.68 13.53
N GLN A 26 -5.56 -4.47 13.81
CA GLN A 26 -6.76 -3.95 13.12
C GLN A 26 -6.45 -2.95 11.97
N MET A 27 -5.17 -2.65 11.74
CA MET A 27 -4.88 -1.71 10.67
C MET A 27 -5.15 -2.39 9.32
N ASP A 28 -5.27 -1.60 8.29
CA ASP A 28 -5.34 -2.12 6.96
C ASP A 28 -3.94 -2.04 6.31
N ARG A 29 -3.63 -3.05 5.51
CA ARG A 29 -2.32 -3.12 4.84
C ARG A 29 -2.00 -1.89 3.98
N ARG A 30 -3.01 -1.33 3.32
CA ARG A 30 -2.76 -0.24 2.40
C ARG A 30 -2.31 1.08 3.05
N GLY A 31 -2.44 1.16 4.37
CA GLY A 31 -1.79 2.21 5.14
C GLY A 31 -2.68 2.90 6.15
N LEU A 32 -2.14 3.98 6.73
CA LEU A 32 -2.78 4.70 7.84
C LEU A 32 -4.14 5.27 7.53
N LEU A 33 -4.26 5.95 6.40
CA LEU A 33 -5.52 6.51 5.96
C LEU A 33 -6.61 5.46 5.72
N LYS A 34 -6.29 4.39 4.97
CA LYS A 34 -7.26 3.29 4.77
C LYS A 34 -7.77 2.77 6.09
N SER A 35 -6.86 2.61 7.03
CA SER A 35 -7.19 2.05 8.30
C SER A 35 -8.20 2.95 8.98
N PHE A 36 -7.93 4.24 8.92
CA PHE A 36 -8.76 5.25 9.55
C PHE A 36 -10.15 5.35 8.92
N LEU A 37 -10.22 5.32 7.59
CA LEU A 37 -11.51 5.33 6.91
C LEU A 37 -12.40 4.18 7.31
N ARG A 38 -11.84 3.01 7.52
CA ARG A 38 -12.62 1.92 8.06
C ARG A 38 -13.04 2.24 9.46
N PHE A 39 -12.09 2.48 10.33
CA PHE A 39 -12.46 2.74 11.71
C PHE A 39 -13.58 3.75 11.75
N ARG A 40 -13.61 4.66 10.78
CA ARG A 40 -14.70 5.65 10.76
C ARG A 40 -16.08 5.01 10.49
N GLU A 41 -16.10 4.04 9.56
CA GLU A 41 -17.33 3.32 9.25
C GLU A 41 -17.96 2.76 10.52
N LYS A 42 -17.13 2.21 11.38
CA LYS A 42 -17.62 1.66 12.63
C LYS A 42 -17.84 2.70 13.72
N TYR A 43 -16.90 3.62 13.93
CA TYR A 43 -16.91 4.40 15.16
C TYR A 43 -17.48 5.79 15.09
N GLY A 44 -17.65 6.29 13.87
CA GLY A 44 -18.16 7.63 13.65
C GLY A 44 -17.08 8.61 13.24
N ASP A 45 -17.36 9.92 13.39
CA ASP A 45 -16.44 10.98 13.01
C ASP A 45 -15.34 11.26 14.01
N VAL A 46 -15.50 10.86 15.27
CA VAL A 46 -14.53 11.13 16.29
C VAL A 46 -14.12 9.85 16.96
N PHE A 47 -12.85 9.46 16.86
CA PHE A 47 -12.42 8.22 17.48
C PHE A 47 -10.94 8.15 17.85
N THR A 48 -10.60 7.24 18.75
CA THR A 48 -9.23 7.06 19.17
C THR A 48 -8.61 5.86 18.46
N VAL A 49 -7.32 5.95 18.13
CA VAL A 49 -6.62 4.82 17.53
C VAL A 49 -5.22 4.73 18.13
N HIS A 50 -4.87 3.58 18.71
CA HIS A 50 -3.62 3.52 19.38
C HIS A 50 -2.53 3.19 18.39
N LEU A 51 -1.74 4.20 18.04
CA LEU A 51 -0.65 4.09 17.13
C LEU A 51 0.55 3.81 17.92
N GLY A 52 0.86 2.55 18.07
CA GLY A 52 1.92 2.17 18.94
C GLY A 52 1.38 2.27 20.32
N PRO A 53 1.94 3.13 21.12
CA PRO A 53 1.55 3.20 22.51
C PRO A 53 0.73 4.34 23.06
N ARG A 54 -0.02 5.05 22.25
CA ARG A 54 -0.57 6.39 22.44
C ARG A 54 -1.91 6.54 21.71
N PRO A 55 -2.92 6.98 22.45
CA PRO A 55 -4.27 7.17 21.88
C PRO A 55 -4.35 8.43 21.03
N VAL A 56 -4.18 8.29 19.72
CA VAL A 56 -4.24 9.40 18.82
C VAL A 56 -5.69 9.55 18.39
N VAL A 57 -6.25 10.74 18.59
CA VAL A 57 -7.64 11.09 18.25
C VAL A 57 -7.76 11.58 16.83
N MET A 58 -8.66 10.93 16.09
CA MET A 58 -8.89 11.23 14.69
C MET A 58 -10.17 11.98 14.64
N LEU A 59 -10.18 13.05 13.85
CA LEU A 59 -11.38 13.79 13.59
C LEU A 59 -11.68 13.82 12.10
N CYS A 60 -12.92 13.51 11.74
CA CYS A 60 -13.33 13.32 10.35
C CYS A 60 -14.53 14.15 10.01
N GLY A 61 -14.57 14.63 8.76
CA GLY A 61 -15.70 15.39 8.23
C GLY A 61 -15.60 16.84 8.61
N VAL A 62 -16.26 17.69 7.82
CA VAL A 62 -16.12 19.15 7.98
C VAL A 62 -16.64 19.67 9.30
N GLU A 63 -17.81 19.21 9.72
CA GLU A 63 -18.34 19.66 11.02
C GLU A 63 -17.23 19.55 12.04
N ALA A 64 -16.68 18.35 12.20
CA ALA A 64 -15.83 18.03 13.34
C ALA A 64 -14.51 18.76 13.25
N ILE A 65 -13.92 18.71 12.07
CA ILE A 65 -12.69 19.43 11.85
C ILE A 65 -12.86 20.93 12.16
N ARG A 66 -13.92 21.53 11.64
CA ARG A 66 -14.19 22.94 11.83
C ARG A 66 -14.44 23.25 13.30
N GLU A 67 -15.19 22.37 13.95
CA GLU A 67 -15.54 22.56 15.34
C GLU A 67 -14.29 22.57 16.25
N ALA A 68 -13.26 21.84 15.88
CA ALA A 68 -12.08 21.79 16.71
C ALA A 68 -11.14 22.94 16.36
N LEU A 69 -10.88 23.12 15.10
CA LEU A 69 -9.81 23.97 14.64
C LEU A 69 -10.24 25.40 14.69
N VAL A 70 -11.54 25.62 14.63
CA VAL A 70 -12.07 26.97 14.67
C VAL A 70 -12.78 27.30 15.96
N ASP A 71 -13.81 26.57 16.30
CA ASP A 71 -14.55 26.89 17.49
C ASP A 71 -13.73 26.69 18.71
N LYS A 72 -12.80 25.78 18.65
CA LYS A 72 -11.99 25.45 19.82
C LYS A 72 -10.52 25.69 19.57
N ALA A 73 -10.27 26.55 18.60
CA ALA A 73 -8.94 26.95 18.19
C ALA A 73 -7.84 26.98 19.24
N GLU A 74 -8.15 27.46 20.42
CA GLU A 74 -7.15 27.50 21.48
C GLU A 74 -6.75 26.08 21.80
N ALA A 75 -7.72 25.26 22.22
CA ALA A 75 -7.44 23.89 22.63
C ALA A 75 -6.72 23.06 21.53
N PHE A 76 -7.15 23.22 20.29
CA PHE A 76 -6.57 22.45 19.18
C PHE A 76 -5.47 23.06 18.32
N SER A 77 -4.68 23.97 18.85
CA SER A 77 -3.78 24.72 18.02
C SER A 77 -2.34 24.32 18.18
N GLY A 78 -2.08 23.39 19.10
CA GLY A 78 -0.76 22.78 19.30
C GLY A 78 -0.29 21.87 18.17
N ARG A 79 1.00 21.54 18.11
CA ARG A 79 1.59 20.77 17.01
C ARG A 79 2.13 19.44 17.50
N GLY A 80 1.73 18.36 16.83
CA GLY A 80 2.27 17.04 17.09
C GLY A 80 3.62 16.85 16.44
N LYS A 81 4.13 15.62 16.38
CA LYS A 81 5.39 15.34 15.70
C LYS A 81 5.12 14.37 14.57
N ILE A 82 5.89 14.47 13.49
CA ILE A 82 5.98 13.41 12.52
C ILE A 82 7.21 12.56 12.87
N ALA A 83 6.96 11.35 13.34
CA ALA A 83 8.03 10.51 13.88
C ALA A 83 9.28 10.49 13.00
N MET A 84 9.09 10.52 11.70
CA MET A 84 10.15 10.28 10.77
C MET A 84 11.13 11.45 10.67
N VAL A 85 10.67 12.65 11.04
CA VAL A 85 11.50 13.86 10.94
C VAL A 85 11.81 14.42 12.30
N ASP A 86 11.07 13.97 13.31
CA ASP A 86 11.25 14.55 14.62
C ASP A 86 12.69 14.48 15.12
N PRO A 87 13.42 13.42 14.80
CA PRO A 87 14.77 13.44 15.34
C PRO A 87 15.57 14.63 14.87
N PHE A 88 15.26 15.08 13.66
CA PHE A 88 15.96 16.20 13.08
C PHE A 88 15.45 17.52 13.65
N PHE A 89 14.14 17.78 13.63
CA PHE A 89 13.55 19.06 14.06
C PHE A 89 13.49 19.26 15.60
N ARG A 90 12.94 18.27 16.31
CA ARG A 90 12.78 18.29 17.74
C ARG A 90 12.17 19.61 18.15
N GLY A 91 11.04 19.96 17.55
CA GLY A 91 10.32 21.19 17.93
C GLY A 91 10.86 22.54 17.44
N TYR A 92 11.84 22.58 16.54
CA TYR A 92 12.35 23.87 16.00
C TYR A 92 11.78 24.20 14.62
N GLY A 93 11.73 25.52 14.35
CA GLY A 93 11.14 26.04 13.10
C GLY A 93 9.62 26.08 13.21
N VAL A 94 9.00 26.84 12.33
CA VAL A 94 7.62 27.25 12.58
C VAL A 94 6.65 26.07 12.52
N ILE A 95 6.80 25.22 11.49
CA ILE A 95 5.97 24.01 11.32
C ILE A 95 5.90 23.12 12.53
N PHE A 96 7.04 22.85 13.17
CA PHE A 96 7.11 21.92 14.28
C PHE A 96 7.21 22.50 15.67
N ALA A 97 7.09 23.81 15.81
CA ALA A 97 7.22 24.51 17.08
C ALA A 97 5.90 24.58 17.87
N ASN A 98 5.98 24.85 19.17
CA ASN A 98 4.78 25.06 19.99
C ASN A 98 4.99 26.25 20.90
N GLY A 99 4.00 26.60 21.71
CA GLY A 99 4.13 27.77 22.58
C GLY A 99 4.66 29.02 21.93
N ASN A 100 5.52 29.70 22.69
CA ASN A 100 6.03 30.97 22.27
C ASN A 100 6.90 30.83 21.05
N ARG A 101 7.74 29.81 21.06
CA ARG A 101 8.58 29.54 19.88
C ARG A 101 7.77 29.67 18.58
N TRP A 102 6.64 28.94 18.51
CA TRP A 102 5.80 29.02 17.34
C TRP A 102 5.28 30.44 17.11
N LYS A 103 4.78 31.07 18.18
CA LYS A 103 4.17 32.39 18.14
C LYS A 103 5.11 33.33 17.41
N VAL A 104 6.32 33.43 17.93
CA VAL A 104 7.37 34.26 17.35
C VAL A 104 7.71 33.88 15.93
N LEU A 105 8.05 32.61 15.72
CA LEU A 105 8.39 32.14 14.40
C LEU A 105 7.24 32.25 13.39
N ARG A 106 5.99 32.03 13.80
CA ARG A 106 4.86 32.22 12.90
C ARG A 106 4.71 33.66 12.49
N ARG A 107 4.77 34.55 13.47
CA ARG A 107 4.63 35.96 13.20
C ARG A 107 5.77 36.39 12.31
N PHE A 108 6.98 36.00 12.68
CA PHE A 108 8.10 36.37 11.86
C PHE A 108 7.90 35.95 10.43
N SER A 109 7.54 34.69 10.23
CA SER A 109 7.43 34.11 8.92
C SER A 109 6.35 34.80 8.12
N VAL A 110 5.17 34.93 8.73
CA VAL A 110 4.02 35.49 8.05
C VAL A 110 4.30 36.90 7.60
N THR A 111 4.98 37.69 8.43
CA THR A 111 5.30 39.08 8.10
C THR A 111 6.40 39.15 7.04
N THR A 112 7.44 38.38 7.16
CA THR A 112 8.44 38.51 6.14
C THR A 112 8.08 37.78 4.82
N MET A 113 7.14 36.85 4.88
CA MET A 113 6.63 36.19 3.69
C MET A 113 5.76 37.19 2.92
N ARG A 114 5.18 38.17 3.59
CA ARG A 114 4.38 39.16 2.88
C ARG A 114 5.09 40.41 2.35
N ASP A 115 5.95 40.92 3.24
CA ASP A 115 6.91 41.99 2.99
C ASP A 115 7.60 41.91 1.65
N PHE A 116 8.23 40.79 1.33
CA PHE A 116 8.65 40.63 -0.02
C PHE A 116 7.47 40.03 -0.85
N GLY A 117 6.29 40.00 -0.24
CA GLY A 117 5.18 39.10 -0.60
C GLY A 117 3.86 39.65 -1.10
N MET A 118 2.78 39.25 -0.45
CA MET A 118 1.47 39.41 -0.97
C MET A 118 1.12 40.86 -1.23
N SER A 122 7.77 42.39 -6.04
CA SER A 122 6.44 41.88 -5.73
C SER A 122 6.35 40.38 -5.98
N VAL A 123 5.60 39.69 -5.13
CA VAL A 123 5.44 38.24 -5.25
C VAL A 123 4.88 37.90 -6.62
N GLU A 124 3.73 38.48 -6.97
CA GLU A 124 3.09 38.28 -8.26
C GLU A 124 4.06 38.50 -9.41
N GLU A 125 4.85 39.56 -9.33
CA GLU A 125 5.80 39.84 -10.36
C GLU A 125 6.85 38.77 -10.50
N ARG A 126 7.27 38.19 -9.37
CA ARG A 126 8.27 37.14 -9.39
C ARG A 126 7.73 35.81 -9.99
N ILE A 127 6.46 35.51 -9.74
CA ILE A 127 5.83 34.30 -10.27
C ILE A 127 5.73 34.46 -11.77
N GLN A 128 5.28 35.62 -12.21
CA GLN A 128 5.20 35.98 -13.63
C GLN A 128 6.54 35.82 -14.34
N GLU A 129 7.59 36.39 -13.76
CA GLU A 129 8.93 36.27 -14.29
C GLU A 129 9.34 34.79 -14.37
N GLU A 130 9.15 34.05 -13.27
CA GLU A 130 9.49 32.64 -13.26
C GLU A 130 8.68 31.86 -14.29
N ALA A 131 7.39 32.19 -14.41
CA ALA A 131 6.51 31.57 -15.38
C ALA A 131 7.09 31.75 -16.77
N GLN A 132 7.83 32.81 -17.00
CA GLN A 132 8.34 33.04 -18.33
C GLN A 132 9.61 32.30 -18.57
N CYS A 133 10.48 32.25 -17.59
CA CYS A 133 11.65 31.39 -17.69
C CYS A 133 11.18 29.99 -17.92
N LEU A 134 9.99 29.66 -17.41
CA LEU A 134 9.45 28.31 -17.54
C LEU A 134 8.99 28.02 -18.96
N ILE A 135 8.13 28.88 -19.51
CA ILE A 135 7.73 28.76 -20.92
C ILE A 135 8.96 28.59 -21.81
N GLU A 136 9.90 29.50 -21.58
CA GLU A 136 11.20 29.55 -22.25
C GLU A 136 11.91 28.19 -22.28
N GLU A 137 11.97 27.51 -21.14
CA GLU A 137 12.58 26.19 -21.04
C GLU A 137 11.75 25.13 -21.81
N LEU A 138 10.42 25.25 -21.77
CA LEU A 138 9.54 24.26 -22.41
C LEU A 138 9.56 24.37 -23.92
N ARG A 139 9.94 25.54 -24.42
CA ARG A 139 10.23 25.71 -25.84
C ARG A 139 11.49 24.93 -26.15
N LYS A 140 12.52 25.10 -25.32
CA LYS A 140 13.80 24.43 -25.54
C LYS A 140 13.65 22.91 -25.74
N SER A 141 12.65 22.33 -25.09
CA SER A 141 12.42 20.88 -25.17
C SER A 141 11.93 20.38 -26.55
N LYS A 142 11.34 21.28 -27.34
CA LYS A 142 10.89 20.97 -28.71
C LYS A 142 9.89 19.82 -28.73
N GLY A 143 8.96 19.85 -27.77
CA GLY A 143 7.93 18.82 -27.65
C GLY A 143 8.42 17.41 -27.37
N ALA A 144 9.65 17.23 -26.92
CA ALA A 144 10.15 15.91 -26.53
C ALA A 144 9.45 15.46 -25.25
N LEU A 145 9.29 14.14 -25.13
CA LEU A 145 8.85 13.49 -23.89
C LEU A 145 9.73 13.91 -22.74
N MET A 146 9.11 14.18 -21.60
CA MET A 146 9.91 14.53 -20.40
C MET A 146 9.17 14.24 -19.11
N ASP A 147 9.95 14.05 -18.05
CA ASP A 147 9.41 13.91 -16.71
C ASP A 147 9.37 15.30 -16.08
N PRO A 148 8.16 15.90 -15.92
CA PRO A 148 8.03 17.30 -15.56
C PRO A 148 8.46 17.58 -14.13
N THR A 149 8.75 16.53 -13.37
CA THR A 149 9.07 16.61 -11.93
C THR A 149 10.07 17.67 -11.51
N PHE A 150 11.29 17.63 -12.03
CA PHE A 150 12.26 18.58 -11.59
C PHE A 150 11.82 20.02 -11.90
N LEU A 151 11.25 20.25 -13.06
CA LEU A 151 10.85 21.59 -13.42
C LEU A 151 9.78 22.15 -12.54
N PHE A 152 8.67 21.46 -12.37
CA PHE A 152 7.64 21.95 -11.49
C PHE A 152 8.22 22.24 -10.10
N GLN A 153 9.23 21.49 -9.70
CA GLN A 153 9.93 21.75 -8.46
C GLN A 153 10.76 23.03 -8.55
N SER A 154 11.59 23.15 -9.57
CA SER A 154 12.38 24.36 -9.83
C SER A 154 11.57 25.62 -9.67
N ILE A 155 10.43 25.69 -10.35
CA ILE A 155 9.63 26.93 -10.38
C ILE A 155 9.02 27.37 -9.04
N THR A 156 8.50 26.41 -8.28
CA THR A 156 7.96 26.70 -6.96
C THR A 156 9.09 27.03 -6.01
N ALA A 157 10.18 26.27 -6.08
CA ALA A 157 11.35 26.52 -5.25
C ALA A 157 11.90 27.94 -5.47
N ASN A 158 12.01 28.34 -6.74
CA ASN A 158 12.58 29.64 -7.09
C ASN A 158 11.77 30.80 -6.49
N ILE A 159 10.47 30.63 -6.38
CA ILE A 159 9.69 31.66 -5.74
C ILE A 159 10.08 31.78 -4.28
N ILE A 160 10.18 30.66 -3.59
CA ILE A 160 10.52 30.64 -2.17
C ILE A 160 11.97 31.05 -1.93
N CYS A 161 12.83 30.71 -2.89
CA CYS A 161 14.24 31.02 -2.78
C CYS A 161 14.50 32.51 -2.91
N SER A 162 13.84 33.10 -3.91
CA SER A 162 13.94 34.52 -4.15
C SER A 162 13.54 35.26 -2.90
N ILE A 163 12.48 34.84 -2.23
CA ILE A 163 12.06 35.46 -0.96
C ILE A 163 13.05 35.22 0.19
N VAL A 164 13.66 34.05 0.23
CA VAL A 164 14.44 33.67 1.39
C VAL A 164 15.93 33.89 1.20
N PHE A 165 16.48 33.56 0.02
CA PHE A 165 17.92 33.74 -0.22
C PHE A 165 18.14 34.93 -1.11
N GLY A 166 17.04 35.56 -1.47
CA GLY A 166 17.06 36.68 -2.38
C GLY A 166 17.32 36.62 -3.85
N LYS A 167 17.13 35.43 -4.38
CA LYS A 167 17.54 35.13 -5.70
C LYS A 167 16.84 33.91 -6.15
N ARG A 168 17.05 33.59 -7.40
CA ARG A 168 16.44 32.46 -8.08
C ARG A 168 17.58 31.67 -8.68
N PHE A 169 17.36 30.40 -9.00
CA PHE A 169 18.40 29.49 -9.43
C PHE A 169 18.22 29.09 -10.87
N HIS A 170 19.31 28.86 -11.54
CA HIS A 170 19.29 28.43 -12.89
C HIS A 170 18.84 27.00 -12.90
N TYR A 171 18.00 26.63 -13.86
CA TYR A 171 17.48 25.26 -13.99
C TYR A 171 18.56 24.16 -14.17
N GLN A 172 19.78 24.55 -14.54
CA GLN A 172 20.84 23.54 -14.67
C GLN A 172 21.91 23.75 -13.60
N ASP A 173 21.60 24.50 -12.56
CA ASP A 173 22.49 24.54 -11.40
C ASP A 173 22.50 23.19 -10.67
N GLN A 174 23.62 22.48 -10.78
CA GLN A 174 23.74 21.15 -10.21
C GLN A 174 23.39 21.08 -8.71
N GLU A 175 23.85 22.07 -7.96
CA GLU A 175 23.66 22.08 -6.52
C GLU A 175 22.22 22.36 -6.14
N PHE A 176 21.47 22.96 -7.04
CA PHE A 176 20.05 23.26 -6.89
C PHE A 176 19.25 22.01 -7.21
N LEU A 177 19.70 21.28 -8.19
CA LEU A 177 19.01 20.09 -8.54
C LEU A 177 19.22 19.09 -7.44
N LYS A 178 20.40 19.07 -6.86
CA LYS A 178 20.70 18.21 -5.73
C LYS A 178 19.79 18.49 -4.54
N MET A 179 19.38 19.73 -4.37
CA MET A 179 18.53 20.08 -3.26
C MET A 179 17.17 19.57 -3.54
N LEU A 180 16.72 19.66 -4.78
CA LEU A 180 15.34 19.33 -5.07
C LEU A 180 15.14 17.83 -5.12
N ASN A 181 16.22 17.11 -5.38
CA ASN A 181 16.21 15.65 -5.34
C ASN A 181 16.02 15.17 -3.90
N LEU A 182 16.78 15.76 -2.98
CA LEU A 182 16.65 15.48 -1.58
C LEU A 182 15.21 15.72 -1.05
N PHE A 183 14.55 16.80 -1.48
CA PHE A 183 13.18 17.04 -1.01
C PHE A 183 12.28 15.96 -1.52
N TYR A 184 12.45 15.59 -2.77
CA TYR A 184 11.59 14.58 -3.38
C TYR A 184 11.69 13.21 -2.68
N GLN A 185 12.92 12.72 -2.52
CA GLN A 185 13.19 11.47 -1.87
C GLN A 185 12.65 11.49 -0.48
N THR A 186 12.88 12.63 0.18
CA THR A 186 12.58 12.78 1.59
C THR A 186 11.11 12.73 1.81
N PHE A 187 10.40 13.44 0.99
CA PHE A 187 8.98 13.41 1.15
C PHE A 187 8.40 12.05 0.87
N SER A 188 9.02 11.29 0.01
CA SER A 188 8.54 9.98 -0.29
C SER A 188 8.91 8.99 0.77
N LEU A 189 10.13 8.99 1.21
CA LEU A 189 10.46 8.16 2.33
C LEU A 189 9.50 8.41 3.47
N ILE A 190 9.22 9.66 3.77
CA ILE A 190 8.28 9.98 4.84
C ILE A 190 6.92 9.35 4.60
N SER A 191 6.50 9.34 3.34
CA SER A 191 5.13 8.92 3.01
C SER A 191 5.02 7.43 2.79
N SER A 192 6.16 6.79 2.69
CA SER A 192 6.30 5.38 2.46
C SER A 192 5.66 4.60 3.54
N VAL A 193 5.50 3.32 3.30
CA VAL A 193 4.86 2.46 4.24
C VAL A 193 5.75 2.25 5.43
N PHE A 194 7.04 2.31 5.25
CA PHE A 194 7.92 2.26 6.38
C PHE A 194 7.80 3.51 7.16
N GLY A 195 7.58 4.61 6.47
CA GLY A 195 7.24 5.86 7.14
C GLY A 195 6.05 5.75 8.09
N GLN A 196 4.92 5.30 7.58
CA GLN A 196 3.75 5.01 8.43
C GLN A 196 4.01 3.99 9.54
N LEU A 197 4.80 2.99 9.23
CA LEU A 197 5.14 2.03 10.23
C LEU A 197 5.97 2.69 11.34
N PHE A 198 6.98 3.48 10.96
CA PHE A 198 7.77 4.26 11.91
C PHE A 198 6.92 5.20 12.85
N GLU A 199 5.91 5.85 12.29
CA GLU A 199 4.97 6.55 13.14
C GLU A 199 4.48 5.73 14.36
N LEU A 200 4.25 4.43 14.16
CA LEU A 200 3.73 3.54 15.17
C LEU A 200 4.82 3.05 16.10
N PHE A 201 5.98 2.71 15.55
CA PHE A 201 6.99 1.94 16.31
C PHE A 201 8.42 2.50 16.31
N SER A 202 8.52 3.81 16.19
CA SER A 202 9.81 4.47 16.19
C SER A 202 10.60 4.16 17.48
N GLY A 203 9.89 4.08 18.62
CA GLY A 203 10.55 3.62 19.85
C GLY A 203 11.46 2.44 19.57
N PHE A 204 10.96 1.47 18.83
CA PHE A 204 11.67 0.26 18.53
C PHE A 204 12.51 0.40 17.28
N LEU A 205 11.88 0.84 16.20
CA LEU A 205 12.56 0.91 14.90
C LEU A 205 13.78 1.87 14.77
N LYS A 206 13.86 2.86 15.65
CA LYS A 206 14.93 3.84 15.59
C LYS A 206 16.30 3.20 15.80
N HIS A 207 16.30 2.08 16.51
CA HIS A 207 17.53 1.37 16.79
C HIS A 207 17.94 0.41 15.67
N PHE A 208 17.36 0.54 14.49
CA PHE A 208 17.76 -0.33 13.39
C PHE A 208 17.87 0.40 12.07
N PRO A 209 18.56 -0.18 11.07
CA PRO A 209 18.62 0.51 9.76
C PRO A 209 17.23 0.80 9.19
N GLY A 210 17.15 1.67 8.19
CA GLY A 210 15.87 1.99 7.61
C GLY A 210 15.79 3.41 7.17
N ALA A 211 14.71 3.72 6.48
CA ALA A 211 14.52 5.00 5.82
C ALA A 211 14.69 6.23 6.74
N HIS A 212 14.28 6.13 8.00
CA HIS A 212 14.47 7.22 8.91
C HIS A 212 15.87 7.79 8.92
N ARG A 213 16.88 6.95 8.72
CA ARG A 213 18.28 7.38 8.75
C ARG A 213 18.62 8.13 7.48
N GLN A 214 18.02 7.72 6.38
CA GLN A 214 18.17 8.41 5.10
C GLN A 214 17.56 9.82 5.18
N VAL A 215 16.34 9.89 5.73
CA VAL A 215 15.63 11.16 5.93
C VAL A 215 16.45 12.11 6.82
N TYR A 216 16.92 11.60 7.93
CA TYR A 216 17.74 12.37 8.83
C TYR A 216 18.98 12.93 8.10
N LYS A 217 19.64 12.09 7.32
CA LYS A 217 20.84 12.49 6.63
C LYS A 217 20.51 13.53 5.59
N ASN A 218 19.39 13.34 4.91
CA ASN A 218 18.95 14.25 3.89
C ASN A 218 18.66 15.63 4.43
N LEU A 219 17.79 15.69 5.43
CA LEU A 219 17.51 16.94 6.17
C LEU A 219 18.81 17.60 6.62
N GLN A 220 19.75 16.86 7.14
CA GLN A 220 21.02 17.42 7.49
C GLN A 220 21.77 18.06 6.33
N GLU A 221 21.77 17.43 5.19
CA GLU A 221 22.46 17.97 4.03
C GLU A 221 21.85 19.30 3.59
N ILE A 222 20.53 19.29 3.48
CA ILE A 222 19.79 20.49 3.12
C ILE A 222 20.11 21.61 4.09
N ASN A 223 20.12 21.27 5.37
CA ASN A 223 20.37 22.20 6.42
C ASN A 223 21.76 22.76 6.41
N ALA A 224 22.75 21.96 5.99
CA ALA A 224 24.10 22.45 5.93
C ALA A 224 24.25 23.46 4.81
N TYR A 225 23.50 23.31 3.75
CA TYR A 225 23.50 24.30 2.70
C TYR A 225 22.89 25.62 3.19
N ILE A 226 21.70 25.54 3.76
CA ILE A 226 21.08 26.69 4.41
C ILE A 226 22.03 27.40 5.36
N GLY A 227 22.79 26.63 6.13
CA GLY A 227 23.68 27.16 7.13
C GLY A 227 24.87 27.89 6.56
N HIS A 228 25.34 27.39 5.44
CA HIS A 228 26.44 27.98 4.74
C HIS A 228 26.00 29.25 4.08
N SER A 229 24.82 29.25 3.53
CA SER A 229 24.21 30.45 2.96
C SER A 229 23.98 31.56 4.00
N VAL A 230 23.64 31.15 5.23
CA VAL A 230 23.45 32.09 6.33
C VAL A 230 24.74 32.78 6.66
N GLU A 231 25.83 32.06 6.51
CA GLU A 231 27.16 32.54 6.85
C GLU A 231 27.60 33.63 5.89
N LYS A 232 27.18 33.47 4.64
CA LYS A 232 27.48 34.44 3.60
C LYS A 232 26.67 35.68 3.82
N HIS A 233 25.38 35.50 4.09
CA HIS A 233 24.53 36.62 4.42
C HIS A 233 25.11 37.44 5.54
N ARG A 234 25.64 36.75 6.55
CA ARG A 234 26.20 37.42 7.72
C ARG A 234 27.41 38.28 7.34
N GLU A 235 28.26 37.74 6.47
CA GLU A 235 29.45 38.43 6.03
C GLU A 235 29.18 39.75 5.29
N THR A 236 28.09 39.83 4.56
CA THR A 236 27.87 40.97 3.70
C THR A 236 26.59 41.68 4.10
N LEU A 237 26.18 41.49 5.36
CA LEU A 237 24.94 42.05 5.82
C LEU A 237 25.00 43.56 5.92
N ASP A 238 24.02 44.24 5.30
CA ASP A 238 23.86 45.67 5.45
C ASP A 238 22.62 45.99 6.33
N PRO A 239 22.83 46.39 7.60
CA PRO A 239 21.73 46.58 8.56
C PRO A 239 20.61 47.54 8.12
N SER A 240 20.88 48.31 7.07
CA SER A 240 19.91 49.28 6.57
C SER A 240 19.29 48.83 5.26
N ALA A 241 19.91 47.83 4.63
CA ALA A 241 19.42 47.30 3.36
C ALA A 241 19.29 45.79 3.41
N PRO A 242 18.40 45.29 4.26
CA PRO A 242 18.17 43.84 4.38
C PRO A 242 17.71 43.27 3.04
N ARG A 243 18.40 42.25 2.54
CA ARG A 243 18.12 41.74 1.18
C ARG A 243 16.93 40.82 1.05
N ASP A 244 16.66 40.08 2.12
CA ASP A 244 15.76 38.93 2.12
C ASP A 244 15.42 38.47 3.54
N LEU A 245 14.76 37.33 3.65
CA LEU A 245 14.25 36.86 4.92
C LEU A 245 15.33 36.48 5.85
N ILE A 246 16.42 35.98 5.34
CA ILE A 246 17.51 35.64 6.22
C ILE A 246 18.14 36.85 6.89
N ASP A 247 18.37 37.91 6.11
CA ASP A 247 18.90 39.17 6.59
C ASP A 247 17.95 39.67 7.69
N THR A 248 16.65 39.78 7.37
CA THR A 248 15.67 40.26 8.33
C THR A 248 15.82 39.45 9.62
N TYR A 249 15.96 38.14 9.51
CA TYR A 249 16.12 37.31 10.69
C TYR A 249 17.36 37.72 11.43
N LEU A 250 18.47 37.77 10.75
CA LEU A 250 19.73 38.21 11.37
C LEU A 250 19.64 39.54 12.14
N LEU A 251 18.82 40.47 11.67
CA LEU A 251 18.64 41.74 12.33
C LEU A 251 17.85 41.57 13.62
N HIS A 252 16.71 40.89 13.55
CA HIS A 252 15.97 40.49 14.73
C HIS A 252 16.86 39.82 15.74
N MET A 253 17.76 39.00 15.26
CA MET A 253 18.67 38.29 16.13
C MET A 253 19.54 39.27 16.89
N GLU A 254 20.00 40.32 16.20
CA GLU A 254 20.88 41.36 16.73
C GLU A 254 20.09 42.23 17.72
N LYS A 255 18.92 42.68 17.29
CA LYS A 255 18.00 43.39 18.13
C LYS A 255 17.81 42.71 19.46
N GLU A 256 17.80 41.37 19.48
CA GLU A 256 17.33 40.66 20.68
C GLU A 256 18.42 40.02 21.47
N LYS A 257 19.66 40.26 21.05
CA LYS A 257 20.78 39.51 21.58
C LYS A 257 21.05 39.74 23.05
N SER A 258 20.29 40.64 23.66
CA SER A 258 20.43 40.97 25.08
C SER A 258 19.22 40.56 25.85
N ASN A 259 18.10 40.41 25.15
CA ASN A 259 16.89 39.83 25.70
C ASN A 259 17.28 38.50 26.38
N ALA A 260 16.76 38.27 27.58
CA ALA A 260 17.01 37.06 28.36
C ALA A 260 16.80 35.74 27.60
N HIS A 261 15.65 35.55 26.92
CA HIS A 261 15.49 34.46 25.93
C HIS A 261 15.00 34.96 24.61
N SER A 262 15.82 34.88 23.57
CA SER A 262 15.31 35.13 22.25
C SER A 262 15.00 33.77 21.66
N GLU A 263 13.92 33.66 20.91
CA GLU A 263 13.76 32.51 20.04
C GLU A 263 14.56 32.69 18.76
N PHE A 264 15.19 33.84 18.53
CA PHE A 264 15.98 34.02 17.31
C PHE A 264 17.38 33.41 17.45
N SER A 265 17.42 32.07 17.49
CA SER A 265 18.63 31.33 17.69
C SER A 265 19.06 30.80 16.35
N HIS A 266 20.30 30.34 16.25
CA HIS A 266 20.77 29.76 15.00
C HIS A 266 19.99 28.48 14.60
N GLN A 267 19.61 27.67 15.57
CA GLN A 267 18.86 26.45 15.28
C GLN A 267 17.54 26.77 14.57
N ASN A 268 16.82 27.76 15.10
CA ASN A 268 15.55 28.20 14.55
C ASN A 268 15.74 28.85 13.20
N LEU A 269 16.86 29.54 13.03
CA LEU A 269 17.15 30.19 11.78
C LEU A 269 17.27 29.09 10.71
N ASN A 270 18.28 28.23 10.85
CA ASN A 270 18.43 27.12 9.93
C ASN A 270 17.17 26.25 9.71
N LEU A 271 16.58 25.72 10.76
CA LEU A 271 15.43 24.88 10.58
C LEU A 271 14.15 25.57 10.12
N ASN A 272 13.91 26.79 10.60
CA ASN A 272 12.77 27.57 10.15
C ASN A 272 12.89 27.85 8.65
N THR A 273 14.09 28.21 8.23
CA THR A 273 14.40 28.43 6.81
C THR A 273 14.12 27.13 5.99
N LEU A 274 14.71 26.02 6.46
CA LEU A 274 14.49 24.72 5.87
C LEU A 274 13.00 24.39 5.78
N SER A 275 12.26 24.58 6.87
CA SER A 275 10.82 24.35 6.82
C SER A 275 10.12 25.13 5.70
N LEU A 276 10.36 26.42 5.59
CA LEU A 276 9.77 27.28 4.54
C LEU A 276 10.24 26.90 3.16
N PHE A 277 11.53 26.71 3.01
CA PHE A 277 12.13 26.26 1.77
C PHE A 277 11.56 24.96 1.28
N PHE A 278 11.51 23.97 2.13
CA PHE A 278 10.91 22.70 1.80
C PHE A 278 9.42 22.81 1.55
N ALA A 279 8.65 23.35 2.49
CA ALA A 279 7.20 23.49 2.35
C ALA A 279 6.78 24.25 1.14
N GLY A 280 7.40 25.37 1.00
CA GLY A 280 7.24 26.18 -0.16
C GLY A 280 7.48 25.47 -1.47
N THR A 281 8.45 24.57 -1.51
CA THR A 281 8.73 23.79 -2.73
C THR A 281 7.71 22.66 -2.98
N GLU A 282 7.60 21.74 -2.02
CA GLU A 282 6.96 20.46 -2.27
C GLU A 282 5.53 20.45 -2.74
N THR A 283 4.59 20.97 -1.97
CA THR A 283 3.18 20.73 -2.31
C THR A 283 2.66 21.42 -3.54
N THR A 284 3.06 22.68 -3.74
CA THR A 284 2.64 23.44 -4.90
C THR A 284 3.07 22.74 -6.19
N SER A 285 4.32 22.30 -6.22
CA SER A 285 4.86 21.59 -7.37
C SER A 285 4.14 20.25 -7.56
N THR A 286 3.88 19.57 -6.46
CA THR A 286 3.18 18.29 -6.50
C THR A 286 1.76 18.47 -7.04
N THR A 287 1.10 19.53 -6.60
CA THR A 287 -0.24 19.82 -7.05
C THR A 287 -0.18 19.98 -8.57
N LEU A 288 0.85 20.65 -9.05
CA LEU A 288 1.01 20.86 -10.47
C LEU A 288 1.20 19.53 -11.12
N ARG A 289 2.16 18.75 -10.63
CA ARG A 289 2.45 17.43 -11.20
C ARG A 289 1.17 16.61 -11.34
N TYR A 290 0.39 16.53 -10.26
CA TYR A 290 -0.85 15.78 -10.26
C TYR A 290 -1.90 16.47 -11.11
N GLY A 291 -1.69 17.76 -11.37
CA GLY A 291 -2.62 18.53 -12.18
C GLY A 291 -2.52 18.23 -13.67
N PHE A 292 -1.28 18.15 -14.16
CA PHE A 292 -1.04 17.86 -15.56
C PHE A 292 -1.25 16.43 -15.95
N LEU A 293 -1.02 15.51 -15.01
CA LEU A 293 -1.47 14.15 -15.19
C LEU A 293 -2.99 14.12 -15.32
N LEU A 294 -3.69 15.00 -14.62
CA LEU A 294 -5.13 15.07 -14.80
C LEU A 294 -5.50 15.66 -16.16
N MET A 295 -4.67 16.56 -16.67
CA MET A 295 -4.93 17.13 -17.98
C MET A 295 -4.74 16.10 -19.07
N LEU A 296 -3.71 15.27 -18.92
CA LEU A 296 -3.47 14.16 -19.85
C LEU A 296 -4.65 13.23 -19.88
N LYS A 297 -5.20 12.92 -18.69
CA LYS A 297 -6.36 12.03 -18.59
C LYS A 297 -7.69 12.65 -19.02
N TYR A 298 -7.81 13.99 -19.01
CA TYR A 298 -9.06 14.69 -19.37
C TYR A 298 -8.75 15.92 -20.21
N PRO A 299 -8.49 15.71 -21.53
CA PRO A 299 -8.17 16.88 -22.36
C PRO A 299 -9.36 17.83 -22.59
N HIS A 300 -10.58 17.33 -22.51
CA HIS A 300 -11.73 18.20 -22.68
C HIS A 300 -11.80 19.34 -21.67
N VAL A 301 -11.28 19.06 -20.49
CA VAL A 301 -11.13 20.01 -19.41
C VAL A 301 -9.97 20.94 -19.74
N ALA A 302 -8.86 20.40 -20.22
CA ALA A 302 -7.69 21.18 -20.60
C ALA A 302 -7.98 22.21 -21.72
N GLU A 303 -8.61 21.76 -22.80
CA GLU A 303 -8.91 22.69 -23.88
C GLU A 303 -10.07 23.64 -23.53
N ARG A 304 -10.95 23.24 -22.62
CA ARG A 304 -11.98 24.15 -22.16
C ARG A 304 -11.37 25.26 -21.30
N VAL A 305 -10.27 24.97 -20.61
CA VAL A 305 -9.52 25.98 -19.88
C VAL A 305 -8.83 26.92 -20.85
N TYR A 306 -8.31 26.37 -21.94
CA TYR A 306 -7.67 27.17 -22.99
C TYR A 306 -8.64 28.14 -23.63
N ARG A 307 -9.85 27.68 -23.92
CA ARG A 307 -10.88 28.52 -24.48
C ARG A 307 -11.33 29.64 -23.56
N GLU A 308 -11.14 29.48 -22.26
CA GLU A 308 -11.32 30.58 -21.34
C GLU A 308 -10.09 31.53 -21.33
N ILE A 309 -8.86 30.98 -21.46
CA ILE A 309 -7.64 31.79 -21.59
C ILE A 309 -7.76 32.66 -22.85
N GLU A 310 -8.25 32.02 -23.91
CA GLU A 310 -8.66 32.68 -25.17
C GLU A 310 -9.44 33.96 -24.94
N GLN A 311 -10.66 33.83 -24.43
CA GLN A 311 -11.55 34.98 -24.21
C GLN A 311 -10.96 36.04 -23.30
N VAL A 312 -10.35 35.61 -22.20
CA VAL A 312 -10.05 36.55 -21.13
C VAL A 312 -8.72 37.24 -21.26
N ILE A 313 -7.73 36.52 -21.76
CA ILE A 313 -6.36 37.00 -21.77
C ILE A 313 -5.87 37.16 -23.19
N GLY A 314 -6.41 36.31 -24.06
CA GLY A 314 -5.85 36.11 -25.39
C GLY A 314 -4.61 35.23 -25.33
N PRO A 315 -3.93 35.04 -26.47
CA PRO A 315 -2.78 34.17 -26.52
C PRO A 315 -1.47 34.95 -26.43
N HIS A 316 -1.49 36.15 -25.89
CA HIS A 316 -0.31 36.99 -25.98
C HIS A 316 0.18 37.55 -24.64
N ARG A 317 -0.75 38.05 -23.86
CA ARG A 317 -0.42 38.76 -22.65
C ARG A 317 -0.13 37.84 -21.50
N PRO A 318 0.99 38.02 -20.81
CA PRO A 318 1.17 37.24 -19.59
C PRO A 318 -0.08 37.33 -18.68
N PRO A 319 -0.60 36.17 -18.22
CA PRO A 319 -1.72 36.15 -17.29
C PRO A 319 -1.36 36.77 -15.95
N GLU A 320 -2.35 37.24 -15.19
CA GLU A 320 -2.09 37.96 -13.96
C GLU A 320 -3.18 37.73 -12.94
N LEU A 321 -2.91 38.02 -11.67
CA LEU A 321 -3.83 37.62 -10.62
C LEU A 321 -5.17 38.30 -10.79
N HIS A 322 -5.18 39.46 -11.45
CA HIS A 322 -6.42 40.13 -11.71
C HIS A 322 -7.38 39.31 -12.60
N ASP A 323 -6.82 38.56 -13.55
CA ASP A 323 -7.58 37.72 -14.49
C ASP A 323 -8.53 36.76 -13.80
N ARG A 324 -8.24 36.47 -12.54
CA ARG A 324 -8.95 35.44 -11.80
C ARG A 324 -10.47 35.53 -11.93
N ALA A 325 -11.05 36.60 -11.40
CA ALA A 325 -12.51 36.74 -11.31
C ALA A 325 -13.20 36.45 -12.64
N LYS A 326 -12.53 36.81 -13.73
CA LYS A 326 -13.09 36.65 -15.07
C LYS A 326 -12.99 35.20 -15.60
N MET A 327 -12.25 34.34 -14.89
CA MET A 327 -12.01 32.94 -15.34
C MET A 327 -12.50 31.89 -14.34
N PRO A 328 -13.82 31.84 -14.13
CA PRO A 328 -14.30 31.00 -13.05
C PRO A 328 -14.12 29.52 -13.37
N TYR A 329 -13.95 29.17 -14.65
CA TYR A 329 -13.78 27.77 -15.00
C TYR A 329 -12.39 27.27 -14.64
N THR A 330 -11.39 28.00 -15.10
CA THR A 330 -10.01 27.71 -14.77
C THR A 330 -9.85 27.61 -13.26
N GLU A 331 -10.43 28.56 -12.55
CA GLU A 331 -10.35 28.57 -11.10
C GLU A 331 -11.00 27.35 -10.46
N ALA A 332 -12.13 26.89 -11.00
CA ALA A 332 -12.81 25.72 -10.47
C ALA A 332 -12.06 24.47 -10.82
N VAL A 333 -11.42 24.47 -11.97
CA VAL A 333 -10.49 23.41 -12.35
C VAL A 333 -9.33 23.26 -11.37
N ILE A 334 -8.74 24.39 -10.94
CA ILE A 334 -7.63 24.36 -9.98
C ILE A 334 -8.09 23.85 -8.62
N TYR A 335 -9.27 24.29 -8.19
CA TYR A 335 -9.82 23.91 -6.88
C TYR A 335 -10.03 22.42 -6.90
N GLU A 336 -10.48 21.92 -8.06
CA GLU A 336 -10.72 20.50 -8.21
C GLU A 336 -9.42 19.70 -8.24
N ILE A 337 -8.42 20.17 -8.98
CA ILE A 337 -7.12 19.53 -8.92
C ILE A 337 -6.67 19.38 -7.46
N GLN A 338 -6.73 20.46 -6.67
CA GLN A 338 -6.35 20.44 -5.24
C GLN A 338 -7.14 19.41 -4.45
N ARG A 339 -8.47 19.50 -4.54
CA ARG A 339 -9.38 18.56 -3.91
C ARG A 339 -9.04 17.11 -4.24
N PHE A 340 -9.00 16.77 -5.52
CA PHE A 340 -8.73 15.41 -5.91
C PHE A 340 -7.36 14.97 -5.44
N SER A 341 -6.37 15.81 -5.67
CA SER A 341 -4.97 15.50 -5.26
C SER A 341 -4.82 15.20 -3.82
N ASP A 342 -5.57 15.90 -3.00
CA ASP A 342 -5.63 15.59 -1.58
C ASP A 342 -4.26 15.37 -0.94
N LEU A 343 -3.35 16.34 -1.12
CA LEU A 343 -1.92 16.12 -0.94
C LEU A 343 -1.41 15.85 0.44
N LEU A 344 -2.24 16.13 1.43
CA LEU A 344 -1.91 15.89 2.84
C LEU A 344 -3.15 15.34 3.50
N PRO A 345 -3.43 14.06 3.25
CA PRO A 345 -4.72 13.55 3.59
C PRO A 345 -4.99 13.73 5.07
N MET A 346 -3.93 13.72 5.86
CA MET A 346 -4.08 13.82 7.30
C MET A 346 -3.63 15.16 7.86
N GLY A 347 -3.42 16.14 7.01
CA GLY A 347 -2.86 17.41 7.44
C GLY A 347 -1.51 17.16 8.12
N VAL A 348 -1.14 18.04 9.03
CA VAL A 348 0.04 17.83 9.90
C VAL A 348 -0.44 17.63 11.35
N PRO A 349 0.19 16.73 12.11
CA PRO A 349 -0.40 16.42 13.39
C PRO A 349 -0.53 17.58 14.40
N HIS A 350 -1.67 17.66 15.07
CA HIS A 350 -1.87 18.61 16.15
C HIS A 350 -1.74 17.90 17.50
N ILE A 351 -1.74 18.68 18.58
CA ILE A 351 -1.93 18.18 19.94
C ILE A 351 -2.87 19.14 20.62
N VAL A 352 -3.66 18.69 21.59
CA VAL A 352 -4.41 19.68 22.38
C VAL A 352 -3.51 20.29 23.45
N THR A 353 -3.76 21.55 23.80
CA THR A 353 -2.91 22.33 24.70
C THR A 353 -3.48 22.36 26.14
N GLN A 354 -4.64 21.75 26.31
CA GLN A 354 -5.27 21.65 27.61
C GLN A 354 -6.15 20.41 27.62
N HIS A 355 -6.63 19.99 28.79
CA HIS A 355 -7.64 18.97 28.88
C HIS A 355 -8.89 19.54 28.22
N THR A 356 -9.36 18.89 27.17
CA THR A 356 -10.35 19.48 26.31
C THR A 356 -11.62 18.65 26.21
N SER A 357 -12.76 19.34 26.14
CA SER A 357 -14.03 18.68 25.92
C SER A 357 -14.33 18.74 24.45
N PHE A 358 -14.73 17.62 23.89
CA PHE A 358 -15.20 17.60 22.52
C PHE A 358 -16.31 16.57 22.40
N ARG A 359 -17.45 17.01 21.94
CA ARG A 359 -18.63 16.20 21.85
C ARG A 359 -18.94 15.25 22.99
N GLY A 360 -18.72 15.69 24.21
CA GLY A 360 -18.91 14.82 25.40
C GLY A 360 -17.73 13.96 25.77
N TYR A 361 -16.72 13.92 24.91
CA TYR A 361 -15.48 13.21 25.20
C TYR A 361 -14.47 14.10 25.91
N ILE A 362 -13.47 13.48 26.55
CA ILE A 362 -12.33 14.21 27.12
C ILE A 362 -10.96 13.82 26.50
N ILE A 363 -10.28 14.79 25.90
CA ILE A 363 -8.98 14.57 25.34
C ILE A 363 -7.92 15.21 26.20
N PRO A 364 -7.15 14.41 26.91
CA PRO A 364 -6.16 15.02 27.81
C PRO A 364 -5.17 15.94 27.10
N LYS A 365 -4.67 16.88 27.85
CA LYS A 365 -3.60 17.71 27.40
C LYS A 365 -2.55 16.87 26.81
N ASP A 366 -2.21 17.22 25.61
CA ASP A 366 -1.09 16.68 24.92
C ASP A 366 -1.45 15.34 24.31
N THR A 367 -2.74 15.15 24.02
CA THR A 367 -3.13 13.97 23.23
C THR A 367 -3.10 14.31 21.73
N GLU A 368 -2.28 13.62 20.93
CA GLU A 368 -2.21 14.01 19.52
C GLU A 368 -3.55 13.88 18.86
N VAL A 369 -3.74 14.74 17.86
CA VAL A 369 -4.97 14.81 17.10
C VAL A 369 -4.63 14.95 15.63
N PHE A 370 -5.22 14.07 14.81
CA PHE A 370 -5.10 14.07 13.36
C PHE A 370 -6.42 14.56 12.83
N LEU A 371 -6.38 15.59 12.00
CA LEU A 371 -7.59 16.09 11.33
C LEU A 371 -7.56 15.56 9.91
N ILE A 372 -8.45 14.60 9.61
CA ILE A 372 -8.33 13.86 8.39
C ILE A 372 -8.90 14.75 7.29
N LEU A 373 -8.08 15.68 6.85
CA LEU A 373 -8.52 16.63 5.86
C LEU A 373 -9.17 15.88 4.69
N SER A 374 -8.64 14.72 4.34
CA SER A 374 -9.15 14.01 3.20
C SER A 374 -10.63 13.68 3.30
N THR A 375 -11.14 13.50 4.52
CA THR A 375 -12.57 13.21 4.68
C THR A 375 -13.47 14.39 4.39
N ALA A 376 -12.92 15.60 4.52
CA ALA A 376 -13.66 16.79 4.17
C ALA A 376 -13.64 16.96 2.64
N LEU A 377 -12.46 16.82 2.02
CA LEU A 377 -12.35 16.95 0.58
C LEU A 377 -13.10 15.84 -0.21
N HIS A 378 -13.67 14.86 0.48
CA HIS A 378 -14.35 13.75 -0.19
C HIS A 378 -15.76 13.59 0.36
N ASP A 379 -16.18 14.55 1.16
CA ASP A 379 -17.47 14.52 1.83
C ASP A 379 -18.61 14.50 0.80
N PRO A 380 -19.46 13.48 0.83
CA PRO A 380 -20.50 13.36 -0.19
C PRO A 380 -21.64 14.38 -0.11
N HIS A 381 -21.81 15.05 1.04
CA HIS A 381 -22.84 16.09 1.14
C HIS A 381 -22.46 17.28 0.27
N TYR A 382 -21.15 17.44 0.05
CA TYR A 382 -20.61 18.63 -0.64
C TYR A 382 -20.10 18.39 -2.07
N PHE A 383 -19.75 17.15 -2.38
CA PHE A 383 -19.27 16.84 -3.72
C PHE A 383 -20.04 15.62 -4.20
N GLU A 384 -20.39 15.58 -5.49
CA GLU A 384 -21.34 14.56 -5.91
C GLU A 384 -20.73 13.22 -6.27
N LYS A 385 -19.57 13.24 -6.93
CA LYS A 385 -18.84 12.00 -7.15
C LYS A 385 -17.46 12.18 -6.55
N PRO A 386 -17.38 12.12 -5.21
CA PRO A 386 -16.17 12.52 -4.48
C PRO A 386 -14.91 11.86 -5.00
N ASP A 387 -15.06 10.73 -5.66
CA ASP A 387 -13.91 9.92 -6.05
C ASP A 387 -13.44 10.26 -7.44
N ALA A 388 -14.30 10.93 -8.20
CA ALA A 388 -14.01 11.30 -9.58
C ALA A 388 -13.50 12.75 -9.74
N PHE A 389 -12.65 12.98 -10.74
CA PHE A 389 -12.23 14.32 -11.10
C PHE A 389 -13.26 15.08 -11.92
N ASN A 390 -13.91 16.07 -11.28
CA ASN A 390 -15.00 16.80 -11.91
C ASN A 390 -15.11 18.27 -11.45
N PRO A 391 -14.68 19.22 -12.32
CA PRO A 391 -14.69 20.65 -12.01
C PRO A 391 -16.06 21.19 -11.65
N ASP A 392 -17.10 20.55 -12.17
CA ASP A 392 -18.47 20.97 -11.89
C ASP A 392 -18.69 21.08 -10.39
N HIS A 393 -17.89 20.35 -9.62
CA HIS A 393 -17.98 20.38 -8.16
C HIS A 393 -17.80 21.80 -7.63
N PHE A 394 -17.08 22.62 -8.40
CA PHE A 394 -16.85 24.02 -8.00
C PHE A 394 -17.56 25.05 -8.88
N LEU A 395 -18.60 24.59 -9.57
CA LEU A 395 -19.40 25.43 -10.46
C LEU A 395 -20.89 25.30 -10.14
N ASP A 396 -21.66 26.39 -10.17
CA ASP A 396 -23.14 26.31 -10.08
C ASP A 396 -23.74 26.05 -11.46
N ALA A 397 -25.05 26.19 -11.59
CA ALA A 397 -25.73 25.91 -12.88
C ALA A 397 -25.28 26.84 -14.03
N ASN A 398 -25.08 28.12 -13.72
CA ASN A 398 -24.67 29.15 -14.68
C ASN A 398 -23.21 29.11 -15.12
N GLY A 399 -22.46 28.09 -14.71
CA GLY A 399 -21.00 28.07 -14.89
C GLY A 399 -20.20 29.11 -14.10
N ALA A 400 -20.77 29.63 -13.02
CA ALA A 400 -20.09 30.57 -12.11
C ALA A 400 -19.31 29.82 -11.02
N LEU A 401 -18.35 30.49 -10.38
CA LEU A 401 -17.54 29.85 -9.37
C LEU A 401 -18.40 29.54 -8.17
N LYS A 402 -18.29 28.32 -7.65
CA LYS A 402 -18.99 27.98 -6.42
C LYS A 402 -18.02 27.44 -5.38
N LYS A 403 -17.54 28.33 -4.52
CA LYS A 403 -16.70 27.95 -3.40
C LYS A 403 -17.52 27.12 -2.41
N THR A 404 -16.85 26.31 -1.58
CA THR A 404 -17.56 25.52 -0.56
C THR A 404 -16.86 25.41 0.79
N GLU A 405 -17.70 25.30 1.81
CA GLU A 405 -17.32 25.08 3.19
C GLU A 405 -16.29 23.96 3.37
N ALA A 406 -16.38 22.95 2.51
CA ALA A 406 -15.60 21.76 2.70
C ALA A 406 -14.23 21.79 2.03
N PHE A 407 -14.00 22.77 1.16
CA PHE A 407 -12.68 22.85 0.50
C PHE A 407 -11.63 23.38 1.45
N ILE A 408 -11.01 22.48 2.20
CA ILE A 408 -10.06 22.88 3.25
C ILE A 408 -8.68 22.22 3.13
N PRO A 409 -8.08 22.25 1.92
CA PRO A 409 -6.82 21.51 1.76
C PRO A 409 -5.66 22.16 2.50
N PHE A 410 -5.93 23.31 3.13
CA PHE A 410 -4.88 24.09 3.75
C PHE A 410 -5.06 24.02 5.22
N SER A 411 -6.06 23.25 5.64
CA SER A 411 -6.48 23.19 7.02
C SER A 411 -7.16 24.53 7.43
N LEU A 412 -7.38 24.71 8.74
CA LEU A 412 -8.09 25.83 9.31
C LEU A 412 -7.48 26.28 10.62
N GLY A 413 -7.79 27.47 11.07
CA GLY A 413 -7.35 27.86 12.39
C GLY A 413 -6.05 28.54 12.44
N LYS A 414 -5.44 28.54 13.59
CA LYS A 414 -4.18 29.21 13.81
C LYS A 414 -2.95 28.59 13.17
N ARG A 415 -3.09 27.40 12.64
CA ARG A 415 -2.00 26.71 12.01
C ARG A 415 -2.26 26.71 10.55
N ILE A 416 -3.42 27.21 10.14
CA ILE A 416 -3.77 27.21 8.71
C ILE A 416 -2.51 27.44 7.86
N CYS A 417 -2.39 26.75 6.73
CA CYS A 417 -1.24 26.94 5.87
C CYS A 417 -0.87 28.42 5.73
N LEU A 418 0.33 28.79 6.19
CA LEU A 418 0.79 30.17 6.10
C LEU A 418 1.35 30.48 4.72
N GLY A 419 0.97 29.67 3.73
CA GLY A 419 1.44 29.86 2.37
C GLY A 419 0.33 29.65 1.36
N GLU A 420 -0.89 29.46 1.84
CA GLU A 420 -2.03 29.25 0.97
C GLU A 420 -2.19 30.38 -0.04
N GLY A 421 -1.91 31.59 0.41
CA GLY A 421 -2.01 32.77 -0.45
C GLY A 421 -1.06 32.70 -1.63
N ILE A 422 0.20 32.37 -1.36
CA ILE A 422 1.18 32.27 -2.38
C ILE A 422 1.04 30.96 -3.13
N ALA A 423 0.60 29.91 -2.47
CA ALA A 423 0.38 28.68 -3.16
C ALA A 423 -0.68 28.91 -4.23
N ARG A 424 -1.77 29.60 -3.90
CA ARG A 424 -2.83 29.84 -4.90
C ARG A 424 -2.44 30.79 -6.06
N ALA A 425 -1.61 31.78 -5.77
CA ALA A 425 -1.08 32.63 -6.80
C ALA A 425 -0.26 31.78 -7.73
N GLU A 426 0.75 31.09 -7.17
CA GLU A 426 1.63 30.19 -7.94
C GLU A 426 0.79 29.22 -8.79
N LEU A 427 -0.24 28.64 -8.19
CA LEU A 427 -1.04 27.63 -8.87
C LEU A 427 -1.72 28.17 -10.10
N PHE A 428 -2.55 29.18 -9.90
CA PHE A 428 -3.18 29.91 -11.01
C PHE A 428 -2.22 30.51 -12.03
N LEU A 429 -1.23 31.27 -11.57
CA LEU A 429 -0.30 31.81 -12.51
C LEU A 429 0.40 30.72 -13.34
N PHE A 430 1.07 29.77 -12.69
CA PHE A 430 1.87 28.77 -13.39
C PHE A 430 1.00 27.93 -14.29
N PHE A 431 -0.19 27.60 -13.81
CA PHE A 431 -1.09 26.77 -14.56
C PHE A 431 -1.50 27.41 -15.88
N THR A 432 -2.08 28.62 -15.79
CA THR A 432 -2.64 29.36 -16.94
C THR A 432 -1.56 29.77 -17.94
N THR A 433 -0.42 30.26 -17.42
CA THR A 433 0.71 30.65 -18.27
C THR A 433 1.26 29.48 -19.09
N ILE A 434 1.29 28.27 -18.53
CA ILE A 434 1.58 27.07 -19.32
C ILE A 434 0.51 26.71 -20.39
N LEU A 435 -0.74 26.63 -19.98
CA LEU A 435 -1.77 26.26 -20.91
C LEU A 435 -1.94 27.27 -22.04
N GLN A 436 -1.72 28.54 -21.74
CA GLN A 436 -1.71 29.60 -22.75
C GLN A 436 -0.81 29.20 -23.90
N ASN A 437 0.43 28.81 -23.58
CA ASN A 437 1.46 28.57 -24.59
C ASN A 437 1.58 27.17 -25.15
N PHE A 438 1.12 26.17 -24.39
CA PHE A 438 1.37 24.75 -24.74
C PHE A 438 0.14 23.89 -24.69
N SER A 439 0.22 22.77 -25.41
CA SER A 439 -0.81 21.75 -25.40
C SER A 439 -0.11 20.49 -24.90
N MET A 440 -0.87 19.50 -24.43
CA MET A 440 -0.22 18.35 -23.84
C MET A 440 -0.54 17.01 -24.49
N ALA A 441 0.46 16.18 -24.61
CA ALA A 441 0.26 14.80 -25.08
C ALA A 441 1.26 13.85 -24.43
N SER A 442 0.89 12.57 -24.36
CA SER A 442 1.75 11.48 -23.85
C SER A 442 1.58 10.22 -24.70
N PRO A 443 2.48 9.20 -24.54
CA PRO A 443 2.20 7.94 -25.19
C PRO A 443 0.90 7.30 -24.67
N VAL A 444 0.62 7.40 -23.38
CA VAL A 444 -0.52 6.69 -22.76
C VAL A 444 -1.89 7.27 -23.15
N ALA A 445 -2.79 6.44 -23.64
CA ALA A 445 -4.13 6.88 -24.02
C ALA A 445 -4.86 7.36 -22.79
N PRO A 446 -5.66 8.41 -22.93
CA PRO A 446 -6.43 8.97 -21.83
C PRO A 446 -7.04 7.97 -20.83
N GLU A 447 -7.85 7.01 -21.30
CA GLU A 447 -8.53 6.12 -20.34
C GLU A 447 -7.60 5.02 -19.80
N ASP A 448 -6.44 4.87 -20.41
CA ASP A 448 -5.42 3.97 -19.89
C ASP A 448 -4.56 4.61 -18.79
N ILE A 449 -4.68 5.92 -18.59
CA ILE A 449 -3.89 6.64 -17.60
C ILE A 449 -4.30 6.24 -16.20
N ASP A 450 -3.34 5.79 -15.40
CA ASP A 450 -3.61 5.37 -14.03
C ASP A 450 -3.35 6.51 -13.05
N LEU A 451 -4.39 6.90 -12.31
CA LEU A 451 -4.28 7.97 -11.34
C LEU A 451 -3.86 7.45 -9.97
N THR A 452 -3.44 6.21 -9.90
CA THR A 452 -3.11 5.67 -8.61
C THR A 452 -1.80 6.12 -8.12
N PRO A 453 -1.81 6.72 -6.95
CA PRO A 453 -0.65 7.37 -6.33
C PRO A 453 0.44 6.37 -6.01
N GLN A 454 1.70 6.78 -6.15
CA GLN A 454 2.85 5.89 -5.85
C GLN A 454 3.22 5.81 -4.38
N GLU A 455 2.67 6.72 -3.59
CA GLU A 455 2.77 6.70 -2.13
C GLU A 455 1.51 7.29 -1.56
N CYS A 456 1.08 6.85 -0.40
CA CYS A 456 -0.06 7.45 0.28
C CYS A 456 0.18 7.39 1.77
N GLY A 457 1.00 8.29 2.30
CA GLY A 457 1.22 8.39 3.74
C GLY A 457 0.91 9.78 4.23
N VAL A 458 1.92 10.44 4.80
CA VAL A 458 1.79 11.83 5.19
C VAL A 458 1.45 12.61 3.94
N GLY A 459 2.21 12.41 2.87
CA GLY A 459 1.82 12.94 1.57
C GLY A 459 1.23 11.89 0.66
N LYS A 460 0.31 12.31 -0.23
CA LYS A 460 -0.15 11.52 -1.36
C LYS A 460 0.69 11.94 -2.57
N ILE A 461 1.33 11.00 -3.23
CA ILE A 461 2.31 11.31 -4.28
C ILE A 461 1.93 10.64 -5.60
N PRO A 462 1.77 11.43 -6.67
CA PRO A 462 1.30 10.92 -7.97
C PRO A 462 2.34 10.03 -8.66
N PRO A 463 1.87 9.08 -9.52
CA PRO A 463 2.84 8.19 -10.16
C PRO A 463 3.75 9.01 -11.05
N THR A 464 4.91 8.48 -11.38
CA THR A 464 5.70 9.10 -12.44
C THR A 464 4.97 8.99 -13.79
N TYR A 465 5.10 10.03 -14.59
CA TYR A 465 4.62 10.02 -15.95
C TYR A 465 5.56 10.83 -16.83
N GLN A 466 5.49 10.55 -18.13
CA GLN A 466 6.17 11.33 -19.17
C GLN A 466 5.14 12.23 -19.86
N ILE A 467 5.57 13.40 -20.30
CA ILE A 467 4.68 14.36 -20.95
C ILE A 467 5.41 15.18 -22.02
N ARG A 468 4.66 15.60 -23.05
CA ARG A 468 5.15 16.53 -24.07
C ARG A 468 4.32 17.75 -23.97
N PHE A 469 5.01 18.88 -24.11
CA PHE A 469 4.35 20.16 -24.29
C PHE A 469 4.52 20.59 -25.72
N LEU A 470 3.43 20.53 -26.49
CA LEU A 470 3.48 20.96 -27.90
C LEU A 470 3.16 22.47 -27.97
N PRO A 471 3.91 23.29 -28.78
CA PRO A 471 3.47 24.70 -28.87
C PRO A 471 2.04 24.88 -29.44
N ARG A 472 1.41 26.04 -29.29
CA ARG A 472 0.21 26.37 -30.08
C ARG A 472 0.54 27.34 -31.29
N HIS A 473 1.85 27.68 -31.42
CA HIS A 473 2.56 28.32 -32.59
C HIS A 473 3.83 27.53 -33.00
N GLY B 9 25.38 12.39 58.36
CA GLY B 9 25.94 13.31 57.38
C GLY B 9 25.37 13.22 55.99
N LYS B 10 24.29 12.48 55.82
CA LYS B 10 23.67 12.25 54.55
C LYS B 10 22.25 11.98 54.97
N LEU B 11 21.43 11.47 54.07
CA LEU B 11 19.98 11.41 54.21
C LEU B 11 19.55 10.99 55.56
N PRO B 12 18.45 11.50 56.08
CA PRO B 12 18.12 11.05 57.44
C PRO B 12 18.06 9.53 57.55
N PRO B 13 18.25 9.00 58.76
CA PRO B 13 18.22 7.53 58.95
C PRO B 13 16.81 6.93 58.73
N GLY B 14 16.75 5.61 58.56
CA GLY B 14 15.47 4.98 58.28
C GLY B 14 15.59 3.50 58.00
N PRO B 15 14.45 2.80 57.90
CA PRO B 15 14.42 1.39 57.63
C PRO B 15 15.16 1.07 56.34
N ARG B 16 16.01 0.05 56.40
CA ARG B 16 16.78 -0.38 55.21
C ARG B 16 15.82 -0.86 54.14
N PRO B 17 15.94 -0.29 52.92
CA PRO B 17 15.02 -0.66 51.83
C PRO B 17 15.46 -1.86 51.01
N LEU B 18 14.52 -2.50 50.32
CA LEU B 18 14.87 -3.45 49.29
C LEU B 18 14.78 -2.80 47.94
N PRO B 19 15.50 -3.28 46.96
CA PRO B 19 15.30 -2.74 45.64
C PRO B 19 13.87 -2.88 45.26
N LEU B 20 13.36 -1.95 44.47
CA LEU B 20 12.00 -2.04 43.96
C LEU B 20 10.93 -1.86 45.03
N LEU B 21 11.06 -2.53 46.17
CA LEU B 21 9.97 -2.52 47.13
C LEU B 21 10.10 -1.43 48.14
N GLY B 22 11.30 -0.83 48.16
CA GLY B 22 11.66 0.14 49.18
C GLY B 22 11.40 -0.50 50.52
N ASN B 23 10.49 0.08 51.28
CA ASN B 23 10.29 -0.42 52.62
C ASN B 23 8.94 -1.09 52.74
N LEU B 24 8.42 -1.57 51.59
CA LEU B 24 7.11 -2.22 51.61
C LEU B 24 7.01 -3.25 52.75
N LEU B 25 8.04 -4.07 52.93
CA LEU B 25 7.89 -5.15 53.92
C LEU B 25 7.97 -4.69 55.38
N GLN B 26 8.35 -3.44 55.61
CA GLN B 26 8.31 -2.86 56.97
C GLN B 26 7.13 -1.93 57.22
N MET B 27 6.29 -1.68 56.21
CA MET B 27 5.03 -0.90 56.39
C MET B 27 4.08 -1.61 57.28
N ASP B 28 3.06 -0.90 57.73
CA ASP B 28 2.04 -1.47 58.55
C ASP B 28 0.76 -1.56 57.76
N ARG B 29 -0.02 -2.58 57.98
CA ARG B 29 -1.17 -2.87 57.15
C ARG B 29 -2.22 -1.82 57.24
N ARG B 30 -2.27 -1.12 58.35
CA ARG B 30 -3.28 -0.08 58.52
C ARG B 30 -3.05 1.19 57.69
N GLY B 31 -1.87 1.33 57.12
CA GLY B 31 -1.64 2.34 56.11
C GLY B 31 -0.39 3.15 56.31
N LEU B 32 -0.23 4.20 55.51
CA LEU B 32 0.98 5.00 55.53
C LEU B 32 1.26 5.70 56.88
N LEU B 33 0.27 6.38 57.46
CA LEU B 33 0.48 7.09 58.71
C LEU B 33 0.91 6.17 59.86
N LYS B 34 0.26 5.04 59.98
CA LYS B 34 0.58 4.10 61.02
C LYS B 34 1.97 3.59 60.89
N SER B 35 2.40 3.38 59.65
CA SER B 35 3.77 2.95 59.34
C SER B 35 4.74 4.02 59.79
N PHE B 36 4.47 5.25 59.38
CA PHE B 36 5.31 6.37 59.78
C PHE B 36 5.47 6.57 61.31
N LEU B 37 4.39 6.47 62.03
CA LEU B 37 4.44 6.68 63.45
C LEU B 37 5.27 5.64 64.09
N ARG B 38 5.37 4.50 63.46
CA ARG B 38 6.07 3.34 63.99
C ARG B 38 7.53 3.47 63.71
N PHE B 39 7.79 4.00 62.55
CA PHE B 39 9.15 4.34 62.15
C PHE B 39 9.70 5.44 63.04
N ARG B 40 8.82 6.34 63.49
CA ARG B 40 9.21 7.41 64.38
C ARG B 40 9.67 6.92 65.74
N GLU B 41 8.96 5.93 66.32
CA GLU B 41 9.36 5.31 67.59
C GLU B 41 10.80 4.81 67.56
N LYS B 42 11.20 4.21 66.44
CA LYS B 42 12.56 3.75 66.27
C LYS B 42 13.56 4.84 65.85
N TYR B 43 13.25 5.66 64.85
CA TYR B 43 14.26 6.51 64.23
C TYR B 43 14.40 7.97 64.71
N GLY B 44 13.36 8.50 65.34
CA GLY B 44 13.39 9.90 65.79
C GLY B 44 12.36 10.73 65.04
N ASP B 45 12.50 12.05 65.07
CA ASP B 45 11.55 12.95 64.42
C ASP B 45 11.84 13.19 62.93
N VAL B 46 13.04 12.86 62.49
CA VAL B 46 13.45 13.04 61.09
C VAL B 46 13.98 11.76 60.54
N PHE B 47 13.34 11.25 59.52
CA PHE B 47 13.77 9.98 58.94
C PHE B 47 13.35 9.83 57.49
N THR B 48 14.02 8.92 56.80
CA THR B 48 13.73 8.64 55.40
C THR B 48 12.94 7.34 55.31
N VAL B 49 11.96 7.27 54.42
CA VAL B 49 11.31 6.01 54.13
C VAL B 49 11.25 5.90 52.61
N HIS B 50 11.54 4.70 52.07
CA HIS B 50 11.51 4.54 50.65
C HIS B 50 10.15 4.07 50.24
N LEU B 51 9.37 4.96 49.60
CA LEU B 51 8.03 4.61 49.17
C LEU B 51 8.19 4.11 47.79
N GLY B 52 8.07 2.80 47.62
CA GLY B 52 8.47 2.17 46.36
C GLY B 52 9.89 2.56 45.97
N PRO B 53 10.08 3.13 44.77
CA PRO B 53 11.41 3.33 44.22
C PRO B 53 12.17 4.61 44.64
N ARG B 54 11.70 5.33 45.64
CA ARG B 54 12.32 6.60 46.00
C ARG B 54 12.41 6.84 47.51
N PRO B 55 13.17 7.87 47.88
CA PRO B 55 13.34 8.24 49.28
C PRO B 55 12.53 9.50 49.63
N VAL B 56 11.66 9.38 50.63
CA VAL B 56 10.82 10.47 51.05
C VAL B 56 11.15 10.79 52.52
N VAL B 57 11.46 12.04 52.81
CA VAL B 57 11.81 12.40 54.17
C VAL B 57 10.57 12.77 54.95
N MET B 58 10.50 12.22 56.16
CA MET B 58 9.39 12.47 57.07
C MET B 58 9.89 13.34 58.17
N LEU B 59 9.04 14.29 58.54
CA LEU B 59 9.31 15.25 59.61
C LEU B 59 8.15 15.21 60.63
N CYS B 60 8.48 14.99 61.89
CA CYS B 60 7.46 14.82 62.90
C CYS B 60 7.67 15.75 64.08
N GLY B 61 6.57 16.16 64.71
CA GLY B 61 6.63 17.02 65.88
C GLY B 61 6.77 18.47 65.47
N VAL B 62 6.36 19.37 66.34
CA VAL B 62 6.26 20.78 66.00
C VAL B 62 7.63 21.44 65.83
N GLU B 63 8.60 21.12 66.68
CA GLU B 63 9.93 21.66 66.49
C GLU B 63 10.38 21.51 65.05
N ALA B 64 10.43 20.25 64.59
CA ALA B 64 10.97 19.90 63.29
C ALA B 64 10.15 20.50 62.14
N ILE B 65 8.84 20.34 62.19
CA ILE B 65 7.97 20.89 61.18
C ILE B 65 8.19 22.38 61.08
N ARG B 66 8.13 23.09 62.21
CA ARG B 66 8.36 24.56 62.27
C ARG B 66 9.78 24.96 61.78
N GLU B 67 10.77 24.15 62.14
CA GLU B 67 12.13 24.42 61.74
C GLU B 67 12.36 24.35 60.23
N ALA B 68 11.55 23.58 59.53
CA ALA B 68 11.67 23.45 58.09
C ALA B 68 10.83 24.44 57.34
N LEU B 69 9.55 24.53 57.69
CA LEU B 69 8.62 25.37 56.94
C LEU B 69 8.76 26.85 57.23
N VAL B 70 9.27 27.20 58.41
CA VAL B 70 9.42 28.61 58.76
C VAL B 70 10.87 29.07 58.72
N ASP B 71 11.70 28.42 59.52
CA ASP B 71 13.16 28.74 59.65
C ASP B 71 13.89 28.46 58.33
N LYS B 72 13.35 27.54 57.54
CA LYS B 72 13.98 27.16 56.28
C LYS B 72 13.03 27.20 55.11
N ALA B 73 12.06 28.11 55.22
CA ALA B 73 10.95 28.29 54.31
C ALA B 73 11.38 28.28 52.85
N GLU B 74 12.52 28.85 52.58
CA GLU B 74 12.96 28.86 51.22
C GLU B 74 13.17 27.42 50.67
N ALA B 75 14.06 26.69 51.35
CA ALA B 75 14.38 25.31 51.04
C ALA B 75 13.13 24.39 50.97
N PHE B 76 12.22 24.48 51.95
CA PHE B 76 11.11 23.54 52.04
C PHE B 76 9.78 23.96 51.47
N SER B 77 9.78 24.95 50.59
CA SER B 77 8.54 25.57 50.10
C SER B 77 8.01 25.04 48.74
N GLY B 78 8.69 24.04 48.17
CA GLY B 78 8.29 23.42 46.90
C GLY B 78 7.20 22.40 47.15
N ARG B 79 6.56 21.96 46.08
CA ARG B 79 5.38 21.07 46.20
C ARG B 79 5.67 19.72 45.56
N GLY B 80 5.34 18.65 46.26
CA GLY B 80 5.45 17.30 45.71
C GLY B 80 4.18 16.89 44.98
N LYS B 81 4.08 15.61 44.63
CA LYS B 81 2.93 15.15 43.84
C LYS B 81 2.11 14.19 44.67
N ILE B 82 0.81 14.21 44.45
CA ILE B 82 -0.01 13.12 44.90
C ILE B 82 -0.26 12.18 43.73
N ALA B 83 0.30 10.99 43.85
CA ALA B 83 0.41 10.02 42.76
C ALA B 83 -0.93 9.82 42.11
N MET B 84 -1.90 9.77 42.97
CA MET B 84 -3.22 9.47 42.54
C MET B 84 -3.89 10.54 41.64
N VAL B 85 -3.44 11.79 41.72
CA VAL B 85 -4.05 12.88 40.97
C VAL B 85 -3.07 13.51 40.03
N ASP B 86 -1.78 13.28 40.27
CA ASP B 86 -0.80 13.87 39.40
C ASP B 86 -1.05 13.65 37.88
N PRO B 87 -1.67 12.53 37.45
CA PRO B 87 -1.83 12.39 36.04
C PRO B 87 -2.73 13.43 35.53
N PHE B 88 -3.68 13.82 36.36
CA PHE B 88 -4.58 14.91 35.99
C PHE B 88 -3.94 16.30 36.01
N PHE B 89 -3.31 16.64 37.12
CA PHE B 89 -2.79 17.97 37.35
C PHE B 89 -1.47 18.26 36.64
N ARG B 90 -0.50 17.38 36.84
CA ARG B 90 0.82 17.53 36.21
C ARG B 90 1.48 18.88 36.52
N GLY B 91 1.18 19.45 37.68
CA GLY B 91 1.80 20.70 38.11
C GLY B 91 1.08 21.98 37.73
N TYR B 92 -0.17 21.84 37.30
CA TYR B 92 -1.04 22.97 37.08
C TYR B 92 -1.96 23.30 38.27
N GLY B 93 -2.28 24.59 38.39
CA GLY B 93 -3.08 25.07 39.49
C GLY B 93 -2.20 25.38 40.67
N VAL B 94 -2.74 26.13 41.63
CA VAL B 94 -1.94 26.68 42.70
C VAL B 94 -1.49 25.62 43.65
N ILE B 95 -2.35 24.66 43.95
CA ILE B 95 -2.00 23.55 44.85
C ILE B 95 -0.77 22.73 44.42
N PHE B 96 -0.79 22.34 43.15
CA PHE B 96 0.25 21.51 42.61
C PHE B 96 1.37 22.18 41.82
N ALA B 97 1.36 23.51 41.78
CA ALA B 97 2.39 24.22 41.03
C ALA B 97 3.70 24.41 41.82
N ASN B 98 4.76 24.72 41.08
CA ASN B 98 6.03 25.18 41.65
C ASN B 98 6.60 26.42 40.92
N GLY B 99 7.69 26.96 41.48
CA GLY B 99 8.40 28.09 40.93
C GLY B 99 7.45 29.21 40.58
N ASN B 100 7.66 29.80 39.41
CA ASN B 100 6.90 30.97 39.06
C ASN B 100 5.40 30.69 38.94
N ARG B 101 5.05 29.56 38.36
CA ARG B 101 3.66 29.26 38.13
C ARG B 101 2.93 29.38 39.46
N TRP B 102 3.54 28.82 40.51
CA TRP B 102 2.94 28.85 41.81
C TRP B 102 2.83 30.28 42.32
N LYS B 103 3.95 31.03 42.21
CA LYS B 103 4.06 32.42 42.67
C LYS B 103 2.88 33.23 42.12
N VAL B 104 2.73 33.20 40.80
CA VAL B 104 1.67 33.89 40.08
C VAL B 104 0.33 33.41 40.53
N LEU B 105 0.13 32.10 40.51
CA LEU B 105 -1.16 31.55 40.86
C LEU B 105 -1.57 31.77 42.32
N ARG B 106 -0.64 31.65 43.25
CA ARG B 106 -0.88 31.91 44.66
C ARG B 106 -1.24 33.38 44.88
N ARG B 107 -0.45 34.28 44.29
CA ARG B 107 -0.77 35.70 44.44
C ARG B 107 -2.15 35.93 43.90
N PHE B 108 -2.41 35.50 42.68
CA PHE B 108 -3.72 35.69 42.11
C PHE B 108 -4.78 35.17 43.04
N SER B 109 -4.63 33.94 43.48
CA SER B 109 -5.65 33.28 44.27
C SER B 109 -5.86 33.98 45.58
N VAL B 110 -4.78 34.25 46.30
CA VAL B 110 -4.87 34.98 47.54
C VAL B 110 -5.58 36.34 47.41
N THR B 111 -5.25 37.13 46.39
CA THR B 111 -5.85 38.43 46.29
C THR B 111 -7.32 38.29 45.88
N THR B 112 -7.62 37.50 44.90
CA THR B 112 -8.99 37.52 44.54
C THR B 112 -9.88 36.61 45.42
N MET B 113 -9.32 35.92 46.40
CA MET B 113 -10.15 35.34 47.47
C MET B 113 -10.54 36.45 48.49
N ARG B 114 -9.65 37.44 48.60
CA ARG B 114 -9.78 38.52 49.55
C ARG B 114 -10.74 39.59 48.97
N ASP B 115 -10.36 40.19 47.83
CA ASP B 115 -11.25 41.07 47.05
C ASP B 115 -12.60 41.25 47.80
N SER B 122 -19.61 40.60 50.51
CA SER B 122 -18.74 40.37 51.64
C SER B 122 -18.68 38.92 51.92
N VAL B 123 -17.50 38.41 52.22
CA VAL B 123 -17.37 36.98 52.54
C VAL B 123 -18.27 36.58 53.72
N GLU B 124 -18.04 37.24 54.87
CA GLU B 124 -18.85 37.07 56.09
C GLU B 124 -20.34 37.11 55.77
N GLU B 125 -20.74 38.12 55.01
CA GLU B 125 -22.13 38.28 54.60
C GLU B 125 -22.68 37.06 53.83
N ARG B 126 -21.85 36.49 52.97
CA ARG B 126 -22.23 35.34 52.16
C ARG B 126 -22.43 34.13 53.04
N ILE B 127 -21.49 33.91 53.95
CA ILE B 127 -21.60 32.79 54.89
C ILE B 127 -22.90 32.88 55.70
N GLN B 128 -23.16 34.08 56.24
CA GLN B 128 -24.38 34.38 56.99
C GLN B 128 -25.60 34.04 56.18
N GLU B 129 -25.64 34.51 54.95
CA GLU B 129 -26.74 34.27 54.06
C GLU B 129 -26.92 32.76 53.80
N GLU B 130 -25.82 32.06 53.50
CA GLU B 130 -25.83 30.61 53.31
C GLU B 130 -26.26 29.90 54.59
N ALA B 131 -25.79 30.41 55.72
CA ALA B 131 -26.13 29.83 57.00
C ALA B 131 -27.63 29.91 57.16
N GLN B 132 -28.24 30.90 56.51
CA GLN B 132 -29.67 31.12 56.67
C GLN B 132 -30.43 30.07 55.87
N CYS B 133 -30.08 29.98 54.58
CA CYS B 133 -30.62 28.97 53.68
C CYS B 133 -30.49 27.58 54.30
N LEU B 134 -29.42 27.39 55.08
CA LEU B 134 -29.18 26.12 55.75
C LEU B 134 -30.19 25.83 56.86
N ILE B 135 -30.35 26.78 57.78
CA ILE B 135 -31.31 26.63 58.85
C ILE B 135 -32.62 26.29 58.19
N GLU B 136 -32.99 27.12 57.22
CA GLU B 136 -34.21 26.99 56.45
C GLU B 136 -34.48 25.56 55.98
N GLU B 137 -33.48 24.96 55.35
CA GLU B 137 -33.55 23.58 54.89
C GLU B 137 -33.70 22.58 56.05
N LEU B 138 -33.01 22.83 57.18
CA LEU B 138 -33.09 21.91 58.34
C LEU B 138 -34.45 21.97 59.10
N ARG B 139 -35.18 23.06 58.88
CA ARG B 139 -36.56 23.14 59.32
C ARG B 139 -37.40 22.21 58.44
N LYS B 140 -37.23 22.33 57.11
CA LYS B 140 -37.92 21.50 56.15
C LYS B 140 -37.86 20.00 56.45
N SER B 141 -36.73 19.51 56.97
CA SER B 141 -36.57 18.10 57.36
C SER B 141 -37.47 17.66 58.53
N LYS B 142 -38.02 18.63 59.24
CA LYS B 142 -38.87 18.35 60.39
C LYS B 142 -38.32 17.22 61.26
N GLY B 143 -37.07 17.35 61.69
CA GLY B 143 -36.45 16.36 62.59
C GLY B 143 -36.28 14.90 62.17
N ALA B 144 -36.49 14.61 60.88
CA ALA B 144 -36.26 13.28 60.32
C ALA B 144 -34.75 12.96 60.33
N LEU B 145 -34.42 11.68 60.54
CA LEU B 145 -33.07 11.18 60.37
C LEU B 145 -32.54 11.58 59.01
N MET B 146 -31.26 11.92 58.95
CA MET B 146 -30.64 12.24 57.66
C MET B 146 -29.14 12.05 57.71
N ASP B 147 -28.55 11.87 56.54
CA ASP B 147 -27.11 11.85 56.38
C ASP B 147 -26.65 13.26 55.99
N PRO B 148 -26.01 13.97 56.94
CA PRO B 148 -25.76 15.41 56.75
C PRO B 148 -24.75 15.71 55.64
N THR B 149 -24.12 14.67 55.10
CA THR B 149 -23.00 14.78 54.17
C THR B 149 -23.19 15.73 53.02
N PHE B 150 -24.19 15.47 52.18
CA PHE B 150 -24.47 16.38 51.08
C PHE B 150 -24.67 17.87 51.52
N LEU B 151 -25.42 18.09 52.59
CA LEU B 151 -25.68 19.44 53.07
C LEU B 151 -24.46 20.21 53.52
N PHE B 152 -23.66 19.61 54.38
CA PHE B 152 -22.40 20.24 54.77
C PHE B 152 -21.51 20.57 53.56
N GLN B 153 -21.55 19.74 52.54
CA GLN B 153 -20.82 20.01 51.35
C GLN B 153 -21.45 21.17 50.63
N SER B 154 -22.76 21.14 50.43
CA SER B 154 -23.44 22.23 49.71
C SER B 154 -23.05 23.61 50.25
N ILE B 155 -23.15 23.76 51.56
CA ILE B 155 -22.92 25.04 52.18
C ILE B 155 -21.53 25.54 51.95
N THR B 156 -20.52 24.68 52.16
CA THR B 156 -19.11 25.08 52.00
C THR B 156 -18.80 25.34 50.52
N ALA B 157 -19.40 24.55 49.66
CA ALA B 157 -19.25 24.69 48.25
C ALA B 157 -19.80 26.01 47.78
N ASN B 158 -20.99 26.36 48.26
CA ASN B 158 -21.69 27.57 47.82
C ASN B 158 -20.90 28.82 48.17
N ILE B 159 -20.15 28.77 49.26
CA ILE B 159 -19.27 29.87 49.57
C ILE B 159 -18.24 30.07 48.47
N ILE B 160 -17.57 28.99 48.11
CA ILE B 160 -16.52 29.06 47.11
C ILE B 160 -17.07 29.35 45.70
N CYS B 161 -18.22 28.76 45.38
CA CYS B 161 -18.90 29.03 44.13
C CYS B 161 -19.29 30.49 43.94
N SER B 162 -19.82 31.11 45.00
CA SER B 162 -20.24 32.49 44.90
C SER B 162 -19.03 33.35 44.61
N ILE B 163 -17.89 32.99 45.19
CA ILE B 163 -16.67 33.71 44.92
C ILE B 163 -16.19 33.48 43.48
N VAL B 164 -16.33 32.24 43.02
CA VAL B 164 -15.65 31.83 41.81
C VAL B 164 -16.50 31.95 40.56
N PHE B 165 -17.74 31.48 40.63
CA PHE B 165 -18.64 31.55 39.48
C PHE B 165 -19.64 32.68 39.63
N GLY B 166 -19.59 33.39 40.75
CA GLY B 166 -20.29 34.65 40.92
C GLY B 166 -21.70 34.44 41.43
N LYS B 167 -22.00 33.19 41.76
CA LYS B 167 -23.34 32.79 42.29
C LYS B 167 -23.41 31.41 43.06
N ARG B 168 -24.53 31.09 43.75
CA ARG B 168 -24.59 29.88 44.57
C ARG B 168 -25.49 28.88 43.92
N PHE B 169 -25.73 27.76 44.57
CA PHE B 169 -26.51 26.71 43.95
C PHE B 169 -27.64 26.29 44.83
N HIS B 170 -28.78 25.98 44.23
CA HIS B 170 -29.93 25.46 44.96
C HIS B 170 -29.63 24.04 45.41
N TYR B 171 -29.92 23.75 46.68
CA TYR B 171 -29.63 22.43 47.27
C TYR B 171 -30.22 21.20 46.57
N GLN B 172 -31.17 21.40 45.66
CA GLN B 172 -31.68 20.27 44.87
C GLN B 172 -31.27 20.36 43.40
N ASP B 173 -30.29 21.21 43.09
CA ASP B 173 -29.75 21.28 41.73
C ASP B 173 -29.01 19.98 41.41
N GLN B 174 -29.50 19.26 40.40
CA GLN B 174 -29.07 17.89 40.14
C GLN B 174 -27.63 17.83 39.61
N GLU B 175 -27.23 18.86 38.90
CA GLU B 175 -25.90 18.98 38.40
C GLU B 175 -24.90 19.44 39.49
N PHE B 176 -25.40 20.18 40.48
CA PHE B 176 -24.64 20.56 41.67
C PHE B 176 -24.43 19.33 42.55
N LEU B 177 -25.41 18.48 42.68
CA LEU B 177 -25.24 17.35 43.55
C LEU B 177 -24.29 16.37 42.93
N LYS B 178 -24.51 16.08 41.67
CA LYS B 178 -23.55 15.36 40.82
C LYS B 178 -22.10 15.70 41.20
N MET B 179 -21.72 16.95 41.09
CA MET B 179 -20.38 17.37 41.39
C MET B 179 -19.94 17.14 42.81
N LEU B 180 -20.86 17.30 43.75
CA LEU B 180 -20.58 17.06 45.15
C LEU B 180 -20.17 15.60 45.37
N ASN B 181 -20.92 14.71 44.74
CA ASN B 181 -20.62 13.29 44.75
C ASN B 181 -19.28 12.99 44.09
N LEU B 182 -18.85 13.82 43.14
CA LEU B 182 -17.59 13.54 42.52
C LEU B 182 -16.47 13.88 43.45
N PHE B 183 -16.60 14.97 44.17
CA PHE B 183 -15.56 15.32 45.13
C PHE B 183 -15.47 14.28 46.21
N TYR B 184 -16.61 13.85 46.72
CA TYR B 184 -16.60 12.95 47.86
C TYR B 184 -15.92 11.60 47.52
N GLN B 185 -16.36 10.99 46.43
CA GLN B 185 -15.81 9.75 45.97
C GLN B 185 -14.33 9.89 45.74
N THR B 186 -13.96 10.97 45.07
CA THR B 186 -12.57 11.19 44.65
C THR B 186 -11.65 11.31 45.83
N PHE B 187 -12.07 12.13 46.80
CA PHE B 187 -11.29 12.25 48.03
C PHE B 187 -11.12 10.92 48.77
N SER B 188 -12.16 10.10 48.71
CA SER B 188 -12.15 8.80 49.36
C SER B 188 -11.21 7.86 48.61
N LEU B 189 -11.41 7.74 47.30
CA LEU B 189 -10.52 6.92 46.49
C LEU B 189 -9.06 7.31 46.74
N ILE B 190 -8.77 8.62 46.78
CA ILE B 190 -7.42 9.08 47.06
C ILE B 190 -6.96 8.59 48.43
N SER B 191 -7.86 8.49 49.38
CA SER B 191 -7.44 8.20 50.76
C SER B 191 -7.50 6.70 51.05
N SER B 192 -8.13 5.96 50.15
CA SER B 192 -8.24 4.51 50.27
C SER B 192 -6.87 3.80 50.40
N VAL B 193 -6.87 2.55 50.82
CA VAL B 193 -5.59 1.90 50.88
C VAL B 193 -4.98 1.75 49.48
N PHE B 194 -5.81 1.59 48.46
CA PHE B 194 -5.28 1.47 47.14
C PHE B 194 -4.53 2.75 46.81
N GLY B 195 -5.14 3.91 47.13
CA GLY B 195 -4.54 5.25 46.97
C GLY B 195 -3.17 5.32 47.63
N GLN B 196 -3.07 4.89 48.89
CA GLN B 196 -1.75 4.78 49.52
C GLN B 196 -0.79 3.78 48.83
N LEU B 197 -1.34 2.77 48.22
CA LEU B 197 -0.52 1.80 47.57
C LEU B 197 -0.01 2.31 46.24
N PHE B 198 -0.90 2.99 45.53
CA PHE B 198 -0.53 3.73 44.33
C PHE B 198 0.57 4.77 44.57
N GLU B 199 0.59 5.37 45.74
CA GLU B 199 1.61 6.34 46.05
C GLU B 199 2.96 5.68 45.96
N LEU B 200 3.02 4.45 46.40
CA LEU B 200 4.22 3.64 46.37
C LEU B 200 4.53 3.07 44.97
N PHE B 201 3.55 2.61 44.21
CA PHE B 201 3.87 1.79 43.04
C PHE B 201 3.23 2.21 41.72
N SER B 202 2.99 3.52 41.63
CA SER B 202 2.22 4.01 40.50
C SER B 202 2.97 3.70 39.21
N GLY B 203 4.29 3.60 39.29
CA GLY B 203 5.14 3.28 38.14
C GLY B 203 4.58 2.04 37.48
N PHE B 204 4.27 1.03 38.30
CA PHE B 204 3.75 -0.25 37.90
C PHE B 204 2.20 -0.24 37.84
N LEU B 205 1.54 0.25 38.88
CA LEU B 205 0.10 0.13 38.95
C LEU B 205 -0.66 0.90 37.91
N LYS B 206 -0.04 1.94 37.33
CA LYS B 206 -0.74 2.82 36.42
C LYS B 206 -1.17 2.10 35.12
N HIS B 207 -0.47 1.01 34.80
CA HIS B 207 -0.80 0.23 33.62
C HIS B 207 -2.02 -0.67 33.73
N PHE B 208 -2.67 -0.69 34.89
CA PHE B 208 -3.70 -1.67 35.17
C PHE B 208 -4.95 -0.98 35.69
N PRO B 209 -6.10 -1.65 35.63
CA PRO B 209 -7.30 -1.08 36.20
C PRO B 209 -7.11 -0.70 37.66
N GLY B 210 -8.03 0.10 38.17
CA GLY B 210 -7.91 0.56 39.54
C GLY B 210 -8.41 1.97 39.76
N ALA B 211 -8.54 2.32 41.04
CA ALA B 211 -9.15 3.58 41.47
C ALA B 211 -8.58 4.84 40.79
N HIS B 212 -7.27 4.87 40.56
CA HIS B 212 -6.64 5.96 39.83
C HIS B 212 -7.38 6.37 38.56
N ARG B 213 -8.01 5.43 37.85
CA ARG B 213 -8.66 5.73 36.58
C ARG B 213 -9.97 6.42 36.83
N GLN B 214 -10.61 6.05 37.93
CA GLN B 214 -11.91 6.61 38.33
C GLN B 214 -11.72 8.04 38.83
N VAL B 215 -10.67 8.27 39.63
CA VAL B 215 -10.22 9.62 40.04
C VAL B 215 -9.94 10.53 38.84
N TYR B 216 -9.17 10.03 37.88
CA TYR B 216 -8.80 10.76 36.70
C TYR B 216 -10.07 11.15 35.95
N LYS B 217 -10.97 10.19 35.83
CA LYS B 217 -12.22 10.39 35.09
C LYS B 217 -13.09 11.42 35.82
N ASN B 218 -13.13 11.32 37.15
CA ASN B 218 -13.87 12.25 37.98
C ASN B 218 -13.37 13.68 37.84
N LEU B 219 -12.07 13.88 38.09
CA LEU B 219 -11.46 15.17 37.91
C LEU B 219 -11.75 15.75 36.52
N GLN B 220 -11.71 14.91 35.50
CA GLN B 220 -11.92 15.36 34.12
C GLN B 220 -13.36 15.83 33.90
N GLU B 221 -14.28 15.28 34.68
CA GLU B 221 -15.71 15.64 34.58
C GLU B 221 -15.93 17.00 35.21
N ILE B 222 -15.59 17.09 36.49
CA ILE B 222 -15.58 18.36 37.22
C ILE B 222 -14.90 19.44 36.38
N ASN B 223 -13.76 19.13 35.78
CA ASN B 223 -13.07 20.11 34.95
C ASN B 223 -13.87 20.57 33.74
N ALA B 224 -14.67 19.69 33.19
CA ALA B 224 -15.32 20.00 31.93
C ALA B 224 -16.37 20.97 32.24
N TYR B 225 -16.93 20.86 33.45
CA TYR B 225 -17.99 21.75 33.90
C TYR B 225 -17.40 23.13 34.13
N ILE B 226 -16.34 23.21 34.90
CA ILE B 226 -15.62 24.45 35.06
C ILE B 226 -15.27 25.11 33.75
N GLY B 227 -14.96 24.32 32.74
CA GLY B 227 -14.50 24.85 31.49
C GLY B 227 -15.66 25.41 30.70
N HIS B 228 -16.80 24.78 30.76
CA HIS B 228 -17.90 25.29 30.00
C HIS B 228 -18.42 26.54 30.66
N SER B 229 -18.36 26.56 31.97
CA SER B 229 -18.66 27.78 32.72
C SER B 229 -17.72 28.96 32.42
N VAL B 230 -16.47 28.67 32.16
CA VAL B 230 -15.53 29.69 31.72
C VAL B 230 -15.94 30.23 30.35
N GLU B 231 -16.52 29.38 29.52
CA GLU B 231 -16.88 29.74 28.17
C GLU B 231 -18.01 30.77 28.21
N LYS B 232 -18.93 30.56 29.15
CA LYS B 232 -20.07 31.44 29.35
C LYS B 232 -19.62 32.78 29.87
N HIS B 233 -18.76 32.76 30.87
CA HIS B 233 -18.15 33.97 31.38
C HIS B 233 -17.48 34.72 30.29
N ARG B 234 -16.79 34.07 29.39
CA ARG B 234 -16.12 34.85 28.38
C ARG B 234 -17.12 35.47 27.42
N GLU B 235 -18.23 34.78 27.15
CA GLU B 235 -19.27 35.27 26.22
C GLU B 235 -19.86 36.60 26.67
N THR B 236 -20.04 36.74 27.98
CA THR B 236 -20.74 37.88 28.54
C THR B 236 -19.82 38.74 29.39
N LEU B 237 -18.51 38.66 29.13
CA LEU B 237 -17.55 39.39 29.95
C LEU B 237 -17.62 40.91 29.72
N ASP B 238 -17.71 41.62 30.84
CA ASP B 238 -17.66 43.07 30.86
C ASP B 238 -16.36 43.60 31.50
N PRO B 239 -15.38 44.01 30.66
CA PRO B 239 -14.02 44.33 31.12
C PRO B 239 -13.97 45.35 32.22
N SER B 240 -15.08 46.06 32.44
CA SER B 240 -15.13 47.09 33.49
C SER B 240 -16.07 46.71 34.63
N ALA B 241 -16.90 45.70 34.43
CA ALA B 241 -17.62 45.02 35.53
C ALA B 241 -17.25 43.50 35.65
N PRO B 242 -16.11 43.18 36.32
CA PRO B 242 -15.75 41.78 36.53
C PRO B 242 -16.63 41.23 37.62
N ARG B 243 -17.29 40.09 37.35
CA ARG B 243 -18.31 39.56 38.27
C ARG B 243 -17.74 38.65 39.36
N ASP B 244 -16.63 37.97 39.09
CA ASP B 244 -16.10 36.98 39.99
C ASP B 244 -14.66 36.67 39.69
N LEU B 245 -14.10 35.65 40.34
CA LEU B 245 -12.71 35.27 40.15
C LEU B 245 -12.40 34.84 38.72
N ILE B 246 -13.39 34.28 38.03
CA ILE B 246 -13.15 33.82 36.68
C ILE B 246 -12.94 34.96 35.74
N ASP B 247 -13.80 35.97 35.86
CA ASP B 247 -13.70 37.24 35.12
C ASP B 247 -12.36 37.93 35.39
N THR B 248 -12.04 38.09 36.66
CA THR B 248 -10.73 38.61 37.02
C THR B 248 -9.63 37.86 36.27
N TYR B 249 -9.63 36.52 36.36
CA TYR B 249 -8.63 35.72 35.66
C TYR B 249 -8.59 36.04 34.17
N LEU B 250 -9.75 36.04 33.50
CA LEU B 250 -9.84 36.31 32.06
C LEU B 250 -9.26 37.68 31.67
N LEU B 251 -9.42 38.68 32.55
CA LEU B 251 -8.84 39.96 32.32
C LEU B 251 -7.33 39.95 32.39
N HIS B 252 -6.78 39.38 33.44
CA HIS B 252 -5.33 39.09 33.53
C HIS B 252 -4.77 38.43 32.30
N MET B 253 -5.50 37.43 31.81
CA MET B 253 -5.18 36.73 30.60
C MET B 253 -5.09 37.69 29.40
N GLU B 254 -6.07 38.57 29.25
CA GLU B 254 -6.07 39.61 28.22
C GLU B 254 -4.90 40.59 28.37
N LYS B 255 -4.74 41.07 29.59
CA LYS B 255 -3.64 41.94 29.92
C LYS B 255 -2.29 41.37 29.52
N GLU B 256 -2.13 40.05 29.63
CA GLU B 256 -0.80 39.50 29.47
C GLU B 256 -0.58 38.83 28.13
N LYS B 257 -1.60 38.87 27.27
CA LYS B 257 -1.62 38.03 26.08
C LYS B 257 -0.47 38.29 25.09
N SER B 258 0.32 39.34 25.37
CA SER B 258 1.50 39.70 24.59
C SER B 258 2.80 39.47 25.34
N ASN B 259 2.72 39.32 26.64
CA ASN B 259 3.84 38.86 27.43
C ASN B 259 4.34 37.52 26.84
N ALA B 260 5.66 37.40 26.67
CA ALA B 260 6.32 36.21 26.14
C ALA B 260 5.85 34.93 26.80
N HIS B 261 5.82 34.86 28.13
CA HIS B 261 5.15 33.73 28.81
C HIS B 261 4.19 34.21 29.84
N SER B 262 2.92 34.01 29.67
CA SER B 262 2.03 34.24 30.76
C SER B 262 1.77 32.89 31.42
N GLU B 263 1.66 32.87 32.74
CA GLU B 263 1.07 31.71 33.39
C GLU B 263 -0.44 31.68 33.34
N PHE B 264 -1.08 32.71 32.80
CA PHE B 264 -2.54 32.73 32.74
C PHE B 264 -2.99 32.06 31.49
N SER B 265 -2.87 30.74 31.51
CA SER B 265 -3.22 29.86 30.40
C SER B 265 -4.56 29.27 30.71
N HIS B 266 -5.20 28.72 29.68
CA HIS B 266 -6.48 28.03 29.91
C HIS B 266 -6.37 26.82 30.84
N GLN B 267 -5.26 26.08 30.75
CA GLN B 267 -5.03 24.93 31.62
C GLN B 267 -4.99 25.34 33.09
N ASN B 268 -4.27 26.43 33.39
CA ASN B 268 -4.16 26.91 34.76
C ASN B 268 -5.50 27.47 35.24
N LEU B 269 -6.26 28.08 34.31
CA LEU B 269 -7.52 28.67 34.64
C LEU B 269 -8.40 27.54 35.11
N ASN B 270 -8.73 26.58 34.22
CA ASN B 270 -9.50 25.38 34.60
C ASN B 270 -9.03 24.61 35.88
N LEU B 271 -7.76 24.29 35.95
CA LEU B 271 -7.32 23.48 37.05
C LEU B 271 -7.09 24.24 38.35
N ASN B 272 -6.72 25.52 38.26
CA ASN B 272 -6.62 26.37 39.43
C ASN B 272 -7.99 26.54 40.04
N THR B 273 -8.98 26.81 39.20
CA THR B 273 -10.37 26.88 39.61
C THR B 273 -10.83 25.62 40.33
N LEU B 274 -10.71 24.48 39.63
CA LEU B 274 -10.90 23.17 40.20
C LEU B 274 -10.20 22.96 41.56
N SER B 275 -8.91 23.26 41.67
CA SER B 275 -8.28 23.12 42.96
C SER B 275 -8.98 23.95 44.05
N LEU B 276 -9.24 25.25 43.82
CA LEU B 276 -9.95 26.05 44.79
C LEU B 276 -11.34 25.46 45.07
N PHE B 277 -12.07 25.15 44.01
CA PHE B 277 -13.44 24.64 44.14
C PHE B 277 -13.46 23.36 44.98
N PHE B 278 -12.52 22.48 44.71
CA PHE B 278 -12.43 21.24 45.40
C PHE B 278 -11.94 21.41 46.82
N ALA B 279 -10.81 22.07 47.02
CA ALA B 279 -10.23 22.26 48.36
C ALA B 279 -11.13 23.13 49.28
N GLY B 280 -11.71 24.18 48.68
CA GLY B 280 -12.74 25.00 49.35
C GLY B 280 -13.93 24.20 49.86
N THR B 281 -14.39 23.24 49.05
CA THR B 281 -15.50 22.39 49.43
C THR B 281 -15.10 21.38 50.50
N GLU B 282 -14.09 20.58 50.25
CA GLU B 282 -13.94 19.31 50.99
C GLU B 282 -13.68 19.38 52.47
N THR B 283 -12.56 19.94 52.89
CA THR B 283 -12.17 19.87 54.30
C THR B 283 -13.05 20.67 55.31
N THR B 284 -13.50 21.84 54.91
CA THR B 284 -14.38 22.58 55.79
C THR B 284 -15.61 21.73 56.09
N SER B 285 -16.20 21.21 55.02
CA SER B 285 -17.38 20.36 55.11
C SER B 285 -17.11 19.14 55.98
N THR B 286 -15.98 18.47 55.74
CA THR B 286 -15.65 17.31 56.52
C THR B 286 -15.43 17.65 57.98
N THR B 287 -14.82 18.80 58.22
CA THR B 287 -14.60 19.24 59.61
C THR B 287 -15.97 19.36 60.34
N LEU B 288 -16.93 19.92 59.64
CA LEU B 288 -18.27 19.94 60.13
C LEU B 288 -18.82 18.55 60.35
N ARG B 289 -18.73 17.70 59.34
CA ARG B 289 -19.30 16.37 59.46
C ARG B 289 -18.71 15.72 60.69
N TYR B 290 -17.40 15.82 60.86
CA TYR B 290 -16.77 15.23 62.02
C TYR B 290 -17.25 15.93 63.29
N GLY B 291 -17.41 17.25 63.22
CA GLY B 291 -17.80 18.00 64.38
C GLY B 291 -19.09 17.51 65.00
N PHE B 292 -20.12 17.36 64.18
CA PHE B 292 -21.41 16.98 64.70
C PHE B 292 -21.48 15.54 65.18
N LEU B 293 -20.67 14.65 64.59
CA LEU B 293 -20.53 13.31 65.11
C LEU B 293 -19.97 13.43 66.50
N LEU B 294 -19.10 14.40 66.72
CA LEU B 294 -18.51 14.60 68.05
C LEU B 294 -19.55 15.16 69.00
N MET B 295 -20.46 15.98 68.47
CA MET B 295 -21.57 16.52 69.26
C MET B 295 -22.55 15.42 69.68
N LEU B 296 -22.94 14.54 68.75
CA LEU B 296 -23.69 13.35 69.09
C LEU B 296 -23.06 12.53 70.22
N LYS B 297 -21.73 12.34 70.21
CA LYS B 297 -21.07 11.55 71.26
C LYS B 297 -20.81 12.30 72.55
N TYR B 298 -20.74 13.62 72.47
CA TYR B 298 -20.54 14.47 73.65
C TYR B 298 -21.57 15.62 73.70
N PRO B 299 -22.82 15.32 74.14
CA PRO B 299 -23.81 16.42 74.18
C PRO B 299 -23.55 17.44 75.30
N HIS B 300 -22.85 17.11 76.35
CA HIS B 300 -22.58 18.12 77.34
C HIS B 300 -21.71 19.22 76.80
N VAL B 301 -20.86 18.90 75.85
CA VAL B 301 -20.07 19.90 75.14
C VAL B 301 -21.01 20.73 74.27
N ALA B 302 -21.91 20.07 73.56
CA ALA B 302 -22.89 20.70 72.67
C ALA B 302 -23.78 21.70 73.41
N GLU B 303 -24.36 21.27 74.53
CA GLU B 303 -25.27 22.14 75.25
C GLU B 303 -24.52 23.20 76.02
N ARG B 304 -23.26 22.93 76.41
CA ARG B 304 -22.40 23.97 76.96
C ARG B 304 -22.07 25.07 75.94
N VAL B 305 -21.94 24.70 74.67
CA VAL B 305 -21.78 25.66 73.56
C VAL B 305 -23.06 26.48 73.38
N TYR B 306 -24.22 25.82 73.42
CA TYR B 306 -25.52 26.52 73.35
C TYR B 306 -25.69 27.56 74.46
N ARG B 307 -25.33 27.20 75.70
CA ARG B 307 -25.40 28.14 76.82
C ARG B 307 -24.50 29.36 76.60
N GLU B 308 -23.42 29.20 75.85
CA GLU B 308 -22.63 30.36 75.49
C GLU B 308 -23.30 31.15 74.35
N ILE B 309 -24.04 30.48 73.47
CA ILE B 309 -24.75 31.18 72.38
C ILE B 309 -25.86 32.01 72.99
N GLU B 310 -26.52 31.36 73.95
CA GLU B 310 -27.45 31.98 74.91
C GLU B 310 -27.04 33.33 75.45
N GLN B 311 -25.96 33.38 76.24
CA GLN B 311 -25.44 34.62 76.83
C GLN B 311 -25.07 35.67 75.81
N VAL B 312 -24.35 35.26 74.79
CA VAL B 312 -23.66 36.21 73.96
C VAL B 312 -24.48 36.71 72.79
N ILE B 313 -25.28 35.85 72.19
CA ILE B 313 -25.96 36.20 70.96
C ILE B 313 -27.44 36.22 71.16
N GLY B 314 -27.89 35.41 72.11
CA GLY B 314 -29.31 35.15 72.31
C GLY B 314 -29.80 34.15 71.28
N PRO B 315 -31.08 33.92 71.20
CA PRO B 315 -31.59 32.94 70.28
C PRO B 315 -32.27 33.52 69.10
N HIS B 316 -31.78 34.63 68.56
CA HIS B 316 -32.42 35.24 67.40
C HIS B 316 -31.40 35.87 66.46
N ARG B 317 -30.70 36.88 66.94
CA ARG B 317 -29.72 37.60 66.13
C ARG B 317 -28.69 36.66 65.49
N PRO B 318 -28.74 36.57 64.17
CA PRO B 318 -27.78 35.77 63.42
C PRO B 318 -26.43 35.97 64.04
N PRO B 319 -25.56 34.98 64.00
CA PRO B 319 -24.28 35.15 64.64
C PRO B 319 -23.38 35.90 63.70
N GLU B 320 -22.28 36.43 64.19
CA GLU B 320 -21.36 37.10 63.29
C GLU B 320 -19.95 37.01 63.78
N LEU B 321 -18.98 37.36 62.95
CA LEU B 321 -17.57 37.14 63.28
C LEU B 321 -17.08 37.93 64.49
N HIS B 322 -17.71 39.08 64.70
CA HIS B 322 -17.45 39.87 65.90
C HIS B 322 -17.70 39.06 67.19
N ASP B 323 -18.75 38.22 67.21
CA ASP B 323 -19.11 37.35 68.37
C ASP B 323 -17.97 36.48 68.96
N ARG B 324 -16.91 36.31 68.16
CA ARG B 324 -15.89 35.33 68.47
C ARG B 324 -15.17 35.54 69.77
N ALA B 325 -14.59 36.72 69.95
CA ALA B 325 -13.87 37.09 71.18
C ALA B 325 -14.68 36.80 72.45
N LYS B 326 -15.98 37.07 72.39
CA LYS B 326 -16.88 36.86 73.53
C LYS B 326 -17.26 35.39 73.78
N MET B 327 -16.94 34.50 72.86
CA MET B 327 -17.28 33.10 73.06
C MET B 327 -16.03 32.23 73.02
N PRO B 328 -15.24 32.26 74.09
CA PRO B 328 -14.02 31.46 74.06
C PRO B 328 -14.28 29.94 74.14
N TYR B 329 -15.46 29.51 74.61
CA TYR B 329 -15.69 28.06 74.75
C TYR B 329 -16.00 27.43 73.40
N THR B 330 -16.94 28.05 72.69
CA THR B 330 -17.25 27.66 71.35
C THR B 330 -16.00 27.59 70.49
N GLU B 331 -15.23 28.67 70.45
CA GLU B 331 -13.98 28.71 69.71
C GLU B 331 -13.02 27.60 70.10
N ALA B 332 -12.94 27.24 71.39
CA ALA B 332 -12.07 26.16 71.84
C ALA B 332 -12.61 24.81 71.37
N VAL B 333 -13.93 24.67 71.39
CA VAL B 333 -14.54 23.49 70.87
C VAL B 333 -14.20 23.32 69.38
N ILE B 334 -14.25 24.39 68.60
CA ILE B 334 -13.94 24.29 67.18
C ILE B 334 -12.47 23.94 66.95
N TYR B 335 -11.60 24.51 67.74
CA TYR B 335 -10.21 24.24 67.57
C TYR B 335 -10.05 22.77 67.84
N GLU B 336 -10.71 22.28 68.88
CA GLU B 336 -10.56 20.86 69.26
C GLU B 336 -11.12 19.92 68.21
N ILE B 337 -12.28 20.28 67.63
CA ILE B 337 -12.81 19.55 66.48
C ILE B 337 -11.74 19.40 65.38
N GLN B 338 -11.16 20.52 64.95
CA GLN B 338 -10.09 20.50 63.97
C GLN B 338 -8.95 19.60 64.41
N ARG B 339 -8.50 19.74 65.64
CA ARG B 339 -7.35 19.02 66.12
C ARG B 339 -7.61 17.53 66.10
N PHE B 340 -8.72 17.11 66.68
CA PHE B 340 -9.10 15.71 66.74
C PHE B 340 -9.29 15.14 65.35
N SER B 341 -10.00 15.88 64.50
CA SER B 341 -10.36 15.44 63.17
C SER B 341 -9.12 15.15 62.35
N ASP B 342 -8.11 15.98 62.50
CA ASP B 342 -6.82 15.72 61.90
C ASP B 342 -6.92 15.38 60.41
N LEU B 343 -7.65 16.19 59.68
CA LEU B 343 -8.15 15.87 58.36
C LEU B 343 -7.11 15.61 57.29
N LEU B 344 -5.91 16.16 57.47
CA LEU B 344 -4.85 15.93 56.52
C LEU B 344 -3.66 15.54 57.30
N PRO B 345 -3.58 14.27 57.72
CA PRO B 345 -2.56 13.88 58.73
C PRO B 345 -1.15 14.09 58.27
N MET B 346 -0.92 14.06 56.96
CA MET B 346 0.38 14.25 56.36
C MET B 346 0.52 15.57 55.58
N GLY B 347 -0.47 16.43 55.70
CA GLY B 347 -0.47 17.67 54.96
C GLY B 347 -0.50 17.34 53.51
N VAL B 348 0.12 18.16 52.68
CA VAL B 348 0.22 17.88 51.26
C VAL B 348 1.70 17.81 51.04
N PRO B 349 2.16 16.87 50.18
CA PRO B 349 3.64 16.70 50.01
C PRO B 349 4.44 17.97 49.55
N HIS B 350 5.60 18.13 50.14
CA HIS B 350 6.51 19.17 49.74
C HIS B 350 7.70 18.55 49.03
N ILE B 351 8.49 19.39 48.37
CA ILE B 351 9.87 19.03 47.94
C ILE B 351 10.86 20.11 48.37
N VAL B 352 12.12 19.77 48.62
CA VAL B 352 13.10 20.80 48.82
C VAL B 352 13.54 21.37 47.48
N THR B 353 13.79 22.66 47.43
CA THR B 353 14.08 23.36 46.18
C THR B 353 15.60 23.48 45.91
N GLN B 354 16.40 23.03 46.88
CA GLN B 354 17.86 23.02 46.83
C GLN B 354 18.42 21.86 47.68
N HIS B 355 19.72 21.58 47.54
CA HIS B 355 20.39 20.70 48.49
C HIS B 355 20.29 21.39 49.86
N THR B 356 19.73 20.71 50.85
CA THR B 356 19.35 21.37 52.07
C THR B 356 19.99 20.71 53.26
N SER B 357 20.40 21.49 54.25
CA SER B 357 20.89 20.90 55.45
C SER B 357 19.78 20.90 56.44
N PHE B 358 19.67 19.83 57.20
CA PHE B 358 18.67 19.78 58.23
C PHE B 358 19.19 18.90 59.35
N ARG B 359 19.29 19.47 60.55
CA ARG B 359 19.78 18.75 61.71
C ARG B 359 20.98 17.87 61.38
N GLY B 360 21.89 18.37 60.54
CA GLY B 360 23.07 17.60 60.22
C GLY B 360 22.90 16.60 59.11
N TYR B 361 21.66 16.36 58.70
CA TYR B 361 21.43 15.60 57.46
C TYR B 361 21.43 16.49 56.19
N ILE B 362 21.61 15.87 55.02
CA ILE B 362 21.53 16.53 53.73
C ILE B 362 20.39 15.95 52.86
N ILE B 363 19.44 16.78 52.44
CA ILE B 363 18.34 16.34 51.63
C ILE B 363 18.52 16.91 50.20
N PRO B 364 18.78 16.05 49.22
CA PRO B 364 19.05 16.56 47.88
C PRO B 364 17.91 17.31 47.28
N LYS B 365 18.25 18.29 46.45
CA LYS B 365 17.26 19.07 45.76
C LYS B 365 16.27 18.11 45.15
N ASP B 366 14.98 18.38 45.35
CA ASP B 366 13.93 17.60 44.71
C ASP B 366 13.47 16.34 45.47
N THR B 367 14.03 16.08 46.65
CA THR B 367 13.60 14.96 47.43
C THR B 367 12.24 15.35 47.99
N GLU B 368 11.34 14.39 48.14
CA GLU B 368 10.04 14.75 48.70
C GLU B 368 10.05 14.76 50.21
N VAL B 369 9.25 15.68 50.78
CA VAL B 369 9.12 15.84 52.22
C VAL B 369 7.66 15.86 52.58
N PHE B 370 7.33 15.07 53.61
CA PHE B 370 5.98 14.93 54.17
C PHE B 370 6.12 15.49 55.56
N LEU B 371 5.24 16.38 55.94
CA LEU B 371 5.32 16.95 57.25
C LEU B 371 4.18 16.40 57.96
N ILE B 372 4.45 15.58 58.93
CA ILE B 372 3.40 14.76 59.52
C ILE B 372 2.61 15.60 60.53
N LEU B 373 1.69 16.40 59.97
CA LEU B 373 0.93 17.38 60.70
C LEU B 373 0.28 16.72 61.87
N SER B 374 -0.18 15.50 61.67
CA SER B 374 -0.84 14.81 62.76
C SER B 374 0.03 14.70 64.02
N THR B 375 1.33 14.51 63.87
CA THR B 375 2.16 14.36 65.05
C THR B 375 2.22 15.61 65.86
N ALA B 376 1.93 16.75 65.25
CA ALA B 376 1.92 18.02 65.97
C ALA B 376 0.60 18.17 66.73
N LEU B 377 -0.52 18.02 66.02
CA LEU B 377 -1.83 17.97 66.64
C LEU B 377 -2.00 16.91 67.73
N HIS B 378 -1.07 15.98 67.88
CA HIS B 378 -1.20 14.92 68.90
C HIS B 378 -0.01 14.87 69.86
N ASP B 379 0.81 15.92 69.79
CA ASP B 379 1.96 16.08 70.63
C ASP B 379 1.57 16.16 72.10
N PRO B 380 2.07 15.20 72.91
CA PRO B 380 1.73 15.13 74.35
C PRO B 380 2.31 16.25 75.27
N HIS B 381 3.33 17.00 74.82
CA HIS B 381 3.80 18.15 75.57
C HIS B 381 2.70 19.21 75.55
N TYR B 382 1.89 19.24 74.49
CA TYR B 382 0.94 20.37 74.28
C TYR B 382 -0.51 20.05 74.57
N PHE B 383 -0.86 18.77 74.51
CA PHE B 383 -2.22 18.34 74.76
C PHE B 383 -2.15 17.17 75.72
N GLU B 384 -3.10 17.07 76.65
CA GLU B 384 -2.91 16.14 77.78
C GLU B 384 -3.37 14.75 77.47
N LYS B 385 -4.52 14.63 76.82
CA LYS B 385 -4.98 13.33 76.34
C LYS B 385 -5.14 13.43 74.83
N PRO B 386 -4.01 13.42 74.12
CA PRO B 386 -3.99 13.75 72.69
C PRO B 386 -4.99 12.90 71.90
N ASP B 387 -5.29 11.71 72.39
CA ASP B 387 -6.17 10.81 71.68
C ASP B 387 -7.64 11.07 71.92
N ALA B 388 -7.96 11.78 73.00
CA ALA B 388 -9.34 12.03 73.39
C ALA B 388 -9.84 13.41 72.98
N PHE B 389 -11.14 13.51 72.77
CA PHE B 389 -11.78 14.77 72.42
C PHE B 389 -12.08 15.57 73.69
N ASN B 390 -11.33 16.64 73.88
CA ASN B 390 -11.43 17.46 75.07
C ASN B 390 -11.10 18.92 74.79
N PRO B 391 -12.12 19.81 74.78
CA PRO B 391 -11.98 21.26 74.54
C PRO B 391 -11.11 21.97 75.55
N ASP B 392 -10.94 21.38 76.72
CA ASP B 392 -10.05 21.90 77.73
C ASP B 392 -8.60 21.95 77.23
N HIS B 393 -8.32 21.34 76.08
CA HIS B 393 -7.03 21.42 75.43
C HIS B 393 -6.80 22.85 74.97
N PHE B 394 -7.88 23.60 74.75
CA PHE B 394 -7.75 24.95 74.24
C PHE B 394 -8.27 26.01 75.21
N LEU B 395 -8.29 25.68 76.50
CA LEU B 395 -8.74 26.58 77.56
C LEU B 395 -7.75 26.56 78.71
N ASP B 396 -7.52 27.73 79.30
CA ASP B 396 -6.72 27.82 80.54
C ASP B 396 -7.63 27.59 81.75
N ALA B 397 -7.11 27.84 82.96
CA ALA B 397 -7.87 27.56 84.20
C ALA B 397 -9.16 28.38 84.34
N ASN B 398 -9.10 29.65 83.93
CA ASN B 398 -10.23 30.58 84.00
C ASN B 398 -11.33 30.36 82.93
N GLY B 399 -11.21 29.30 82.13
CA GLY B 399 -12.09 29.10 80.96
C GLY B 399 -11.90 30.10 79.83
N ALA B 400 -10.71 30.71 79.74
CA ALA B 400 -10.36 31.62 78.63
C ALA B 400 -9.73 30.86 77.46
N LEU B 401 -9.70 31.48 76.28
CA LEU B 401 -9.10 30.83 75.11
C LEU B 401 -7.60 30.66 75.24
N LYS B 402 -7.12 29.45 75.01
CA LYS B 402 -5.69 29.21 75.04
C LYS B 402 -5.20 28.61 73.73
N LYS B 403 -4.74 29.48 72.84
CA LYS B 403 -4.10 29.08 71.58
C LYS B 403 -2.75 28.46 71.83
N THR B 404 -2.32 27.58 70.94
CA THR B 404 -1.04 26.92 71.17
C THR B 404 -0.18 26.72 69.93
N GLU B 405 1.13 26.80 70.17
CA GLU B 405 2.17 26.63 69.16
C GLU B 405 1.94 25.40 68.21
N ALA B 406 1.28 24.37 68.72
CA ALA B 406 1.18 23.08 68.03
C ALA B 406 -0.09 22.91 67.23
N PHE B 407 -1.05 23.82 67.38
CA PHE B 407 -2.24 23.75 66.58
C PHE B 407 -1.93 24.27 65.18
N ILE B 408 -1.45 23.35 64.31
CA ILE B 408 -1.10 23.66 62.94
C ILE B 408 -1.87 22.83 61.85
N PRO B 409 -3.22 22.80 61.90
CA PRO B 409 -3.91 21.95 60.92
C PRO B 409 -3.92 22.53 59.55
N PHE B 410 -3.30 23.67 59.36
CA PHE B 410 -3.26 24.36 58.11
C PHE B 410 -1.86 24.41 57.58
N SER B 411 -0.95 23.92 58.38
CA SER B 411 0.46 23.87 58.07
C SER B 411 1.09 25.17 58.34
N LEU B 412 2.27 25.36 57.80
CA LEU B 412 2.99 26.57 58.03
C LEU B 412 3.74 27.05 56.79
N GLY B 413 4.22 28.31 56.82
CA GLY B 413 5.21 28.80 55.85
C GLY B 413 4.65 29.21 54.51
N LYS B 414 5.48 29.39 53.53
CA LYS B 414 4.98 29.84 52.28
C LYS B 414 3.79 29.08 51.75
N ARG B 415 3.64 27.82 52.07
CA ARG B 415 2.52 27.06 51.47
C ARG B 415 1.25 26.99 52.31
N ILE B 416 1.24 27.70 53.44
CA ILE B 416 0.18 27.60 54.43
C ILE B 416 -1.18 27.61 53.73
N CYS B 417 -2.16 26.91 54.26
CA CYS B 417 -3.46 26.87 53.57
C CYS B 417 -3.92 28.29 53.25
N LEU B 418 -4.07 28.56 52.00
CA LEU B 418 -4.54 29.83 51.56
C LEU B 418 -6.03 30.01 51.76
N GLY B 419 -6.63 29.15 52.54
CA GLY B 419 -8.03 29.30 52.80
C GLY B 419 -8.27 29.30 54.27
N GLU B 420 -7.21 29.48 55.04
CA GLU B 420 -7.35 29.47 56.49
C GLU B 420 -8.46 30.40 56.98
N GLY B 421 -8.39 31.67 56.57
CA GLY B 421 -9.33 32.68 57.03
C GLY B 421 -10.75 32.27 56.71
N ILE B 422 -10.99 31.97 55.45
CA ILE B 422 -12.31 31.59 55.04
C ILE B 422 -12.74 30.38 55.83
N ALA B 423 -11.83 29.42 55.97
CA ALA B 423 -12.21 28.18 56.63
C ALA B 423 -12.73 28.42 58.03
N ARG B 424 -12.02 29.25 58.77
CA ARG B 424 -12.39 29.50 60.17
C ARG B 424 -13.65 30.34 60.33
N ALA B 425 -13.84 31.28 59.41
CA ALA B 425 -15.08 32.00 59.32
C ALA B 425 -16.23 31.01 59.14
N GLU B 426 -16.17 30.23 58.07
CA GLU B 426 -17.16 29.20 57.78
C GLU B 426 -17.38 28.32 58.99
N LEU B 427 -16.30 27.95 59.65
CA LEU B 427 -16.43 26.95 60.69
C LEU B 427 -17.23 27.49 61.84
N PHE B 428 -16.79 28.63 62.38
CA PHE B 428 -17.50 29.30 63.44
C PHE B 428 -18.90 29.71 63.01
N LEU B 429 -19.04 30.40 61.86
CA LEU B 429 -20.37 30.85 61.47
C LEU B 429 -21.40 29.71 61.32
N PHE B 430 -21.09 28.72 60.50
CA PHE B 430 -22.02 27.59 60.29
C PHE B 430 -22.28 26.81 61.59
N PHE B 431 -21.24 26.59 62.38
CA PHE B 431 -21.37 25.79 63.57
C PHE B 431 -22.39 26.43 64.52
N THR B 432 -22.10 27.68 64.95
CA THR B 432 -22.90 28.44 65.93
C THR B 432 -24.28 28.73 65.41
N THR B 433 -24.38 29.21 64.16
CA THR B 433 -25.69 29.34 63.54
C THR B 433 -26.56 28.06 63.57
N ILE B 434 -25.97 26.89 63.43
CA ILE B 434 -26.74 25.67 63.55
C ILE B 434 -27.13 25.44 65.00
N LEU B 435 -26.17 25.44 65.91
CA LEU B 435 -26.50 25.14 67.30
C LEU B 435 -27.52 26.12 67.91
N GLN B 436 -27.42 27.37 67.54
CA GLN B 436 -28.43 28.33 67.91
C GLN B 436 -29.83 27.77 67.73
N ASN B 437 -30.11 27.29 66.53
CA ASN B 437 -31.46 26.90 66.13
C ASN B 437 -31.86 25.47 66.31
N PHE B 438 -30.90 24.57 66.54
CA PHE B 438 -31.20 23.14 66.59
C PHE B 438 -30.45 22.40 67.67
N SER B 439 -31.04 21.27 68.03
CA SER B 439 -30.50 20.33 69.00
C SER B 439 -30.30 19.00 68.24
N MET B 440 -29.43 18.13 68.73
CA MET B 440 -29.07 16.93 67.96
C MET B 440 -29.37 15.61 68.64
N ALA B 441 -29.91 14.67 67.85
CA ALA B 441 -30.09 13.28 68.32
C ALA B 441 -29.89 12.29 67.18
N SER B 442 -29.58 11.04 67.55
CA SER B 442 -29.39 9.91 66.63
C SER B 442 -29.92 8.63 67.28
N PRO B 443 -30.09 7.54 66.49
CA PRO B 443 -30.46 6.30 67.15
C PRO B 443 -29.33 5.78 68.05
N VAL B 444 -28.08 6.02 67.67
CA VAL B 444 -26.95 5.45 68.40
C VAL B 444 -26.69 6.17 69.73
N ALA B 445 -26.58 5.41 70.82
CA ALA B 445 -26.31 5.97 72.14
C ALA B 445 -24.91 6.56 72.15
N PRO B 446 -24.71 7.67 72.89
CA PRO B 446 -23.44 8.39 72.97
C PRO B 446 -22.19 7.52 73.10
N GLU B 447 -22.13 6.60 74.08
CA GLU B 447 -20.90 5.80 74.27
C GLU B 447 -20.80 4.65 73.27
N ASP B 448 -21.90 4.38 72.56
CA ASP B 448 -21.90 3.43 71.45
C ASP B 448 -21.38 4.02 70.12
N ILE B 449 -21.27 5.34 70.04
CA ILE B 449 -20.83 6.00 68.81
C ILE B 449 -19.38 5.70 68.52
N ASP B 450 -19.13 5.24 67.28
CA ASP B 450 -17.79 4.92 66.82
C ASP B 450 -17.13 6.05 66.01
N LEU B 451 -16.07 6.60 66.56
CA LEU B 451 -15.31 7.66 65.91
C LEU B 451 -14.19 7.20 64.93
N THR B 452 -14.07 5.89 64.71
CA THR B 452 -13.09 5.36 63.81
C THR B 452 -13.36 5.79 62.37
N PRO B 453 -12.36 6.42 61.73
CA PRO B 453 -12.42 6.92 60.34
C PRO B 453 -12.66 5.79 59.35
N GLN B 454 -13.54 6.04 58.38
CA GLN B 454 -13.78 5.07 57.28
C GLN B 454 -12.64 5.01 56.26
N GLU B 455 -11.82 6.05 56.22
CA GLU B 455 -10.58 6.07 55.47
C GLU B 455 -9.53 6.80 56.29
N CYS B 456 -8.26 6.49 56.05
CA CYS B 456 -7.17 7.19 56.71
C CYS B 456 -5.93 7.26 55.82
N GLY B 457 -6.01 8.04 54.75
CA GLY B 457 -4.86 8.18 53.84
C GLY B 457 -4.39 9.63 53.76
N VAL B 458 -4.45 10.19 52.56
CA VAL B 458 -4.21 11.61 52.42
C VAL B 458 -5.24 12.29 53.30
N GLY B 459 -6.49 11.93 53.16
CA GLY B 459 -7.47 12.47 54.08
C GLY B 459 -7.81 11.46 55.14
N LYS B 460 -8.25 11.93 56.29
CA LYS B 460 -8.92 11.12 57.32
C LYS B 460 -10.41 11.40 57.13
N ILE B 461 -11.20 10.35 56.93
CA ILE B 461 -12.61 10.50 56.59
C ILE B 461 -13.50 9.83 57.66
N PRO B 462 -14.46 10.58 58.24
CA PRO B 462 -15.27 10.08 59.33
C PRO B 462 -16.24 9.04 58.81
N PRO B 463 -16.77 8.16 59.71
CA PRO B 463 -17.72 7.16 59.25
C PRO B 463 -19.02 7.83 58.87
N THR B 464 -19.84 7.19 58.03
CA THR B 464 -21.21 7.67 57.79
C THR B 464 -22.00 7.60 59.10
N TYR B 465 -22.82 8.61 59.34
CA TYR B 465 -23.77 8.54 60.44
C TYR B 465 -25.08 9.19 60.01
N GLN B 466 -26.13 8.89 60.78
CA GLN B 466 -27.45 9.50 60.58
C GLN B 466 -27.63 10.46 61.77
N ILE B 467 -28.34 11.56 61.53
CA ILE B 467 -28.53 12.56 62.57
C ILE B 467 -29.87 13.24 62.37
N ARG B 468 -30.53 13.60 63.48
CA ARG B 468 -31.76 14.41 63.42
C ARG B 468 -31.53 15.92 63.75
N PHE B 469 -32.27 16.80 63.07
CA PHE B 469 -32.29 18.18 63.50
C PHE B 469 -33.61 18.68 64.13
N LEU B 470 -33.65 18.63 65.45
CA LEU B 470 -34.77 19.14 66.24
C LEU B 470 -34.66 20.62 66.48
N PRO B 471 -35.70 21.34 66.11
CA PRO B 471 -35.74 22.79 66.30
C PRO B 471 -35.87 23.15 67.76
N ARG B 472 -36.13 24.41 68.01
CA ARG B 472 -36.39 24.92 69.36
C ARG B 472 -37.63 25.82 69.36
N HIS B 473 -37.96 26.38 70.52
CA HIS B 473 -39.11 27.26 70.64
C HIS B 473 -39.81 27.06 71.98
N GLY C 9 35.92 -22.17 8.35
CA GLY C 9 36.21 -23.00 9.51
C GLY C 9 35.14 -22.90 10.58
N LYS C 10 33.98 -22.34 10.21
CA LYS C 10 32.85 -22.24 11.11
C LYS C 10 31.54 -22.37 10.33
N LEU C 11 30.42 -22.10 10.99
CA LEU C 11 29.10 -22.16 10.34
C LEU C 11 29.18 -21.55 8.94
N PRO C 12 28.26 -21.98 8.04
CA PRO C 12 28.36 -21.56 6.64
C PRO C 12 28.21 -20.06 6.47
N PRO C 13 28.62 -19.55 5.30
CA PRO C 13 28.55 -18.12 5.09
C PRO C 13 27.10 -17.68 4.88
N GLY C 14 26.84 -16.37 4.92
CA GLY C 14 25.48 -15.89 4.71
C GLY C 14 25.34 -14.41 5.00
N PRO C 15 24.14 -13.87 4.72
CA PRO C 15 23.83 -12.47 4.97
C PRO C 15 24.08 -12.10 6.45
N ARG C 16 24.82 -11.01 6.65
CA ARG C 16 25.06 -10.50 7.99
C ARG C 16 23.75 -10.15 8.68
N PRO C 17 23.53 -10.71 9.86
CA PRO C 17 22.29 -10.49 10.61
C PRO C 17 22.37 -9.28 11.51
N LEU C 18 21.21 -8.79 11.88
CA LEU C 18 21.08 -7.74 12.92
C LEU C 18 20.64 -8.42 14.20
N PRO C 19 21.01 -7.89 15.33
CA PRO C 19 20.47 -8.45 16.52
C PRO C 19 19.00 -8.43 16.37
N LEU C 20 18.31 -9.27 17.15
CA LEU C 20 16.84 -9.26 17.19
C LEU C 20 16.17 -9.73 15.89
N LEU C 21 16.56 -9.15 14.76
CA LEU C 21 15.83 -9.35 13.52
C LEU C 21 16.53 -10.28 12.54
N GLY C 22 17.62 -10.88 12.97
CA GLY C 22 18.33 -11.78 12.12
C GLY C 22 18.40 -11.11 10.76
N ASN C 23 18.05 -11.83 9.72
CA ASN C 23 18.15 -11.30 8.40
C ASN C 23 16.87 -10.82 7.83
N LEU C 24 15.94 -10.41 8.69
CA LEU C 24 14.64 -9.90 8.25
C LEU C 24 14.76 -8.90 7.12
N LEU C 25 15.62 -7.91 7.28
CA LEU C 25 15.68 -6.83 6.26
C LEU C 25 16.32 -7.23 4.93
N GLN C 26 16.88 -8.44 4.86
CA GLN C 26 17.34 -9.01 3.61
C GLN C 26 16.38 -10.08 3.04
N MET C 27 15.25 -10.32 3.70
CA MET C 27 14.33 -11.33 3.18
C MET C 27 13.66 -10.72 1.99
N ASP C 28 13.03 -11.58 1.16
CA ASP C 28 12.20 -11.16 0.07
C ASP C 28 10.73 -11.22 0.52
N ARG C 29 9.95 -10.29 0.00
CA ARG C 29 8.56 -10.14 0.38
C ARG C 29 7.67 -11.28 -0.07
N ARG C 30 8.11 -12.05 -1.05
CA ARG C 30 7.32 -13.17 -1.51
C ARG C 30 7.41 -14.41 -0.63
N GLY C 31 8.40 -14.46 0.26
CA GLY C 31 8.39 -15.43 1.33
C GLY C 31 9.71 -16.08 1.54
N LEU C 32 9.76 -17.03 2.46
CA LEU C 32 11.01 -17.71 2.81
C LEU C 32 11.74 -18.37 1.63
N LEU C 33 11.02 -19.01 0.72
CA LEU C 33 11.69 -19.72 -0.33
C LEU C 33 12.40 -18.75 -1.25
N LYS C 34 11.70 -17.74 -1.73
CA LYS C 34 12.29 -16.75 -2.63
C LYS C 34 13.53 -16.14 -1.99
N SER C 35 13.43 -15.84 -0.70
CA SER C 35 14.52 -15.28 0.07
C SER C 35 15.75 -16.17 0.04
N PHE C 36 15.53 -17.46 0.28
CA PHE C 36 16.57 -18.47 0.19
C PHE C 36 17.19 -18.61 -1.18
N LEU C 37 16.38 -18.64 -2.23
CA LEU C 37 16.87 -18.79 -3.62
C LEU C 37 17.78 -17.63 -4.01
N ARG C 38 17.42 -16.44 -3.52
CA ARG C 38 18.23 -15.25 -3.66
C ARG C 38 19.55 -15.42 -2.92
N PHE C 39 19.49 -15.66 -1.61
CA PHE C 39 20.73 -15.91 -0.88
C PHE C 39 21.64 -16.87 -1.62
N ARG C 40 21.06 -17.87 -2.29
CA ARG C 40 21.85 -18.94 -2.94
C ARG C 40 22.65 -18.40 -4.14
N GLU C 41 22.02 -17.50 -4.88
CA GLU C 41 22.70 -16.80 -5.98
C GLU C 41 24.00 -16.14 -5.45
N LYS C 42 23.93 -15.47 -4.31
CA LYS C 42 25.11 -14.89 -3.71
C LYS C 42 26.07 -15.88 -3.00
N TYR C 43 25.59 -16.76 -2.13
CA TYR C 43 26.47 -17.50 -1.20
C TYR C 43 26.83 -18.96 -1.57
N GLY C 44 26.17 -19.52 -2.59
CA GLY C 44 26.40 -20.91 -2.95
C GLY C 44 25.31 -21.84 -2.44
N ASP C 45 25.62 -23.15 -2.39
CA ASP C 45 24.63 -24.18 -2.05
C ASP C 45 24.51 -24.36 -0.52
N VAL C 46 25.52 -23.94 0.23
CA VAL C 46 25.47 -24.14 1.68
C VAL C 46 25.61 -22.78 2.36
N PHE C 47 24.57 -22.33 3.06
CA PHE C 47 24.67 -21.04 3.73
C PHE C 47 23.80 -20.86 4.96
N THR C 48 24.21 -19.93 5.82
CA THR C 48 23.44 -19.71 7.06
C THR C 48 22.43 -18.59 6.84
N VAL C 49 21.27 -18.66 7.49
CA VAL C 49 20.30 -17.56 7.45
C VAL C 49 19.67 -17.41 8.83
N HIS C 50 19.72 -16.21 9.41
CA HIS C 50 19.24 -16.08 10.78
C HIS C 50 17.78 -15.73 10.79
N LEU C 51 16.97 -16.74 11.03
CA LEU C 51 15.51 -16.60 11.07
C LEU C 51 15.19 -16.14 12.46
N GLY C 52 14.81 -14.87 12.56
CA GLY C 52 14.79 -14.22 13.87
C GLY C 52 16.08 -14.46 14.65
N PRO C 53 15.94 -14.85 15.91
CA PRO C 53 17.06 -14.93 16.82
C PRO C 53 18.00 -16.13 16.64
N ARG C 54 17.85 -16.93 15.59
CA ARG C 54 18.66 -18.15 15.48
C ARG C 54 19.20 -18.37 14.08
N PRO C 55 20.33 -19.07 13.98
CA PRO C 55 20.85 -19.35 12.68
C PRO C 55 20.30 -20.71 12.27
N VAL C 56 20.01 -20.83 10.99
CA VAL C 56 19.49 -22.05 10.40
C VAL C 56 20.27 -22.29 9.10
N VAL C 57 20.85 -23.48 8.97
CA VAL C 57 21.63 -23.81 7.78
C VAL C 57 20.75 -24.31 6.61
N MET C 58 20.92 -23.70 5.43
CA MET C 58 20.22 -24.13 4.22
C MET C 58 21.14 -24.95 3.36
N LEU C 59 20.62 -26.06 2.85
CA LEU C 59 21.35 -26.87 1.86
C LEU C 59 20.59 -26.96 0.55
N CYS C 60 21.29 -26.71 -0.54
CA CYS C 60 20.65 -26.63 -1.86
C CYS C 60 21.33 -27.50 -2.88
N GLY C 61 20.55 -27.96 -3.86
CA GLY C 61 21.10 -28.88 -4.84
C GLY C 61 21.22 -30.33 -4.36
N VAL C 62 21.22 -31.22 -5.34
CA VAL C 62 21.19 -32.63 -5.06
C VAL C 62 22.44 -33.07 -4.37
N GLU C 63 23.59 -32.63 -4.89
CA GLU C 63 24.86 -33.04 -4.29
C GLU C 63 24.80 -32.85 -2.81
N ALA C 64 24.51 -31.61 -2.42
CA ALA C 64 24.55 -31.20 -1.02
C ALA C 64 23.54 -31.90 -0.16
N ILE C 65 22.29 -31.87 -0.63
CA ILE C 65 21.23 -32.56 0.07
C ILE C 65 21.55 -34.05 0.31
N ARG C 66 22.00 -34.71 -0.76
CA ARG C 66 22.41 -36.12 -0.75
C ARG C 66 23.59 -36.35 0.16
N GLU C 67 24.52 -35.42 0.13
CA GLU C 67 25.73 -35.52 0.93
C GLU C 67 25.45 -35.48 2.43
N ALA C 68 24.38 -34.77 2.81
CA ALA C 68 24.05 -34.69 4.22
C ALA C 68 23.19 -35.85 4.68
N LEU C 69 22.13 -36.10 3.94
CA LEU C 69 21.13 -37.00 4.36
C LEU C 69 21.53 -38.42 4.23
N VAL C 70 22.39 -38.69 3.27
CA VAL C 70 22.85 -40.03 3.02
C VAL C 70 24.24 -40.30 3.51
N ASP C 71 25.22 -39.56 3.05
CA ASP C 71 26.61 -39.82 3.51
C ASP C 71 26.80 -39.50 4.96
N LYS C 72 26.00 -38.55 5.46
CA LYS C 72 26.16 -38.11 6.85
C LYS C 72 24.91 -38.38 7.66
N ALA C 73 24.11 -39.32 7.21
CA ALA C 73 22.78 -39.63 7.74
C ALA C 73 22.68 -39.54 9.24
N GLU C 74 23.65 -40.10 9.93
CA GLU C 74 23.66 -40.05 11.37
C GLU C 74 23.55 -38.54 11.90
N ALA C 75 24.58 -37.73 11.57
CA ALA C 75 24.59 -36.31 11.88
C ALA C 75 23.28 -35.58 11.53
N PHE C 76 22.76 -35.78 10.32
CA PHE C 76 21.63 -34.99 9.83
C PHE C 76 20.23 -35.63 9.90
N SER C 77 20.02 -36.56 10.82
CA SER C 77 18.78 -37.30 10.88
C SER C 77 17.82 -36.84 11.98
N GLY C 78 18.18 -35.81 12.71
CA GLY C 78 17.34 -35.30 13.81
C GLY C 78 16.31 -34.37 13.22
N ARG C 79 15.29 -34.03 14.03
CA ARG C 79 14.11 -33.27 13.52
C ARG C 79 13.95 -31.89 14.15
N GLY C 80 13.80 -30.89 13.26
CA GLY C 80 13.51 -29.49 13.68
C GLY C 80 12.09 -29.28 14.22
N LYS C 81 11.67 -28.02 14.40
CA LYS C 81 10.28 -27.70 14.82
C LYS C 81 9.68 -26.90 13.71
N ILE C 82 8.37 -27.05 13.53
CA ILE C 82 7.61 -26.05 12.77
C ILE C 82 6.86 -25.08 13.75
N ALA C 83 7.44 -23.89 13.92
CA ALA C 83 7.03 -22.95 14.96
C ALA C 83 5.52 -22.80 15.11
N MET C 84 4.81 -22.99 14.02
CA MET C 84 3.39 -22.79 13.97
C MET C 84 2.61 -23.95 14.62
N VAL C 85 3.21 -25.15 14.64
CA VAL C 85 2.56 -26.33 15.24
C VAL C 85 3.30 -26.85 16.49
N ASP C 86 4.53 -26.38 16.70
CA ASP C 86 5.27 -26.87 17.79
C ASP C 86 4.51 -26.80 19.13
N PRO C 87 3.71 -25.72 19.39
CA PRO C 87 3.04 -25.63 20.69
C PRO C 87 2.10 -26.78 20.93
N PHE C 88 1.42 -27.25 19.87
CA PHE C 88 0.64 -28.46 19.92
C PHE C 88 1.42 -29.79 20.06
N PHE C 89 2.36 -30.09 19.16
CA PHE C 89 3.17 -31.31 19.21
C PHE C 89 4.21 -31.41 20.30
N ARG C 90 5.04 -30.39 20.45
CA ARG C 90 6.12 -30.42 21.42
C ARG C 90 6.86 -31.78 21.40
N GLY C 91 7.29 -32.21 20.22
CA GLY C 91 8.12 -33.40 20.05
C GLY C 91 7.48 -34.77 20.24
N TYR C 92 6.16 -34.84 20.20
CA TYR C 92 5.43 -36.10 20.19
C TYR C 92 4.94 -36.50 18.80
N GLY C 93 4.72 -37.79 18.60
CA GLY C 93 4.36 -38.30 17.27
C GLY C 93 5.61 -38.45 16.40
N VAL C 94 5.51 -39.31 15.39
CA VAL C 94 6.71 -39.73 14.66
C VAL C 94 7.40 -38.55 13.94
N ILE C 95 6.59 -37.71 13.29
CA ILE C 95 7.04 -36.57 12.49
C ILE C 95 7.95 -35.60 13.26
N PHE C 96 7.55 -35.32 14.49
CA PHE C 96 8.24 -34.31 15.30
C PHE C 96 9.03 -34.87 16.48
N ALA C 97 9.22 -36.20 16.54
CA ALA C 97 10.01 -36.78 17.62
C ALA C 97 11.51 -36.90 17.30
N ASN C 98 12.30 -37.16 18.34
CA ASN C 98 13.75 -37.30 18.15
C ASN C 98 14.25 -38.45 19.00
N GLY C 99 15.49 -38.88 18.77
CA GLY C 99 16.10 -39.89 19.60
C GLY C 99 15.21 -41.12 19.71
N ASN C 100 15.16 -41.73 20.91
CA ASN C 100 14.42 -42.96 21.09
C ASN C 100 12.95 -42.88 20.72
N ARG C 101 12.29 -41.80 21.14
CA ARG C 101 10.88 -41.65 20.84
C ARG C 101 10.64 -41.82 19.34
N TRP C 102 11.47 -41.19 18.52
CA TRP C 102 11.29 -41.36 17.12
C TRP C 102 11.59 -42.80 16.68
N LYS C 103 12.67 -43.35 17.21
CA LYS C 103 13.12 -44.67 16.83
C LYS C 103 11.95 -45.61 16.98
N VAL C 104 11.36 -45.62 18.19
CA VAL C 104 10.23 -46.47 18.52
C VAL C 104 9.03 -46.15 17.63
N LEU C 105 8.68 -44.87 17.50
CA LEU C 105 7.49 -44.50 16.74
C LEU C 105 7.67 -44.74 15.25
N ARG C 106 8.89 -44.60 14.76
CA ARG C 106 9.15 -44.80 13.33
C ARG C 106 9.02 -46.25 13.01
N ARG C 107 9.65 -47.10 13.81
CA ARG C 107 9.53 -48.54 13.62
C ARG C 107 8.05 -48.95 13.73
N PHE C 108 7.38 -48.48 14.77
CA PHE C 108 5.98 -48.83 14.93
C PHE C 108 5.22 -48.46 13.68
N SER C 109 5.38 -47.24 13.25
CA SER C 109 4.56 -46.72 12.16
C SER C 109 4.85 -47.44 10.85
N VAL C 110 6.13 -47.61 10.57
CA VAL C 110 6.56 -48.30 9.37
C VAL C 110 6.03 -49.72 9.31
N THR C 111 6.09 -50.46 10.43
CA THR C 111 5.63 -51.84 10.38
C THR C 111 4.11 -51.89 10.29
N THR C 112 3.42 -51.08 11.10
CA THR C 112 1.96 -51.01 11.06
C THR C 112 1.39 -50.53 9.72
N MET C 113 2.18 -49.78 8.94
CA MET C 113 1.67 -49.21 7.70
C MET C 113 1.89 -50.23 6.60
N ARG C 114 2.62 -51.28 6.90
CA ARG C 114 2.79 -52.34 5.95
C ARG C 114 1.79 -53.45 6.18
N ASP C 115 1.69 -53.95 7.41
CA ASP C 115 0.75 -54.99 7.80
C ASP C 115 -0.10 -55.43 6.63
N GLY C 119 -3.88 -61.80 8.69
CA GLY C 119 -4.15 -61.35 7.34
C GLY C 119 -5.57 -60.86 7.15
N LYS C 120 -5.68 -59.69 6.52
CA LYS C 120 -6.92 -59.11 6.05
C LYS C 120 -6.55 -58.10 4.98
N ARG C 121 -7.51 -57.30 4.55
CA ARG C 121 -7.36 -56.48 3.36
C ARG C 121 -5.99 -55.87 3.09
N SER C 122 -5.59 -55.92 1.84
CA SER C 122 -4.34 -55.37 1.35
C SER C 122 -4.49 -53.88 1.00
N VAL C 123 -3.37 -53.17 1.02
CA VAL C 123 -3.32 -51.74 0.71
C VAL C 123 -3.83 -51.41 -0.69
N GLU C 124 -3.17 -51.99 -1.70
CA GLU C 124 -3.63 -51.98 -3.08
C GLU C 124 -5.12 -52.26 -3.23
N GLU C 125 -5.62 -53.31 -2.59
CA GLU C 125 -7.04 -53.63 -2.63
C GLU C 125 -7.92 -52.52 -2.07
N ARG C 126 -7.42 -51.83 -1.05
CA ARG C 126 -8.17 -50.72 -0.46
C ARG C 126 -8.24 -49.45 -1.32
N ILE C 127 -7.16 -49.19 -2.03
CA ILE C 127 -7.11 -48.09 -2.95
C ILE C 127 -8.02 -48.37 -4.11
N GLN C 128 -7.96 -49.58 -4.63
CA GLN C 128 -8.81 -50.00 -5.72
C GLN C 128 -10.27 -49.82 -5.38
N GLU C 129 -10.61 -50.22 -4.16
CA GLU C 129 -11.96 -50.16 -3.67
C GLU C 129 -12.44 -48.72 -3.56
N GLU C 130 -11.61 -47.88 -2.98
CA GLU C 130 -11.85 -46.45 -2.86
C GLU C 130 -11.92 -45.77 -4.22
N ALA C 131 -11.02 -46.15 -5.11
CA ALA C 131 -11.06 -45.68 -6.50
C ALA C 131 -12.42 -45.95 -7.13
N GLN C 132 -13.04 -47.08 -6.75
CA GLN C 132 -14.34 -47.46 -7.28
C GLN C 132 -15.45 -46.57 -6.74
N CYS C 133 -15.46 -46.39 -5.43
CA CYS C 133 -16.37 -45.46 -4.75
C CYS C 133 -16.23 -44.08 -5.34
N LEU C 134 -15.04 -43.71 -5.77
CA LEU C 134 -14.78 -42.41 -6.31
C LEU C 134 -15.36 -42.23 -7.71
N ILE C 135 -15.12 -43.18 -8.61
CA ILE C 135 -15.75 -43.17 -9.93
C ILE C 135 -17.24 -43.03 -9.78
N GLU C 136 -17.76 -43.85 -8.89
CA GLU C 136 -19.17 -43.90 -8.58
C GLU C 136 -19.75 -42.52 -8.25
N GLU C 137 -19.05 -41.76 -7.42
CA GLU C 137 -19.46 -40.41 -7.03
C GLU C 137 -19.37 -39.45 -8.19
N LEU C 138 -18.31 -39.57 -8.96
CA LEU C 138 -18.13 -38.70 -10.10
C LEU C 138 -19.19 -38.90 -11.18
N ARG C 139 -19.81 -40.07 -11.22
CA ARG C 139 -20.95 -40.32 -12.09
C ARG C 139 -22.12 -39.52 -11.55
N LYS C 140 -22.34 -39.64 -10.26
CA LYS C 140 -23.52 -39.09 -9.64
C LYS C 140 -23.53 -37.62 -9.82
N SER C 141 -22.51 -37.10 -10.45
CA SER C 141 -22.43 -35.68 -10.56
C SER C 141 -22.69 -35.32 -11.97
N LYS C 142 -22.87 -36.32 -12.82
CA LYS C 142 -23.15 -36.08 -14.24
C LYS C 142 -22.57 -34.86 -14.96
N GLY C 143 -21.25 -34.69 -14.87
CA GLY C 143 -20.57 -33.55 -15.43
C GLY C 143 -20.84 -32.14 -14.98
N ALA C 144 -21.39 -31.95 -13.80
CA ALA C 144 -21.51 -30.59 -13.27
C ALA C 144 -20.14 -30.06 -12.83
N LEU C 145 -19.93 -28.74 -12.98
CA LEU C 145 -18.78 -28.04 -12.38
C LEU C 145 -18.65 -28.39 -10.91
N MET C 146 -17.42 -28.59 -10.44
CA MET C 146 -17.17 -28.83 -9.00
C MET C 146 -15.77 -28.49 -8.58
N ASP C 147 -15.64 -28.20 -7.30
CA ASP C 147 -14.35 -28.02 -6.71
C ASP C 147 -13.92 -29.39 -6.18
N PRO C 148 -12.91 -29.99 -6.80
CA PRO C 148 -12.56 -31.37 -6.49
C PRO C 148 -11.93 -31.57 -5.12
N THR C 149 -11.67 -30.48 -4.41
CA THR C 149 -10.88 -30.48 -3.18
C THR C 149 -11.34 -31.46 -2.13
N PHE C 150 -12.61 -31.32 -1.72
CA PHE C 150 -13.17 -32.14 -0.68
C PHE C 150 -13.05 -33.64 -1.03
N LEU C 151 -13.29 -34.00 -2.30
CA LEU C 151 -13.17 -35.37 -2.80
C LEU C 151 -11.76 -35.96 -2.82
N PHE C 152 -10.80 -35.28 -3.44
CA PHE C 152 -9.43 -35.73 -3.43
C PHE C 152 -8.91 -35.91 -2.03
N GLN C 153 -9.43 -35.11 -1.13
CA GLN C 153 -9.11 -35.29 0.27
C GLN C 153 -9.72 -36.54 0.85
N SER C 154 -11.02 -36.72 0.64
CA SER C 154 -11.78 -37.90 1.07
C SER C 154 -11.08 -39.20 0.74
N ILE C 155 -10.69 -39.33 -0.52
CA ILE C 155 -10.13 -40.57 -1.02
C ILE C 155 -8.82 -40.93 -0.34
N THR C 156 -7.92 -39.97 -0.21
CA THR C 156 -6.63 -40.23 0.43
C THR C 156 -6.76 -40.42 1.96
N ALA C 157 -7.63 -39.63 2.56
CA ALA C 157 -7.99 -39.80 3.96
C ALA C 157 -8.54 -41.20 4.26
N ASN C 158 -9.45 -41.68 3.41
CA ASN C 158 -10.08 -42.97 3.63
C ASN C 158 -9.08 -44.09 3.63
N ILE C 159 -8.08 -44.01 2.78
CA ILE C 159 -7.02 -45.02 2.81
C ILE C 159 -6.39 -45.05 4.18
N ILE C 160 -6.01 -43.89 4.68
CA ILE C 160 -5.31 -43.86 5.95
C ILE C 160 -6.27 -44.26 7.09
N CYS C 161 -7.51 -43.79 7.01
CA CYS C 161 -8.54 -44.14 7.97
C CYS C 161 -8.81 -45.62 8.10
N SER C 162 -8.92 -46.30 6.97
CA SER C 162 -9.09 -47.74 6.95
C SER C 162 -7.95 -48.44 7.65
N ILE C 163 -6.72 -47.99 7.42
CA ILE C 163 -5.54 -48.56 8.10
C ILE C 163 -5.58 -48.28 9.57
N VAL C 164 -6.01 -47.08 9.95
CA VAL C 164 -5.82 -46.62 11.33
C VAL C 164 -7.04 -46.88 12.20
N PHE C 165 -8.22 -46.66 11.68
CA PHE C 165 -9.43 -46.79 12.45
C PHE C 165 -10.14 -48.00 12.03
N GLY C 166 -9.77 -48.55 10.91
CA GLY C 166 -10.40 -49.74 10.43
C GLY C 166 -11.77 -49.50 9.88
N LYS C 167 -11.87 -48.52 9.01
CA LYS C 167 -13.13 -48.19 8.42
C LYS C 167 -12.89 -47.07 7.50
N ARG C 168 -13.88 -46.78 6.70
CA ARG C 168 -13.76 -45.72 5.77
C ARG C 168 -14.93 -44.84 6.04
N PHE C 169 -14.98 -43.72 5.38
CA PHE C 169 -16.02 -42.79 5.73
C PHE C 169 -16.82 -42.47 4.51
N HIS C 170 -18.07 -42.17 4.71
CA HIS C 170 -18.97 -41.81 3.64
C HIS C 170 -18.73 -40.40 3.19
N TYR C 171 -18.58 -40.21 1.90
CA TYR C 171 -18.29 -38.90 1.33
C TYR C 171 -19.10 -37.78 1.92
N GLN C 172 -20.21 -38.09 2.55
CA GLN C 172 -21.12 -37.05 2.99
C GLN C 172 -21.25 -37.02 4.49
N ASP C 173 -20.45 -37.84 5.17
CA ASP C 173 -20.34 -37.82 6.62
C ASP C 173 -19.83 -36.43 6.98
N GLN C 174 -20.69 -35.63 7.57
CA GLN C 174 -20.34 -34.25 7.84
C GLN C 174 -19.31 -34.02 8.93
N GLU C 175 -19.20 -34.96 9.89
CA GLU C 175 -18.11 -35.00 10.87
C GLU C 175 -16.77 -35.32 10.14
N PHE C 176 -16.85 -36.15 9.10
CA PHE C 176 -15.70 -36.46 8.23
C PHE C 176 -15.34 -35.22 7.43
N LEU C 177 -16.36 -34.51 6.96
CA LEU C 177 -16.16 -33.28 6.22
C LEU C 177 -15.51 -32.22 7.10
N LYS C 178 -16.05 -32.04 8.31
CA LYS C 178 -15.50 -31.10 9.27
C LYS C 178 -14.01 -31.34 9.41
N MET C 179 -13.60 -32.57 9.61
CA MET C 179 -12.22 -32.81 9.80
C MET C 179 -11.36 -32.50 8.61
N LEU C 180 -11.88 -32.61 7.41
CA LEU C 180 -11.06 -32.40 6.26
C LEU C 180 -10.93 -30.95 5.96
N ASN C 181 -11.84 -30.16 6.54
CA ASN C 181 -11.79 -28.72 6.40
C ASN C 181 -10.75 -28.17 7.35
N LEU C 182 -10.68 -28.80 8.53
CA LEU C 182 -9.65 -28.48 9.49
C LEU C 182 -8.23 -28.75 8.97
N PHE C 183 -8.00 -29.84 8.25
CA PHE C 183 -6.69 -30.12 7.74
C PHE C 183 -6.34 -29.10 6.67
N TYR C 184 -7.34 -28.74 5.88
CA TYR C 184 -7.09 -27.88 4.75
C TYR C 184 -6.73 -26.48 5.23
N GLN C 185 -7.53 -25.94 6.16
CA GLN C 185 -7.29 -24.60 6.68
C GLN C 185 -5.94 -24.56 7.39
N THR C 186 -5.69 -25.58 8.20
CA THR C 186 -4.50 -25.64 9.03
C THR C 186 -3.27 -25.60 8.15
N PHE C 187 -3.26 -26.40 7.08
CA PHE C 187 -2.09 -26.46 6.23
C PHE C 187 -1.86 -25.13 5.51
N SER C 188 -2.97 -24.46 5.19
CA SER C 188 -2.91 -23.16 4.55
C SER C 188 -2.35 -22.12 5.50
N LEU C 189 -2.90 -22.08 6.71
CA LEU C 189 -2.43 -21.18 7.71
C LEU C 189 -0.98 -21.42 8.01
N ILE C 190 -0.58 -22.66 8.13
CA ILE C 190 0.84 -22.86 8.34
C ILE C 190 1.65 -22.24 7.20
N SER C 191 1.12 -22.29 5.98
CA SER C 191 1.96 -22.01 4.80
C SER C 191 1.84 -20.57 4.43
N SER C 192 0.86 -19.92 5.05
CA SER C 192 0.60 -18.48 4.88
C SER C 192 1.83 -17.60 5.22
N VAL C 193 1.86 -16.37 4.73
CA VAL C 193 3.00 -15.52 5.09
C VAL C 193 3.03 -15.27 6.59
N PHE C 194 1.87 -15.21 7.24
CA PHE C 194 1.91 -15.10 8.66
C PHE C 194 2.70 -16.26 9.24
N GLY C 195 2.43 -17.48 8.73
CA GLY C 195 3.09 -18.70 9.19
C GLY C 195 4.57 -18.61 9.02
N GLN C 196 4.98 -18.15 7.86
CA GLN C 196 6.41 -17.89 7.63
C GLN C 196 6.98 -16.87 8.54
N LEU C 197 6.21 -15.83 8.81
CA LEU C 197 6.68 -14.82 9.74
C LEU C 197 6.83 -15.37 11.17
N PHE C 198 5.79 -16.09 11.61
CA PHE C 198 5.81 -16.82 12.85
C PHE C 198 7.04 -17.68 12.98
N GLU C 199 7.54 -18.22 11.88
CA GLU C 199 8.70 -19.09 11.98
C GLU C 199 9.90 -18.29 12.53
N LEU C 200 9.99 -17.03 12.07
CA LEU C 200 11.01 -16.09 12.51
C LEU C 200 10.78 -15.58 13.95
N PHE C 201 9.56 -15.18 14.31
CA PHE C 201 9.44 -14.33 15.50
C PHE C 201 8.44 -14.84 16.50
N SER C 202 8.32 -16.15 16.58
CA SER C 202 7.30 -16.75 17.43
C SER C 202 7.54 -16.39 18.88
N GLY C 203 8.80 -16.20 19.28
CA GLY C 203 9.11 -15.75 20.63
C GLY C 203 8.20 -14.58 21.03
N PHE C 204 8.04 -13.65 20.08
CA PHE C 204 7.29 -12.44 20.28
C PHE C 204 5.85 -12.67 19.87
N LEU C 205 5.60 -13.16 18.67
CA LEU C 205 4.22 -13.21 18.13
C LEU C 205 3.27 -14.15 18.84
N LYS C 206 3.84 -15.10 19.58
CA LYS C 206 3.05 -16.08 20.31
C LYS C 206 2.42 -15.45 21.56
N HIS C 207 2.43 -14.13 21.61
CA HIS C 207 1.86 -13.41 22.75
C HIS C 207 0.70 -12.52 22.33
N PHE C 208 0.30 -12.71 21.10
CA PHE C 208 -0.76 -11.95 20.55
C PHE C 208 -1.63 -12.83 19.68
N PRO C 209 -2.77 -12.29 19.28
CA PRO C 209 -3.70 -13.00 18.39
C PRO C 209 -3.13 -13.19 17.00
N GLY C 210 -3.41 -14.35 16.39
CA GLY C 210 -2.86 -14.70 15.12
C GLY C 210 -3.17 -16.10 14.74
N ALA C 211 -2.93 -16.44 13.49
CA ALA C 211 -3.23 -17.77 12.95
C ALA C 211 -2.76 -18.94 13.83
N HIS C 212 -1.63 -18.76 14.47
CA HIS C 212 -1.12 -19.80 15.36
C HIS C 212 -2.17 -20.31 16.34
N ARG C 213 -3.08 -19.45 16.76
CA ARG C 213 -4.07 -19.87 17.73
C ARG C 213 -5.15 -20.69 17.08
N GLN C 214 -5.37 -20.42 15.80
CA GLN C 214 -6.41 -21.12 15.06
C GLN C 214 -5.85 -22.48 14.73
N VAL C 215 -4.57 -22.56 14.37
CA VAL C 215 -3.96 -23.85 14.09
C VAL C 215 -3.95 -24.71 15.36
N TYR C 216 -3.57 -24.11 16.49
CA TYR C 216 -3.55 -24.84 17.75
C TYR C 216 -4.92 -25.39 18.08
N LYS C 217 -5.93 -24.54 17.95
CA LYS C 217 -7.29 -24.94 18.21
C LYS C 217 -7.74 -26.05 17.25
N ASN C 218 -7.39 -25.90 15.98
CA ASN C 218 -7.69 -26.91 14.98
C ASN C 218 -7.09 -28.30 15.35
N LEU C 219 -5.78 -28.37 15.48
CA LEU C 219 -5.10 -29.55 15.91
C LEU C 219 -5.68 -30.16 17.16
N GLN C 220 -6.09 -29.36 18.10
CA GLN C 220 -6.73 -29.89 19.28
C GLN C 220 -8.07 -30.54 18.99
N GLU C 221 -8.84 -30.02 18.06
CA GLU C 221 -10.13 -30.56 17.71
C GLU C 221 -10.00 -31.95 17.06
N ILE C 222 -9.21 -32.01 15.98
CA ILE C 222 -8.81 -33.24 15.33
C ILE C 222 -8.29 -34.26 16.32
N ASN C 223 -7.31 -33.89 17.15
CA ASN C 223 -6.89 -34.72 18.28
C ASN C 223 -7.98 -35.27 19.24
N ALA C 224 -9.01 -34.51 19.53
CA ALA C 224 -9.99 -34.93 20.49
C ALA C 224 -10.82 -36.03 19.85
N TYR C 225 -10.95 -35.97 18.54
CA TYR C 225 -11.72 -36.96 17.82
C TYR C 225 -10.90 -38.25 17.83
N ILE C 226 -9.65 -38.17 17.44
CA ILE C 226 -8.76 -39.29 17.55
C ILE C 226 -8.79 -39.94 18.94
N GLY C 227 -8.86 -39.14 20.01
CA GLY C 227 -8.77 -39.67 21.34
C GLY C 227 -10.04 -40.37 21.75
N HIS C 228 -11.15 -39.91 21.26
CA HIS C 228 -12.37 -40.52 21.61
C HIS C 228 -12.51 -41.84 20.88
N SER C 229 -12.03 -41.86 19.66
CA SER C 229 -11.99 -43.03 18.86
C SER C 229 -11.08 -44.05 19.51
N VAL C 230 -10.02 -43.59 20.19
CA VAL C 230 -9.11 -44.49 20.88
C VAL C 230 -9.85 -45.11 22.06
N GLU C 231 -10.80 -44.37 22.61
CA GLU C 231 -11.45 -44.80 23.82
C GLU C 231 -12.37 -45.94 23.45
N LYS C 232 -12.96 -45.84 22.27
CA LYS C 232 -13.88 -46.85 21.77
C LYS C 232 -13.15 -48.14 21.47
N HIS C 233 -12.03 -48.01 20.77
CA HIS C 233 -11.15 -49.11 20.50
C HIS C 233 -10.79 -49.82 21.77
N ARG C 234 -10.53 -49.05 22.83
CA ARG C 234 -10.04 -49.61 24.09
C ARG C 234 -11.14 -50.29 24.90
N GLU C 235 -12.38 -50.18 24.46
CA GLU C 235 -13.49 -50.78 25.17
C GLU C 235 -13.78 -52.13 24.58
N THR C 236 -13.69 -52.20 23.26
CA THR C 236 -14.07 -53.37 22.53
C THR C 236 -12.81 -54.09 22.02
N LEU C 237 -11.68 -53.89 22.68
CA LEU C 237 -10.43 -54.39 22.16
C LEU C 237 -10.36 -55.88 22.39
N ASP C 238 -10.01 -56.62 21.34
CA ASP C 238 -9.83 -58.06 21.42
C ASP C 238 -8.33 -58.41 21.26
N PRO C 239 -7.62 -58.73 22.36
CA PRO C 239 -6.16 -58.88 22.37
C PRO C 239 -5.60 -59.87 21.38
N SER C 240 -6.45 -60.73 20.83
CA SER C 240 -6.07 -61.74 19.82
C SER C 240 -6.60 -61.47 18.40
N ALA C 241 -7.56 -60.56 18.28
CA ALA C 241 -7.98 -59.96 17.01
C ALA C 241 -7.83 -58.43 17.02
N PRO C 242 -6.59 -57.95 16.80
CA PRO C 242 -6.38 -56.51 16.63
C PRO C 242 -6.96 -56.08 15.29
N ARG C 243 -7.79 -55.06 15.30
CA ARG C 243 -8.48 -54.63 14.11
C ARG C 243 -7.69 -53.71 13.18
N ASP C 244 -6.77 -52.92 13.76
CA ASP C 244 -6.14 -51.81 13.05
C ASP C 244 -4.92 -51.30 13.81
N LEU C 245 -4.37 -50.18 13.36
CA LEU C 245 -3.17 -49.58 13.95
C LEU C 245 -3.35 -49.14 15.38
N ILE C 246 -4.53 -48.69 15.73
CA ILE C 246 -4.81 -48.25 17.08
C ILE C 246 -4.75 -49.41 18.04
N ASP C 247 -5.35 -50.54 17.62
CA ASP C 247 -5.40 -51.74 18.46
C ASP C 247 -3.97 -52.23 18.63
N THR C 248 -3.24 -52.27 17.53
CA THR C 248 -1.85 -52.70 17.61
C THR C 248 -1.10 -51.87 18.66
N TYR C 249 -1.21 -50.55 18.55
CA TYR C 249 -0.61 -49.64 19.52
C TYR C 249 -1.02 -49.95 20.94
N LEU C 250 -2.32 -50.02 21.19
CA LEU C 250 -2.84 -50.35 22.51
C LEU C 250 -2.20 -51.61 23.11
N LEU C 251 -1.93 -52.62 22.28
CA LEU C 251 -1.36 -53.88 22.77
C LEU C 251 0.09 -53.70 23.16
N HIS C 252 0.84 -53.05 22.28
CA HIS C 252 2.17 -52.55 22.63
C HIS C 252 2.21 -51.81 23.96
N MET C 253 1.22 -50.95 24.17
CA MET C 253 1.04 -50.25 25.40
C MET C 253 0.95 -51.21 26.59
N GLU C 254 0.09 -52.21 26.44
CA GLU C 254 -0.16 -53.25 27.46
C GLU C 254 1.11 -54.04 27.73
N LYS C 255 1.71 -54.53 26.65
CA LYS C 255 2.98 -55.23 26.69
C LYS C 255 4.07 -54.51 27.47
N GLU C 256 4.08 -53.18 27.39
CA GLU C 256 5.18 -52.41 27.98
C GLU C 256 4.84 -51.69 29.27
N LYS C 257 3.64 -51.92 29.77
CA LYS C 257 3.17 -51.11 30.87
C LYS C 257 3.98 -51.25 32.16
N SER C 258 4.90 -52.19 32.17
CA SER C 258 5.60 -52.51 33.38
C SER C 258 7.04 -52.20 33.22
N ASN C 259 7.38 -51.59 32.11
CA ASN C 259 8.76 -51.25 31.89
C ASN C 259 9.00 -49.84 32.33
N ALA C 260 10.21 -49.56 32.76
CA ALA C 260 10.58 -48.25 33.24
C ALA C 260 10.00 -47.20 32.36
N HIS C 261 10.52 -47.04 31.15
CA HIS C 261 9.95 -46.03 30.25
C HIS C 261 9.41 -46.64 28.98
N SER C 262 8.12 -46.53 28.74
CA SER C 262 7.63 -46.89 27.44
C SER C 262 7.42 -45.58 26.75
N GLU C 263 7.74 -45.53 25.47
CA GLU C 263 7.28 -44.47 24.62
C GLU C 263 5.84 -44.66 24.17
N PHE C 264 5.19 -45.75 24.54
CA PHE C 264 3.80 -45.95 24.15
C PHE C 264 2.83 -45.36 25.16
N SER C 265 2.79 -44.03 25.14
CA SER C 265 2.03 -43.22 26.05
C SER C 265 0.83 -42.78 25.30
N HIS C 266 -0.19 -42.32 26.02
CA HIS C 266 -1.36 -41.83 25.38
C HIS C 266 -1.13 -40.63 24.47
N GLN C 267 -0.25 -39.72 24.87
CA GLN C 267 0.03 -38.54 24.08
C GLN C 267 0.60 -38.94 22.72
N ASN C 268 1.56 -39.85 22.73
CA ASN C 268 2.14 -40.37 21.47
C ASN C 268 1.10 -41.13 20.63
N LEU C 269 0.23 -41.87 21.31
CA LEU C 269 -0.82 -42.53 20.58
C LEU C 269 -1.61 -41.45 19.83
N ASN C 270 -2.31 -40.57 20.55
CA ASN C 270 -3.04 -39.45 19.93
C ASN C 270 -2.33 -38.61 18.84
N LEU C 271 -1.12 -38.14 19.14
CA LEU C 271 -0.43 -37.25 18.18
C LEU C 271 0.29 -37.99 17.10
N ASN C 272 0.73 -39.22 17.38
CA ASN C 272 1.29 -40.07 16.34
C ASN C 272 0.21 -40.41 15.31
N THR C 273 -0.97 -40.75 15.79
CA THR C 273 -2.11 -41.01 14.95
C THR C 273 -2.46 -39.81 14.11
N LEU C 274 -2.62 -38.67 14.78
CA LEU C 274 -2.84 -37.36 14.15
C LEU C 274 -1.82 -37.06 13.06
N SER C 275 -0.53 -37.24 13.35
CA SER C 275 0.48 -37.05 12.32
C SER C 275 0.25 -37.94 11.10
N LEU C 276 0.06 -39.26 11.28
CA LEU C 276 -0.23 -40.14 10.13
C LEU C 276 -1.46 -39.72 9.37
N PHE C 277 -2.52 -39.40 10.12
CA PHE C 277 -3.85 -39.09 9.58
C PHE C 277 -3.76 -37.81 8.71
N PHE C 278 -3.08 -36.80 9.23
CA PHE C 278 -2.83 -35.55 8.53
C PHE C 278 -1.94 -35.70 7.34
N ALA C 279 -0.71 -36.08 7.57
CA ALA C 279 0.23 -36.32 6.47
C ALA C 279 -0.26 -37.32 5.41
N GLY C 280 -0.85 -38.43 5.85
CA GLY C 280 -1.49 -39.32 4.91
C GLY C 280 -2.54 -38.66 4.02
N THR C 281 -3.29 -37.73 4.61
CA THR C 281 -4.35 -37.08 3.90
C THR C 281 -3.85 -35.98 2.98
N GLU C 282 -3.05 -35.06 3.53
CA GLU C 282 -2.79 -33.81 2.82
C GLU C 282 -2.07 -33.90 1.48
N THR C 283 -0.82 -34.31 1.46
CA THR C 283 0.00 -34.13 0.27
C THR C 283 -0.45 -34.96 -0.95
N THR C 284 -0.74 -36.25 -0.73
CA THR C 284 -1.27 -37.07 -1.81
C THR C 284 -2.42 -36.37 -2.50
N SER C 285 -3.39 -35.96 -1.70
CA SER C 285 -4.59 -35.27 -2.22
C SER C 285 -4.21 -34.00 -2.97
N THR C 286 -3.27 -33.24 -2.42
CA THR C 286 -2.85 -31.99 -3.04
C THR C 286 -2.15 -32.29 -4.33
N THR C 287 -1.29 -33.29 -4.33
CA THR C 287 -0.64 -33.73 -5.57
C THR C 287 -1.69 -33.97 -6.65
N LEU C 288 -2.72 -34.73 -6.31
CA LEU C 288 -3.86 -34.89 -7.19
C LEU C 288 -4.50 -33.59 -7.63
N ARG C 289 -4.87 -32.72 -6.70
CA ARG C 289 -5.52 -31.47 -7.03
C ARG C 289 -4.67 -30.66 -7.99
N TYR C 290 -3.36 -30.65 -7.75
CA TYR C 290 -2.44 -29.99 -8.68
C TYR C 290 -2.41 -30.69 -10.02
N GLY C 291 -2.32 -32.03 -9.99
CA GLY C 291 -2.30 -32.87 -11.18
C GLY C 291 -3.42 -32.55 -12.17
N PHE C 292 -4.66 -32.50 -11.70
CA PHE C 292 -5.78 -32.25 -12.58
C PHE C 292 -5.88 -30.84 -13.10
N LEU C 293 -5.44 -29.85 -12.31
CA LEU C 293 -5.26 -28.51 -12.81
C LEU C 293 -4.29 -28.55 -13.97
N LEU C 294 -3.25 -29.35 -13.84
CA LEU C 294 -2.30 -29.50 -14.91
C LEU C 294 -2.93 -30.18 -16.11
N MET C 295 -3.81 -31.13 -15.87
CA MET C 295 -4.51 -31.77 -16.98
C MET C 295 -5.41 -30.79 -17.69
N LEU C 296 -6.09 -29.93 -16.95
CA LEU C 296 -6.90 -28.92 -17.61
C LEU C 296 -6.07 -28.05 -18.57
N LYS C 297 -4.80 -27.78 -18.22
CA LYS C 297 -3.97 -26.84 -18.99
C LYS C 297 -3.31 -27.53 -20.15
N TYR C 298 -3.08 -28.81 -19.98
CA TYR C 298 -2.40 -29.55 -20.99
C TYR C 298 -3.20 -30.82 -21.34
N PRO C 299 -4.29 -30.67 -22.12
CA PRO C 299 -5.07 -31.86 -22.44
C PRO C 299 -4.32 -32.84 -23.32
N HIS C 300 -3.38 -32.41 -24.13
CA HIS C 300 -2.67 -33.35 -24.95
C HIS C 300 -1.89 -34.36 -24.14
N VAL C 301 -1.51 -33.97 -22.94
CA VAL C 301 -0.85 -34.86 -21.99
C VAL C 301 -1.86 -35.83 -21.40
N ALA C 302 -3.04 -35.30 -21.06
CA ALA C 302 -4.16 -36.08 -20.52
C ALA C 302 -4.66 -37.18 -21.49
N GLU C 303 -4.90 -36.80 -22.73
CA GLU C 303 -5.39 -37.75 -23.71
C GLU C 303 -4.31 -38.71 -24.14
N ARG C 304 -3.06 -38.29 -24.07
CA ARG C 304 -1.96 -39.20 -24.34
C ARG C 304 -1.85 -40.26 -23.23
N VAL C 305 -2.24 -39.89 -22.03
CA VAL C 305 -2.25 -40.86 -20.93
C VAL C 305 -3.40 -41.82 -21.13
N TYR C 306 -4.54 -41.29 -21.58
CA TYR C 306 -5.71 -42.12 -21.88
C TYR C 306 -5.42 -43.19 -22.95
N ARG C 307 -4.74 -42.78 -24.02
CA ARG C 307 -4.33 -43.70 -25.06
C ARG C 307 -3.38 -44.78 -24.52
N GLU C 308 -2.65 -44.51 -23.45
CA GLU C 308 -1.86 -45.57 -22.86
C GLU C 308 -2.76 -46.47 -22.00
N ILE C 309 -3.79 -45.90 -21.35
CA ILE C 309 -4.71 -46.71 -20.54
C ILE C 309 -5.45 -47.65 -21.49
N GLU C 310 -5.89 -47.06 -22.61
CA GLU C 310 -6.37 -47.77 -23.78
C GLU C 310 -5.64 -49.08 -24.10
N GLN C 311 -4.36 -48.98 -24.51
CA GLN C 311 -3.56 -50.17 -24.90
C GLN C 311 -3.41 -51.14 -23.77
N VAL C 312 -3.13 -50.65 -22.59
CA VAL C 312 -2.57 -51.51 -21.57
C VAL C 312 -3.61 -52.13 -20.68
N ILE C 313 -4.68 -51.38 -20.39
CA ILE C 313 -5.69 -51.83 -19.42
C ILE C 313 -7.03 -52.02 -20.10
N GLY C 314 -7.26 -51.23 -21.15
CA GLY C 314 -8.55 -51.18 -21.81
C GLY C 314 -9.48 -50.32 -20.98
N PRO C 315 -10.73 -50.22 -21.33
CA PRO C 315 -11.57 -49.26 -20.68
C PRO C 315 -12.44 -49.86 -19.63
N HIS C 316 -12.14 -51.05 -19.13
CA HIS C 316 -13.08 -51.71 -18.23
C HIS C 316 -12.46 -52.26 -16.95
N ARG C 317 -11.27 -52.83 -17.09
CA ARG C 317 -10.65 -53.52 -15.97
C ARG C 317 -10.03 -52.54 -15.04
N PRO C 318 -10.20 -52.74 -13.76
CA PRO C 318 -9.74 -51.79 -12.76
C PRO C 318 -8.26 -51.74 -12.64
N PRO C 319 -7.67 -50.60 -12.91
CA PRO C 319 -6.21 -50.58 -13.01
C PRO C 319 -5.61 -51.18 -11.79
N GLU C 320 -4.37 -51.64 -11.88
CA GLU C 320 -3.66 -52.23 -10.73
C GLU C 320 -2.16 -51.93 -10.73
N LEU C 321 -1.50 -52.17 -9.63
CA LEU C 321 -0.11 -51.76 -9.50
C LEU C 321 0.82 -52.49 -10.46
N HIS C 322 0.44 -53.71 -10.84
CA HIS C 322 1.16 -54.45 -11.87
C HIS C 322 1.20 -53.70 -13.22
N ASP C 323 0.14 -52.93 -13.54
CA ASP C 323 0.05 -52.16 -14.79
C ASP C 323 1.17 -51.16 -15.01
N ARG C 324 1.93 -50.93 -13.95
CA ARG C 324 2.88 -49.82 -13.93
C ARG C 324 3.99 -49.93 -14.96
N ALA C 325 4.79 -50.99 -14.88
CA ALA C 325 5.88 -51.24 -15.83
C ALA C 325 5.48 -51.01 -17.29
N LYS C 326 4.28 -51.45 -17.64
CA LYS C 326 3.75 -51.34 -19.02
C LYS C 326 3.24 -49.93 -19.42
N MET C 327 3.19 -49.01 -18.45
CA MET C 327 2.73 -47.62 -18.70
C MET C 327 3.77 -46.54 -18.38
N PRO C 328 4.89 -46.50 -19.14
CA PRO C 328 5.95 -45.60 -18.75
C PRO C 328 5.60 -44.15 -19.00
N TYR C 329 4.62 -43.86 -19.86
CA TYR C 329 4.22 -42.46 -20.06
C TYR C 329 3.41 -41.90 -18.90
N THR C 330 2.39 -42.66 -18.49
CA THR C 330 1.56 -42.33 -17.33
C THR C 330 2.46 -42.13 -16.09
N GLU C 331 3.36 -43.08 -15.88
CA GLU C 331 4.27 -43.01 -14.76
C GLU C 331 5.17 -41.77 -14.79
N ALA C 332 5.65 -41.39 -15.97
CA ALA C 332 6.44 -40.17 -16.11
C ALA C 332 5.60 -38.92 -15.93
N VAL C 333 4.34 -38.98 -16.33
CA VAL C 333 3.44 -37.87 -16.12
C VAL C 333 3.24 -37.59 -14.63
N ILE C 334 3.12 -38.65 -13.84
CA ILE C 334 2.91 -38.55 -12.40
C ILE C 334 4.14 -38.01 -11.70
N TYR C 335 5.32 -38.53 -12.06
CA TYR C 335 6.61 -38.05 -11.53
C TYR C 335 6.73 -36.53 -11.79
N GLU C 336 6.41 -36.12 -13.02
CA GLU C 336 6.41 -34.71 -13.40
C GLU C 336 5.40 -33.89 -12.61
N ILE C 337 4.18 -34.39 -12.43
CA ILE C 337 3.22 -33.75 -11.54
C ILE C 337 3.82 -33.54 -10.15
N GLN C 338 4.49 -34.54 -9.61
CA GLN C 338 5.11 -34.40 -8.29
C GLN C 338 6.20 -33.36 -8.31
N ARG C 339 7.02 -33.40 -9.35
CA ARG C 339 8.17 -32.49 -9.52
C ARG C 339 7.72 -31.06 -9.57
N PHE C 340 6.85 -30.80 -10.51
CA PHE C 340 6.35 -29.45 -10.70
C PHE C 340 5.64 -28.94 -9.48
N SER C 341 4.84 -29.79 -8.85
CA SER C 341 4.00 -29.41 -7.72
C SER C 341 4.86 -28.97 -6.58
N ASP C 342 5.96 -29.67 -6.39
CA ASP C 342 6.97 -29.29 -5.42
C ASP C 342 6.32 -28.95 -4.07
N LEU C 343 5.50 -29.85 -3.56
CA LEU C 343 4.57 -29.58 -2.47
C LEU C 343 5.18 -29.23 -1.10
N LEU C 344 6.43 -29.60 -0.88
CA LEU C 344 7.09 -29.28 0.37
C LEU C 344 8.46 -28.71 0.04
N PRO C 345 8.52 -27.43 -0.39
CA PRO C 345 9.73 -26.95 -1.05
C PRO C 345 10.93 -26.97 -0.14
N MET C 346 10.70 -26.97 1.15
CA MET C 346 11.79 -26.99 2.09
C MET C 346 11.80 -28.27 2.87
N GLY C 347 10.98 -29.24 2.47
CA GLY C 347 10.92 -30.48 3.23
C GLY C 347 10.42 -30.21 4.64
N VAL C 348 10.87 -30.97 5.62
CA VAL C 348 10.51 -30.68 7.00
C VAL C 348 11.82 -30.40 7.79
N PRO C 349 11.81 -29.41 8.70
CA PRO C 349 13.12 -29.09 9.28
C PRO C 349 13.83 -30.26 9.99
N HIS C 350 15.13 -30.36 9.75
CA HIS C 350 15.99 -31.26 10.47
C HIS C 350 16.82 -30.48 11.50
N ILE C 351 17.46 -31.20 12.45
CA ILE C 351 18.55 -30.65 13.22
C ILE C 351 19.77 -31.61 13.13
N VAL C 352 21.01 -31.13 13.27
CA VAL C 352 22.11 -32.04 13.46
C VAL C 352 22.11 -32.55 14.90
N THR C 353 22.61 -33.77 15.06
CA THR C 353 22.59 -34.47 16.34
C THR C 353 23.94 -34.51 17.02
N GLN C 354 24.93 -33.91 16.35
CA GLN C 354 26.27 -33.72 16.90
C GLN C 354 26.93 -32.51 16.22
N HIS C 355 28.07 -32.09 16.76
CA HIS C 355 28.91 -31.11 16.08
C HIS C 355 29.37 -31.77 14.78
N THR C 356 29.01 -31.18 13.65
CA THR C 356 29.17 -31.81 12.37
C THR C 356 30.12 -31.02 11.47
CA SER C 357 31.63 -31.00 9.64
C SER C 357 30.98 -31.18 8.32
N PHE C 358 30.91 -30.12 7.55
CA PHE C 358 30.29 -30.18 6.26
C PHE C 358 31.10 -29.30 5.36
N ARG C 359 31.51 -29.80 4.23
CA ARG C 359 32.26 -28.97 3.33
C ARG C 359 33.08 -27.96 4.05
N GLY C 360 33.81 -28.37 5.05
CA GLY C 360 34.73 -27.45 5.71
C GLY C 360 34.10 -26.53 6.74
N TYR C 361 32.79 -26.50 6.84
CA TYR C 361 32.14 -25.70 7.84
C TYR C 361 31.83 -26.53 9.02
N ILE C 362 31.53 -25.90 10.13
CA ILE C 362 31.14 -26.62 11.35
C ILE C 362 29.70 -26.26 11.79
N ILE C 363 28.84 -27.25 11.94
CA ILE C 363 27.45 -27.00 12.30
C ILE C 363 27.21 -27.53 13.71
N PRO C 364 27.15 -26.65 14.72
CA PRO C 364 26.98 -27.13 16.08
C PRO C 364 25.75 -28.01 16.28
N LYS C 365 25.87 -28.99 17.15
CA LYS C 365 24.78 -29.84 17.52
C LYS C 365 23.60 -28.94 17.53
N ASP C 366 22.47 -29.47 17.11
CA ASP C 366 21.19 -28.91 17.42
C ASP C 366 20.80 -27.78 16.49
N THR C 367 21.75 -27.28 15.72
CA THR C 367 21.46 -26.21 14.77
C THR C 367 20.48 -26.72 13.72
N GLU C 368 19.50 -25.91 13.33
CA GLU C 368 18.52 -26.40 12.42
C GLU C 368 19.04 -26.40 11.00
N VAL C 369 18.58 -27.40 10.23
CA VAL C 369 18.92 -27.49 8.85
C VAL C 369 17.62 -27.65 8.05
N PHE C 370 17.49 -26.85 6.99
CA PHE C 370 16.46 -26.96 5.96
C PHE C 370 17.15 -27.54 4.74
N LEU C 371 16.58 -28.57 4.15
CA LEU C 371 17.05 -29.10 2.89
C LEU C 371 16.11 -28.67 1.85
N ILE C 372 16.55 -27.78 1.00
CA ILE C 372 15.62 -27.10 0.08
C ILE C 372 15.29 -28.01 -1.08
N LEU C 373 14.36 -28.94 -0.81
CA LEU C 373 14.01 -30.00 -1.75
C LEU C 373 13.75 -29.42 -3.11
N SER C 374 13.08 -28.26 -3.15
CA SER C 374 12.72 -27.57 -4.38
C SER C 374 13.91 -27.31 -5.33
N THR C 375 15.10 -27.14 -4.76
CA THR C 375 16.24 -26.79 -5.62
C THR C 375 16.68 -28.04 -6.34
N ALA C 376 16.42 -29.20 -5.74
CA ALA C 376 16.78 -30.44 -6.40
C ALA C 376 15.78 -30.68 -7.52
N LEU C 377 14.48 -30.63 -7.19
CA LEU C 377 13.42 -30.78 -8.19
C LEU C 377 13.50 -29.76 -9.35
N HIS C 378 14.31 -28.73 -9.19
CA HIS C 378 14.42 -27.68 -10.19
C HIS C 378 15.81 -27.59 -10.81
N ASP C 379 16.73 -28.41 -10.32
CA ASP C 379 18.10 -28.41 -10.84
C ASP C 379 18.11 -28.49 -12.36
N PRO C 380 18.77 -27.52 -13.00
CA PRO C 380 18.85 -27.49 -14.48
C PRO C 380 19.80 -28.51 -15.13
N HIS C 381 20.72 -29.10 -14.36
CA HIS C 381 21.55 -30.18 -14.88
C HIS C 381 20.66 -31.40 -15.23
N TYR C 382 19.55 -31.57 -14.50
CA TYR C 382 18.75 -32.79 -14.58
C TYR C 382 17.43 -32.62 -15.32
N PHE C 383 16.99 -31.38 -15.45
CA PHE C 383 15.71 -31.11 -16.07
C PHE C 383 15.94 -29.94 -17.01
N GLU C 384 15.32 -29.98 -18.17
CA GLU C 384 15.68 -29.03 -19.21
C GLU C 384 14.97 -27.70 -19.15
N LYS C 385 13.70 -27.72 -18.84
CA LYS C 385 12.98 -26.50 -18.59
C LYS C 385 12.40 -26.61 -17.20
N PRO C 386 13.22 -26.48 -16.19
CA PRO C 386 12.80 -26.78 -14.82
C PRO C 386 11.51 -26.08 -14.39
N ASP C 387 11.21 -24.93 -15.00
CA ASP C 387 10.04 -24.14 -14.64
C ASP C 387 8.75 -24.56 -15.34
N ALA C 388 8.88 -25.34 -16.40
CA ALA C 388 7.74 -25.79 -17.19
C ALA C 388 7.26 -27.23 -16.90
N PHE C 389 5.99 -27.48 -17.15
CA PHE C 389 5.43 -28.81 -16.97
C PHE C 389 5.64 -29.67 -18.19
N ASN C 390 6.56 -30.61 -18.09
CA ASN C 390 7.00 -31.42 -19.23
C ASN C 390 7.40 -32.86 -18.85
N PRO C 391 6.54 -33.81 -19.13
CA PRO C 391 6.73 -35.19 -18.74
C PRO C 391 7.93 -35.84 -19.36
N ASP C 392 8.39 -35.30 -20.47
CA ASP C 392 9.54 -35.80 -21.18
C ASP C 392 10.75 -35.62 -20.35
N HIS C 393 10.56 -35.13 -19.15
CA HIS C 393 11.66 -34.90 -18.26
C HIS C 393 12.00 -36.22 -17.66
N PHE C 394 11.03 -37.10 -17.69
CA PHE C 394 11.15 -38.45 -17.11
C PHE C 394 11.11 -39.58 -18.15
N LEU C 395 11.41 -39.21 -19.40
CA LEU C 395 11.40 -40.10 -20.55
C LEU C 395 12.72 -39.99 -21.32
N ASP C 396 13.26 -41.12 -21.79
CA ASP C 396 14.41 -41.08 -22.70
C ASP C 396 13.92 -40.91 -24.14
N ALA C 397 14.80 -41.08 -25.11
CA ALA C 397 14.45 -40.83 -26.51
C ALA C 397 13.39 -41.83 -27.04
N ASN C 398 13.47 -43.08 -26.57
CA ASN C 398 12.54 -44.18 -26.97
C ASN C 398 11.13 -44.15 -26.32
N GLY C 399 10.82 -43.09 -25.55
CA GLY C 399 9.58 -43.01 -24.75
C GLY C 399 9.53 -43.97 -23.57
N ALA C 400 10.70 -44.45 -23.12
CA ALA C 400 10.81 -45.31 -21.92
C ALA C 400 10.92 -44.46 -20.68
N LEU C 401 10.69 -45.06 -19.50
CA LEU C 401 10.78 -44.37 -18.22
C LEU C 401 12.23 -44.01 -17.88
N LYS C 402 12.46 -42.75 -17.50
CA LYS C 402 13.81 -42.33 -17.12
C LYS C 402 13.78 -41.72 -15.75
N LYS C 403 14.07 -42.54 -14.76
CA LYS C 403 14.19 -42.12 -13.39
C LYS C 403 15.46 -41.29 -13.23
N THR C 404 15.52 -40.42 -12.23
CA THR C 404 16.70 -39.57 -12.05
C THR C 404 17.08 -39.28 -10.58
N GLU C 405 18.38 -39.21 -10.35
CA GLU C 405 18.99 -38.87 -9.05
C GLU C 405 18.33 -37.70 -8.27
N ALA C 406 17.74 -36.79 -8.99
CA ALA C 406 17.27 -35.57 -8.42
C ALA C 406 15.81 -35.51 -8.15
N PHE C 407 15.08 -36.52 -8.55
CA PHE C 407 13.68 -36.64 -8.14
C PHE C 407 13.60 -37.16 -6.71
N ILE C 408 13.56 -36.22 -5.75
CA ILE C 408 13.55 -36.48 -4.30
C ILE C 408 12.45 -35.69 -3.57
N PRO C 409 11.19 -35.80 -4.05
CA PRO C 409 10.12 -35.06 -3.36
C PRO C 409 9.75 -35.66 -1.98
N PHE C 410 10.37 -36.74 -1.61
CA PHE C 410 10.01 -37.41 -0.39
C PHE C 410 11.19 -37.30 0.50
N SER C 411 12.25 -36.67 0.00
CA SER C 411 13.47 -36.49 0.76
C SER C 411 14.38 -37.70 0.65
N LEU C 412 15.24 -37.86 1.66
CA LEU C 412 16.17 -38.98 1.70
C LEU C 412 16.58 -39.34 3.13
N GLY C 413 17.13 -40.55 3.28
CA GLY C 413 17.91 -40.96 4.46
C GLY C 413 16.98 -41.38 5.56
N LYS C 414 17.47 -41.47 6.76
CA LYS C 414 16.67 -41.94 7.87
C LYS C 414 15.32 -41.36 8.03
N ARG C 415 15.11 -40.18 7.47
CA ARG C 415 13.85 -39.52 7.60
C ARG C 415 13.02 -39.54 6.32
N ILE C 416 13.40 -40.28 5.32
CA ILE C 416 12.61 -40.25 4.13
C ILE C 416 11.15 -40.37 4.54
N CYS C 417 10.24 -39.87 3.72
CA CYS C 417 8.81 -39.99 4.02
C CYS C 417 8.44 -41.47 4.18
N LEU C 418 7.96 -41.84 5.37
CA LEU C 418 7.62 -43.23 5.64
C LEU C 418 6.31 -43.58 4.97
N GLY C 419 5.90 -42.74 4.02
CA GLY C 419 4.65 -42.93 3.31
C GLY C 419 4.83 -42.84 1.80
N GLU C 420 6.05 -43.07 1.34
CA GLU C 420 6.36 -43.00 -0.09
C GLU C 420 5.59 -44.07 -0.86
N GLY C 421 5.78 -45.33 -0.45
CA GLY C 421 5.11 -46.42 -1.11
C GLY C 421 3.63 -46.22 -1.30
N ILE C 422 2.92 -46.02 -0.19
CA ILE C 422 1.47 -45.78 -0.24
C ILE C 422 1.14 -44.57 -1.10
N ALA C 423 1.93 -43.53 -1.00
CA ALA C 423 1.67 -42.33 -1.76
C ALA C 423 1.66 -42.63 -3.23
N ARG C 424 2.68 -43.39 -3.63
CA ARG C 424 2.86 -43.67 -5.04
C ARG C 424 1.83 -44.63 -5.59
N ALA C 425 1.45 -45.59 -4.77
CA ALA C 425 0.35 -46.45 -5.09
C ALA C 425 -0.89 -45.60 -5.29
N GLU C 426 -1.25 -44.82 -4.28
CA GLU C 426 -2.43 -43.92 -4.33
C GLU C 426 -2.44 -43.08 -5.58
N LEU C 427 -1.29 -42.52 -5.90
CA LEU C 427 -1.19 -41.58 -7.00
C LEU C 427 -1.48 -42.24 -8.30
N PHE C 428 -0.72 -43.31 -8.57
CA PHE C 428 -0.96 -44.12 -9.76
C PHE C 428 -2.39 -44.72 -9.83
N LEU C 429 -2.85 -45.30 -8.75
CA LEU C 429 -4.14 -45.91 -8.77
C LEU C 429 -5.27 -44.92 -8.96
N PHE C 430 -5.31 -43.89 -8.15
CA PHE C 430 -6.37 -42.90 -8.30
C PHE C 430 -6.31 -42.17 -9.62
N PHE C 431 -5.11 -41.93 -10.11
CA PHE C 431 -4.95 -41.14 -11.31
C PHE C 431 -5.51 -41.87 -12.53
N THR C 432 -4.99 -43.06 -12.74
CA THR C 432 -5.37 -43.86 -13.88
C THR C 432 -6.82 -44.29 -13.82
N THR C 433 -7.28 -44.72 -12.67
CA THR C 433 -8.67 -45.11 -12.52
C THR C 433 -9.61 -43.96 -12.88
N ILE C 434 -9.22 -42.74 -12.60
CA ILE C 434 -10.04 -41.62 -13.01
C ILE C 434 -9.99 -41.45 -14.52
N LEU C 435 -8.79 -41.31 -15.05
CA LEU C 435 -8.65 -41.01 -16.45
C LEU C 435 -9.31 -42.06 -17.34
N GLN C 436 -9.24 -43.32 -16.92
CA GLN C 436 -9.97 -44.39 -17.55
C GLN C 436 -11.40 -44.02 -17.82
N ASN C 437 -12.10 -43.55 -16.81
CA ASN C 437 -13.52 -43.37 -16.88
C ASN C 437 -13.96 -42.01 -17.29
N PHE C 438 -13.10 -41.01 -17.11
CA PHE C 438 -13.50 -39.59 -17.30
C PHE C 438 -12.55 -38.73 -18.13
N SER C 439 -13.16 -37.70 -18.70
CA SER C 439 -12.53 -36.68 -19.51
C SER C 439 -12.71 -35.36 -18.75
N MET C 440 -11.83 -34.39 -18.97
CA MET C 440 -11.88 -33.16 -18.18
C MET C 440 -12.13 -31.87 -18.94
N ALA C 441 -13.03 -31.02 -18.43
CA ALA C 441 -13.23 -29.65 -18.94
C ALA C 441 -13.49 -28.61 -17.85
N SER C 442 -13.21 -27.34 -18.14
CA SER C 442 -13.49 -26.22 -17.25
C SER C 442 -13.97 -25.02 -18.06
N PRO C 443 -14.54 -23.97 -17.39
CA PRO C 443 -14.79 -22.74 -18.15
C PRO C 443 -13.50 -22.09 -18.69
N VAL C 444 -12.44 -22.11 -17.90
CA VAL C 444 -11.17 -21.46 -18.27
C VAL C 444 -10.46 -22.17 -19.45
N ALA C 445 -10.10 -21.41 -20.48
CA ALA C 445 -9.34 -21.94 -21.61
C ALA C 445 -7.95 -22.32 -21.15
N PRO C 446 -7.42 -23.39 -21.72
CA PRO C 446 -6.09 -23.91 -21.37
C PRO C 446 -5.06 -22.83 -21.07
N GLU C 447 -4.70 -22.03 -22.07
CA GLU C 447 -3.61 -21.09 -21.87
C GLU C 447 -3.97 -19.93 -20.92
N ASP C 448 -5.26 -19.79 -20.62
CA ASP C 448 -5.70 -18.82 -19.59
C ASP C 448 -5.53 -19.32 -18.14
N ILE C 449 -5.29 -20.62 -17.96
CA ILE C 449 -5.20 -21.25 -16.65
C ILE C 449 -3.96 -20.80 -15.87
N ASP C 450 -4.17 -20.26 -14.67
CA ASP C 450 -3.08 -19.78 -13.87
C ASP C 450 -2.58 -20.81 -12.85
N LEU C 451 -1.34 -21.27 -13.02
CA LEU C 451 -0.73 -22.25 -12.14
C LEU C 451 -0.08 -21.67 -10.88
N THR C 452 -0.24 -20.37 -10.67
CA THR C 452 0.32 -19.73 -9.50
C THR C 452 -0.32 -20.25 -8.20
N PRO C 453 0.54 -20.75 -7.27
CA PRO C 453 0.10 -21.24 -5.97
C PRO C 453 -0.62 -20.16 -5.19
N GLN C 454 -1.67 -20.52 -4.49
CA GLN C 454 -2.39 -19.60 -3.68
C GLN C 454 -1.70 -19.44 -2.35
N GLU C 455 -0.68 -20.25 -2.12
CA GLU C 455 0.08 -20.19 -0.87
C GLU C 455 1.37 -20.98 -1.03
N CYS C 456 2.50 -20.38 -0.69
CA CYS C 456 3.79 -21.02 -0.90
C CYS C 456 4.68 -20.85 0.32
N GLY C 457 4.43 -21.65 1.35
CA GLY C 457 5.19 -21.58 2.58
C GLY C 457 5.83 -22.92 2.86
N VAL C 458 5.46 -23.53 3.98
CA VAL C 458 5.92 -24.86 4.24
C VAL C 458 5.37 -25.75 3.15
N GLY C 459 4.14 -25.56 2.82
CA GLY C 459 3.51 -26.23 1.71
C GLY C 459 3.31 -25.24 0.58
N LYS C 460 3.34 -25.75 -0.64
CA LYS C 460 2.96 -24.96 -1.81
C LYS C 460 1.54 -25.41 -2.13
N ILE C 461 0.62 -24.47 -2.25
CA ILE C 461 -0.79 -24.81 -2.36
C ILE C 461 -1.41 -24.25 -3.65
N PRO C 462 -2.00 -25.13 -4.51
CA PRO C 462 -2.50 -24.72 -5.81
C PRO C 462 -3.73 -23.84 -5.67
N PRO C 463 -4.03 -23.01 -6.69
CA PRO C 463 -5.19 -22.11 -6.59
C PRO C 463 -6.49 -22.90 -6.67
N THR C 464 -7.59 -22.39 -6.15
CA THR C 464 -8.86 -23.06 -6.34
C THR C 464 -9.23 -23.06 -7.82
N TYR C 465 -9.84 -24.14 -8.26
CA TYR C 465 -10.39 -24.23 -9.61
C TYR C 465 -11.60 -25.10 -9.61
N GLN C 466 -12.45 -24.87 -10.60
CA GLN C 466 -13.65 -25.66 -10.83
C GLN C 466 -13.33 -26.64 -11.97
N ILE C 467 -13.96 -27.81 -11.94
CA ILE C 467 -13.69 -28.83 -12.95
C ILE C 467 -14.92 -29.68 -13.20
N ARG C 468 -15.03 -30.20 -14.42
CA ARG C 468 -16.04 -31.18 -14.86
C ARG C 468 -15.40 -32.54 -15.14
N PHE C 469 -15.90 -33.59 -14.49
CA PHE C 469 -15.62 -34.97 -14.91
C PHE C 469 -16.65 -35.57 -15.90
N LEU C 470 -16.29 -35.59 -17.19
CA LEU C 470 -17.10 -36.17 -18.30
C LEU C 470 -16.86 -37.66 -18.41
N PRO C 471 -17.90 -38.45 -18.63
CA PRO C 471 -17.76 -39.89 -18.63
C PRO C 471 -17.10 -40.43 -19.85
N ARG C 472 -16.11 -41.28 -19.61
CA ARG C 472 -15.65 -42.24 -20.62
C ARG C 472 -16.67 -43.36 -20.51
N HIS C 473 -17.41 -43.60 -21.59
CA HIS C 473 -18.73 -44.18 -21.44
C HIS C 473 -19.14 -44.96 -22.66
N GLY D 9 -10.71 30.71 -86.53
CA GLY D 9 -12.04 31.27 -86.34
C GLY D 9 -12.67 30.84 -85.03
N LYS D 10 -12.14 29.93 -84.27
CA LYS D 10 -12.83 29.75 -83.00
C LYS D 10 -11.84 30.25 -82.04
N LEU D 11 -11.92 29.74 -80.83
CA LEU D 11 -11.02 30.08 -79.76
C LEU D 11 -9.61 29.70 -80.17
N PRO D 12 -8.65 30.25 -79.50
CA PRO D 12 -7.27 29.88 -79.74
C PRO D 12 -7.04 28.43 -79.54
N PRO D 13 -6.11 27.88 -80.29
CA PRO D 13 -5.83 26.47 -80.28
C PRO D 13 -5.19 26.02 -79.03
N GLY D 14 -5.11 24.72 -78.86
CA GLY D 14 -4.60 24.14 -77.66
C GLY D 14 -4.92 22.69 -77.56
N PRO D 15 -4.47 22.07 -76.50
CA PRO D 15 -4.69 20.67 -76.28
C PRO D 15 -6.14 20.25 -76.36
N ARG D 16 -6.40 19.09 -76.95
CA ARG D 16 -7.74 18.53 -76.97
C ARG D 16 -8.11 18.07 -75.57
N PRO D 17 -9.30 18.46 -75.12
CA PRO D 17 -9.75 18.16 -73.76
C PRO D 17 -10.62 16.92 -73.70
N LEU D 18 -10.73 16.35 -72.52
CA LEU D 18 -11.66 15.28 -72.28
C LEU D 18 -12.81 15.86 -71.51
N PRO D 19 -14.03 15.39 -71.78
CA PRO D 19 -15.15 15.84 -70.95
C PRO D 19 -14.75 15.72 -69.49
N LEU D 20 -15.27 16.57 -68.62
CA LEU D 20 -14.98 16.54 -67.19
C LEU D 20 -13.58 16.95 -66.78
N LEU D 21 -12.56 16.38 -67.42
CA LEU D 21 -11.19 16.55 -66.94
C LEU D 21 -10.50 17.67 -67.69
N GLY D 22 -11.10 18.08 -68.80
CA GLY D 22 -10.43 19.08 -69.62
C GLY D 22 -9.06 18.53 -70.02
N ASN D 23 -8.02 19.26 -69.75
CA ASN D 23 -6.70 18.81 -70.12
C ASN D 23 -5.87 18.23 -68.99
N LEU D 24 -6.53 17.79 -67.92
CA LEU D 24 -5.83 17.24 -66.77
C LEU D 24 -4.71 16.30 -67.17
N LEU D 25 -5.03 15.33 -68.04
CA LEU D 25 -4.03 14.30 -68.41
C LEU D 25 -2.84 14.86 -69.22
N GLN D 26 -3.01 16.05 -69.81
CA GLN D 26 -1.89 16.75 -70.44
C GLN D 26 -1.13 17.78 -69.54
N MET D 27 -1.52 17.92 -68.27
CA MET D 27 -0.83 18.88 -67.38
C MET D 27 0.51 18.27 -67.00
N ASP D 28 1.43 19.12 -66.58
CA ASP D 28 2.66 18.71 -65.95
C ASP D 28 2.48 18.61 -64.44
N ARG D 29 3.17 17.65 -63.82
CA ARG D 29 3.10 17.39 -62.40
C ARG D 29 3.61 18.52 -61.54
N ARG D 30 4.53 19.32 -62.06
CA ARG D 30 5.06 20.43 -61.33
C ARG D 30 4.13 21.67 -61.17
N GLY D 31 3.04 21.68 -61.94
CA GLY D 31 1.98 22.63 -61.73
C GLY D 31 1.53 23.40 -62.96
N LEU D 32 0.72 24.43 -62.74
CA LEU D 32 0.03 25.11 -63.80
C LEU D 32 0.96 25.81 -64.74
N LEU D 33 1.96 26.49 -64.19
CA LEU D 33 2.89 27.27 -65.02
C LEU D 33 3.72 26.40 -65.95
N LYS D 34 4.33 25.35 -65.38
CA LYS D 34 5.07 24.37 -66.15
C LYS D 34 4.22 23.83 -67.27
N SER D 35 2.99 23.43 -66.94
CA SER D 35 2.06 22.95 -67.94
C SER D 35 1.92 23.93 -69.07
N PHE D 36 1.73 25.19 -68.74
CA PHE D 36 1.44 26.21 -69.74
C PHE D 36 2.67 26.44 -70.64
N LEU D 37 3.86 26.43 -70.01
CA LEU D 37 5.14 26.65 -70.72
C LEU D 37 5.36 25.57 -71.79
N ARG D 38 5.01 24.35 -71.41
CA ARG D 38 4.99 23.21 -72.32
C ARG D 38 3.97 23.44 -73.43
N PHE D 39 2.71 23.69 -73.08
CA PHE D 39 1.74 23.95 -74.13
C PHE D 39 2.22 25.02 -75.11
N ARG D 40 2.98 26.01 -74.59
CA ARG D 40 3.44 27.10 -75.40
C ARG D 40 4.44 26.65 -76.49
N GLU D 41 5.32 25.73 -76.13
CA GLU D 41 6.28 25.17 -77.07
C GLU D 41 5.56 24.55 -78.25
N LYS D 42 4.42 23.94 -78.00
CA LYS D 42 3.64 23.35 -79.05
C LYS D 42 2.72 24.32 -79.78
N TYR D 43 1.97 25.14 -79.05
CA TYR D 43 0.86 25.90 -79.68
C TYR D 43 1.09 27.38 -80.06
N GLY D 44 2.20 27.95 -79.57
CA GLY D 44 2.50 29.36 -79.79
C GLY D 44 2.19 30.21 -78.56
N ASP D 45 2.08 31.52 -78.79
CA ASP D 45 1.90 32.49 -77.74
C ASP D 45 0.46 32.65 -77.22
N VAL D 46 -0.50 32.23 -78.04
CA VAL D 46 -1.91 32.32 -77.71
C VAL D 46 -2.52 30.96 -77.84
N PHE D 47 -3.09 30.46 -76.74
CA PHE D 47 -3.73 29.15 -76.78
C PHE D 47 -4.74 28.93 -75.66
N THR D 48 -5.61 27.91 -75.85
CA THR D 48 -6.65 27.59 -74.91
C THR D 48 -6.25 26.37 -74.11
N VAL D 49 -6.54 26.36 -72.82
CA VAL D 49 -6.37 25.15 -72.01
C VAL D 49 -7.65 24.98 -71.22
N HIS D 50 -8.18 23.76 -71.18
CA HIS D 50 -9.37 23.53 -70.43
C HIS D 50 -9.01 23.19 -68.99
N LEU D 51 -9.25 24.12 -68.08
CA LEU D 51 -8.96 23.90 -66.69
C LEU D 51 -10.23 23.34 -66.12
N GLY D 52 -10.21 22.07 -65.74
CA GLY D 52 -11.46 21.35 -65.50
C GLY D 52 -12.48 21.59 -66.57
N PRO D 53 -13.68 22.03 -66.18
CA PRO D 53 -14.80 22.10 -67.09
C PRO D 53 -14.87 23.35 -67.98
N ARG D 54 -13.81 24.13 -68.08
CA ARG D 54 -13.93 25.39 -68.83
C ARG D 54 -12.68 25.77 -69.58
N PRO D 55 -12.85 26.47 -70.70
CA PRO D 55 -11.72 26.95 -71.42
C PRO D 55 -11.17 28.27 -70.79
N VAL D 56 -9.85 28.39 -70.78
CA VAL D 56 -9.15 29.57 -70.33
C VAL D 56 -8.08 29.83 -71.39
N VAL D 57 -8.03 31.07 -71.87
CA VAL D 57 -7.07 31.48 -72.86
C VAL D 57 -5.79 31.98 -72.17
N MET D 58 -4.65 31.44 -72.57
CA MET D 58 -3.35 31.89 -72.11
C MET D 58 -2.75 32.78 -73.17
N LEU D 59 -2.10 33.83 -72.68
CA LEU D 59 -1.35 34.78 -73.49
C LEU D 59 0.09 34.92 -72.98
N CYS D 60 1.02 34.72 -73.91
CA CYS D 60 2.43 34.63 -73.60
C CYS D 60 3.26 35.61 -74.37
N GLY D 61 4.32 36.10 -73.76
CA GLY D 61 5.23 37.03 -74.44
C GLY D 61 4.73 38.45 -74.44
N VAL D 62 5.66 39.38 -74.59
CA VAL D 62 5.35 40.79 -74.38
C VAL D 62 4.47 41.31 -75.50
N GLU D 63 4.72 40.90 -76.74
CA GLU D 63 3.86 41.39 -77.83
C GLU D 63 2.39 41.18 -77.50
N ALA D 64 2.08 39.91 -77.21
CA ALA D 64 0.71 39.44 -77.01
C ALA D 64 0.11 40.08 -75.78
N ILE D 65 0.83 40.01 -74.65
CA ILE D 65 0.34 40.57 -73.41
C ILE D 65 -0.01 42.05 -73.57
N ARG D 66 0.92 42.80 -74.18
CA ARG D 66 0.77 44.23 -74.46
C ARG D 66 -0.38 44.48 -75.44
N GLU D 67 -0.50 43.63 -76.45
CA GLU D 67 -1.57 43.80 -77.47
C GLU D 67 -3.00 43.66 -76.87
N ALA D 68 -3.13 42.84 -75.84
CA ALA D 68 -4.41 42.68 -75.16
C ALA D 68 -4.71 43.74 -74.11
N LEU D 69 -3.80 43.91 -73.14
CA LEU D 69 -4.03 44.84 -72.03
C LEU D 69 -4.00 46.32 -72.42
N VAL D 70 -3.21 46.61 -73.48
CA VAL D 70 -3.07 48.03 -73.90
C VAL D 70 -3.92 48.34 -75.13
N ASP D 71 -3.56 47.72 -76.29
CA ASP D 71 -4.32 48.06 -77.54
C ASP D 71 -5.78 47.68 -77.48
N LYS D 72 -6.13 46.72 -76.64
CA LYS D 72 -7.49 46.23 -76.62
C LYS D 72 -8.01 46.30 -75.20
N ALA D 73 -7.44 47.23 -74.44
CA ALA D 73 -7.68 47.42 -73.00
C ALA D 73 -9.12 47.27 -72.62
N GLU D 74 -9.99 47.80 -73.46
CA GLU D 74 -11.41 47.75 -73.18
C GLU D 74 -11.83 46.28 -73.07
N ALA D 75 -11.65 45.53 -74.17
CA ALA D 75 -11.96 44.10 -74.18
C ALA D 75 -11.37 43.30 -73.01
N PHE D 76 -10.12 43.55 -72.64
CA PHE D 76 -9.40 42.67 -71.70
C PHE D 76 -9.26 43.15 -70.24
N SER D 77 -10.10 44.08 -69.82
CA SER D 77 -9.92 44.77 -68.56
C SER D 77 -10.84 44.25 -67.46
N GLY D 78 -11.65 43.23 -67.75
CA GLY D 78 -12.47 42.53 -66.75
C GLY D 78 -11.64 41.61 -65.89
N ARG D 79 -12.18 41.19 -64.75
CA ARG D 79 -11.45 40.37 -63.79
C ARG D 79 -12.00 38.95 -63.65
N GLY D 80 -11.12 37.95 -63.67
CA GLY D 80 -11.54 36.56 -63.41
C GLY D 80 -11.67 36.23 -61.96
N LYS D 81 -11.68 34.94 -61.59
CA LYS D 81 -11.79 34.58 -60.17
C LYS D 81 -10.60 33.73 -59.81
N ILE D 82 -10.16 33.80 -58.57
CA ILE D 82 -9.28 32.81 -58.04
C ILE D 82 -10.09 31.81 -57.16
N ALA D 83 -10.31 30.61 -57.72
CA ALA D 83 -11.19 29.59 -57.16
C ALA D 83 -11.13 29.49 -55.65
N MET D 84 -9.90 29.51 -55.17
CA MET D 84 -9.56 29.26 -53.82
C MET D 84 -10.05 30.38 -52.89
N VAL D 85 -10.27 31.58 -53.42
CA VAL D 85 -10.71 32.73 -52.58
C VAL D 85 -12.08 33.25 -52.98
N ASP D 86 -12.54 32.86 -54.15
CA ASP D 86 -13.80 33.39 -54.62
C ASP D 86 -14.95 33.16 -53.67
N PRO D 87 -14.95 32.02 -52.95
CA PRO D 87 -16.04 31.87 -51.99
C PRO D 87 -16.08 32.96 -51.00
N PHE D 88 -14.94 33.42 -50.54
CA PHE D 88 -14.89 34.57 -49.64
C PHE D 88 -15.26 35.91 -50.31
N PHE D 89 -14.66 36.23 -51.45
CA PHE D 89 -14.83 37.55 -52.05
C PHE D 89 -16.11 37.70 -52.83
N ARG D 90 -16.39 36.73 -53.67
CA ARG D 90 -17.54 36.81 -54.55
C ARG D 90 -17.69 38.19 -55.17
N GLY D 91 -16.59 38.69 -55.71
CA GLY D 91 -16.62 39.90 -56.54
C GLY D 91 -16.68 41.21 -55.80
N TYR D 92 -16.38 41.19 -54.50
CA TYR D 92 -16.29 42.39 -53.73
C TYR D 92 -14.85 42.79 -53.50
N GLY D 93 -14.61 44.08 -53.39
CA GLY D 93 -13.26 44.60 -53.26
C GLY D 93 -12.65 44.91 -54.61
N VAL D 94 -11.67 45.81 -54.60
CA VAL D 94 -11.25 46.40 -55.85
C VAL D 94 -10.65 45.33 -56.73
N ILE D 95 -9.91 44.42 -56.13
CA ILE D 95 -9.13 43.39 -56.82
C ILE D 95 -10.01 42.45 -57.59
N PHE D 96 -11.13 42.03 -56.96
CA PHE D 96 -12.00 41.05 -57.55
C PHE D 96 -13.28 41.56 -58.15
N ALA D 97 -13.46 42.88 -58.19
CA ALA D 97 -14.70 43.50 -58.69
C ALA D 97 -14.67 43.68 -60.19
N ASN D 98 -15.85 43.86 -60.78
CA ASN D 98 -16.00 44.19 -62.22
C ASN D 98 -16.98 45.33 -62.42
N GLY D 99 -17.10 45.80 -63.66
CA GLY D 99 -18.03 46.88 -63.99
C GLY D 99 -17.95 48.05 -63.02
N ASN D 100 -19.12 48.57 -62.68
CA ASN D 100 -19.14 49.79 -61.91
C ASN D 100 -18.52 49.65 -60.54
N ARG D 101 -18.80 48.54 -59.89
CA ARG D 101 -18.18 48.36 -58.61
C ARG D 101 -16.69 48.59 -58.68
N TRP D 102 -16.06 48.07 -59.71
CA TRP D 102 -14.63 48.18 -59.79
C TRP D 102 -14.26 49.64 -60.03
N LYS D 103 -15.01 50.26 -60.94
CA LYS D 103 -14.74 51.61 -61.35
C LYS D 103 -14.64 52.48 -60.13
N VAL D 104 -15.71 52.42 -59.33
CA VAL D 104 -15.87 53.17 -58.09
C VAL D 104 -14.76 52.84 -57.12
N LEU D 105 -14.52 51.55 -56.91
CA LEU D 105 -13.55 51.11 -55.91
C LEU D 105 -12.09 51.42 -56.31
N ARG D 106 -11.82 51.31 -57.61
CA ARG D 106 -10.50 51.57 -58.16
C ARG D 106 -10.19 53.06 -58.00
N ARG D 107 -11.09 53.91 -58.47
CA ARG D 107 -10.98 55.34 -58.27
C ARG D 107 -10.82 55.70 -56.80
N PHE D 108 -11.74 55.22 -55.96
CA PHE D 108 -11.59 55.46 -54.52
C PHE D 108 -10.22 55.06 -54.06
N SER D 109 -9.81 53.83 -54.33
CA SER D 109 -8.56 53.31 -53.82
C SER D 109 -7.36 54.08 -54.31
N VAL D 110 -7.25 54.23 -55.62
CA VAL D 110 -6.19 55.06 -56.20
C VAL D 110 -6.06 56.46 -55.55
N THR D 111 -7.15 57.23 -55.44
CA THR D 111 -7.07 58.56 -54.88
C THR D 111 -6.71 58.51 -53.40
N THR D 112 -7.33 57.65 -52.59
CA THR D 112 -7.02 57.61 -51.14
C THR D 112 -5.67 56.97 -50.78
N MET D 113 -5.06 56.26 -51.73
CA MET D 113 -3.66 55.85 -51.59
C MET D 113 -2.71 57.04 -51.85
N ARG D 114 -3.16 57.95 -52.71
CA ARG D 114 -2.37 59.08 -53.14
C ARG D 114 -2.44 60.20 -52.11
N ASP D 115 -3.66 60.71 -51.86
CA ASP D 115 -3.94 61.60 -50.71
C ASP D 115 -2.67 61.86 -49.87
N SER D 122 3.32 61.80 -45.36
CA SER D 122 3.59 61.50 -46.75
C SER D 122 4.06 60.09 -46.83
N VAL D 123 3.91 59.46 -47.97
CA VAL D 123 4.28 58.07 -48.10
C VAL D 123 5.74 57.91 -47.89
N GLU D 124 6.50 58.65 -48.66
CA GLU D 124 7.95 58.63 -48.51
C GLU D 124 8.40 58.76 -47.03
N GLU D 125 7.85 59.75 -46.34
CA GLU D 125 8.20 59.99 -44.93
C GLU D 125 7.88 58.80 -44.03
N ARG D 126 6.85 58.06 -44.40
CA ARG D 126 6.36 56.98 -43.59
C ARG D 126 7.18 55.74 -43.79
N ILE D 127 7.68 55.57 -44.98
CA ILE D 127 8.59 54.51 -45.31
C ILE D 127 9.93 54.73 -44.62
N GLN D 128 10.44 55.96 -44.74
CA GLN D 128 11.65 56.41 -44.02
C GLN D 128 11.61 56.17 -42.51
N GLU D 129 10.50 56.57 -41.91
CA GLU D 129 10.30 56.33 -40.49
C GLU D 129 10.32 54.83 -40.16
N GLU D 130 9.55 54.06 -40.91
CA GLU D 130 9.49 52.61 -40.72
C GLU D 130 10.84 51.98 -40.97
N ALA D 131 11.55 52.45 -41.99
CA ALA D 131 12.89 51.98 -42.27
C ALA D 131 13.81 52.19 -41.07
N GLN D 132 13.55 53.24 -40.30
CA GLN D 132 14.32 53.58 -39.11
C GLN D 132 14.01 52.58 -38.00
N CYS D 133 12.72 52.38 -37.73
CA CYS D 133 12.29 51.41 -36.73
C CYS D 133 12.84 50.06 -37.05
N LEU D 134 13.01 49.80 -38.34
CA LEU D 134 13.55 48.53 -38.80
C LEU D 134 15.04 48.38 -38.46
N ILE D 135 15.86 49.35 -38.88
CA ILE D 135 17.28 49.35 -38.53
C ILE D 135 17.47 49.13 -37.03
N GLU D 136 16.70 49.91 -36.29
CA GLU D 136 16.60 49.82 -34.86
C GLU D 136 16.39 48.38 -34.35
N GLU D 137 15.43 47.66 -34.91
CA GLU D 137 15.15 46.28 -34.50
C GLU D 137 16.30 45.34 -34.88
N LEU D 138 16.90 45.58 -36.04
CA LEU D 138 18.01 44.79 -36.52
C LEU D 138 19.29 44.94 -35.70
N ARG D 139 19.44 46.10 -35.03
CA ARG D 139 20.50 46.30 -34.04
C ARG D 139 20.19 45.40 -32.88
N LYS D 140 18.95 45.45 -32.38
CA LYS D 140 18.55 44.62 -31.25
C LYS D 140 18.87 43.12 -31.38
N SER D 141 18.85 42.59 -32.60
CA SER D 141 19.17 41.16 -32.85
C SER D 141 20.64 40.88 -32.65
N LYS D 142 21.43 41.94 -32.82
CA LYS D 142 22.85 41.89 -32.54
C LYS D 142 23.31 40.63 -33.26
N GLY D 143 23.21 40.68 -34.60
CA GLY D 143 23.75 39.65 -35.49
C GLY D 143 23.35 38.19 -35.32
N ALA D 144 22.36 37.90 -34.50
CA ALA D 144 21.88 36.52 -34.33
C ALA D 144 21.18 36.02 -35.57
N LEU D 145 21.28 34.72 -35.84
CA LEU D 145 20.48 34.06 -36.89
C LEU D 145 19.01 34.35 -36.70
N MET D 146 18.31 34.63 -37.80
CA MET D 146 16.86 34.84 -37.74
C MET D 146 16.22 34.53 -39.08
N ASP D 147 14.93 34.22 -39.00
CA ASP D 147 14.07 34.14 -40.17
C ASP D 147 13.45 35.51 -40.45
N PRO D 148 13.88 36.18 -41.52
CA PRO D 148 13.50 37.57 -41.74
C PRO D 148 12.03 37.78 -42.09
N THR D 149 11.29 36.67 -42.20
CA THR D 149 9.92 36.66 -42.72
C THR D 149 8.93 37.63 -42.08
N PHE D 150 8.66 37.47 -40.78
CA PHE D 150 7.69 38.35 -40.12
C PHE D 150 8.08 39.85 -40.25
N LEU D 151 9.37 40.17 -40.06
CA LEU D 151 9.88 41.55 -40.14
C LEU D 151 9.62 42.19 -41.49
N PHE D 152 9.97 41.49 -42.57
CA PHE D 152 9.77 42.07 -43.89
C PHE D 152 8.30 42.30 -44.08
N GLN D 153 7.50 41.42 -43.49
CA GLN D 153 6.07 41.57 -43.53
C GLN D 153 5.63 42.78 -42.74
N SER D 154 6.06 42.85 -41.47
CA SER D 154 5.72 43.94 -40.57
C SER D 154 5.94 45.27 -41.26
N ILE D 155 7.09 45.45 -41.90
CA ILE D 155 7.43 46.77 -42.40
C ILE D 155 6.54 47.18 -43.55
N THR D 156 6.26 46.23 -44.44
CA THR D 156 5.39 46.51 -45.59
C THR D 156 3.94 46.70 -45.15
N ALA D 157 3.56 45.90 -44.16
CA ALA D 157 2.25 45.98 -43.56
C ALA D 157 1.98 47.33 -42.89
N ASN D 158 2.96 47.79 -42.11
CA ASN D 158 2.87 49.05 -41.38
C ASN D 158 2.65 50.25 -42.29
N ILE D 159 3.22 50.23 -43.49
CA ILE D 159 2.98 51.28 -44.47
C ILE D 159 1.52 51.30 -44.87
N ILE D 160 0.98 50.11 -45.15
CA ILE D 160 -0.42 50.01 -45.57
C ILE D 160 -1.36 50.35 -44.42
N CYS D 161 -1.01 49.88 -43.23
CA CYS D 161 -1.80 50.13 -42.04
C CYS D 161 -1.90 51.62 -41.75
N SER D 162 -0.76 52.30 -41.70
CA SER D 162 -0.74 53.71 -41.44
C SER D 162 -1.67 54.45 -42.37
N ILE D 163 -1.69 54.09 -43.65
CA ILE D 163 -2.61 54.72 -44.61
C ILE D 163 -4.07 54.36 -44.30
N VAL D 164 -4.29 53.09 -43.93
CA VAL D 164 -5.62 52.57 -43.85
C VAL D 164 -6.24 52.73 -42.47
N PHE D 165 -5.51 52.33 -41.43
CA PHE D 165 -6.04 52.39 -40.06
C PHE D 165 -5.50 53.63 -39.36
N GLY D 166 -4.63 54.33 -40.07
CA GLY D 166 -4.05 55.56 -39.57
C GLY D 166 -3.17 55.34 -38.38
N LYS D 167 -2.20 54.45 -38.51
CA LYS D 167 -1.28 54.13 -37.44
C LYS D 167 -0.42 52.96 -37.86
N ARG D 168 0.68 52.74 -37.13
CA ARG D 168 1.51 51.56 -37.36
C ARG D 168 1.32 50.55 -36.22
N PHE D 169 2.08 49.46 -36.26
CA PHE D 169 1.99 48.42 -35.24
C PHE D 169 3.33 48.12 -34.67
N HIS D 170 3.39 47.88 -33.36
CA HIS D 170 4.64 47.49 -32.72
C HIS D 170 5.03 46.07 -33.09
N TYR D 171 6.28 45.88 -33.52
CA TYR D 171 6.76 44.58 -33.98
C TYR D 171 6.38 43.39 -33.08
N GLN D 172 6.12 43.65 -31.80
CA GLN D 172 5.86 42.60 -30.84
C GLN D 172 4.40 42.60 -30.39
N ASP D 173 3.63 43.31 -31.19
CA ASP D 173 2.20 43.29 -31.15
C ASP D 173 1.84 41.97 -31.73
N GLN D 174 1.17 41.13 -30.97
CA GLN D 174 0.96 39.82 -31.48
C GLN D 174 -0.40 39.70 -32.12
N GLU D 175 -1.31 40.61 -31.88
CA GLU D 175 -2.50 40.58 -32.64
C GLU D 175 -2.07 40.87 -34.04
N PHE D 176 -0.98 41.59 -34.16
CA PHE D 176 -0.46 42.04 -35.45
C PHE D 176 0.30 40.88 -36.06
N LEU D 177 1.03 40.13 -35.27
CA LEU D 177 1.71 39.00 -35.87
C LEU D 177 0.71 37.91 -36.22
N LYS D 178 -0.23 37.63 -35.33
CA LYS D 178 -1.35 36.77 -35.71
C LYS D 178 -1.76 37.01 -37.17
N MET D 179 -2.17 38.22 -37.48
CA MET D 179 -2.59 38.55 -38.82
C MET D 179 -1.59 38.33 -39.90
N LEU D 180 -0.33 38.58 -39.65
CA LEU D 180 0.64 38.48 -40.71
C LEU D 180 0.93 36.99 -40.95
N ASN D 181 0.64 36.19 -39.92
CA ASN D 181 0.75 34.74 -40.03
C ASN D 181 -0.37 34.22 -40.93
N LEU D 182 -1.56 34.77 -40.74
CA LEU D 182 -2.70 34.47 -41.57
C LEU D 182 -2.47 34.79 -43.05
N PHE D 183 -1.86 35.94 -43.37
CA PHE D 183 -1.60 36.25 -44.79
C PHE D 183 -0.59 35.27 -45.35
N TYR D 184 0.38 34.91 -44.55
CA TYR D 184 1.46 34.09 -45.07
C TYR D 184 0.93 32.69 -45.46
N GLN D 185 0.26 32.04 -44.49
CA GLN D 185 -0.33 30.73 -44.71
C GLN D 185 -1.24 30.79 -45.94
N THR D 186 -2.10 31.79 -45.93
CA THR D 186 -3.13 31.91 -46.91
C THR D 186 -2.50 32.01 -48.29
N PHE D 187 -1.50 32.85 -48.42
CA PHE D 187 -0.92 33.01 -49.73
C PHE D 187 -0.24 31.72 -50.22
N SER D 188 0.27 30.91 -49.30
CA SER D 188 0.81 29.59 -49.59
C SER D 188 -0.20 28.52 -49.83
N LEU D 189 -1.14 28.35 -48.94
CA LEU D 189 -2.29 27.56 -49.31
C LEU D 189 -2.74 27.87 -50.77
N ILE D 190 -2.99 29.15 -51.09
CA ILE D 190 -3.48 29.49 -52.41
C ILE D 190 -2.54 28.98 -53.49
N SER D 191 -1.23 28.94 -53.20
CA SER D 191 -0.21 28.73 -54.27
C SER D 191 0.23 27.27 -54.36
N SER D 192 -0.17 26.52 -53.32
CA SER D 192 0.13 25.14 -53.16
C SER D 192 -0.48 24.37 -54.33
N VAL D 193 -0.08 23.13 -54.49
CA VAL D 193 -0.59 22.40 -55.60
C VAL D 193 -2.04 22.02 -55.38
N PHE D 194 -2.46 21.82 -54.15
CA PHE D 194 -3.90 21.69 -53.95
C PHE D 194 -4.65 22.90 -54.49
N GLY D 195 -4.13 24.10 -54.19
CA GLY D 195 -4.69 25.34 -54.71
C GLY D 195 -4.83 25.34 -56.22
N GLN D 196 -3.74 25.08 -56.94
CA GLN D 196 -3.85 24.94 -58.38
C GLN D 196 -4.88 23.86 -58.80
N LEU D 197 -4.96 22.77 -58.02
CA LEU D 197 -5.88 21.72 -58.35
C LEU D 197 -7.30 22.24 -58.17
N PHE D 198 -7.48 23.06 -57.13
CA PHE D 198 -8.79 23.58 -56.82
C PHE D 198 -9.21 24.52 -57.88
N GLU D 199 -8.23 25.12 -58.53
CA GLU D 199 -8.59 26.00 -59.64
C GLU D 199 -9.34 25.24 -60.74
N LEU D 200 -8.86 24.03 -61.00
CA LEU D 200 -9.48 23.11 -61.94
C LEU D 200 -10.84 22.50 -61.50
N PHE D 201 -10.94 22.01 -60.25
CA PHE D 201 -12.04 21.12 -59.91
C PHE D 201 -12.77 21.60 -58.66
N SER D 202 -12.89 22.90 -58.53
CA SER D 202 -13.53 23.39 -57.30
C SER D 202 -14.99 22.92 -57.27
N GLY D 203 -15.57 22.74 -58.48
CA GLY D 203 -16.96 22.30 -58.57
C GLY D 203 -17.17 21.08 -57.68
N PHE D 204 -16.18 20.19 -57.74
CA PHE D 204 -16.20 18.92 -57.05
C PHE D 204 -15.53 18.99 -55.68
N LEU D 205 -14.30 19.53 -55.63
CA LEU D 205 -13.51 19.59 -54.37
C LEU D 205 -14.13 20.45 -53.21
N LYS D 206 -14.96 21.42 -53.59
CA LYS D 206 -15.60 22.32 -52.64
C LYS D 206 -16.46 21.58 -51.63
N HIS D 207 -16.86 20.35 -51.96
CA HIS D 207 -17.71 19.59 -51.05
C HIS D 207 -16.95 18.76 -50.04
N PHE D 208 -15.62 18.85 -50.06
CA PHE D 208 -14.80 17.97 -49.22
C PHE D 208 -13.80 18.77 -48.47
N PRO D 209 -13.25 18.23 -47.35
CA PRO D 209 -12.19 18.90 -46.63
C PRO D 209 -11.00 19.32 -47.54
N GLY D 210 -10.24 20.30 -47.06
CA GLY D 210 -9.08 20.75 -47.82
C GLY D 210 -8.76 22.20 -47.52
N ALA D 211 -7.61 22.62 -48.04
CA ALA D 211 -7.06 23.97 -47.84
C ALA D 211 -8.02 25.11 -48.10
N HIS D 212 -8.82 25.02 -49.14
CA HIS D 212 -9.85 26.02 -49.36
C HIS D 212 -10.65 26.43 -48.10
N ARG D 213 -10.96 25.49 -47.20
CA ARG D 213 -11.71 25.82 -45.98
C ARG D 213 -10.83 26.52 -44.98
N GLN D 214 -9.53 26.22 -45.01
CA GLN D 214 -8.59 26.94 -44.18
C GLN D 214 -8.46 28.41 -44.63
N VAL D 215 -8.29 28.61 -45.94
CA VAL D 215 -8.26 29.93 -46.57
C VAL D 215 -9.52 30.71 -46.27
N TYR D 216 -10.66 30.10 -46.47
CA TYR D 216 -11.91 30.76 -46.20
C TYR D 216 -11.94 31.25 -44.77
N LYS D 217 -11.49 30.42 -43.84
CA LYS D 217 -11.53 30.74 -42.40
C LYS D 217 -10.55 31.87 -42.09
N ASN D 218 -9.38 31.83 -42.70
CA ASN D 218 -8.36 32.79 -42.46
C ASN D 218 -8.84 34.11 -42.90
N LEU D 219 -9.24 34.25 -44.17
CA LEU D 219 -9.81 35.49 -44.69
C LEU D 219 -10.95 36.03 -43.81
N GLN D 220 -11.81 35.14 -43.30
CA GLN D 220 -12.89 35.55 -42.42
C GLN D 220 -12.35 36.23 -41.16
N GLU D 221 -11.35 35.60 -40.55
CA GLU D 221 -10.70 36.13 -39.33
C GLU D 221 -10.12 37.54 -39.57
N ILE D 222 -9.24 37.65 -40.55
CA ILE D 222 -8.68 38.93 -40.94
C ILE D 222 -9.80 39.94 -41.15
N ASN D 223 -10.86 39.55 -41.85
CA ASN D 223 -11.97 40.45 -42.10
C ASN D 223 -12.66 40.93 -40.85
N ALA D 224 -12.77 40.08 -39.85
CA ALA D 224 -13.48 40.40 -38.64
C ALA D 224 -12.73 41.49 -37.86
N TYR D 225 -11.40 41.44 -37.97
CA TYR D 225 -10.58 42.44 -37.34
C TYR D 225 -10.78 43.80 -38.02
N ILE D 226 -10.60 43.81 -39.34
CA ILE D 226 -10.93 44.95 -40.14
C ILE D 226 -12.27 45.49 -39.75
N GLY D 227 -13.28 44.65 -39.61
CA GLY D 227 -14.63 45.09 -39.41
C GLY D 227 -14.82 45.69 -38.06
N HIS D 228 -14.07 45.24 -37.08
CA HIS D 228 -14.18 45.77 -35.75
C HIS D 228 -13.40 47.04 -35.56
N SER D 229 -12.36 47.20 -36.35
CA SER D 229 -11.67 48.47 -36.52
C SER D 229 -12.51 49.52 -37.23
N VAL D 230 -13.35 49.11 -38.17
CA VAL D 230 -14.25 50.02 -38.85
C VAL D 230 -15.22 50.59 -37.81
N GLU D 231 -15.65 49.75 -36.87
CA GLU D 231 -16.70 50.06 -35.92
C GLU D 231 -16.19 51.14 -34.99
N LYS D 232 -14.90 51.05 -34.66
CA LYS D 232 -14.22 52.04 -33.82
C LYS D 232 -14.07 53.33 -34.57
N HIS D 233 -13.60 53.28 -35.81
CA HIS D 233 -13.58 54.45 -36.66
C HIS D 233 -14.93 55.17 -36.69
N ARG D 234 -16.01 54.38 -36.74
CA ARG D 234 -17.36 54.94 -36.82
C ARG D 234 -17.74 55.69 -35.54
N GLU D 235 -17.34 55.15 -34.40
CA GLU D 235 -17.67 55.72 -33.11
C GLU D 235 -17.01 57.09 -32.90
N THR D 236 -15.82 57.29 -33.44
CA THR D 236 -15.06 58.48 -33.12
C THR D 236 -14.82 59.35 -34.35
N LEU D 237 -15.65 59.17 -35.37
CA LEU D 237 -15.42 59.80 -36.68
C LEU D 237 -15.70 61.26 -36.59
N ASP D 238 -14.78 62.04 -37.13
CA ASP D 238 -14.94 63.46 -37.20
C ASP D 238 -15.07 63.87 -38.67
N PRO D 239 -16.31 64.19 -39.12
CA PRO D 239 -16.61 64.48 -40.54
C PRO D 239 -15.74 65.55 -41.19
N SER D 240 -15.09 66.36 -40.36
CA SER D 240 -14.22 67.42 -40.85
C SER D 240 -12.79 66.95 -40.88
N ALA D 241 -12.41 66.19 -39.86
CA ALA D 241 -11.06 65.59 -39.76
C ALA D 241 -11.06 64.07 -39.99
N PRO D 242 -11.05 63.67 -41.27
CA PRO D 242 -10.88 62.28 -41.63
C PRO D 242 -9.44 61.87 -41.35
N ARG D 243 -9.25 60.81 -40.57
CA ARG D 243 -7.91 60.37 -40.15
C ARG D 243 -7.19 59.48 -41.16
N ASP D 244 -7.94 58.74 -41.97
CA ASP D 244 -7.44 57.62 -42.74
C ASP D 244 -8.36 57.22 -43.87
N LEU D 245 -8.03 56.15 -44.57
CA LEU D 245 -8.77 55.65 -45.69
C LEU D 245 -10.11 55.18 -45.28
N ILE D 246 -10.21 54.54 -44.15
CA ILE D 246 -11.50 54.10 -43.60
C ILE D 246 -12.50 55.26 -43.35
N ASP D 247 -12.00 56.33 -42.72
CA ASP D 247 -12.77 57.53 -42.50
C ASP D 247 -13.23 58.08 -43.83
N THR D 248 -12.30 58.29 -44.75
CA THR D 248 -12.70 58.77 -46.05
C THR D 248 -13.84 57.94 -46.64
N TYR D 249 -13.71 56.61 -46.58
CA TYR D 249 -14.75 55.69 -47.06
C TYR D 249 -16.06 55.93 -46.36
N LEU D 250 -16.04 55.96 -45.03
CA LEU D 250 -17.25 56.23 -44.24
C LEU D 250 -17.99 57.49 -44.67
N LEU D 251 -17.24 58.53 -45.05
CA LEU D 251 -17.85 59.78 -45.45
C LEU D 251 -18.52 59.67 -46.79
N HIS D 252 -17.83 59.04 -47.73
CA HIS D 252 -18.40 58.64 -49.02
C HIS D 252 -19.70 57.87 -48.85
N MET D 253 -19.70 56.96 -47.90
CA MET D 253 -20.88 56.19 -47.56
C MET D 253 -22.04 57.10 -47.13
N GLU D 254 -21.74 58.05 -46.25
CA GLU D 254 -22.69 59.03 -45.76
C GLU D 254 -23.18 59.92 -46.88
N LYS D 255 -22.26 60.40 -47.68
CA LYS D 255 -22.60 61.22 -48.81
C LYS D 255 -23.56 60.52 -49.75
N GLU D 256 -23.45 59.21 -49.89
CA GLU D 256 -24.20 58.48 -50.91
C GLU D 256 -25.40 57.70 -50.41
N LYS D 257 -25.69 57.86 -49.11
CA LYS D 257 -26.64 57.00 -48.47
C LYS D 257 -28.07 57.16 -49.00
N SER D 258 -28.29 58.12 -49.88
CA SER D 258 -29.61 58.31 -50.48
C SER D 258 -29.61 58.00 -51.95
N ASN D 259 -28.43 57.93 -52.55
CA ASN D 259 -28.29 57.48 -53.92
C ASN D 259 -28.94 56.07 -54.03
N ALA D 260 -29.69 55.84 -55.10
CA ALA D 260 -30.38 54.57 -55.30
C ALA D 260 -29.50 53.31 -55.16
N HIS D 261 -28.31 53.28 -55.80
CA HIS D 261 -27.32 52.26 -55.49
C HIS D 261 -25.97 52.86 -55.22
N SER D 262 -25.46 52.72 -54.02
CA SER D 262 -24.09 53.08 -53.79
C SER D 262 -23.29 51.79 -53.81
N GLU D 263 -22.11 51.84 -54.36
CA GLU D 263 -21.17 50.75 -54.11
C GLU D 263 -20.45 50.92 -52.77
N PHE D 264 -20.76 51.94 -51.99
CA PHE D 264 -20.08 52.09 -50.72
C PHE D 264 -20.86 51.40 -49.66
N SER D 265 -20.80 50.08 -49.72
CA SER D 265 -21.47 49.17 -48.79
C SER D 265 -20.49 48.69 -47.73
N HIS D 266 -21.04 48.14 -46.67
CA HIS D 266 -20.19 47.54 -45.66
C HIS D 266 -19.34 46.33 -46.14
N GLN D 267 -19.87 45.56 -47.07
CA GLN D 267 -19.12 44.44 -47.63
C GLN D 267 -17.89 44.95 -48.38
N ASN D 268 -18.09 45.90 -49.28
CA ASN D 268 -17.01 46.49 -50.05
C ASN D 268 -16.02 47.17 -49.13
N LEU D 269 -16.50 47.78 -48.06
CA LEU D 269 -15.62 48.47 -47.16
C LEU D 269 -14.71 47.44 -46.56
N ASN D 270 -15.23 46.50 -45.79
CA ASN D 270 -14.42 45.41 -45.26
C ASN D 270 -13.53 44.67 -46.25
N LEU D 271 -14.07 44.22 -47.38
CA LEU D 271 -13.26 43.40 -48.31
C LEU D 271 -12.27 44.22 -49.20
N ASN D 272 -12.63 45.45 -49.53
CA ASN D 272 -11.73 46.34 -50.26
C ASN D 272 -10.52 46.72 -49.40
N THR D 273 -10.76 46.81 -48.10
CA THR D 273 -9.72 47.12 -47.14
C THR D 273 -8.83 45.91 -47.04
N LEU D 274 -9.48 44.76 -46.83
CA LEU D 274 -8.79 43.48 -46.76
C LEU D 274 -7.94 43.30 -47.95
N SER D 275 -8.49 43.49 -49.15
CA SER D 275 -7.67 43.42 -50.38
C SER D 275 -6.44 44.33 -50.37
N LEU D 276 -6.60 45.62 -50.00
CA LEU D 276 -5.43 46.52 -49.92
C LEU D 276 -4.44 46.05 -48.87
N PHE D 277 -4.96 45.78 -47.68
CA PHE D 277 -4.14 45.35 -46.55
C PHE D 277 -3.29 44.10 -46.93
N PHE D 278 -3.92 43.11 -47.54
CA PHE D 278 -3.27 41.91 -48.01
C PHE D 278 -2.27 42.15 -49.12
N ALA D 279 -2.73 42.67 -50.23
CA ALA D 279 -1.85 42.88 -51.36
C ALA D 279 -0.65 43.82 -51.00
N GLY D 280 -0.94 44.89 -50.26
CA GLY D 280 0.06 45.83 -49.80
C GLY D 280 1.12 45.15 -48.94
N THR D 281 0.69 44.16 -48.16
CA THR D 281 1.61 43.45 -47.30
C THR D 281 2.41 42.45 -48.07
N GLU D 282 1.75 41.55 -48.80
CA GLU D 282 2.39 40.32 -49.26
C GLU D 282 3.51 40.45 -50.29
N THR D 283 3.27 40.96 -51.48
CA THR D 283 4.33 40.87 -52.47
C THR D 283 5.59 41.67 -52.18
N THR D 284 5.43 42.92 -51.78
CA THR D 284 6.58 43.78 -51.51
C THR D 284 7.45 43.08 -50.50
N SER D 285 6.85 42.59 -49.43
CA SER D 285 7.58 41.82 -48.42
C SER D 285 8.34 40.66 -49.07
N THR D 286 7.61 39.79 -49.76
CA THR D 286 8.21 38.64 -50.42
C THR D 286 9.34 39.05 -51.39
N THR D 287 9.13 40.10 -52.18
CA THR D 287 10.19 40.59 -53.03
C THR D 287 11.44 40.80 -52.16
N LEU D 288 11.27 41.51 -51.05
CA LEU D 288 12.38 41.66 -50.11
C LEU D 288 13.00 40.31 -49.67
N ARG D 289 12.15 39.36 -49.26
CA ARG D 289 12.63 38.11 -48.74
C ARG D 289 13.42 37.45 -49.84
N TYR D 290 12.91 37.55 -51.06
CA TYR D 290 13.63 36.94 -52.14
C TYR D 290 14.94 37.70 -52.34
N GLY D 291 14.85 39.02 -52.37
CA GLY D 291 16.02 39.85 -52.64
C GLY D 291 17.21 39.52 -51.76
N PHE D 292 16.97 39.26 -50.47
CA PHE D 292 18.06 39.05 -49.54
C PHE D 292 18.61 37.65 -49.61
N LEU D 293 17.76 36.71 -49.92
CA LEU D 293 18.26 35.41 -50.27
C LEU D 293 19.21 35.53 -51.46
N LEU D 294 18.89 36.43 -52.37
CA LEU D 294 19.73 36.64 -53.52
C LEU D 294 21.04 37.28 -53.10
N MET D 295 20.97 38.17 -52.10
CA MET D 295 22.17 38.84 -51.60
C MET D 295 23.08 37.82 -50.92
N LEU D 296 22.49 36.93 -50.13
CA LEU D 296 23.26 35.84 -49.59
C LEU D 296 23.98 34.99 -50.66
N LYS D 297 23.33 34.73 -51.79
CA LYS D 297 23.97 33.91 -52.82
C LYS D 297 24.98 34.71 -53.67
N TYR D 298 24.79 36.02 -53.78
CA TYR D 298 25.67 36.85 -54.59
C TYR D 298 26.12 38.08 -53.79
N PRO D 299 27.14 37.92 -52.90
CA PRO D 299 27.62 39.08 -52.16
C PRO D 299 28.31 40.11 -53.03
N HIS D 300 28.89 39.70 -54.14
CA HIS D 300 29.56 40.66 -54.98
C HIS D 300 28.62 41.76 -55.41
N VAL D 301 27.38 41.37 -55.63
CA VAL D 301 26.29 42.27 -56.02
C VAL D 301 25.91 43.15 -54.83
N ALA D 302 25.81 42.54 -53.65
CA ALA D 302 25.49 43.24 -52.39
C ALA D 302 26.50 44.33 -51.99
N GLU D 303 27.78 43.98 -52.03
CA GLU D 303 28.79 44.94 -51.68
C GLU D 303 28.98 45.99 -52.76
N ARG D 304 28.70 45.62 -54.02
CA ARG D 304 28.73 46.61 -55.09
C ARG D 304 27.60 47.64 -54.95
N VAL D 305 26.48 47.20 -54.38
CA VAL D 305 25.38 48.12 -54.03
C VAL D 305 25.83 49.03 -52.86
N TYR D 306 26.43 48.44 -51.83
CA TYR D 306 26.99 49.21 -50.72
C TYR D 306 27.95 50.33 -51.18
N ARG D 307 28.84 50.00 -52.11
CA ARG D 307 29.78 50.98 -52.65
C ARG D 307 29.11 52.11 -53.41
N GLU D 308 27.90 51.88 -53.93
CA GLU D 308 27.12 52.95 -54.51
C GLU D 308 26.41 53.77 -53.42
N ILE D 309 26.01 53.12 -52.32
CA ILE D 309 25.39 53.82 -51.18
C ILE D 309 26.43 54.76 -50.58
N GLU D 310 27.63 54.21 -50.40
CA GLU D 310 28.88 54.93 -50.14
C GLU D 310 29.03 56.25 -50.88
N GLN D 311 29.14 56.23 -52.21
CA GLN D 311 29.35 57.43 -53.00
C GLN D 311 28.22 58.44 -52.88
N VAL D 312 26.99 57.93 -52.92
CA VAL D 312 25.84 58.80 -53.18
C VAL D 312 25.20 59.35 -51.92
N ILE D 313 25.18 58.54 -50.86
CA ILE D 313 24.42 58.87 -49.68
C ILE D 313 25.35 59.02 -48.52
N GLY D 314 26.39 58.22 -48.54
CA GLY D 314 27.31 58.12 -47.41
C GLY D 314 26.72 57.16 -46.41
N PRO D 315 27.39 56.95 -45.26
CA PRO D 315 26.94 55.92 -44.34
C PRO D 315 26.10 56.49 -43.19
N HIS D 316 25.51 57.65 -43.40
CA HIS D 316 24.74 58.28 -42.34
C HIS D 316 23.32 58.67 -42.76
N ARG D 317 23.24 59.69 -43.60
CA ARG D 317 21.97 60.24 -44.00
C ARG D 317 21.00 59.15 -44.43
N PRO D 318 19.81 59.11 -43.81
CA PRO D 318 18.73 58.25 -44.31
C PRO D 318 18.54 58.45 -45.82
N PRO D 319 18.54 57.34 -46.58
CA PRO D 319 18.31 57.40 -48.02
C PRO D 319 16.90 57.93 -48.38
N GLU D 320 16.74 58.42 -49.59
CA GLU D 320 15.50 59.05 -49.99
C GLU D 320 15.21 58.89 -51.49
N LEU D 321 13.97 59.15 -51.89
CA LEU D 321 13.55 58.83 -53.24
C LEU D 321 14.26 59.66 -54.28
N HIS D 322 14.69 60.85 -53.89
CA HIS D 322 15.55 61.64 -54.75
C HIS D 322 16.90 60.94 -55.11
N ASP D 323 17.43 60.14 -54.18
CA ASP D 323 18.71 59.38 -54.36
C ASP D 323 18.74 58.47 -55.61
N ARG D 324 17.56 58.18 -56.15
CA ARG D 324 17.37 57.12 -57.13
C ARG D 324 18.13 57.30 -58.42
N ALA D 325 17.90 58.43 -59.10
CA ALA D 325 18.61 58.76 -60.34
C ALA D 325 20.16 58.57 -60.23
N LYS D 326 20.73 58.94 -59.09
CA LYS D 326 22.18 58.87 -58.88
C LYS D 326 22.68 57.45 -58.57
N MET D 327 21.76 56.50 -58.40
CA MET D 327 22.14 55.11 -58.06
C MET D 327 21.65 54.06 -59.05
N PRO D 328 22.09 54.14 -60.30
CA PRO D 328 21.51 53.28 -61.31
C PRO D 328 21.87 51.81 -61.10
N TYR D 329 22.91 51.51 -60.34
CA TYR D 329 23.21 50.12 -60.11
C TYR D 329 22.21 49.50 -59.15
N THR D 330 22.04 50.12 -58.00
CA THR D 330 21.09 49.65 -57.01
C THR D 330 19.70 49.46 -57.64
N GLU D 331 19.27 50.49 -58.37
CA GLU D 331 18.00 50.43 -59.06
C GLU D 331 17.90 49.22 -60.00
N ALA D 332 18.97 48.94 -60.73
CA ALA D 332 19.01 47.80 -61.66
C ALA D 332 18.98 46.52 -60.89
N VAL D 333 19.62 46.51 -59.73
CA VAL D 333 19.59 45.33 -58.86
C VAL D 333 18.16 45.04 -58.39
N ILE D 334 17.41 46.08 -58.07
CA ILE D 334 16.05 45.88 -57.60
C ILE D 334 15.15 45.40 -58.74
N TYR D 335 15.29 46.02 -59.91
CA TYR D 335 14.54 45.60 -61.07
C TYR D 335 14.81 44.11 -61.28
N GLU D 336 16.07 43.71 -61.19
CA GLU D 336 16.41 42.33 -61.40
C GLU D 336 15.86 41.42 -60.32
N ILE D 337 15.92 41.80 -59.06
CA ILE D 337 15.25 41.04 -58.00
C ILE D 337 13.77 40.77 -58.37
N GLN D 338 13.07 41.83 -58.78
CA GLN D 338 11.69 41.72 -59.15
C GLN D 338 11.49 40.73 -60.25
N ARG D 339 12.23 40.92 -61.34
CA ARG D 339 12.22 40.03 -62.53
C ARG D 339 12.42 38.58 -62.13
N PHE D 340 13.58 38.30 -61.54
CA PHE D 340 13.92 36.95 -61.13
C PHE D 340 12.87 36.40 -60.21
N SER D 341 12.45 37.17 -59.22
CA SER D 341 11.48 36.69 -58.26
C SER D 341 10.16 36.30 -58.88
N ASP D 342 9.74 37.05 -59.90
CA ASP D 342 8.59 36.64 -60.70
C ASP D 342 7.38 36.26 -59.86
N LEU D 343 7.03 37.11 -58.91
CA LEU D 343 6.15 36.73 -57.81
C LEU D 343 4.71 36.36 -58.17
N LEU D 344 4.25 36.82 -59.31
CA LEU D 344 2.93 36.47 -59.76
C LEU D 344 3.07 36.02 -61.21
N PRO D 345 3.47 34.74 -61.39
CA PRO D 345 3.88 34.35 -62.74
C PRO D 345 2.73 34.44 -63.72
N MET D 346 1.51 34.24 -63.22
CA MET D 346 0.34 34.34 -64.07
C MET D 346 -0.49 35.62 -63.90
N GLY D 347 0.08 36.60 -63.20
CA GLY D 347 -0.69 37.79 -62.83
C GLY D 347 -1.92 37.35 -62.07
N VAL D 348 -3.02 38.07 -62.24
CA VAL D 348 -4.29 37.77 -61.60
C VAL D 348 -5.29 37.62 -62.74
N PRO D 349 -6.14 36.60 -62.68
CA PRO D 349 -6.97 36.32 -63.87
C PRO D 349 -7.85 37.51 -64.35
N HIS D 350 -7.91 37.69 -65.66
CA HIS D 350 -8.81 38.63 -66.32
C HIS D 350 -9.95 37.86 -66.97
N ILE D 351 -10.97 38.55 -67.46
CA ILE D 351 -11.96 38.00 -68.39
C ILE D 351 -12.23 39.04 -69.44
N VAL D 352 -12.66 38.61 -70.60
CA VAL D 352 -13.04 39.57 -71.64
C VAL D 352 -14.47 40.05 -71.42
N THR D 353 -14.76 41.28 -71.77
CA THR D 353 -15.98 41.90 -71.38
C THR D 353 -16.95 41.92 -72.59
N GLN D 354 -16.47 41.39 -73.71
CA GLN D 354 -17.21 41.33 -74.92
C GLN D 354 -16.64 40.22 -75.78
N HIS D 355 -17.39 39.80 -76.79
CA HIS D 355 -16.84 38.88 -77.79
C HIS D 355 -15.69 39.61 -78.47
N THR D 356 -14.48 39.05 -78.36
CA THR D 356 -13.27 39.79 -78.76
C THR D 356 -12.56 39.10 -79.92
N SER D 357 -12.02 39.90 -80.83
CA SER D 357 -11.09 39.35 -81.81
C SER D 357 -9.67 39.52 -81.29
N PHE D 358 -8.89 38.45 -81.44
CA PHE D 358 -7.49 38.53 -81.14
C PHE D 358 -6.70 37.63 -82.09
N ARG D 359 -5.71 38.21 -82.75
CA ARG D 359 -4.94 37.49 -83.75
C ARG D 359 -5.78 36.49 -84.54
N GLY D 360 -6.92 36.93 -85.07
CA GLY D 360 -7.76 36.04 -85.89
C GLY D 360 -8.60 35.02 -85.15
N TYR D 361 -8.39 34.91 -83.83
CA TYR D 361 -9.23 34.06 -82.99
C TYR D 361 -10.43 34.80 -82.42
N ILE D 362 -11.45 34.09 -81.96
CA ILE D 362 -12.54 34.75 -81.25
C ILE D 362 -12.69 34.30 -79.78
N ILE D 363 -12.63 35.23 -78.85
CA ILE D 363 -12.79 34.90 -77.43
C ILE D 363 -14.16 35.34 -76.89
N PRO D 364 -15.05 34.37 -76.65
CA PRO D 364 -16.39 34.81 -76.18
C PRO D 364 -16.42 35.69 -74.89
N LYS D 365 -17.30 36.65 -74.84
CA LYS D 365 -17.49 37.38 -73.62
C LYS D 365 -17.48 36.50 -72.43
N ASP D 366 -16.87 36.94 -71.35
CA ASP D 366 -16.70 36.15 -70.12
C ASP D 366 -15.68 34.99 -70.04
N THR D 367 -15.07 34.63 -71.15
CA THR D 367 -13.98 33.67 -71.13
C THR D 367 -12.89 34.22 -70.25
N GLU D 368 -12.32 33.44 -69.35
CA GLU D 368 -11.18 33.88 -68.59
C GLU D 368 -9.90 33.89 -69.43
N VAL D 369 -8.99 34.84 -69.08
CA VAL D 369 -7.69 35.02 -69.75
C VAL D 369 -6.60 35.18 -68.71
N PHE D 370 -5.55 34.37 -68.83
CA PHE D 370 -4.38 34.42 -67.98
C PHE D 370 -3.30 35.12 -68.80
N LEU D 371 -2.69 36.20 -68.29
CA LEU D 371 -1.52 36.79 -69.02
C LEU D 371 -0.34 36.29 -68.28
N ILE D 372 0.49 35.50 -68.96
CA ILE D 372 1.58 34.80 -68.26
C ILE D 372 2.76 35.76 -68.16
N LEU D 373 2.70 36.61 -67.13
CA LEU D 373 3.65 37.69 -66.93
C LEU D 373 5.05 37.10 -66.87
N SER D 374 5.17 35.89 -66.33
CA SER D 374 6.46 35.25 -66.26
C SER D 374 7.13 35.07 -67.60
N THR D 375 6.36 34.94 -68.68
CA THR D 375 7.01 34.71 -69.98
C THR D 375 7.59 36.00 -70.50
N ALA D 376 7.09 37.11 -70.00
CA ALA D 376 7.62 38.37 -70.43
C ALA D 376 8.90 38.62 -69.65
N LEU D 377 8.84 38.40 -68.34
CA LEU D 377 9.98 38.54 -67.47
C LEU D 377 11.16 37.60 -67.84
N HIS D 378 10.90 36.56 -68.66
CA HIS D 378 11.93 35.59 -69.03
C HIS D 378 12.17 35.54 -70.54
N ASP D 379 11.59 36.50 -71.24
CA ASP D 379 11.72 36.59 -72.68
C ASP D 379 13.19 36.74 -73.09
N PRO D 380 13.71 35.79 -73.88
CA PRO D 380 15.14 35.83 -74.25
C PRO D 380 15.55 36.94 -75.25
N HIS D 381 14.60 37.56 -75.95
CA HIS D 381 14.93 38.71 -76.82
C HIS D 381 15.43 39.86 -75.96
N TYR D 382 14.92 39.95 -74.73
CA TYR D 382 15.13 41.11 -73.84
C TYR D 382 16.12 40.89 -72.70
N PHE D 383 16.30 39.63 -72.32
CA PHE D 383 17.20 39.29 -71.24
C PHE D 383 18.10 38.18 -71.74
N GLU D 384 19.39 38.20 -71.38
CA GLU D 384 20.34 37.30 -72.03
C GLU D 384 20.45 35.93 -71.36
N LYS D 385 20.46 35.90 -70.05
CA LYS D 385 20.38 34.64 -69.31
C LYS D 385 19.11 34.67 -68.48
N PRO D 386 17.97 34.51 -69.13
CA PRO D 386 16.71 34.78 -68.45
C PRO D 386 16.58 34.00 -67.15
N ASP D 387 17.27 32.87 -67.06
CA ASP D 387 17.12 32.00 -65.90
C ASP D 387 18.02 32.34 -64.75
N ALA D 388 19.04 33.16 -65.03
CA ALA D 388 20.04 33.52 -64.03
C ALA D 388 19.80 34.92 -63.44
N PHE D 389 20.24 35.11 -62.20
CA PHE D 389 20.22 36.42 -61.55
C PHE D 389 21.39 37.32 -61.95
N ASN D 390 21.10 38.33 -62.77
CA ASN D 390 22.12 39.19 -63.35
C ASN D 390 21.65 40.64 -63.61
N PRO D 391 22.10 41.59 -62.77
CA PRO D 391 21.68 43.00 -62.83
C PRO D 391 22.03 43.66 -64.15
N ASP D 392 23.03 43.11 -64.84
CA ASP D 392 23.44 43.61 -66.14
C ASP D 392 22.31 43.48 -67.17
N HIS D 393 21.21 42.84 -66.74
CA HIS D 393 19.99 42.79 -67.50
C HIS D 393 19.34 44.16 -67.57
N PHE D 394 19.66 45.02 -66.58
CA PHE D 394 19.07 46.37 -66.51
C PHE D 394 20.06 47.52 -66.59
N LEU D 395 21.22 47.22 -67.19
CA LEU D 395 22.31 48.19 -67.38
C LEU D 395 22.80 48.18 -68.82
N ASP D 396 23.11 49.34 -69.38
CA ASP D 396 23.80 49.41 -70.69
C ASP D 396 25.33 49.26 -70.50
N ALA D 397 26.10 49.52 -71.55
CA ALA D 397 27.58 49.31 -71.48
C ALA D 397 28.27 50.25 -70.46
N ASN D 398 27.79 51.49 -70.39
CA ASN D 398 28.31 52.53 -69.47
C ASN D 398 27.93 52.35 -67.99
N GLY D 399 27.31 51.23 -67.61
CA GLY D 399 26.74 51.04 -66.27
C GLY D 399 25.59 51.97 -65.92
N ALA D 400 24.94 52.58 -66.93
CA ALA D 400 23.71 53.41 -66.73
C ALA D 400 22.46 52.53 -66.63
N LEU D 401 21.36 53.08 -66.13
CA LEU D 401 20.12 52.30 -66.03
C LEU D 401 19.54 52.00 -67.42
N LYS D 402 19.16 50.75 -67.65
CA LYS D 402 18.46 50.38 -68.87
C LYS D 402 17.11 49.70 -68.58
N LYS D 403 16.04 50.50 -68.64
CA LYS D 403 14.66 50.05 -68.51
C LYS D 403 14.29 49.34 -69.79
N THR D 404 13.39 48.37 -69.69
CA THR D 404 12.96 47.61 -70.87
C THR D 404 11.47 47.35 -71.00
N GLU D 405 11.01 47.32 -72.25
CA GLU D 405 9.63 47.03 -72.62
C GLU D 405 9.01 45.81 -71.90
N ALA D 406 9.86 44.84 -71.61
CA ALA D 406 9.52 43.56 -71.07
C ALA D 406 9.33 43.54 -69.56
N PHE D 407 9.89 44.49 -68.84
CA PHE D 407 9.78 44.44 -67.38
C PHE D 407 8.38 44.85 -66.97
N ILE D 408 7.49 43.88 -66.77
CA ILE D 408 6.10 44.16 -66.48
C ILE D 408 5.57 43.34 -65.30
N PRO D 409 6.29 43.34 -64.18
CA PRO D 409 5.86 42.51 -63.06
C PRO D 409 4.59 43.05 -62.40
N PHE D 410 4.07 44.16 -62.89
CA PHE D 410 2.90 44.74 -62.32
C PHE D 410 1.76 44.65 -63.29
N SER D 411 1.98 43.97 -64.41
CA SER D 411 0.95 43.86 -65.44
C SER D 411 0.85 45.15 -66.26
N LEU D 412 -0.29 45.34 -66.94
CA LEU D 412 -0.48 46.53 -67.74
C LEU D 412 -1.91 46.92 -67.91
N GLY D 413 -2.15 48.07 -68.53
CA GLY D 413 -3.49 48.45 -68.87
C GLY D 413 -4.29 48.89 -67.71
N LYS D 414 -5.58 48.70 -67.77
CA LYS D 414 -6.44 49.23 -66.74
C LYS D 414 -6.36 48.58 -65.39
N ARG D 415 -5.88 47.33 -65.34
CA ARG D 415 -5.76 46.61 -64.08
C ARG D 415 -4.34 46.68 -63.54
N ILE D 416 -3.53 47.53 -64.14
CA ILE D 416 -2.14 47.70 -63.71
C ILE D 416 -2.18 47.82 -62.19
N CYS D 417 -1.33 47.06 -61.52
CA CYS D 417 -1.23 47.12 -60.07
C CYS D 417 -1.25 48.57 -59.59
N LEU D 418 -2.32 48.93 -58.87
CA LEU D 418 -2.50 50.28 -58.36
C LEU D 418 -1.59 50.55 -57.17
N GLY D 419 -0.61 49.68 -56.97
CA GLY D 419 0.32 49.82 -55.86
C GLY D 419 1.76 49.94 -56.32
N GLU D 420 1.94 50.01 -57.64
CA GLU D 420 3.28 50.12 -58.21
C GLU D 420 4.12 51.16 -57.48
N GLY D 421 3.75 52.43 -57.64
CA GLY D 421 4.46 53.51 -56.99
C GLY D 421 4.92 53.21 -55.58
N ILE D 422 3.97 52.86 -54.71
CA ILE D 422 4.29 52.60 -53.34
C ILE D 422 5.27 51.47 -53.28
N ALA D 423 5.02 50.45 -54.09
CA ALA D 423 5.80 49.21 -53.97
C ALA D 423 7.25 49.51 -54.36
N ARG D 424 7.43 50.31 -55.39
CA ARG D 424 8.80 50.70 -55.78
C ARG D 424 9.51 51.66 -54.81
N ALA D 425 8.75 52.59 -54.24
CA ALA D 425 9.21 53.37 -53.10
C ALA D 425 9.67 52.44 -51.98
N GLU D 426 8.77 51.66 -51.41
CA GLU D 426 9.12 50.68 -50.35
C GLU D 426 10.38 49.88 -50.67
N LEU D 427 10.50 49.48 -51.91
CA LEU D 427 11.51 48.53 -52.29
C LEU D 427 12.82 49.22 -52.22
N PHE D 428 12.93 50.31 -52.95
CA PHE D 428 14.15 51.08 -52.90
C PHE D 428 14.47 51.58 -51.50
N LEU D 429 13.50 52.17 -50.83
CA LEU D 429 13.81 52.69 -49.52
C LEU D 429 14.27 51.62 -48.58
N PHE D 430 13.48 50.58 -48.39
CA PHE D 430 13.82 49.53 -47.41
C PHE D 430 15.12 48.80 -47.74
N PHE D 431 15.36 48.59 -49.02
CA PHE D 431 16.54 47.89 -49.46
C PHE D 431 17.83 48.64 -49.14
N THR D 432 17.95 49.86 -49.70
CA THR D 432 19.11 50.71 -49.45
C THR D 432 19.30 51.01 -47.97
N THR D 433 18.22 51.40 -47.28
CA THR D 433 18.35 51.71 -45.87
C THR D 433 18.89 50.53 -45.04
N ILE D 434 18.55 49.29 -45.41
CA ILE D 434 19.17 48.14 -44.74
C ILE D 434 20.65 47.95 -45.14
N LEU D 435 20.93 47.99 -46.44
CA LEU D 435 22.29 47.80 -46.89
C LEU D 435 23.26 48.84 -46.35
N GLN D 436 22.80 50.08 -46.24
CA GLN D 436 23.57 51.12 -45.60
C GLN D 436 24.14 50.67 -44.26
N ASN D 437 23.29 50.11 -43.42
CA ASN D 437 23.65 49.83 -42.05
C ASN D 437 24.11 48.44 -41.74
N PHE D 438 23.77 47.47 -42.60
CA PHE D 438 24.09 46.06 -42.32
C PHE D 438 24.76 45.30 -43.47
N SER D 439 25.40 44.20 -43.08
CA SER D 439 26.08 43.31 -43.97
C SER D 439 25.42 41.99 -43.72
N MET D 440 25.49 41.05 -44.67
CA MET D 440 24.73 39.81 -44.53
C MET D 440 25.55 38.53 -44.55
N ALA D 441 25.28 37.65 -43.60
CA ALA D 441 25.85 36.30 -43.61
C ALA D 441 24.81 35.23 -43.20
N SER D 442 25.09 33.98 -43.56
CA SER D 442 24.28 32.79 -43.20
C SER D 442 25.18 31.58 -43.00
N PRO D 443 24.66 30.48 -42.41
CA PRO D 443 25.47 29.25 -42.39
C PRO D 443 25.76 28.70 -43.80
N VAL D 444 24.80 28.77 -44.70
CA VAL D 444 24.94 28.17 -46.02
C VAL D 444 25.90 28.96 -46.91
N ALA D 445 26.83 28.22 -47.51
CA ALA D 445 27.79 28.79 -48.46
C ALA D 445 27.06 29.31 -49.70
N PRO D 446 27.51 30.47 -50.24
CA PRO D 446 26.95 31.06 -51.45
C PRO D 446 26.52 30.06 -52.55
N GLU D 447 27.40 29.18 -53.02
CA GLU D 447 26.99 28.33 -54.12
C GLU D 447 26.14 27.15 -53.67
N ASP D 448 26.14 26.87 -52.37
CA ASP D 448 25.22 25.86 -51.82
C ASP D 448 23.79 26.36 -51.65
N ILE D 449 23.54 27.65 -51.79
CA ILE D 449 22.22 28.24 -51.55
C ILE D 449 21.26 27.84 -52.63
N ASP D 450 20.12 27.30 -52.21
CA ASP D 450 19.09 26.84 -53.14
C ASP D 450 17.98 27.85 -53.36
N LEU D 451 17.88 28.36 -54.59
CA LEU D 451 16.89 29.37 -54.95
C LEU D 451 15.51 28.82 -55.35
N THR D 452 15.34 27.51 -55.28
CA THR D 452 14.10 26.85 -55.66
C THR D 452 12.95 27.26 -54.73
N PRO D 453 11.90 27.83 -55.30
CA PRO D 453 10.75 28.29 -54.52
C PRO D 453 10.03 27.14 -53.83
N GLN D 454 9.61 27.35 -52.58
CA GLN D 454 8.90 26.34 -51.82
C GLN D 454 7.44 26.18 -52.31
N GLU D 455 6.96 27.12 -53.10
CA GLU D 455 5.67 27.01 -53.76
C GLU D 455 5.60 27.93 -54.95
N CYS D 456 4.92 27.37 -56.07
CA CYS D 456 4.89 28.06 -57.36
C CYS D 456 3.49 27.91 -57.96
N GLY D 457 2.55 28.66 -57.43
CA GLY D 457 1.18 28.68 -57.98
C GLY D 457 0.80 30.08 -58.49
N VAL D 458 -0.31 30.58 -57.98
CA VAL D 458 -0.64 31.99 -58.12
C VAL D 458 0.59 32.81 -57.68
N GLY D 459 1.12 32.51 -56.50
CA GLY D 459 2.38 33.10 -56.05
C GLY D 459 3.57 32.18 -56.22
N LYS D 460 4.74 32.74 -56.47
CA LYS D 460 5.99 32.01 -56.37
C LYS D 460 6.57 32.41 -55.04
N ILE D 461 6.87 31.44 -54.19
CA ILE D 461 7.24 31.71 -52.82
C ILE D 461 8.61 31.11 -52.55
N PRO D 462 9.57 31.95 -52.09
CA PRO D 462 10.96 31.57 -51.81
C PRO D 462 11.11 30.62 -50.62
N PRO D 463 12.19 29.80 -50.61
CA PRO D 463 12.34 28.84 -49.52
C PRO D 463 12.59 29.57 -48.22
N THR D 464 12.33 28.94 -47.09
CA THR D 464 12.74 29.51 -45.84
C THR D 464 14.26 29.57 -45.82
N TYR D 465 14.80 30.64 -45.24
CA TYR D 465 16.21 30.72 -44.92
C TYR D 465 16.42 31.46 -43.60
N GLN D 466 17.59 31.26 -43.00
CA GLN D 466 18.04 31.99 -41.82
C GLN D 466 19.08 33.00 -42.32
N ILE D 467 19.14 34.17 -41.67
CA ILE D 467 20.11 35.21 -42.06
C ILE D 467 20.51 35.91 -40.80
N ARG D 468 21.74 36.43 -40.77
CA ARG D 468 22.18 37.24 -39.63
C ARG D 468 22.31 38.68 -40.11
N PHE D 469 22.13 39.61 -39.20
CA PHE D 469 22.18 41.01 -39.56
C PHE D 469 23.27 41.80 -38.84
N LEU D 470 24.28 42.21 -39.57
CA LEU D 470 25.60 42.45 -39.05
C LEU D 470 26.12 43.85 -39.21
N PRO D 471 26.02 44.57 -38.10
CA PRO D 471 26.25 46.01 -38.05
C PRO D 471 27.54 46.50 -38.69
N ARG D 472 27.67 47.82 -38.79
CA ARG D 472 28.85 48.45 -39.37
C ARG D 472 29.42 49.52 -38.44
N GLY E 9 -14.99 -24.57 23.30
CA GLY E 9 -14.10 -25.18 22.33
C GLY E 9 -12.71 -25.39 22.88
N LYS E 10 -12.17 -24.38 23.55
CA LYS E 10 -10.85 -24.47 24.15
C LYS E 10 -10.90 -24.72 25.65
N LEU E 11 -9.82 -24.36 26.35
CA LEU E 11 -9.79 -24.43 27.81
C LEU E 11 -11.03 -23.81 28.44
N PRO E 12 -11.43 -24.33 29.61
CA PRO E 12 -12.71 -23.91 30.24
C PRO E 12 -12.90 -22.38 30.46
N PRO E 13 -14.17 -21.92 30.50
CA PRO E 13 -14.42 -20.50 30.62
C PRO E 13 -13.95 -19.96 31.96
N GLY E 14 -13.91 -18.64 32.11
CA GLY E 14 -13.40 -18.04 33.33
C GLY E 14 -13.14 -16.57 33.26
N PRO E 15 -12.86 -15.97 34.43
CA PRO E 15 -12.62 -14.54 34.49
C PRO E 15 -11.51 -14.16 33.57
N ARG E 16 -11.78 -13.18 32.73
CA ARG E 16 -10.78 -12.62 31.82
C ARG E 16 -9.60 -12.08 32.61
N PRO E 17 -8.41 -12.55 32.25
CA PRO E 17 -7.16 -12.16 32.92
C PRO E 17 -6.51 -10.87 32.40
N LEU E 18 -5.58 -10.36 33.20
CA LEU E 18 -4.71 -9.26 32.78
C LEU E 18 -3.36 -9.83 32.60
N PRO E 19 -2.61 -9.32 31.64
CA PRO E 19 -1.23 -9.76 31.55
C PRO E 19 -0.58 -9.57 32.92
N LEU E 20 0.33 -10.48 33.28
CA LEU E 20 1.08 -10.35 34.51
C LEU E 20 0.39 -10.45 35.87
N LEU E 21 -0.94 -10.50 35.89
CA LEU E 21 -1.63 -10.39 37.15
C LEU E 21 -2.68 -11.49 37.08
N GLY E 22 -2.88 -11.97 35.87
CA GLY E 22 -3.86 -12.99 35.64
C GLY E 22 -5.13 -12.43 36.20
N ASN E 23 -5.71 -13.15 37.15
CA ASN E 23 -6.96 -12.74 37.72
C ASN E 23 -6.88 -12.12 39.09
N LEU E 24 -5.72 -11.60 39.47
CA LEU E 24 -5.54 -11.00 40.79
C LEU E 24 -6.65 -10.07 41.16
N LEU E 25 -7.10 -9.25 40.24
CA LEU E 25 -8.06 -8.21 40.65
C LEU E 25 -9.45 -8.75 40.83
N GLN E 26 -9.67 -10.01 40.46
CA GLN E 26 -10.96 -10.59 40.68
C GLN E 26 -10.96 -11.52 41.84
N MET E 27 -9.79 -11.76 42.42
CA MET E 27 -9.70 -12.63 43.61
C MET E 27 -10.49 -12.06 44.75
N ASP E 28 -10.86 -12.89 45.73
CA ASP E 28 -11.45 -12.45 46.99
C ASP E 28 -10.35 -12.36 48.06
N ARG E 29 -10.44 -11.32 48.90
CA ARG E 29 -9.46 -11.11 49.96
C ARG E 29 -9.27 -12.32 50.88
N ARG E 30 -10.35 -13.03 51.18
CA ARG E 30 -10.27 -14.14 52.12
C ARG E 30 -9.43 -15.34 51.67
N GLY E 31 -9.01 -15.35 50.39
CA GLY E 31 -8.02 -16.28 49.89
C GLY E 31 -8.51 -17.05 48.67
N LEU E 32 -7.70 -18.04 48.25
CA LEU E 32 -7.92 -18.84 47.03
C LEU E 32 -9.26 -19.60 46.96
N LEU E 33 -9.65 -20.26 48.04
CA LEU E 33 -10.88 -21.04 48.04
C LEU E 33 -12.11 -20.17 47.85
N LYS E 34 -12.14 -19.05 48.58
CA LYS E 34 -13.26 -18.11 48.50
C LYS E 34 -13.43 -17.59 47.11
N SER E 35 -12.29 -17.29 46.51
CA SER E 35 -12.24 -16.78 45.18
C SER E 35 -12.81 -17.79 44.22
N PHE E 36 -12.37 -19.03 44.38
CA PHE E 36 -12.86 -20.11 43.54
C PHE E 36 -14.34 -20.34 43.67
N LEU E 37 -14.85 -20.35 44.91
CA LEU E 37 -16.29 -20.57 45.16
C LEU E 37 -17.14 -19.54 44.46
N ARG E 38 -16.64 -18.31 44.41
CA ARG E 38 -17.30 -17.23 43.70
C ARG E 38 -17.28 -17.49 42.20
N PHE E 39 -16.08 -17.63 41.63
CA PHE E 39 -15.99 -17.95 40.22
C PHE E 39 -16.92 -19.05 39.83
N ARG E 40 -17.10 -20.03 40.72
CA ARG E 40 -18.03 -21.13 40.45
C ARG E 40 -19.49 -20.68 40.27
N GLU E 41 -19.94 -19.74 41.12
CA GLU E 41 -21.30 -19.21 41.01
C GLU E 41 -21.54 -18.65 39.61
N LYS E 42 -20.50 -18.05 39.06
CA LYS E 42 -20.64 -17.46 37.73
C LYS E 42 -20.40 -18.43 36.61
N TYR E 43 -19.38 -19.28 36.70
CA TYR E 43 -18.92 -20.02 35.53
C TYR E 43 -19.31 -21.50 35.43
N GLY E 44 -19.76 -22.09 36.54
CA GLY E 44 -20.11 -23.50 36.57
C GLY E 44 -19.08 -24.34 37.31
N ASP E 45 -19.17 -25.65 37.18
CA ASP E 45 -18.29 -26.57 37.88
C ASP E 45 -16.92 -26.70 37.24
N VAL E 46 -16.76 -26.26 35.99
CA VAL E 46 -15.45 -26.36 35.30
C VAL E 46 -15.01 -25.01 34.79
N PHE E 47 -13.89 -24.52 35.29
CA PHE E 47 -13.45 -23.22 34.84
C PHE E 47 -11.94 -22.97 35.02
N THR E 48 -11.43 -21.99 34.29
CA THR E 48 -10.03 -21.61 34.29
C THR E 48 -9.81 -20.37 35.15
N VAL E 49 -8.76 -20.34 35.95
CA VAL E 49 -8.40 -19.09 36.58
C VAL E 49 -6.93 -18.91 36.35
N HIS E 50 -6.52 -17.68 36.08
CA HIS E 50 -5.13 -17.42 35.85
C HIS E 50 -4.42 -17.02 37.14
N LEU E 51 -3.77 -17.97 37.77
CA LEU E 51 -3.05 -17.73 38.99
C LEU E 51 -1.75 -17.17 38.55
N GLY E 52 -1.62 -15.86 38.60
CA GLY E 52 -0.41 -15.22 38.15
C GLY E 52 -0.31 -15.46 36.67
N PRO E 53 0.86 -15.85 36.24
CA PRO E 53 1.14 -15.94 34.83
C PRO E 53 0.63 -17.25 34.14
N ARG E 54 -0.18 -18.06 34.81
CA ARG E 54 -0.56 -19.33 34.20
C ARG E 54 -2.03 -19.71 34.42
N PRO E 55 -2.61 -20.42 33.46
CA PRO E 55 -3.97 -20.90 33.64
C PRO E 55 -3.98 -22.22 34.47
N VAL E 56 -5.00 -22.38 35.32
CA VAL E 56 -5.17 -23.48 36.19
C VAL E 56 -6.66 -23.80 36.14
N VAL E 57 -6.99 -25.05 35.81
CA VAL E 57 -8.36 -25.50 35.67
C VAL E 57 -8.86 -26.00 37.00
N MET E 58 -10.03 -25.48 37.40
CA MET E 58 -10.70 -25.86 38.64
C MET E 58 -11.87 -26.75 38.31
N LEU E 59 -12.03 -27.80 39.10
CA LEU E 59 -13.10 -28.78 38.96
C LEU E 59 -13.85 -28.91 40.26
N CYS E 60 -15.16 -28.75 40.21
CA CYS E 60 -15.98 -28.65 41.39
C CYS E 60 -17.12 -29.60 41.32
N GLY E 61 -17.54 -30.14 42.45
CA GLY E 61 -18.70 -31.01 42.49
C GLY E 61 -18.22 -32.39 42.31
N VAL E 62 -18.99 -33.35 42.79
CA VAL E 62 -18.58 -34.76 42.75
C VAL E 62 -18.56 -35.31 41.32
N GLU E 63 -19.57 -34.98 40.52
CA GLU E 63 -19.65 -35.49 39.16
C GLU E 63 -18.35 -35.19 38.49
N ALA E 64 -17.99 -33.91 38.53
CA ALA E 64 -16.85 -33.46 37.78
C ALA E 64 -15.59 -34.09 38.28
N ILE E 65 -15.37 -34.02 39.58
CA ILE E 65 -14.17 -34.56 40.22
C ILE E 65 -14.02 -36.04 39.92
N ARG E 66 -15.14 -36.77 40.04
CA ARG E 66 -15.15 -38.20 39.77
C ARG E 66 -14.85 -38.47 38.30
N GLU E 67 -15.38 -37.63 37.41
CA GLU E 67 -15.30 -37.86 35.96
C GLU E 67 -13.84 -37.71 35.52
N ALA E 68 -13.10 -36.90 36.26
CA ALA E 68 -11.73 -36.68 35.87
C ALA E 68 -10.83 -37.73 36.47
N LEU E 69 -10.90 -37.93 37.76
CA LEU E 69 -9.95 -38.77 38.44
C LEU E 69 -10.23 -40.21 38.23
N VAL E 70 -11.48 -40.54 37.94
CA VAL E 70 -11.87 -41.95 37.82
C VAL E 70 -12.04 -42.36 36.36
N ASP E 71 -12.95 -41.69 35.66
CA ASP E 71 -13.28 -42.02 34.20
C ASP E 71 -12.12 -41.65 33.29
N LYS E 72 -11.31 -40.67 33.68
CA LYS E 72 -10.20 -40.20 32.87
C LYS E 72 -8.90 -40.27 33.64
N ALA E 73 -8.87 -41.16 34.62
CA ALA E 73 -7.75 -41.38 35.50
C ALA E 73 -6.38 -41.23 34.86
N GLU E 74 -6.26 -41.77 33.65
CA GLU E 74 -5.02 -41.69 32.93
C GLU E 74 -4.61 -40.21 32.67
N ALA E 75 -5.48 -39.48 31.96
CA ALA E 75 -5.24 -38.06 31.70
C ALA E 75 -4.94 -37.22 32.95
N PHE E 76 -5.68 -37.44 34.04
CA PHE E 76 -5.61 -36.54 35.19
C PHE E 76 -4.80 -37.05 36.39
N SER E 77 -3.79 -37.87 36.13
CA SER E 77 -3.12 -38.56 37.24
C SER E 77 -1.77 -37.96 37.57
N GLY E 78 -1.39 -36.95 36.81
CA GLY E 78 -0.12 -36.27 37.04
C GLY E 78 -0.21 -35.34 38.23
N ARG E 79 0.95 -34.87 38.70
CA ARG E 79 1.00 -34.06 39.93
C ARG E 79 1.52 -32.67 39.64
N GLY E 80 0.84 -31.68 40.20
CA GLY E 80 1.27 -30.26 40.09
C GLY E 80 2.32 -29.90 41.13
N LYS E 81 2.74 -28.65 41.18
CA LYS E 81 3.61 -28.20 42.28
C LYS E 81 2.90 -27.31 43.31
N ILE E 82 3.37 -27.38 44.55
CA ILE E 82 3.00 -26.39 45.54
C ILE E 82 4.13 -25.37 45.69
N ALA E 83 3.87 -24.18 45.16
CA ALA E 83 4.90 -23.18 44.86
C ALA E 83 5.84 -22.99 46.06
N MET E 84 5.21 -22.97 47.23
CA MET E 84 5.86 -22.79 48.50
C MET E 84 6.85 -23.87 48.89
N VAL E 85 6.67 -25.11 48.41
CA VAL E 85 7.62 -26.19 48.76
C VAL E 85 8.42 -26.70 47.55
N ASP E 86 7.99 -26.34 46.35
CA ASP E 86 8.65 -26.90 45.23
C ASP E 86 10.15 -26.63 45.19
N PRO E 87 10.59 -25.46 45.65
CA PRO E 87 12.05 -25.30 45.59
C PRO E 87 12.76 -26.42 46.32
N PHE E 88 12.22 -26.87 47.46
CA PHE E 88 12.83 -27.95 48.22
C PHE E 88 12.70 -29.35 47.50
N PHE E 89 11.45 -29.73 47.12
CA PHE E 89 11.17 -31.01 46.52
C PHE E 89 11.62 -31.16 45.08
N ARG E 90 11.23 -30.19 44.24
CA ARG E 90 11.54 -30.26 42.82
C ARG E 90 11.25 -31.63 42.20
N GLY E 91 10.07 -32.18 42.50
CA GLY E 91 9.66 -33.45 41.90
C GLY E 91 10.20 -34.78 42.44
N TYR E 92 10.80 -34.74 43.64
CA TYR E 92 11.26 -35.95 44.35
C TYR E 92 10.32 -36.37 45.50
N GLY E 93 10.27 -37.68 45.74
CA GLY E 93 9.43 -38.23 46.76
C GLY E 93 8.07 -38.50 46.16
N VAL E 94 7.28 -39.34 46.82
CA VAL E 94 6.13 -39.93 46.15
C VAL E 94 5.10 -38.86 45.86
N ILE E 95 4.91 -37.96 46.82
CA ILE E 95 3.87 -36.92 46.71
C ILE E 95 4.05 -36.05 45.47
N PHE E 96 5.29 -35.62 45.26
CA PHE E 96 5.55 -34.65 44.24
C PHE E 96 6.20 -35.19 42.99
N ALA E 97 6.23 -36.52 42.84
CA ALA E 97 6.84 -37.16 41.67
C ALA E 97 5.84 -37.38 40.57
N ASN E 98 6.36 -37.59 39.35
CA ASN E 98 5.52 -37.88 38.17
C ASN E 98 6.14 -39.01 37.37
N GLY E 99 5.45 -39.47 36.32
CA GLY E 99 5.97 -40.60 35.49
C GLY E 99 6.59 -41.78 36.28
N ASN E 100 7.65 -42.34 35.72
CA ASN E 100 8.22 -43.49 36.36
C ASN E 100 8.55 -43.33 37.84
N ARG E 101 9.20 -42.22 38.19
CA ARG E 101 9.62 -41.98 39.56
C ARG E 101 8.45 -42.19 40.49
N TRP E 102 7.28 -41.70 40.09
CA TRP E 102 6.14 -41.81 40.98
C TRP E 102 5.73 -43.28 41.05
N LYS E 103 5.63 -43.91 39.88
CA LYS E 103 5.22 -45.29 39.76
C LYS E 103 5.99 -46.13 40.75
N VAL E 104 7.33 -46.09 40.60
CA VAL E 104 8.24 -46.79 41.52
C VAL E 104 8.00 -46.42 42.98
N LEU E 105 8.01 -45.12 43.26
CA LEU E 105 7.96 -44.63 44.62
C LEU E 105 6.62 -44.92 45.30
N ARG E 106 5.52 -44.82 44.54
CA ARG E 106 4.16 -45.12 45.02
C ARG E 106 4.08 -46.60 45.31
N ARG E 107 4.53 -47.44 44.37
CA ARG E 107 4.53 -48.90 44.60
C ARG E 107 5.36 -49.21 45.84
N PHE E 108 6.61 -48.75 45.86
CA PHE E 108 7.40 -49.00 47.04
C PHE E 108 6.65 -48.58 48.32
N SER E 109 6.15 -47.35 48.38
CA SER E 109 5.59 -46.83 49.60
C SER E 109 4.36 -47.65 50.00
N VAL E 110 3.45 -47.88 49.03
CA VAL E 110 2.22 -48.64 49.30
C VAL E 110 2.55 -50.05 49.90
N THR E 111 3.48 -50.80 49.30
CA THR E 111 3.80 -52.14 49.78
C THR E 111 4.47 -52.14 51.15
N THR E 112 5.47 -51.30 51.37
CA THR E 112 6.11 -51.21 52.70
C THR E 112 5.33 -50.48 53.79
N MET E 113 4.30 -49.75 53.44
CA MET E 113 3.36 -49.30 54.47
C MET E 113 2.50 -50.49 54.95
N ARG E 114 2.29 -51.43 54.02
CA ARG E 114 1.38 -52.54 54.22
C ARG E 114 2.12 -53.60 54.99
N ASP E 115 3.25 -54.04 54.41
CA ASP E 115 4.20 -54.95 55.03
C ASP E 115 3.78 -55.24 56.47
N SER E 122 2.20 -55.41 63.99
CA SER E 122 1.04 -55.07 63.17
C SER E 122 0.65 -53.61 63.35
N VAL E 123 0.15 -53.00 62.28
CA VAL E 123 -0.26 -51.62 62.31
C VAL E 123 -1.29 -51.40 63.42
N GLU E 124 -2.40 -52.12 63.37
CA GLU E 124 -3.46 -52.03 64.39
C GLU E 124 -2.94 -52.16 65.83
N GLU E 125 -2.06 -53.12 66.06
CA GLU E 125 -1.39 -53.31 67.34
C GLU E 125 -0.56 -52.10 67.78
N ARG E 126 0.08 -51.43 66.84
CA ARG E 126 0.91 -50.27 67.15
C ARG E 126 0.05 -49.09 67.61
N ILE E 127 -1.02 -48.84 66.87
CA ILE E 127 -1.94 -47.77 67.19
C ILE E 127 -2.51 -48.02 68.57
N GLN E 128 -2.92 -49.27 68.85
CA GLN E 128 -3.45 -49.69 70.16
C GLN E 128 -2.46 -49.46 71.29
N GLU E 129 -1.22 -49.87 71.07
CA GLU E 129 -0.13 -49.58 71.98
C GLU E 129 0.07 -48.06 72.19
N GLU E 130 0.14 -47.30 71.10
CA GLU E 130 0.24 -45.85 71.18
C GLU E 130 -0.93 -45.24 71.94
N ALA E 131 -2.13 -45.73 71.63
CA ALA E 131 -3.36 -45.25 72.25
C ALA E 131 -3.28 -45.40 73.76
N GLN E 132 -2.49 -46.39 74.18
CA GLN E 132 -2.32 -46.71 75.59
C GLN E 132 -1.38 -45.73 76.25
N CYS E 133 -0.21 -45.53 75.62
CA CYS E 133 0.75 -44.51 76.03
C CYS E 133 0.06 -43.16 76.16
N LEU E 134 -0.90 -42.92 75.28
CA LEU E 134 -1.65 -41.69 75.23
C LEU E 134 -2.58 -41.49 76.44
N ILE E 135 -3.42 -42.47 76.69
CA ILE E 135 -4.28 -42.47 77.86
C ILE E 135 -3.44 -42.23 79.10
N GLU E 136 -2.37 -43.03 79.19
CA GLU E 136 -1.35 -42.92 80.22
C GLU E 136 -0.87 -41.49 80.48
N GLU E 137 -0.49 -40.77 79.42
CA GLU E 137 -0.06 -39.36 79.52
C GLU E 137 -1.21 -38.43 79.96
N LEU E 138 -2.43 -38.71 79.51
CA LEU E 138 -3.61 -37.88 79.82
C LEU E 138 -4.10 -38.00 81.27
N ARG E 139 -3.78 -39.14 81.89
CA ARG E 139 -3.92 -39.32 83.34
C ARG E 139 -2.94 -38.37 84.03
N LYS E 140 -1.65 -38.44 83.66
CA LYS E 140 -0.59 -37.61 84.25
C LYS E 140 -0.97 -36.12 84.35
N SER E 141 -1.74 -35.62 83.38
CA SER E 141 -2.23 -34.23 83.38
C SER E 141 -3.24 -33.94 84.52
N LYS E 142 -3.86 -34.98 85.06
CA LYS E 142 -4.94 -34.90 86.08
C LYS E 142 -6.00 -33.85 85.76
N GLY E 143 -6.37 -33.72 84.50
CA GLY E 143 -7.43 -32.78 84.14
C GLY E 143 -7.06 -31.30 84.11
N ALA E 144 -5.76 -30.97 84.10
CA ALA E 144 -5.31 -29.60 83.89
C ALA E 144 -5.62 -29.18 82.44
N LEU E 145 -5.97 -27.90 82.25
CA LEU E 145 -6.07 -27.31 80.91
C LEU E 145 -4.78 -27.64 80.13
N MET E 146 -4.95 -27.90 78.84
CA MET E 146 -3.80 -28.09 77.93
C MET E 146 -4.16 -27.86 76.48
N ASP E 147 -3.12 -27.55 75.72
CA ASP E 147 -3.21 -27.42 74.30
C ASP E 147 -2.86 -28.79 73.75
N PRO E 148 -3.88 -29.49 73.21
CA PRO E 148 -3.69 -30.88 72.79
C PRO E 148 -2.77 -31.07 71.58
N THR E 149 -2.36 -29.96 70.96
CA THR E 149 -1.66 -29.97 69.67
C THR E 149 -0.40 -30.86 69.58
N PHE E 150 0.55 -30.66 70.49
CA PHE E 150 1.77 -31.45 70.51
C PHE E 150 1.48 -32.95 70.65
N LEU E 151 0.50 -33.28 71.47
CA LEU E 151 0.14 -34.69 71.73
C LEU E 151 -0.52 -35.41 70.56
N PHE E 152 -1.58 -34.82 70.01
CA PHE E 152 -2.19 -35.40 68.82
C PHE E 152 -1.15 -35.56 67.71
N GLN E 153 -0.19 -34.66 67.63
CA GLN E 153 0.85 -34.81 66.67
C GLN E 153 1.73 -35.96 67.04
N SER E 154 2.21 -36.01 68.28
CA SER E 154 3.08 -37.12 68.74
C SER E 154 2.53 -38.54 68.43
N ILE E 155 1.24 -38.74 68.68
CA ILE E 155 0.65 -40.04 68.51
C ILE E 155 0.64 -40.46 67.05
N THR E 156 0.25 -39.55 66.16
CA THR E 156 0.16 -39.88 64.74
C THR E 156 1.55 -40.03 64.13
N ALA E 157 2.48 -39.21 64.62
CA ALA E 157 3.84 -39.26 64.19
C ALA E 157 4.45 -40.58 64.58
N ASN E 158 4.20 -41.00 65.82
CA ASN E 158 4.80 -42.23 66.36
C ASN E 158 4.43 -43.45 65.55
N ILE E 159 3.20 -43.52 65.06
CA ILE E 159 2.80 -44.61 64.15
C ILE E 159 3.63 -44.61 62.89
N ILE E 160 3.83 -43.43 62.30
CA ILE E 160 4.61 -43.39 61.05
C ILE E 160 6.07 -43.72 61.34
N CYS E 161 6.57 -43.16 62.44
CA CYS E 161 7.95 -43.34 62.83
C CYS E 161 8.32 -44.79 63.06
N SER E 162 7.41 -45.50 63.74
CA SER E 162 7.62 -46.92 64.00
C SER E 162 7.76 -47.63 62.67
N ILE E 163 6.91 -47.31 61.72
CA ILE E 163 7.00 -47.94 60.41
C ILE E 163 8.27 -47.56 59.72
N VAL E 164 8.66 -46.30 59.87
CA VAL E 164 9.72 -45.83 58.99
C VAL E 164 11.12 -45.89 59.59
N PHE E 165 11.24 -45.51 60.86
CA PHE E 165 12.52 -45.52 61.55
C PHE E 165 12.66 -46.76 62.43
N GLY E 166 11.58 -47.54 62.51
CA GLY E 166 11.57 -48.75 63.31
C GLY E 166 11.59 -48.50 64.80
N LYS E 167 10.78 -47.54 65.24
CA LYS E 167 10.69 -47.20 66.65
C LYS E 167 9.81 -45.97 66.89
N ARG E 168 9.43 -45.76 68.14
CA ARG E 168 8.62 -44.63 68.50
C ARG E 168 9.38 -43.64 69.34
N PHE E 169 8.75 -42.56 69.77
CA PHE E 169 9.48 -41.50 70.47
C PHE E 169 8.79 -41.18 71.75
N HIS E 170 9.59 -40.92 72.78
CA HIS E 170 9.08 -40.50 74.07
C HIS E 170 8.50 -39.11 73.97
N TYR E 171 7.34 -38.91 74.58
CA TYR E 171 6.62 -37.61 74.49
C TYR E 171 7.39 -36.37 74.97
N GLN E 172 8.50 -36.56 75.68
CA GLN E 172 9.33 -35.43 76.09
C GLN E 172 10.70 -35.44 75.41
N ASP E 173 10.84 -36.16 74.30
CA ASP E 173 12.09 -36.12 73.52
C ASP E 173 12.14 -34.77 72.80
N GLN E 174 13.08 -33.90 73.15
CA GLN E 174 12.98 -32.51 72.69
C GLN E 174 13.38 -32.39 71.23
N GLU E 175 14.20 -33.32 70.77
CA GLU E 175 14.49 -33.43 69.35
C GLU E 175 13.23 -33.87 68.52
N PHE E 176 12.36 -34.67 69.16
CA PHE E 176 11.07 -35.09 68.59
C PHE E 176 10.11 -33.92 68.61
N LEU E 177 10.12 -33.16 69.71
CA LEU E 177 9.26 -31.99 69.81
C LEU E 177 9.65 -31.01 68.72
N LYS E 178 10.93 -30.64 68.72
CA LYS E 178 11.54 -29.82 67.68
C LYS E 178 10.92 -30.09 66.33
N MET E 179 10.97 -31.32 65.85
CA MET E 179 10.44 -31.67 64.54
C MET E 179 8.95 -31.56 64.37
N LEU E 180 8.20 -31.80 65.41
CA LEU E 180 6.78 -31.86 65.23
C LEU E 180 6.36 -30.47 65.03
N ASN E 181 7.24 -29.55 65.41
CA ASN E 181 6.94 -28.13 65.38
C ASN E 181 7.27 -27.55 64.02
N LEU E 182 8.34 -28.07 63.41
CA LEU E 182 8.68 -27.64 62.10
C LEU E 182 7.60 -28.07 61.18
N PHE E 183 6.96 -29.20 61.46
CA PHE E 183 5.83 -29.53 60.63
C PHE E 183 4.71 -28.51 60.84
N TYR E 184 4.44 -28.17 62.11
CA TYR E 184 3.27 -27.38 62.39
C TYR E 184 3.39 -26.03 61.75
N GLN E 185 4.55 -25.39 61.95
CA GLN E 185 4.83 -24.06 61.44
C GLN E 185 4.81 -24.05 59.94
N THR E 186 5.45 -25.06 59.36
CA THR E 186 5.54 -25.22 57.92
C THR E 186 4.18 -25.41 57.25
N PHE E 187 3.32 -26.19 57.84
CA PHE E 187 2.03 -26.37 57.21
C PHE E 187 1.20 -25.10 57.32
N SER E 188 1.46 -24.35 58.39
CA SER E 188 0.79 -23.07 58.60
C SER E 188 1.31 -22.05 57.59
N LEU E 189 2.62 -21.87 57.55
CA LEU E 189 3.22 -20.98 56.59
C LEU E 189 2.69 -21.29 55.17
N ILE E 190 2.66 -22.59 54.82
CA ILE E 190 2.14 -22.95 53.50
C ILE E 190 0.73 -22.47 53.33
N SER E 191 -0.06 -22.47 54.39
CA SER E 191 -1.50 -22.26 54.24
C SER E 191 -1.90 -20.82 54.39
N SER E 192 -0.91 -20.04 54.83
CA SER E 192 -1.11 -18.62 55.13
C SER E 192 -1.48 -17.87 53.85
N VAL E 193 -1.98 -16.65 54.02
CA VAL E 193 -2.27 -15.78 52.89
C VAL E 193 -1.04 -15.58 52.03
N PHE E 194 0.12 -15.38 52.66
CA PHE E 194 1.34 -15.20 51.90
C PHE E 194 1.59 -16.41 51.06
N GLY E 195 1.36 -17.59 51.65
CA GLY E 195 1.44 -18.87 50.97
C GLY E 195 0.65 -18.84 49.68
N GLN E 196 -0.63 -18.51 49.80
CA GLN E 196 -1.51 -18.45 48.64
C GLN E 196 -1.06 -17.41 47.64
N LEU E 197 -0.49 -16.32 48.13
CA LEU E 197 -0.02 -15.29 47.27
C LEU E 197 1.18 -15.76 46.48
N PHE E 198 2.08 -16.43 47.18
CA PHE E 198 3.24 -17.10 46.57
C PHE E 198 2.84 -18.10 45.48
N GLU E 199 1.74 -18.78 45.67
CA GLU E 199 1.28 -19.62 44.61
C GLU E 199 1.13 -18.84 43.27
N LEU E 200 0.61 -17.64 43.38
CA LEU E 200 0.36 -16.80 42.23
C LEU E 200 1.57 -16.00 41.71
N PHE E 201 2.53 -15.66 42.58
CA PHE E 201 3.62 -14.77 42.10
C PHE E 201 5.04 -15.17 42.53
N SER E 202 5.24 -16.48 42.62
CA SER E 202 6.51 -16.98 43.08
C SER E 202 7.62 -16.55 42.11
N GLY E 203 7.29 -16.46 40.83
CA GLY E 203 8.25 -15.95 39.88
C GLY E 203 8.92 -14.68 40.41
N PHE E 204 8.13 -13.81 41.05
CA PHE E 204 8.61 -12.52 41.49
C PHE E 204 8.99 -12.57 42.93
N LEU E 205 8.11 -13.05 43.80
CA LEU E 205 8.35 -13.03 45.24
C LEU E 205 9.52 -13.87 45.71
N LYS E 206 9.92 -14.85 44.92
CA LYS E 206 10.99 -15.78 45.29
C LYS E 206 12.32 -15.07 45.42
N HIS E 207 12.36 -13.81 45.00
CA HIS E 207 13.58 -13.01 45.05
C HIS E 207 13.50 -11.92 46.11
N PHE E 208 12.89 -12.24 47.24
CA PHE E 208 12.76 -11.30 48.35
C PHE E 208 12.36 -12.09 49.60
N PRO E 209 12.64 -11.51 50.77
CA PRO E 209 12.29 -12.18 52.01
C PRO E 209 10.86 -12.60 52.07
N GLY E 210 10.60 -13.52 53.00
CA GLY E 210 9.26 -14.02 53.26
C GLY E 210 9.25 -15.47 53.70
N ALA E 211 8.06 -15.91 54.10
CA ALA E 211 7.77 -17.29 54.55
C ALA E 211 8.39 -18.45 53.73
N HIS E 212 8.38 -18.33 52.40
CA HIS E 212 8.98 -19.37 51.58
C HIS E 212 10.35 -19.73 52.08
N ARG E 213 11.12 -18.75 52.57
CA ARG E 213 12.48 -19.11 52.98
C ARG E 213 12.52 -19.89 54.30
N GLN E 214 11.62 -19.52 55.22
CA GLN E 214 11.42 -20.25 56.46
C GLN E 214 10.99 -21.74 56.17
N VAL E 215 10.04 -21.93 55.24
CA VAL E 215 9.60 -23.25 54.85
C VAL E 215 10.74 -24.04 54.25
N TYR E 216 11.47 -23.42 53.32
CA TYR E 216 12.61 -24.08 52.70
C TYR E 216 13.59 -24.55 53.80
N LYS E 217 13.94 -23.63 54.71
CA LYS E 217 14.88 -23.88 55.83
C LYS E 217 14.37 -24.97 56.78
N ASN E 218 13.07 -24.94 57.10
CA ASN E 218 12.45 -25.99 57.93
C ASN E 218 12.55 -27.36 57.24
N LEU E 219 12.10 -27.45 55.99
CA LEU E 219 12.12 -28.72 55.27
C LEU E 219 13.52 -29.27 55.24
N GLN E 220 14.52 -28.41 55.05
CA GLN E 220 15.91 -28.84 55.05
C GLN E 220 16.35 -29.43 56.40
N GLU E 221 15.88 -28.84 57.50
CA GLU E 221 16.26 -29.28 58.84
C GLU E 221 15.69 -30.65 59.08
N ILE E 222 14.38 -30.77 58.85
CA ILE E 222 13.73 -32.06 58.92
C ILE E 222 14.54 -33.05 58.06
N ASN E 223 14.78 -32.70 56.80
CA ASN E 223 15.51 -33.56 55.93
C ASN E 223 16.85 -34.02 56.46
N ALA E 224 17.53 -33.15 57.17
CA ALA E 224 18.88 -33.47 57.63
C ALA E 224 18.83 -34.58 58.73
N TYR E 225 17.79 -34.51 59.57
CA TYR E 225 17.58 -35.50 60.58
C TYR E 225 17.33 -36.81 59.84
N ILE E 226 16.40 -36.80 58.88
CA ILE E 226 16.10 -38.00 58.12
C ILE E 226 17.34 -38.61 57.50
N GLY E 227 18.24 -37.74 57.04
CA GLY E 227 19.43 -38.21 56.32
C GLY E 227 20.47 -38.77 57.25
N HIS E 228 20.58 -38.25 58.46
CA HIS E 228 21.46 -38.78 59.47
C HIS E 228 20.97 -40.13 59.91
N SER E 229 19.69 -40.21 60.20
CA SER E 229 19.05 -41.50 60.61
C SER E 229 19.22 -42.60 59.55
N VAL E 230 19.28 -42.21 58.27
CA VAL E 230 19.49 -43.15 57.17
C VAL E 230 20.90 -43.64 57.28
N GLU E 231 21.79 -42.78 57.78
CA GLU E 231 23.24 -43.08 57.84
C GLU E 231 23.52 -44.21 58.88
N LYS E 232 22.81 -44.08 60.01
CA LYS E 232 22.84 -45.05 61.07
C LYS E 232 22.25 -46.39 60.65
N HIS E 233 21.11 -46.34 59.94
CA HIS E 233 20.52 -47.54 59.36
C HIS E 233 21.52 -48.21 58.48
N ARG E 234 22.27 -47.43 57.71
CA ARG E 234 23.25 -47.98 56.78
C ARG E 234 24.41 -48.66 57.51
N GLU E 235 24.81 -48.10 58.64
CA GLU E 235 25.94 -48.64 59.42
C GLU E 235 25.64 -50.03 59.98
N THR E 236 24.38 -50.26 60.36
CA THR E 236 23.97 -51.44 61.12
C THR E 236 22.96 -52.29 60.34
N LEU E 237 22.96 -52.12 59.03
CA LEU E 237 21.98 -52.82 58.19
C LEU E 237 22.27 -54.32 58.14
N ASP E 238 21.24 -55.09 58.41
CA ASP E 238 21.34 -56.52 58.23
C ASP E 238 20.51 -56.98 57.02
N PRO E 239 21.17 -57.35 55.90
CA PRO E 239 20.48 -57.62 54.60
C PRO E 239 19.37 -58.68 54.64
N SER E 240 19.38 -59.49 55.71
CA SER E 240 18.43 -60.58 55.91
C SER E 240 17.45 -60.32 57.06
N ALA E 241 17.75 -59.34 57.92
CA ALA E 241 16.74 -58.75 58.83
C ALA E 241 16.59 -57.22 58.63
N PRO E 242 15.76 -56.79 57.64
CA PRO E 242 15.40 -55.39 57.43
C PRO E 242 14.47 -54.95 58.54
N ARG E 243 14.82 -53.89 59.26
CA ARG E 243 14.05 -53.46 60.44
C ARG E 243 12.80 -52.58 60.17
N ASP E 244 12.81 -51.84 59.06
CA ASP E 244 11.77 -50.87 58.74
C ASP E 244 11.84 -50.48 57.26
N LEU E 245 11.07 -49.46 56.91
CA LEU E 245 11.01 -48.98 55.54
C LEU E 245 12.37 -48.57 55.02
N ILE E 246 13.09 -47.77 55.81
CA ILE E 246 14.41 -47.31 55.42
C ILE E 246 15.37 -48.46 54.96
N ASP E 247 15.47 -49.49 55.82
CA ASP E 247 16.22 -50.69 55.49
C ASP E 247 15.72 -51.22 54.14
N THR E 248 14.40 -51.45 54.04
CA THR E 248 13.82 -51.99 52.80
C THR E 248 14.29 -51.14 51.59
N TYR E 249 14.22 -49.81 51.75
CA TYR E 249 14.66 -48.92 50.69
C TYR E 249 16.11 -49.14 50.34
N LEU E 250 16.99 -49.07 51.34
CA LEU E 250 18.44 -49.41 51.18
C LEU E 250 18.74 -50.72 50.45
N LEU E 251 17.91 -51.75 50.68
CA LEU E 251 18.10 -53.02 49.99
C LEU E 251 17.73 -52.90 48.52
N HIS E 252 16.57 -52.31 48.24
CA HIS E 252 16.21 -51.98 46.89
C HIS E 252 17.35 -51.23 46.18
N MET E 253 17.94 -50.29 46.91
CA MET E 253 19.01 -49.49 46.38
C MET E 253 20.17 -50.37 45.95
N GLU E 254 20.51 -51.32 46.83
CA GLU E 254 21.61 -52.26 46.61
C GLU E 254 21.29 -53.14 45.41
N LYS E 255 20.08 -53.68 45.43
CA LYS E 255 19.60 -54.54 44.37
C LYS E 255 19.73 -53.89 43.01
N GLU E 256 19.62 -52.57 42.99
CA GLU E 256 19.47 -51.82 41.75
C GLU E 256 20.68 -51.06 41.30
N LYS E 257 21.70 -51.03 42.14
CA LYS E 257 22.90 -50.24 41.88
C LYS E 257 23.45 -50.32 40.46
N SER E 258 23.15 -51.40 39.73
CA SER E 258 23.80 -51.61 38.44
C SER E 258 22.83 -51.43 37.31
N ASN E 259 21.56 -51.37 37.65
CA ASN E 259 20.52 -50.93 36.72
C ASN E 259 20.90 -49.51 36.19
N ALA E 260 20.80 -49.31 34.88
CA ALA E 260 21.15 -48.04 34.23
C ALA E 260 20.56 -46.77 34.90
N HIS E 261 19.25 -46.78 35.22
CA HIS E 261 18.64 -45.74 36.09
C HIS E 261 17.83 -46.35 37.20
N SER E 262 18.26 -46.16 38.43
CA SER E 262 17.41 -46.56 39.51
C SER E 262 16.80 -45.28 39.99
N GLU E 263 15.50 -45.27 40.25
CA GLU E 263 14.92 -44.19 41.06
C GLU E 263 15.29 -44.30 42.57
N PHE E 264 15.97 -45.36 42.97
CA PHE E 264 16.32 -45.51 44.40
C PHE E 264 17.59 -44.76 44.69
N SER E 265 17.47 -43.43 44.66
CA SER E 265 18.59 -42.52 44.80
C SER E 265 18.49 -41.97 46.19
N HIS E 266 19.52 -41.29 46.62
CA HIS E 266 19.58 -40.79 47.96
C HIS E 266 18.65 -39.63 48.20
N GLN E 267 18.40 -38.82 47.20
CA GLN E 267 17.43 -37.73 47.28
C GLN E 267 16.04 -38.31 47.51
N ASN E 268 15.62 -39.22 46.64
CA ASN E 268 14.32 -39.89 46.78
C ASN E 268 14.17 -40.56 48.15
N LEU E 269 15.25 -41.20 48.61
CA LEU E 269 15.16 -41.81 49.91
C LEU E 269 14.79 -40.73 50.96
N ASN E 270 15.70 -39.77 51.25
CA ASN E 270 15.39 -38.64 52.13
C ASN E 270 14.03 -37.93 51.91
N LEU E 271 13.76 -37.45 50.69
CA LEU E 271 12.50 -36.73 50.47
C LEU E 271 11.21 -37.58 50.39
N ASN E 272 11.34 -38.83 49.97
CA ASN E 272 10.21 -39.76 50.00
C ASN E 272 9.88 -40.13 51.44
N THR E 273 10.90 -40.15 52.29
CA THR E 273 10.73 -40.42 53.73
C THR E 273 10.07 -39.26 54.39
N LEU E 274 10.64 -38.09 54.12
CA LEU E 274 10.08 -36.82 54.60
C LEU E 274 8.61 -36.64 54.21
N SER E 275 8.30 -36.92 52.95
CA SER E 275 6.93 -36.81 52.45
C SER E 275 5.97 -37.61 53.33
N LEU E 276 6.32 -38.85 53.59
CA LEU E 276 5.54 -39.77 54.40
C LEU E 276 5.43 -39.37 55.84
N PHE E 277 6.57 -39.10 56.44
CA PHE E 277 6.66 -38.67 57.82
C PHE E 277 5.90 -37.40 58.11
N PHE E 278 5.78 -36.54 57.13
CA PHE E 278 5.08 -35.30 57.28
C PHE E 278 3.62 -35.55 57.03
N ALA E 279 3.27 -36.09 55.89
CA ALA E 279 1.88 -36.34 55.54
C ALA E 279 1.23 -37.29 56.52
N GLY E 280 1.99 -38.30 56.93
CA GLY E 280 1.54 -39.21 57.97
C GLY E 280 1.21 -38.54 59.27
N THR E 281 2.02 -37.53 59.63
CA THR E 281 1.83 -36.81 60.89
C THR E 281 0.67 -35.83 60.85
N GLU E 282 0.66 -34.94 59.83
CA GLU E 282 -0.12 -33.71 59.91
C GLU E 282 -1.61 -33.88 59.92
N THR E 283 -2.19 -34.43 58.86
CA THR E 283 -3.64 -34.35 58.73
C THR E 283 -4.39 -35.20 59.74
N THR E 284 -3.93 -36.42 59.99
CA THR E 284 -4.61 -37.27 60.97
C THR E 284 -4.75 -36.51 62.25
N SER E 285 -3.65 -35.94 62.68
CA SER E 285 -3.57 -35.19 63.91
C SER E 285 -4.43 -33.99 63.90
N THR E 286 -4.45 -33.30 62.79
CA THR E 286 -5.28 -32.11 62.69
C THR E 286 -6.76 -32.50 62.73
N THR E 287 -7.07 -33.63 62.10
CA THR E 287 -8.44 -34.15 62.09
C THR E 287 -8.88 -34.33 63.56
N LEU E 288 -7.98 -34.92 64.35
CA LEU E 288 -8.22 -35.08 65.76
C LEU E 288 -8.43 -33.74 66.48
N ARG E 289 -7.48 -32.83 66.29
CA ARG E 289 -7.56 -31.54 66.93
C ARG E 289 -8.90 -30.93 66.58
N TYR E 290 -9.27 -30.95 65.30
CA TYR E 290 -10.57 -30.40 64.93
C TYR E 290 -11.66 -31.17 65.63
N GLY E 291 -11.55 -32.49 65.65
CA GLY E 291 -12.58 -33.35 66.19
C GLY E 291 -12.97 -32.98 67.59
N PHE E 292 -11.98 -32.76 68.44
CA PHE E 292 -12.24 -32.52 69.87
C PHE E 292 -12.72 -31.11 70.14
N LEU E 293 -12.29 -30.16 69.31
CA LEU E 293 -12.91 -28.85 69.35
C LEU E 293 -14.40 -28.99 69.05
N LEU E 294 -14.73 -29.91 68.14
CA LEU E 294 -16.13 -30.17 67.84
C LEU E 294 -16.85 -30.84 69.01
N MET E 295 -16.13 -31.68 69.75
CA MET E 295 -16.71 -32.32 70.96
C MET E 295 -16.95 -31.29 72.08
N LEU E 296 -16.02 -30.36 72.24
CA LEU E 296 -16.23 -29.30 73.16
C LEU E 296 -17.48 -28.54 72.78
N LYS E 297 -17.70 -28.32 71.49
CA LYS E 297 -18.85 -27.54 71.04
C LYS E 297 -20.17 -28.31 70.85
N TYR E 298 -20.12 -29.63 70.97
CA TYR E 298 -21.33 -30.45 70.90
C TYR E 298 -21.18 -31.67 71.83
N PRO E 299 -21.39 -31.46 73.16
CA PRO E 299 -21.17 -32.59 74.04
C PRO E 299 -22.25 -33.68 73.89
N HIS E 300 -23.44 -33.34 73.43
CA HIS E 300 -24.40 -34.40 73.27
C HIS E 300 -23.86 -35.41 72.31
N VAL E 301 -23.25 -34.95 71.25
CA VAL E 301 -22.62 -35.87 70.31
C VAL E 301 -21.55 -36.73 71.04
N ALA E 302 -20.72 -36.09 71.86
CA ALA E 302 -19.62 -36.75 72.59
C ALA E 302 -20.14 -37.84 73.52
N GLU E 303 -21.15 -37.51 74.30
CA GLU E 303 -21.67 -38.48 75.26
C GLU E 303 -22.51 -39.56 74.60
N ARG E 304 -23.13 -39.22 73.47
CA ARG E 304 -23.81 -40.24 72.68
C ARG E 304 -22.79 -41.25 72.09
N VAL E 305 -21.59 -40.78 71.76
CA VAL E 305 -20.54 -41.68 71.30
C VAL E 305 -20.10 -42.59 72.44
N TYR E 306 -19.97 -42.01 73.64
CA TYR E 306 -19.63 -42.78 74.86
C TYR E 306 -20.64 -43.85 75.17
N ARG E 307 -21.92 -43.50 75.14
CA ARG E 307 -22.97 -44.51 75.29
C ARG E 307 -22.89 -45.66 74.26
N GLU E 308 -22.31 -45.43 73.09
CA GLU E 308 -22.07 -46.53 72.17
C GLU E 308 -20.79 -47.31 72.56
N ILE E 309 -19.76 -46.63 73.06
CA ILE E 309 -18.56 -47.32 73.56
C ILE E 309 -18.98 -48.24 74.72
N GLU E 310 -19.82 -47.72 75.61
CA GLU E 310 -20.22 -48.46 76.81
C GLU E 310 -20.97 -49.75 76.50
N GLN E 311 -21.71 -49.78 75.40
CA GLN E 311 -22.53 -50.93 75.06
C GLN E 311 -21.78 -51.95 74.20
N VAL E 312 -20.88 -51.48 73.35
CA VAL E 312 -20.13 -52.34 72.44
C VAL E 312 -18.80 -52.85 72.99
N ILE E 313 -18.09 -52.04 73.74
CA ILE E 313 -16.76 -52.37 74.16
C ILE E 313 -16.73 -52.49 75.69
N GLY E 314 -17.62 -51.76 76.35
CA GLY E 314 -17.55 -51.57 77.79
C GLY E 314 -16.47 -50.54 78.13
N PRO E 315 -16.25 -50.31 79.43
CA PRO E 315 -15.31 -49.27 79.82
C PRO E 315 -13.92 -49.81 80.13
N HIS E 316 -13.62 -51.03 79.67
CA HIS E 316 -12.34 -51.64 80.04
C HIS E 316 -11.48 -52.04 78.84
N ARG E 317 -12.02 -52.95 78.02
CA ARG E 317 -11.25 -53.55 76.94
C ARG E 317 -10.77 -52.47 75.95
N PRO E 318 -9.47 -52.48 75.61
CA PRO E 318 -8.97 -51.61 74.55
C PRO E 318 -9.78 -51.79 73.28
N PRO E 319 -10.33 -50.71 72.72
CA PRO E 319 -11.08 -50.83 71.49
C PRO E 319 -10.22 -51.41 70.37
N GLU E 320 -10.85 -51.93 69.33
CA GLU E 320 -10.12 -52.48 68.19
C GLU E 320 -10.88 -52.33 66.88
N LEU E 321 -10.20 -52.57 65.78
CA LEU E 321 -10.79 -52.31 64.50
C LEU E 321 -12.05 -53.15 64.25
N HIS E 322 -12.08 -54.36 64.78
CA HIS E 322 -13.28 -55.17 64.65
C HIS E 322 -14.53 -54.45 65.23
N ASP E 323 -14.33 -53.62 66.25
CA ASP E 323 -15.45 -52.92 66.92
C ASP E 323 -16.25 -52.05 65.99
N ARG E 324 -15.68 -51.76 64.82
CA ARG E 324 -16.24 -50.77 63.90
C ARG E 324 -17.67 -51.00 63.41
N ALA E 325 -17.91 -52.13 62.74
CA ALA E 325 -19.26 -52.45 62.25
C ALA E 325 -20.33 -52.28 63.32
N LYS E 326 -19.99 -52.63 64.57
CA LYS E 326 -20.93 -52.56 65.69
C LYS E 326 -21.18 -51.13 66.21
N MET E 327 -20.38 -50.18 65.73
CA MET E 327 -20.45 -48.79 66.20
C MET E 327 -20.75 -47.78 65.11
N PRO E 328 -21.97 -47.87 64.53
CA PRO E 328 -22.22 -47.01 63.37
C PRO E 328 -22.33 -45.54 63.72
N TYR E 329 -22.68 -45.20 64.96
CA TYR E 329 -22.77 -43.80 65.34
C TYR E 329 -21.39 -43.16 65.46
N THR E 330 -20.50 -43.78 66.22
CA THR E 330 -19.14 -43.33 66.33
C THR E 330 -18.55 -43.16 64.93
N GLU E 331 -18.71 -44.18 64.09
CA GLU E 331 -18.16 -44.11 62.75
C GLU E 331 -18.69 -42.95 61.93
N ALA E 332 -19.98 -42.63 62.09
CA ALA E 332 -20.62 -41.54 61.36
C ALA E 332 -20.11 -40.24 61.87
N VAL E 333 -19.88 -40.17 63.18
CA VAL E 333 -19.32 -39.00 63.81
C VAL E 333 -17.92 -38.71 63.26
N ILE E 334 -17.10 -39.73 63.11
CA ILE E 334 -15.77 -39.55 62.54
C ILE E 334 -15.84 -39.09 61.10
N TYR E 335 -16.69 -39.73 60.29
CA TYR E 335 -16.93 -39.30 58.92
C TYR E 335 -17.25 -37.80 58.90
N GLU E 336 -18.18 -37.39 59.75
CA GLU E 336 -18.60 -36.01 59.82
C GLU E 336 -17.49 -35.07 60.23
N ILE E 337 -16.63 -35.52 61.16
CA ILE E 337 -15.49 -34.70 61.59
C ILE E 337 -14.61 -34.44 60.37
N GLN E 338 -14.30 -35.49 59.62
CA GLN E 338 -13.50 -35.38 58.41
C GLN E 338 -14.17 -34.45 57.40
N ARG E 339 -15.47 -34.64 57.17
CA ARG E 339 -16.21 -33.82 56.23
C ARG E 339 -16.16 -32.35 56.58
N PHE E 340 -16.60 -32.03 57.79
CA PHE E 340 -16.61 -30.66 58.29
C PHE E 340 -15.21 -30.04 58.26
N SER E 341 -14.24 -30.78 58.79
CA SER E 341 -12.87 -30.31 58.89
C SER E 341 -12.31 -29.86 57.56
N ASP E 342 -12.66 -30.55 56.49
CA ASP E 342 -12.23 -30.15 55.18
C ASP E 342 -10.78 -29.77 55.16
N LEU E 343 -9.91 -30.72 55.50
CA LEU E 343 -8.51 -30.44 55.78
C LEU E 343 -7.58 -30.16 54.58
N LEU E 344 -8.10 -30.20 53.38
CA LEU E 344 -7.29 -29.98 52.22
C LEU E 344 -8.29 -29.60 51.21
N PRO E 345 -8.77 -28.40 51.31
CA PRO E 345 -9.98 -28.09 50.57
C PRO E 345 -9.76 -28.21 49.06
N MET E 346 -8.51 -28.06 48.63
CA MET E 346 -8.21 -28.12 47.20
C MET E 346 -7.43 -29.34 46.86
N GLY E 347 -7.28 -30.24 47.83
CA GLY E 347 -6.52 -31.46 47.65
C GLY E 347 -5.11 -31.07 47.35
N VAL E 348 -4.37 -31.86 46.56
CA VAL E 348 -3.03 -31.51 46.16
C VAL E 348 -3.06 -31.31 44.63
N PRO E 349 -2.34 -30.31 44.11
CA PRO E 349 -2.53 -30.05 42.66
C PRO E 349 -2.18 -31.22 41.74
N HIS E 350 -2.99 -31.40 40.71
CA HIS E 350 -2.70 -32.33 39.61
C HIS E 350 -2.33 -31.54 38.36
N ILE E 351 -1.79 -32.24 37.35
CA ILE E 351 -1.62 -31.76 35.97
C ILE E 351 -2.12 -32.83 35.04
N VAL E 352 -2.54 -32.49 33.85
CA VAL E 352 -2.96 -33.53 32.89
C VAL E 352 -1.73 -33.98 32.19
N THR E 353 -1.74 -35.23 31.77
CA THR E 353 -0.54 -35.89 31.21
C THR E 353 -0.53 -35.95 29.70
N GLN E 354 -1.66 -35.54 29.10
CA GLN E 354 -1.85 -35.38 27.67
C GLN E 354 -2.80 -34.21 27.35
N HIS E 355 -2.95 -33.91 26.05
CA HIS E 355 -4.02 -33.02 25.62
C HIS E 355 -5.35 -33.74 25.89
N THR E 356 -6.16 -33.21 26.80
CA THR E 356 -7.33 -33.92 27.29
C THR E 356 -8.64 -33.25 26.87
N SER E 357 -9.66 -34.06 26.56
CA SER E 357 -10.99 -33.55 26.42
C SER E 357 -11.75 -33.66 27.73
N PHE E 358 -12.47 -32.62 28.07
CA PHE E 358 -13.33 -32.66 29.23
C PHE E 358 -14.50 -31.76 29.00
N ARG E 359 -15.70 -32.34 29.12
CA ARG E 359 -16.94 -31.62 28.90
C ARG E 359 -16.86 -30.68 27.69
N GLY E 360 -16.29 -31.14 26.59
CA GLY E 360 -16.23 -30.29 25.40
C GLY E 360 -15.11 -29.28 25.36
N TYR E 361 -14.38 -29.13 26.47
CA TYR E 361 -13.24 -28.23 26.55
C TYR E 361 -11.96 -28.99 26.30
N ILE E 362 -10.86 -28.30 25.99
CA ILE E 362 -9.58 -28.94 25.83
C ILE E 362 -8.58 -28.38 26.82
N ILE E 363 -7.99 -29.25 27.62
CA ILE E 363 -6.95 -28.90 28.57
C ILE E 363 -5.56 -29.38 28.12
N PRO E 364 -4.67 -28.48 27.63
CA PRO E 364 -3.35 -28.89 27.16
C PRO E 364 -2.50 -29.70 28.15
N LYS E 365 -1.77 -30.63 27.62
CA LYS E 365 -0.93 -31.48 28.39
C LYS E 365 -0.16 -30.64 29.31
N ASP E 366 -0.10 -31.01 30.57
CA ASP E 366 0.71 -30.28 31.49
C ASP E 366 0.07 -29.10 32.14
N THR E 367 -1.20 -28.88 31.90
CA THR E 367 -1.91 -27.84 32.57
C THR E 367 -2.27 -28.30 33.94
N GLU E 368 -2.22 -27.39 34.90
CA GLU E 368 -2.54 -27.77 36.29
C GLU E 368 -4.03 -27.79 36.47
N VAL E 369 -4.45 -28.72 37.31
CA VAL E 369 -5.83 -28.89 37.63
C VAL E 369 -5.93 -29.00 39.15
N PHE E 370 -6.84 -28.22 39.75
CA PHE E 370 -7.13 -28.34 41.18
C PHE E 370 -8.44 -29.06 41.27
N LEU E 371 -8.55 -30.07 42.13
CA LEU E 371 -9.87 -30.64 42.37
C LEU E 371 -10.33 -30.11 43.71
N ILE E 372 -11.41 -29.33 43.70
CA ILE E 372 -11.79 -28.60 44.88
C ILE E 372 -12.57 -29.55 45.71
N LEU E 373 -11.84 -30.36 46.46
CA LEU E 373 -12.47 -31.43 47.22
C LEU E 373 -13.57 -30.85 48.10
N SER E 374 -13.35 -29.62 48.58
CA SER E 374 -14.27 -29.03 49.51
C SER E 374 -15.65 -28.84 48.91
N THR E 375 -15.76 -28.73 47.59
CA THR E 375 -17.07 -28.58 47.01
C THR E 375 -17.83 -29.91 47.00
N ALA E 376 -17.10 -31.01 47.14
CA ALA E 376 -17.75 -32.32 47.22
C ALA E 376 -18.26 -32.54 48.62
N LEU E 377 -17.40 -32.26 49.56
CA LEU E 377 -17.72 -32.40 50.97
C LEU E 377 -18.87 -31.45 51.45
N HIS E 378 -19.28 -30.50 50.62
CA HIS E 378 -20.28 -29.49 51.03
C HIS E 378 -21.42 -29.47 50.05
N ASP E 379 -21.40 -30.38 49.08
CA ASP E 379 -22.43 -30.53 48.06
C ASP E 379 -23.78 -30.72 48.72
N PRO E 380 -24.73 -29.79 48.52
CA PRO E 380 -26.06 -29.84 49.14
C PRO E 380 -27.00 -30.93 48.65
N HIS E 381 -26.73 -31.59 47.51
CA HIS E 381 -27.53 -32.77 47.09
C HIS E 381 -27.31 -33.92 48.10
N TYR E 382 -26.10 -33.99 48.65
CA TYR E 382 -25.66 -35.11 49.48
C TYR E 382 -25.70 -34.86 50.99
N PHE E 383 -25.64 -33.60 51.38
CA PHE E 383 -25.63 -33.23 52.78
C PHE E 383 -26.64 -32.13 52.96
N GLU E 384 -27.40 -32.19 54.05
CA GLU E 384 -28.55 -31.29 54.18
C GLU E 384 -28.19 -29.90 54.72
N LYS E 385 -27.33 -29.85 55.71
CA LYS E 385 -26.83 -28.59 56.20
C LYS E 385 -25.37 -28.60 56.01
N PRO E 386 -24.91 -28.43 54.79
CA PRO E 386 -23.50 -28.66 54.51
C PRO E 386 -22.57 -27.82 55.39
N ASP E 387 -23.07 -26.71 55.89
CA ASP E 387 -22.22 -25.84 56.66
C ASP E 387 -22.10 -26.19 58.13
N ALA E 388 -23.05 -26.99 58.62
CA ALA E 388 -23.16 -27.33 60.04
C ALA E 388 -22.57 -28.68 60.33
N PHE E 389 -22.15 -28.86 61.56
CA PHE E 389 -21.68 -30.17 62.04
C PHE E 389 -22.84 -31.05 62.52
N ASN E 390 -23.14 -32.09 61.73
CA ASN E 390 -24.29 -32.94 61.95
C ASN E 390 -24.06 -34.40 61.49
N PRO E 391 -23.82 -35.31 62.45
CA PRO E 391 -23.52 -36.70 62.16
C PRO E 391 -24.64 -37.40 61.40
N ASP E 392 -25.86 -36.89 61.52
CA ASP E 392 -26.99 -37.47 60.80
C ASP E 392 -26.78 -37.38 59.29
N HIS E 393 -25.72 -36.69 58.89
CA HIS E 393 -25.25 -36.68 57.50
C HIS E 393 -24.75 -38.04 57.02
N PHE E 394 -24.32 -38.88 57.96
CA PHE E 394 -23.83 -40.24 57.65
C PHE E 394 -24.65 -41.35 58.30
N LEU E 395 -25.92 -41.05 58.62
CA LEU E 395 -26.84 -42.01 59.20
C LEU E 395 -28.17 -42.00 58.47
N ASP E 396 -28.74 -43.20 58.20
CA ASP E 396 -30.11 -43.34 57.66
C ASP E 396 -31.15 -43.25 58.79
N ALA E 397 -32.40 -43.57 58.49
CA ALA E 397 -33.48 -43.35 59.47
C ALA E 397 -33.39 -44.27 60.71
N ASN E 398 -32.89 -45.49 60.49
CA ASN E 398 -32.71 -46.49 61.56
C ASN E 398 -31.48 -46.30 62.44
N GLY E 399 -30.72 -45.22 62.23
CA GLY E 399 -29.45 -45.00 62.92
C GLY E 399 -28.31 -45.90 62.44
N ALA E 400 -28.44 -46.44 61.24
CA ALA E 400 -27.39 -47.27 60.61
C ALA E 400 -26.40 -46.40 59.84
N LEU E 401 -25.21 -46.92 59.57
CA LEU E 401 -24.20 -46.16 58.87
C LEU E 401 -24.66 -45.89 57.45
N LYS E 402 -24.52 -44.66 56.97
CA LYS E 402 -24.84 -44.35 55.56
C LYS E 402 -23.69 -43.67 54.88
N LYS E 403 -22.90 -44.46 54.16
CA LYS E 403 -21.77 -44.01 53.36
C LYS E 403 -22.30 -43.30 52.14
N THR E 404 -21.53 -42.35 51.59
CA THR E 404 -21.98 -41.59 50.43
C THR E 404 -20.92 -41.33 49.40
N GLU E 405 -21.36 -41.33 48.15
CA GLU E 405 -20.56 -41.02 46.99
C GLU E 405 -19.67 -39.75 47.15
N ALA E 406 -20.18 -38.76 47.89
CA ALA E 406 -19.57 -37.45 48.04
C ALA E 406 -18.47 -37.36 49.10
N PHE E 407 -18.42 -38.32 50.01
CA PHE E 407 -17.37 -38.27 51.02
C PHE E 407 -16.04 -38.67 50.44
N ILE E 408 -15.31 -37.67 49.94
CA ILE E 408 -14.03 -37.91 49.23
C ILE E 408 -12.83 -37.10 49.79
N PRO E 409 -12.67 -37.09 51.13
CA PRO E 409 -11.62 -36.23 51.67
C PRO E 409 -10.21 -36.73 51.35
N PHE E 410 -10.12 -37.89 50.74
CA PHE E 410 -8.84 -38.49 50.43
C PHE E 410 -8.53 -38.39 48.97
N SER E 411 -9.43 -37.69 48.24
CA SER E 411 -9.46 -37.68 46.80
C SER E 411 -9.77 -39.10 46.19
N LEU E 412 -9.47 -39.30 44.90
CA LEU E 412 -9.84 -40.49 44.16
C LEU E 412 -8.78 -40.77 43.13
N GLY E 413 -8.90 -41.95 42.49
CA GLY E 413 -8.08 -42.28 41.30
C GLY E 413 -6.65 -42.68 41.60
N LYS E 414 -5.80 -42.67 40.60
CA LYS E 414 -4.44 -43.09 40.79
C LYS E 414 -3.61 -42.41 41.83
N ARG E 415 -3.93 -41.21 42.22
CA ARG E 415 -3.03 -40.39 42.99
C ARG E 415 -3.59 -40.31 44.35
N ILE E 416 -4.68 -40.98 44.55
CA ILE E 416 -5.30 -40.96 45.82
C ILE E 416 -4.28 -41.34 46.82
N CYS E 417 -4.71 -40.88 48.00
CA CYS E 417 -4.02 -40.73 49.26
C CYS E 417 -3.82 -42.10 49.78
N LEU E 418 -2.56 -42.44 49.75
CA LEU E 418 -2.06 -43.79 49.94
C LEU E 418 -1.98 -44.15 51.42
N GLY E 419 -2.57 -43.32 52.26
CA GLY E 419 -2.58 -43.54 53.70
C GLY E 419 -3.97 -43.55 54.28
N GLU E 420 -4.97 -43.62 53.42
CA GLU E 420 -6.36 -43.65 53.85
C GLU E 420 -6.60 -44.70 54.93
N GLY E 421 -6.26 -45.94 54.61
CA GLY E 421 -6.43 -47.04 55.54
C GLY E 421 -5.89 -46.72 56.92
N ILE E 422 -4.59 -46.46 56.99
CA ILE E 422 -3.94 -46.15 58.26
C ILE E 422 -4.56 -44.91 58.91
N ALA E 423 -4.96 -43.95 58.07
CA ALA E 423 -5.57 -42.72 58.56
C ALA E 423 -6.88 -43.00 59.29
N ARG E 424 -7.69 -43.88 58.71
CA ARG E 424 -8.99 -44.24 59.31
C ARG E 424 -8.89 -45.18 60.52
N ALA E 425 -7.91 -46.07 60.49
CA ALA E 425 -7.56 -46.88 61.64
C ALA E 425 -7.18 -45.94 62.78
N GLU E 426 -6.15 -45.12 62.58
CA GLU E 426 -5.74 -44.16 63.60
C GLU E 426 -6.90 -43.33 64.12
N LEU E 427 -7.74 -42.86 63.20
CA LEU E 427 -8.83 -41.98 63.57
C LEU E 427 -9.77 -42.64 64.55
N PHE E 428 -10.38 -43.73 64.13
CA PHE E 428 -11.26 -44.52 65.01
C PHE E 428 -10.55 -45.03 66.28
N LEU E 429 -9.35 -45.60 66.15
CA LEU E 429 -8.72 -46.12 67.35
C LEU E 429 -8.47 -45.02 68.36
N PHE E 430 -7.68 -44.01 68.01
CA PHE E 430 -7.39 -42.89 68.91
C PHE E 430 -8.65 -42.19 69.46
N PHE E 431 -9.65 -42.02 68.62
CA PHE E 431 -10.85 -41.31 69.04
C PHE E 431 -11.60 -42.01 70.18
N THR E 432 -12.00 -43.25 69.90
CA THR E 432 -12.75 -44.13 70.80
C THR E 432 -11.96 -44.43 72.08
N THR E 433 -10.71 -44.85 71.92
CA THR E 433 -9.85 -45.11 73.08
C THR E 433 -9.77 -43.90 74.01
N ILE E 434 -9.75 -42.68 73.47
CA ILE E 434 -9.76 -41.50 74.31
C ILE E 434 -11.13 -41.31 74.95
N LEU E 435 -12.21 -41.37 74.18
CA LEU E 435 -13.54 -41.15 74.74
C LEU E 435 -13.95 -42.19 75.80
N GLN E 436 -13.55 -43.45 75.59
CA GLN E 436 -13.71 -44.50 76.58
C GLN E 436 -13.26 -44.01 77.96
N ASN E 437 -12.04 -43.50 78.05
CA ASN E 437 -11.41 -43.15 79.32
C ASN E 437 -11.65 -41.72 79.90
N PHE E 438 -11.98 -40.76 79.04
CA PHE E 438 -12.03 -39.34 79.45
C PHE E 438 -13.26 -38.61 78.96
N SER E 439 -13.54 -37.52 79.65
CA SER E 439 -14.65 -36.66 79.34
C SER E 439 -13.99 -35.32 79.07
N MET E 440 -14.70 -34.41 78.42
CA MET E 440 -14.06 -33.15 78.00
C MET E 440 -14.71 -31.86 78.51
N ALA E 441 -13.88 -30.95 79.01
CA ALA E 441 -14.35 -29.61 79.36
C ALA E 441 -13.31 -28.52 79.03
N SER E 442 -13.79 -27.28 78.83
CA SER E 442 -12.95 -26.08 78.56
C SER E 442 -13.52 -24.86 79.31
N PRO E 443 -12.72 -23.79 79.40
CA PRO E 443 -13.15 -22.57 80.08
C PRO E 443 -14.21 -21.82 79.27
N VAL E 444 -14.26 -22.08 77.97
CA VAL E 444 -15.22 -21.42 77.09
C VAL E 444 -16.53 -22.22 77.02
N ALA E 445 -17.60 -21.53 76.65
CA ALA E 445 -18.91 -22.17 76.54
C ALA E 445 -19.08 -22.85 75.19
N PRO E 446 -19.98 -23.82 75.13
CA PRO E 446 -20.24 -24.56 73.89
C PRO E 446 -20.62 -23.62 72.75
N GLU E 447 -21.73 -22.90 72.92
CA GLU E 447 -22.19 -21.98 71.90
C GLU E 447 -21.25 -20.78 71.75
N ASP E 448 -20.31 -20.67 72.68
CA ASP E 448 -19.33 -19.60 72.65
C ASP E 448 -18.07 -20.00 71.90
N ILE E 449 -17.97 -21.27 71.55
CA ILE E 449 -16.82 -21.80 70.83
C ILE E 449 -16.83 -21.34 69.38
N ASP E 450 -15.67 -20.86 68.91
CA ASP E 450 -15.55 -20.39 67.54
C ASP E 450 -14.82 -21.39 66.66
N LEU E 451 -15.53 -21.91 65.67
CA LEU E 451 -14.99 -22.93 64.76
C LEU E 451 -14.19 -22.38 63.57
N THR E 452 -14.06 -21.05 63.48
CA THR E 452 -13.38 -20.41 62.39
C THR E 452 -11.91 -20.83 62.37
N PRO E 453 -11.44 -21.31 61.22
CA PRO E 453 -10.07 -21.79 61.06
C PRO E 453 -9.07 -20.63 61.06
N GLN E 454 -7.97 -20.84 61.77
CA GLN E 454 -6.92 -19.85 61.87
C GLN E 454 -6.07 -19.71 60.59
N GLU E 455 -6.18 -20.68 59.69
CA GLU E 455 -5.65 -20.59 58.32
C GLU E 455 -6.57 -21.36 57.36
N CYS E 456 -6.65 -20.91 56.10
CA CYS E 456 -7.45 -21.59 55.10
C CYS E 456 -6.76 -21.43 53.77
N GLY E 457 -5.71 -22.20 53.56
CA GLY E 457 -5.03 -22.27 52.26
C GLY E 457 -5.00 -23.67 51.67
N VAL E 458 -3.80 -24.16 51.37
CA VAL E 458 -3.64 -25.56 51.02
C VAL E 458 -4.29 -26.40 52.14
N GLY E 459 -3.95 -26.12 53.39
CA GLY E 459 -4.65 -26.72 54.51
C GLY E 459 -5.63 -25.78 55.16
N LYS E 460 -6.68 -26.32 55.77
CA LYS E 460 -7.57 -25.59 56.66
C LYS E 460 -7.14 -25.95 58.07
N ILE E 461 -6.87 -24.92 58.88
CA ILE E 461 -6.24 -25.12 60.21
C ILE E 461 -7.14 -24.58 61.34
N PRO E 462 -7.51 -25.45 62.29
CA PRO E 462 -8.41 -25.04 63.37
C PRO E 462 -7.75 -24.03 64.31
N PRO E 463 -8.56 -23.23 65.01
CA PRO E 463 -8.00 -22.25 65.93
C PRO E 463 -7.35 -22.97 67.11
N THR E 464 -6.44 -22.31 67.83
CA THR E 464 -5.94 -22.88 69.08
C THR E 464 -7.06 -22.89 70.10
N TYR E 465 -7.08 -23.93 70.90
CA TYR E 465 -8.00 -24.02 72.04
C TYR E 465 -7.29 -24.78 73.14
N GLN E 466 -7.79 -24.55 74.36
CA GLN E 466 -7.35 -25.23 75.57
C GLN E 466 -8.45 -26.24 75.93
N ILE E 467 -8.04 -27.38 76.50
CA ILE E 467 -8.99 -28.47 76.80
C ILE E 467 -8.61 -29.27 78.05
N ARG E 468 -9.64 -29.86 78.66
CA ARG E 468 -9.53 -30.73 79.84
C ARG E 468 -10.04 -32.17 79.62
N PHE E 469 -9.32 -33.14 80.18
CA PHE E 469 -9.71 -34.54 80.05
C PHE E 469 -10.26 -35.06 81.38
N LEU E 470 -11.58 -35.08 81.49
CA LEU E 470 -12.25 -35.51 82.72
C LEU E 470 -12.53 -37.00 82.60
N PRO E 471 -11.62 -37.81 83.11
CA PRO E 471 -11.83 -39.25 83.20
C PRO E 471 -13.01 -39.66 84.09
N ARG E 472 -13.59 -40.80 83.73
CA ARG E 472 -14.70 -41.48 84.42
C ARG E 472 -14.13 -42.72 85.12
N HIS E 473 -14.86 -43.22 86.13
CA HIS E 473 -14.48 -44.42 86.87
C HIS E 473 -15.75 -45.15 87.29
N GLY F 9 -17.65 -5.04 -32.01
CA GLY F 9 -18.59 -6.04 -32.45
C GLY F 9 -18.86 -5.97 -33.94
N LYS F 10 -18.28 -4.96 -34.59
CA LYS F 10 -18.45 -4.78 -36.03
C LYS F 10 -17.13 -4.91 -36.78
N LEU F 11 -17.09 -4.39 -38.00
CA LEU F 11 -15.89 -4.46 -38.83
C LEU F 11 -14.70 -3.96 -38.02
N PRO F 12 -13.49 -4.32 -38.41
CA PRO F 12 -12.36 -3.79 -37.62
C PRO F 12 -12.24 -2.26 -37.59
N PRO F 13 -11.55 -1.71 -36.59
CA PRO F 13 -11.52 -0.26 -36.46
C PRO F 13 -10.62 0.32 -37.50
N GLY F 14 -10.69 1.62 -37.74
CA GLY F 14 -9.90 2.26 -38.79
C GLY F 14 -10.18 3.73 -38.96
N PRO F 15 -9.47 4.38 -39.89
CA PRO F 15 -9.69 5.78 -40.18
C PRO F 15 -11.10 6.01 -40.70
N ARG F 16 -11.80 6.95 -40.11
CA ARG F 16 -13.13 7.32 -40.54
C ARG F 16 -13.11 7.75 -41.95
N PRO F 17 -14.00 7.22 -42.76
CA PRO F 17 -13.99 7.52 -44.19
C PRO F 17 -14.93 8.65 -44.55
N LEU F 18 -14.66 9.28 -45.70
CA LEU F 18 -15.57 10.21 -46.36
C LEU F 18 -16.42 9.50 -47.44
N PRO F 19 -17.67 9.96 -47.65
CA PRO F 19 -18.41 9.36 -48.76
C PRO F 19 -17.54 9.55 -49.97
N LEU F 20 -17.63 8.65 -50.95
CA LEU F 20 -16.93 8.88 -52.18
C LEU F 20 -15.42 8.71 -52.01
N LEU F 21 -14.80 9.41 -51.07
CA LEU F 21 -13.35 9.32 -51.08
C LEU F 21 -12.76 8.20 -50.25
N GLY F 22 -13.60 7.53 -49.48
CA GLY F 22 -13.20 6.62 -48.40
C GLY F 22 -12.16 7.33 -47.56
N ASN F 23 -10.98 6.75 -47.46
CA ASN F 23 -9.90 7.34 -46.70
C ASN F 23 -8.82 7.99 -47.54
N LEU F 24 -9.14 8.48 -48.74
CA LEU F 24 -8.15 9.09 -49.60
C LEU F 24 -7.30 10.14 -48.87
N LEU F 25 -7.98 11.04 -48.13
CA LEU F 25 -7.30 12.18 -47.51
C LEU F 25 -6.43 11.75 -46.33
N GLN F 26 -6.56 10.50 -45.88
CA GLN F 26 -5.64 9.96 -44.85
C GLN F 26 -4.55 9.08 -45.43
N MET F 27 -4.46 8.92 -46.72
CA MET F 27 -3.37 8.10 -47.24
C MET F 27 -2.06 8.85 -47.19
N ASP F 28 -1.01 8.14 -47.57
CA ASP F 28 0.32 8.70 -47.68
C ASP F 28 0.67 8.77 -49.16
N ARG F 29 1.34 9.84 -49.55
CA ARG F 29 1.63 10.11 -50.95
C ARG F 29 2.47 9.03 -51.55
N ARG F 30 2.99 8.15 -50.72
CA ARG F 30 4.07 7.31 -51.14
C ARG F 30 3.48 6.01 -51.61
N GLY F 31 2.27 5.78 -51.17
CA GLY F 31 1.45 4.73 -51.74
C GLY F 31 0.71 3.89 -50.73
N LEU F 32 0.17 2.79 -51.21
CA LEU F 32 -0.78 2.00 -50.43
C LEU F 32 -0.13 1.43 -49.19
N LEU F 33 1.06 0.85 -49.37
CA LEU F 33 1.73 0.18 -48.27
C LEU F 33 2.10 1.15 -47.13
N LYS F 34 2.71 2.29 -47.50
CA LYS F 34 3.07 3.32 -46.51
C LYS F 34 1.88 3.69 -45.69
N SER F 35 0.76 3.93 -46.41
CA SER F 35 -0.52 4.28 -45.80
C SER F 35 -0.90 3.23 -44.78
N PHE F 36 -0.85 1.97 -45.20
CA PHE F 36 -1.18 0.87 -44.32
C PHE F 36 -0.33 0.76 -43.04
N LEU F 37 1.01 0.82 -43.23
CA LEU F 37 1.96 0.82 -42.09
C LEU F 37 1.67 1.95 -41.08
N ARG F 38 1.31 3.10 -41.57
CA ARG F 38 0.88 4.13 -40.68
C ARG F 38 -0.39 3.74 -39.98
N PHE F 39 -1.45 3.45 -40.71
CA PHE F 39 -2.72 3.06 -40.06
C PHE F 39 -2.46 2.03 -38.98
N ARG F 40 -1.54 1.11 -39.25
CA ARG F 40 -1.17 0.10 -38.25
C ARG F 40 -0.63 0.64 -36.92
N GLU F 41 0.24 1.67 -36.99
CA GLU F 41 0.74 2.33 -35.77
C GLU F 41 -0.41 2.80 -34.91
N LYS F 42 -1.44 3.33 -35.54
CA LYS F 42 -2.58 3.81 -34.78
C LYS F 42 -3.58 2.71 -34.37
N TYR F 43 -3.94 1.82 -35.28
CA TYR F 43 -5.11 0.97 -35.04
C TYR F 43 -4.87 -0.48 -34.60
N GLY F 44 -3.63 -0.97 -34.75
CA GLY F 44 -3.31 -2.34 -34.41
C GLY F 44 -3.03 -3.22 -35.62
N ASP F 45 -3.00 -4.53 -35.42
CA ASP F 45 -2.74 -5.47 -36.50
C ASP F 45 -3.95 -5.70 -37.41
N VAL F 46 -5.15 -5.42 -36.92
CA VAL F 46 -6.34 -5.68 -37.72
C VAL F 46 -7.16 -4.44 -37.84
N PHE F 47 -7.29 -3.92 -39.06
CA PHE F 47 -8.08 -2.71 -39.31
C PHE F 47 -8.71 -2.63 -40.73
N THR F 48 -9.74 -1.78 -40.82
CA THR F 48 -10.44 -1.52 -42.06
C THR F 48 -9.92 -0.22 -42.69
N VAL F 49 -9.81 -0.16 -44.00
CA VAL F 49 -9.47 1.07 -44.66
C VAL F 49 -10.32 1.17 -45.86
N HIS F 50 -10.97 2.30 -46.06
CA HIS F 50 -11.87 2.39 -47.16
C HIS F 50 -11.14 2.77 -48.42
N LEU F 51 -10.89 1.80 -49.32
CA LEU F 51 -10.28 2.09 -50.61
C LEU F 51 -11.40 2.50 -51.54
N GLY F 52 -11.41 3.78 -51.92
CA GLY F 52 -12.56 4.31 -52.66
C GLY F 52 -13.83 3.94 -51.92
N PRO F 53 -14.79 3.37 -52.64
CA PRO F 53 -16.14 3.20 -52.14
C PRO F 53 -16.34 1.96 -51.29
N ARG F 54 -15.28 1.25 -50.94
CA ARG F 54 -15.46 -0.02 -50.24
C ARG F 54 -14.49 -0.23 -49.07
N PRO F 55 -14.93 -1.01 -48.09
CA PRO F 55 -14.06 -1.35 -46.99
C PRO F 55 -13.22 -2.57 -47.30
N VAL F 56 -11.94 -2.51 -46.97
CA VAL F 56 -11.01 -3.59 -47.20
C VAL F 56 -10.21 -3.80 -45.94
N VAL F 57 -10.23 -5.03 -45.42
CA VAL F 57 -9.64 -5.30 -44.10
C VAL F 57 -8.18 -5.68 -44.31
N MET F 58 -7.30 -5.07 -43.53
CA MET F 58 -5.89 -5.38 -43.54
C MET F 58 -5.52 -6.18 -42.32
N LEU F 59 -4.68 -7.16 -42.54
CA LEU F 59 -4.14 -8.04 -41.46
C LEU F 59 -2.60 -8.01 -41.49
N CYS F 60 -2.01 -7.64 -40.35
CA CYS F 60 -0.59 -7.43 -40.23
C CYS F 60 0.00 -8.24 -39.10
N GLY F 61 1.24 -8.69 -39.32
CA GLY F 61 1.94 -9.49 -38.29
C GLY F 61 1.67 -10.97 -38.51
N VAL F 62 2.64 -11.81 -38.16
CA VAL F 62 2.55 -13.25 -38.41
C VAL F 62 1.40 -13.89 -37.62
N GLU F 63 1.25 -13.56 -36.33
CA GLU F 63 0.07 -14.04 -35.59
C GLU F 63 -1.19 -13.95 -36.46
N ALA F 64 -1.50 -12.70 -36.86
CA ALA F 64 -2.78 -12.39 -37.49
C ALA F 64 -2.91 -13.08 -38.83
N ILE F 65 -1.94 -12.87 -39.70
CA ILE F 65 -1.92 -13.54 -40.98
C ILE F 65 -2.12 -15.07 -40.82
N ARG F 66 -1.30 -15.68 -39.96
CA ARG F 66 -1.37 -17.13 -39.67
C ARG F 66 -2.78 -17.58 -39.17
N GLU F 67 -3.35 -16.76 -38.30
CA GLU F 67 -4.60 -17.10 -37.65
C GLU F 67 -5.70 -17.11 -38.72
N ALA F 68 -5.53 -16.30 -39.77
CA ALA F 68 -6.57 -16.24 -40.78
C ALA F 68 -6.39 -17.30 -41.84
N LEU F 69 -5.25 -17.26 -42.53
CA LEU F 69 -5.00 -18.13 -43.68
C LEU F 69 -4.81 -19.58 -43.28
N VAL F 70 -4.62 -19.84 -41.98
CA VAL F 70 -4.41 -21.19 -41.55
C VAL F 70 -5.54 -21.63 -40.66
N ASP F 71 -5.61 -21.07 -39.49
CA ASP F 71 -6.66 -21.48 -38.55
C ASP F 71 -8.07 -21.35 -39.06
N LYS F 72 -8.27 -20.43 -39.98
CA LYS F 72 -9.59 -20.05 -40.47
C LYS F 72 -9.62 -20.15 -41.96
N ALA F 73 -8.64 -20.86 -42.51
CA ALA F 73 -8.47 -21.04 -43.95
C ALA F 73 -9.80 -21.05 -44.68
N GLU F 74 -10.74 -21.87 -44.23
CA GLU F 74 -11.99 -21.97 -44.96
C GLU F 74 -12.54 -20.56 -45.24
N ALA F 75 -12.79 -19.81 -44.15
CA ALA F 75 -13.26 -18.42 -44.26
C ALA F 75 -12.38 -17.51 -45.14
N PHE F 76 -11.07 -17.57 -45.00
CA PHE F 76 -10.21 -16.63 -45.68
C PHE F 76 -9.56 -17.04 -46.97
N SER F 77 -10.14 -18.03 -47.67
CA SER F 77 -9.47 -18.72 -48.80
C SER F 77 -9.97 -18.26 -50.18
N GLY F 78 -10.95 -17.34 -50.16
CA GLY F 78 -11.47 -16.71 -51.38
C GLY F 78 -10.49 -15.70 -51.96
N ARG F 79 -10.71 -15.38 -53.24
CA ARG F 79 -9.80 -14.45 -53.96
C ARG F 79 -10.44 -13.08 -54.28
N GLY F 80 -9.71 -12.03 -54.01
CA GLY F 80 -10.20 -10.69 -54.36
C GLY F 80 -9.85 -10.37 -55.78
N LYS F 81 -10.00 -9.10 -56.21
CA LYS F 81 -9.64 -8.73 -57.58
C LYS F 81 -8.53 -7.69 -57.55
N ILE F 82 -7.75 -7.64 -58.64
CA ILE F 82 -6.78 -6.57 -58.83
C ILE F 82 -7.30 -5.63 -59.91
N ALA F 83 -7.74 -4.46 -59.47
CA ALA F 83 -8.60 -3.57 -60.27
C ALA F 83 -7.99 -3.40 -61.64
N MET F 84 -6.69 -3.30 -61.64
CA MET F 84 -5.97 -3.00 -62.84
C MET F 84 -6.02 -4.11 -63.93
N VAL F 85 -6.27 -5.36 -63.50
CA VAL F 85 -6.31 -6.53 -64.43
C VAL F 85 -7.64 -7.27 -64.47
N ASP F 86 -8.48 -6.98 -63.48
CA ASP F 86 -9.76 -7.65 -63.45
C ASP F 86 -10.60 -7.49 -64.74
N PRO F 87 -10.47 -6.34 -65.46
CA PRO F 87 -11.25 -6.29 -66.71
C PRO F 87 -10.89 -7.46 -67.63
N PHE F 88 -9.62 -7.84 -67.62
CA PHE F 88 -9.13 -8.84 -68.53
C PHE F 88 -9.49 -10.23 -68.02
N PHE F 89 -9.13 -10.52 -66.77
CA PHE F 89 -9.43 -11.84 -66.19
C PHE F 89 -10.91 -12.11 -65.88
N ARG F 90 -11.54 -11.28 -65.06
CA ARG F 90 -12.96 -11.45 -64.65
C ARG F 90 -13.14 -12.84 -64.10
N GLY F 91 -12.24 -13.19 -63.20
CA GLY F 91 -12.38 -14.40 -62.40
C GLY F 91 -12.04 -15.68 -63.15
N TYR F 92 -11.38 -15.58 -64.30
CA TYR F 92 -10.84 -16.78 -64.95
C TYR F 92 -9.37 -17.08 -64.59
N GLY F 93 -8.96 -18.34 -64.68
CA GLY F 93 -7.59 -18.68 -64.39
C GLY F 93 -7.47 -18.98 -62.92
N VAL F 94 -6.45 -19.76 -62.57
CA VAL F 94 -6.42 -20.30 -61.25
C VAL F 94 -6.28 -19.17 -60.26
N ILE F 95 -5.39 -18.21 -60.56
CA ILE F 95 -5.04 -17.07 -59.67
C ILE F 95 -6.24 -16.25 -59.23
N PHE F 96 -7.05 -15.87 -60.22
CA PHE F 96 -8.20 -15.02 -59.97
C PHE F 96 -9.54 -15.73 -59.79
N ALA F 97 -9.53 -17.06 -59.65
CA ALA F 97 -10.82 -17.79 -59.68
C ALA F 97 -11.34 -17.99 -58.25
N ASN F 98 -12.61 -18.40 -58.14
CA ASN F 98 -13.15 -18.71 -56.84
C ASN F 98 -14.03 -19.97 -56.94
N GLY F 99 -14.48 -20.48 -55.78
CA GLY F 99 -15.30 -21.69 -55.73
C GLY F 99 -14.73 -22.77 -56.65
N ASN F 100 -15.64 -23.48 -57.32
CA ASN F 100 -15.27 -24.67 -58.04
C ASN F 100 -14.24 -24.39 -59.10
N ARG F 101 -14.50 -23.43 -59.97
CA ARG F 101 -13.52 -23.09 -60.98
C ARG F 101 -12.09 -23.07 -60.38
N TRP F 102 -11.94 -22.56 -59.15
CA TRP F 102 -10.61 -22.45 -58.60
C TRP F 102 -10.18 -23.84 -58.22
N LYS F 103 -11.08 -24.54 -57.53
CA LYS F 103 -10.83 -25.91 -57.12
C LYS F 103 -10.23 -26.70 -58.30
N VAL F 104 -11.03 -26.84 -59.34
CA VAL F 104 -10.65 -27.56 -60.52
C VAL F 104 -9.30 -27.08 -61.04
N LEU F 105 -9.16 -25.78 -61.16
CA LEU F 105 -8.02 -25.21 -61.88
C LEU F 105 -6.75 -25.32 -61.05
N ARG F 106 -6.90 -25.26 -59.72
CA ARG F 106 -5.77 -25.38 -58.76
C ARG F 106 -5.27 -26.82 -58.79
N ARG F 107 -6.22 -27.76 -58.63
CA ARG F 107 -5.87 -29.16 -58.73
C ARG F 107 -5.19 -29.40 -60.06
N PHE F 108 -5.85 -29.10 -61.16
CA PHE F 108 -5.24 -29.32 -62.44
C PHE F 108 -3.82 -28.77 -62.42
N SER F 109 -3.67 -27.48 -62.10
CA SER F 109 -2.38 -26.80 -62.23
C SER F 109 -1.29 -27.44 -61.36
N VAL F 110 -1.63 -27.68 -60.08
CA VAL F 110 -0.71 -28.31 -59.12
C VAL F 110 -0.22 -29.68 -59.65
N THR F 111 -1.14 -30.55 -60.07
CA THR F 111 -0.72 -31.87 -60.60
C THR F 111 0.13 -31.76 -61.88
N THR F 112 -0.28 -31.05 -62.88
CA THR F 112 0.54 -31.03 -64.06
C THR F 112 1.76 -30.09 -64.02
N MET F 113 1.94 -29.33 -62.93
CA MET F 113 3.25 -28.69 -62.67
C MET F 113 4.20 -29.78 -62.12
N ARG F 114 3.61 -30.73 -61.41
CA ARG F 114 4.34 -31.78 -60.73
C ARG F 114 4.72 -32.86 -61.71
N ASP F 115 3.72 -33.42 -62.39
CA ASP F 115 3.91 -34.38 -63.48
C ASP F 115 5.41 -34.60 -63.79
N SER F 122 12.61 -34.03 -66.31
CA SER F 122 12.36 -33.62 -64.94
C SER F 122 12.50 -32.11 -64.78
N VAL F 123 11.96 -31.58 -63.69
CA VAL F 123 12.02 -30.16 -63.41
C VAL F 123 13.47 -29.71 -63.14
N GLU F 124 14.08 -30.35 -62.11
CA GLU F 124 15.47 -30.12 -61.69
C GLU F 124 16.43 -30.16 -62.89
N GLU F 125 16.23 -31.18 -63.73
CA GLU F 125 17.02 -31.33 -64.95
C GLU F 125 16.89 -30.14 -65.94
N ARG F 126 15.68 -29.60 -66.06
CA ARG F 126 15.41 -28.49 -66.95
C ARG F 126 16.10 -27.22 -66.46
N ILE F 127 16.02 -26.98 -65.16
CA ILE F 127 16.64 -25.80 -64.56
C ILE F 127 18.16 -25.89 -64.80
N GLN F 128 18.74 -27.08 -64.49
CA GLN F 128 20.17 -27.34 -64.75
C GLN F 128 20.58 -27.06 -66.23
N GLU F 129 19.83 -27.61 -67.16
CA GLU F 129 20.09 -27.38 -68.57
C GLU F 129 20.02 -25.87 -68.92
N GLU F 130 18.99 -25.19 -68.37
CA GLU F 130 18.76 -23.75 -68.62
C GLU F 130 19.89 -22.92 -68.01
N ALA F 131 20.23 -23.28 -66.75
CA ALA F 131 21.44 -22.78 -66.05
C ALA F 131 22.70 -22.85 -66.94
N GLN F 132 22.83 -23.94 -67.70
CA GLN F 132 23.96 -24.12 -68.58
C GLN F 132 23.94 -23.09 -69.71
N CYS F 133 22.84 -23.07 -70.46
CA CYS F 133 22.68 -22.12 -71.55
C CYS F 133 22.90 -20.69 -71.07
N LEU F 134 22.59 -20.45 -69.80
CA LEU F 134 22.76 -19.12 -69.21
C LEU F 134 24.26 -18.76 -68.99
N ILE F 135 25.01 -19.63 -68.29
CA ILE F 135 26.47 -19.48 -68.15
C ILE F 135 27.05 -19.24 -69.55
N GLU F 136 26.68 -20.15 -70.47
CA GLU F 136 27.04 -20.08 -71.88
C GLU F 136 26.89 -18.66 -72.44
N GLU F 137 25.73 -18.06 -72.23
CA GLU F 137 25.45 -16.70 -72.72
C GLU F 137 26.32 -15.64 -71.99
N LEU F 138 26.54 -15.87 -70.69
CA LEU F 138 27.30 -14.91 -69.88
C LEU F 138 28.79 -14.86 -70.23
N ARG F 139 29.28 -15.99 -70.79
CA ARG F 139 30.62 -16.04 -71.40
C ARG F 139 30.61 -15.14 -72.61
N LYS F 140 29.64 -15.36 -73.51
CA LYS F 140 29.53 -14.56 -74.74
C LYS F 140 29.66 -13.04 -74.50
N SER F 141 29.20 -12.55 -73.34
CA SER F 141 29.25 -11.09 -73.04
C SER F 141 30.67 -10.56 -72.83
N LYS F 142 31.62 -11.49 -72.60
CA LYS F 142 33.03 -11.16 -72.34
C LYS F 142 33.10 -10.00 -71.33
N GLY F 143 32.44 -10.17 -70.17
CA GLY F 143 32.40 -9.19 -69.04
C GLY F 143 32.00 -7.73 -69.36
N ALA F 144 31.35 -7.50 -70.49
CA ALA F 144 30.78 -6.20 -70.78
C ALA F 144 29.65 -5.86 -69.76
N LEU F 145 29.54 -4.56 -69.43
CA LEU F 145 28.34 -4.02 -68.78
C LEU F 145 27.05 -4.49 -69.48
N MET F 146 26.02 -4.82 -68.69
CA MET F 146 24.71 -5.24 -69.25
C MET F 146 23.62 -5.09 -68.22
N ASP F 147 22.40 -4.95 -68.76
CA ASP F 147 21.21 -4.91 -67.92
C ASP F 147 20.74 -6.36 -67.86
N PRO F 148 20.84 -6.98 -66.69
CA PRO F 148 20.55 -8.43 -66.59
C PRO F 148 19.06 -8.80 -66.75
N THR F 149 18.19 -7.78 -66.87
CA THR F 149 16.71 -7.93 -66.81
C THR F 149 16.10 -8.96 -67.80
N PHE F 150 16.24 -8.68 -69.10
CA PHE F 150 15.84 -9.62 -70.16
C PHE F 150 16.32 -11.07 -69.97
N LEU F 151 17.53 -11.24 -69.41
CA LEU F 151 18.09 -12.60 -69.20
C LEU F 151 17.50 -13.35 -68.03
N PHE F 152 17.48 -12.70 -66.86
CA PHE F 152 16.86 -13.33 -65.69
C PHE F 152 15.41 -13.70 -66.01
N GLN F 153 14.78 -12.89 -66.86
CA GLN F 153 13.44 -13.19 -67.30
C GLN F 153 13.43 -14.43 -68.15
N SER F 154 14.24 -14.40 -69.22
CA SER F 154 14.38 -15.52 -70.15
C SER F 154 14.48 -16.83 -69.42
N ILE F 155 15.37 -16.90 -68.43
CA ILE F 155 15.64 -18.21 -67.79
C ILE F 155 14.43 -18.73 -67.02
N THR F 156 13.73 -17.85 -66.31
CA THR F 156 12.61 -18.30 -65.44
C THR F 156 11.42 -18.62 -66.34
N ALA F 157 11.29 -17.85 -67.41
CA ALA F 157 10.25 -18.05 -68.43
C ALA F 157 10.42 -19.40 -69.12
N ASN F 158 11.66 -19.70 -69.51
CA ASN F 158 11.96 -20.97 -70.16
C ASN F 158 11.47 -22.16 -69.34
N ILE F 159 11.73 -22.11 -68.04
CA ILE F 159 11.30 -23.18 -67.14
C ILE F 159 9.79 -23.38 -67.22
N ILE F 160 9.06 -22.27 -67.27
CA ILE F 160 7.61 -22.32 -67.36
C ILE F 160 7.18 -22.74 -68.76
N CYS F 161 7.83 -22.16 -69.78
CA CYS F 161 7.51 -22.49 -71.18
C CYS F 161 7.72 -23.96 -71.52
N SER F 162 8.84 -24.48 -71.09
CA SER F 162 9.21 -25.83 -71.32
C SER F 162 8.04 -26.55 -70.86
N ILE F 163 7.66 -26.24 -69.64
CA ILE F 163 6.68 -27.04 -68.93
C ILE F 163 5.37 -27.03 -69.60
N VAL F 164 5.06 -25.95 -70.25
CA VAL F 164 3.72 -25.71 -70.67
C VAL F 164 3.61 -25.76 -72.14
N PHE F 165 4.47 -25.03 -72.82
CA PHE F 165 4.42 -25.01 -74.24
C PHE F 165 5.27 -26.13 -74.73
N GLY F 166 5.84 -26.86 -73.78
CA GLY F 166 6.58 -28.07 -74.09
C GLY F 166 7.96 -27.85 -74.65
N LYS F 167 8.46 -26.63 -74.55
CA LYS F 167 9.83 -26.35 -75.06
C LYS F 167 10.43 -25.03 -74.57
N ARG F 168 11.72 -24.76 -74.85
CA ARG F 168 12.28 -23.47 -74.40
C ARG F 168 12.39 -22.49 -75.58
N PHE F 169 12.87 -21.29 -75.29
CA PHE F 169 13.07 -20.28 -76.34
C PHE F 169 14.51 -19.80 -76.42
N HIS F 170 14.91 -19.43 -77.61
CA HIS F 170 16.23 -18.92 -77.89
C HIS F 170 16.29 -17.51 -77.32
N TYR F 171 17.33 -17.23 -76.56
CA TYR F 171 17.54 -15.92 -75.97
C TYR F 171 17.45 -14.78 -76.98
N GLN F 172 17.42 -15.09 -78.28
CA GLN F 172 17.40 -14.03 -79.26
C GLN F 172 16.19 -14.16 -80.13
N ASP F 173 15.22 -14.87 -79.63
CA ASP F 173 13.91 -14.96 -80.30
C ASP F 173 13.15 -13.62 -80.10
N GLN F 174 12.97 -12.85 -81.18
CA GLN F 174 12.25 -11.57 -81.16
C GLN F 174 10.94 -11.65 -80.40
N GLU F 175 10.09 -12.54 -80.89
CA GLU F 175 8.76 -12.77 -80.38
C GLU F 175 8.75 -13.16 -78.88
N PHE F 176 9.78 -13.88 -78.43
CA PHE F 176 10.00 -14.22 -77.00
C PHE F 176 10.41 -12.97 -76.23
N LEU F 177 11.23 -12.13 -76.84
CA LEU F 177 11.65 -10.89 -76.23
C LEU F 177 10.41 -10.03 -76.06
N LYS F 178 9.77 -9.72 -77.19
CA LYS F 178 8.51 -9.01 -77.17
C LYS F 178 7.64 -9.40 -75.96
N MET F 179 7.42 -10.70 -75.77
CA MET F 179 6.59 -11.14 -74.68
C MET F 179 7.08 -10.73 -73.33
N LEU F 180 8.35 -10.89 -73.08
CA LEU F 180 8.89 -10.67 -71.72
C LEU F 180 8.86 -9.17 -71.41
N ASN F 181 8.92 -8.37 -72.46
CA ASN F 181 8.78 -6.92 -72.33
C ASN F 181 7.39 -6.57 -71.86
N LEU F 182 6.39 -7.18 -72.51
CA LEU F 182 5.01 -7.04 -72.10
C LEU F 182 4.78 -7.39 -70.64
N PHE F 183 5.36 -8.48 -70.13
CA PHE F 183 5.17 -8.80 -68.72
C PHE F 183 5.78 -7.70 -67.90
N TYR F 184 6.96 -7.25 -68.32
CA TYR F 184 7.72 -6.32 -67.46
C TYR F 184 6.93 -5.01 -67.29
N GLN F 185 6.53 -4.43 -68.43
CA GLN F 185 5.77 -3.19 -68.44
C GLN F 185 4.53 -3.40 -67.59
N THR F 186 3.86 -4.50 -67.87
CA THR F 186 2.58 -4.75 -67.30
C THR F 186 2.74 -4.83 -65.80
N PHE F 187 3.72 -5.54 -65.34
CA PHE F 187 3.88 -5.62 -63.91
C PHE F 187 4.20 -4.27 -63.31
N SER F 188 4.91 -3.44 -64.06
CA SER F 188 5.26 -2.09 -63.61
C SER F 188 4.01 -1.22 -63.54
N LEU F 189 3.30 -1.15 -64.66
CA LEU F 189 2.05 -0.39 -64.74
C LEU F 189 1.17 -0.77 -63.56
N ILE F 190 1.02 -2.05 -63.30
CA ILE F 190 0.16 -2.44 -62.21
C ILE F 190 0.65 -1.83 -60.90
N SER F 191 1.96 -1.77 -60.72
CA SER F 191 2.53 -1.41 -59.42
C SER F 191 2.74 0.07 -59.30
N SER F 192 2.66 0.77 -60.42
CA SER F 192 2.81 2.21 -60.46
C SER F 192 1.83 2.91 -59.51
N VAL F 193 1.98 4.18 -59.20
CA VAL F 193 0.96 4.70 -58.34
C VAL F 193 -0.34 4.76 -59.07
N PHE F 194 -0.33 5.09 -60.34
CA PHE F 194 -1.63 5.12 -60.98
C PHE F 194 -2.33 3.80 -60.71
N GLY F 195 -1.58 2.71 -60.80
CA GLY F 195 -2.13 1.41 -60.48
C GLY F 195 -2.81 1.48 -59.14
N GLN F 196 -2.06 1.88 -58.12
CA GLN F 196 -2.65 1.94 -56.76
C GLN F 196 -3.89 2.85 -56.73
N LEU F 197 -3.82 3.93 -57.49
CA LEU F 197 -4.90 4.87 -57.48
C LEU F 197 -6.13 4.19 -58.12
N PHE F 198 -5.88 3.45 -59.19
CA PHE F 198 -6.92 2.69 -59.90
C PHE F 198 -7.55 1.65 -59.03
N GLU F 199 -6.79 1.16 -58.06
CA GLU F 199 -7.36 0.20 -57.15
C GLU F 199 -8.50 0.86 -56.41
N LEU F 200 -8.30 2.14 -56.09
CA LEU F 200 -9.25 2.91 -55.35
C LEU F 200 -10.46 3.39 -56.21
N PHE F 201 -10.22 3.84 -57.45
CA PHE F 201 -11.25 4.69 -58.12
C PHE F 201 -11.47 4.21 -59.54
N SER F 202 -11.29 2.90 -59.73
CA SER F 202 -11.56 2.33 -61.04
C SER F 202 -13.00 2.57 -61.49
N GLY F 203 -13.96 2.59 -60.55
CA GLY F 203 -15.34 2.96 -60.88
C GLY F 203 -15.35 4.19 -61.79
N PHE F 204 -14.58 5.19 -61.39
CA PHE F 204 -14.51 6.44 -62.08
C PHE F 204 -13.40 6.38 -63.18
N LEU F 205 -12.19 5.92 -62.81
CA LEU F 205 -11.04 6.06 -63.73
C LEU F 205 -11.10 5.22 -65.03
N LYS F 206 -11.87 4.15 -65.00
CA LYS F 206 -11.98 3.24 -66.13
C LYS F 206 -12.67 3.90 -67.31
N HIS F 207 -13.18 5.11 -67.09
CA HIS F 207 -13.88 5.84 -68.13
C HIS F 207 -12.99 6.93 -68.73
N PHE F 208 -11.68 6.76 -68.63
CA PHE F 208 -10.73 7.75 -69.17
C PHE F 208 -9.42 7.09 -69.48
N PRO F 209 -8.61 7.71 -70.33
CA PRO F 209 -7.30 7.14 -70.64
C PRO F 209 -6.48 6.87 -69.41
N GLY F 210 -5.46 6.07 -69.60
CA GLY F 210 -4.57 5.70 -68.52
C GLY F 210 -4.03 4.28 -68.65
N ALA F 211 -3.08 3.95 -67.76
CA ALA F 211 -2.33 2.70 -67.75
C ALA F 211 -3.21 1.48 -67.89
N HIS F 212 -4.39 1.49 -67.29
CA HIS F 212 -5.24 0.29 -67.35
C HIS F 212 -5.45 -0.17 -68.79
N ARG F 213 -5.56 0.76 -69.72
CA ARG F 213 -5.88 0.33 -71.05
C ARG F 213 -4.68 -0.30 -71.71
N GLN F 214 -3.49 0.13 -71.30
CA GLN F 214 -2.24 -0.44 -71.79
C GLN F 214 -2.09 -1.84 -71.22
N VAL F 215 -2.31 -1.99 -69.90
CA VAL F 215 -2.32 -3.30 -69.27
C VAL F 215 -3.31 -4.25 -69.98
N TYR F 216 -4.54 -3.81 -70.14
CA TYR F 216 -5.52 -4.63 -70.80
C TYR F 216 -5.00 -5.06 -72.19
N LYS F 217 -4.50 -4.11 -72.98
CA LYS F 217 -4.07 -4.39 -74.36
C LYS F 217 -2.90 -5.36 -74.31
N ASN F 218 -2.03 -5.19 -73.30
CA ASN F 218 -0.87 -6.04 -73.15
C ASN F 218 -1.31 -7.44 -72.86
N LEU F 219 -2.08 -7.65 -71.77
CA LEU F 219 -2.63 -9.01 -71.47
C LEU F 219 -3.32 -9.65 -72.71
N GLN F 220 -4.11 -8.89 -73.43
CA GLN F 220 -4.71 -9.40 -74.65
C GLN F 220 -3.72 -9.85 -75.73
N GLU F 221 -2.58 -9.21 -75.85
CA GLU F 221 -1.57 -9.62 -76.83
C GLU F 221 -0.96 -10.95 -76.41
N ILE F 222 -0.54 -10.98 -75.13
CA ILE F 222 0.05 -12.17 -74.56
C ILE F 222 -0.93 -13.29 -74.77
N ASN F 223 -2.16 -13.04 -74.38
CA ASN F 223 -3.19 -14.03 -74.55
C ASN F 223 -3.43 -14.48 -75.98
N ALA F 224 -3.21 -13.60 -76.96
CA ALA F 224 -3.45 -14.01 -78.35
C ALA F 224 -2.39 -15.03 -78.79
N TYR F 225 -1.18 -14.83 -78.23
CA TYR F 225 -0.09 -15.76 -78.54
C TYR F 225 -0.41 -17.12 -77.94
N ILE F 226 -0.73 -17.14 -76.64
CA ILE F 226 -1.12 -18.38 -75.96
C ILE F 226 -2.20 -19.12 -76.73
N GLY F 227 -3.22 -18.40 -77.20
CA GLY F 227 -4.34 -19.02 -77.91
C GLY F 227 -3.95 -19.59 -79.26
N HIS F 228 -3.02 -18.97 -79.96
CA HIS F 228 -2.58 -19.53 -81.23
C HIS F 228 -1.72 -20.75 -81.04
N SER F 229 -0.88 -20.70 -80.04
CA SER F 229 -0.11 -21.89 -79.61
C SER F 229 -1.03 -23.05 -79.20
N VAL F 230 -2.21 -22.76 -78.63
CA VAL F 230 -3.20 -23.77 -78.27
C VAL F 230 -3.76 -24.41 -79.52
N GLU F 231 -3.91 -23.60 -80.56
CA GLU F 231 -4.52 -24.05 -81.81
C GLU F 231 -3.62 -25.02 -82.51
N LYS F 232 -2.31 -24.76 -82.41
CA LYS F 232 -1.27 -25.65 -82.95
C LYS F 232 -1.19 -26.99 -82.17
N HIS F 233 -1.23 -26.92 -80.84
CA HIS F 233 -1.19 -28.12 -80.01
C HIS F 233 -2.40 -29.00 -80.30
N ARG F 234 -3.50 -28.37 -80.71
CA ARG F 234 -4.72 -29.09 -81.05
C ARG F 234 -4.57 -29.82 -82.38
N GLU F 235 -4.06 -29.10 -83.38
CA GLU F 235 -3.84 -29.69 -84.71
C GLU F 235 -3.03 -30.99 -84.70
N THR F 236 -2.05 -31.09 -83.79
CA THR F 236 -1.10 -32.19 -83.80
C THR F 236 -1.19 -32.96 -82.47
N LEU F 237 -2.35 -32.90 -81.84
CA LEU F 237 -2.46 -33.53 -80.54
C LEU F 237 -2.49 -35.03 -80.73
N ASP F 238 -1.71 -35.72 -79.90
CA ASP F 238 -1.72 -37.18 -79.83
C ASP F 238 -2.28 -37.70 -78.49
N PRO F 239 -3.52 -38.09 -78.47
CA PRO F 239 -4.25 -38.36 -77.24
C PRO F 239 -3.59 -39.36 -76.34
N SER F 240 -2.54 -40.00 -76.82
CA SER F 240 -1.80 -41.03 -76.17
C SER F 240 -0.43 -40.47 -75.91
N ALA F 241 -0.14 -39.35 -76.54
CA ALA F 241 1.15 -38.69 -76.37
C ALA F 241 0.99 -37.24 -76.02
N PRO F 242 0.62 -37.01 -74.78
CA PRO F 242 0.50 -35.67 -74.25
C PRO F 242 1.84 -35.01 -74.06
N ARG F 243 2.13 -33.97 -74.81
CA ARG F 243 3.47 -33.36 -74.77
C ARG F 243 3.76 -32.42 -73.58
N ASP F 244 2.72 -31.74 -73.08
CA ASP F 244 2.87 -30.70 -72.04
C ASP F 244 1.53 -30.44 -71.36
N LEU F 245 1.51 -29.40 -70.53
CA LEU F 245 0.31 -28.97 -69.83
C LEU F 245 -0.83 -28.71 -70.80
N ILE F 246 -0.59 -27.91 -71.84
CA ILE F 246 -1.66 -27.62 -72.79
C ILE F 246 -2.40 -28.89 -73.31
N ASP F 247 -1.61 -29.91 -73.65
CA ASP F 247 -2.14 -31.16 -74.19
C ASP F 247 -2.94 -31.81 -73.10
N THR F 248 -2.34 -31.91 -71.92
CA THR F 248 -3.08 -32.45 -70.78
C THR F 248 -4.42 -31.77 -70.62
N TYR F 249 -4.43 -30.42 -70.65
CA TYR F 249 -5.68 -29.64 -70.56
C TYR F 249 -6.67 -30.05 -71.62
N LEU F 250 -6.24 -30.02 -72.89
CA LEU F 250 -7.08 -30.37 -74.03
C LEU F 250 -7.73 -31.75 -73.89
N LEU F 251 -7.01 -32.67 -73.25
CA LEU F 251 -7.56 -33.99 -73.03
C LEU F 251 -8.67 -33.95 -72.01
N HIS F 252 -8.39 -33.33 -70.87
CA HIS F 252 -9.42 -33.05 -69.85
C HIS F 252 -10.68 -32.46 -70.43
N MET F 253 -10.48 -31.51 -71.36
CA MET F 253 -11.55 -30.85 -72.09
C MET F 253 -12.38 -31.87 -72.85
N GLU F 254 -11.69 -32.73 -73.60
CA GLU F 254 -12.29 -33.81 -74.38
C GLU F 254 -13.07 -34.82 -73.50
N LYS F 255 -12.40 -35.28 -72.44
CA LYS F 255 -12.99 -36.13 -71.42
C LYS F 255 -14.31 -35.57 -70.88
N GLU F 256 -14.38 -34.24 -70.71
CA GLU F 256 -15.51 -33.61 -69.99
C GLU F 256 -16.56 -32.97 -70.89
N LYS F 257 -16.26 -32.95 -72.16
CA LYS F 257 -17.05 -32.22 -73.10
C LYS F 257 -18.50 -32.63 -73.08
N SER F 258 -18.89 -33.51 -72.16
CA SER F 258 -20.26 -34.00 -72.15
C SER F 258 -20.92 -33.78 -70.81
N ASN F 259 -20.07 -33.62 -69.82
CA ASN F 259 -20.41 -33.10 -68.50
C ASN F 259 -21.22 -31.77 -68.68
N ALA F 260 -22.31 -31.65 -67.90
CA ALA F 260 -23.20 -30.48 -67.94
C ALA F 260 -22.46 -29.13 -67.78
N HIS F 261 -21.59 -29.00 -66.77
CA HIS F 261 -20.63 -27.89 -66.73
C HIS F 261 -19.21 -28.36 -66.59
N SER F 262 -18.36 -28.05 -67.57
CA SER F 262 -16.96 -28.29 -67.36
C SER F 262 -16.39 -26.93 -67.15
N GLU F 263 -15.51 -26.78 -66.15
CA GLU F 263 -14.61 -25.62 -66.10
C GLU F 263 -13.50 -25.66 -67.18
N PHE F 264 -13.37 -26.74 -67.94
CA PHE F 264 -12.30 -26.79 -68.96
C PHE F 264 -12.75 -26.10 -70.25
N SER F 265 -12.91 -24.79 -70.13
CA SER F 265 -13.36 -23.99 -71.25
C SER F 265 -12.14 -23.37 -71.91
N HIS F 266 -12.34 -22.86 -73.12
CA HIS F 266 -11.26 -22.20 -73.80
C HIS F 266 -10.76 -20.95 -73.04
N GLN F 267 -11.66 -20.19 -72.41
CA GLN F 267 -11.26 -19.00 -71.67
C GLN F 267 -10.27 -19.37 -70.55
N ASN F 268 -10.66 -20.36 -69.75
CA ASN F 268 -9.84 -20.86 -68.65
C ASN F 268 -8.55 -21.46 -69.18
N LEU F 269 -8.62 -22.07 -70.37
CA LEU F 269 -7.41 -22.62 -70.93
C LEU F 269 -6.40 -21.47 -71.16
N ASN F 270 -6.75 -20.57 -72.08
CA ASN F 270 -5.98 -19.34 -72.33
C ASN F 270 -5.50 -18.53 -71.11
N LEU F 271 -6.42 -18.20 -70.19
CA LEU F 271 -6.03 -17.31 -69.11
C LEU F 271 -5.36 -18.04 -67.97
N ASN F 272 -5.68 -19.30 -67.78
CA ASN F 272 -4.99 -20.11 -66.78
C ASN F 272 -3.52 -20.23 -67.17
N THR F 273 -3.29 -20.56 -68.44
CA THR F 273 -2.00 -20.61 -69.05
C THR F 273 -1.28 -19.30 -68.78
N LEU F 274 -1.91 -18.21 -69.24
CA LEU F 274 -1.37 -16.86 -69.07
C LEU F 274 -0.99 -16.56 -67.63
N SER F 275 -1.83 -17.00 -66.69
CA SER F 275 -1.51 -16.77 -65.29
C SER F 275 -0.20 -17.45 -64.96
N LEU F 276 -0.10 -18.74 -65.32
CA LEU F 276 1.07 -19.55 -64.95
C LEU F 276 2.30 -19.03 -65.64
N PHE F 277 2.16 -18.71 -66.91
CA PHE F 277 3.26 -18.21 -67.71
C PHE F 277 3.79 -16.85 -67.12
N PHE F 278 2.84 -15.98 -66.78
CA PHE F 278 3.16 -14.69 -66.18
C PHE F 278 3.77 -14.88 -64.80
N ALA F 279 2.98 -15.37 -63.86
CA ALA F 279 3.47 -15.60 -62.49
C ALA F 279 4.80 -16.43 -62.44
N GLY F 280 4.85 -17.52 -63.20
CA GLY F 280 6.07 -18.30 -63.37
C GLY F 280 7.27 -17.47 -63.73
N THR F 281 7.10 -16.55 -64.69
CA THR F 281 8.19 -15.69 -65.13
C THR F 281 8.56 -14.60 -64.11
N GLU F 282 7.61 -13.76 -63.73
CA GLU F 282 7.96 -12.49 -63.08
C GLU F 282 8.73 -12.52 -61.75
N THR F 283 8.18 -13.17 -60.73
CA THR F 283 8.74 -12.95 -59.41
C THR F 283 10.12 -13.60 -59.22
N THR F 284 10.22 -14.88 -59.59
CA THR F 284 11.52 -15.57 -59.54
C THR F 284 12.59 -14.66 -60.17
N SER F 285 12.33 -14.28 -61.42
CA SER F 285 13.23 -13.44 -62.20
C SER F 285 13.52 -12.15 -61.47
N THR F 286 12.53 -11.57 -60.80
CA THR F 286 12.80 -10.31 -60.10
C THR F 286 13.59 -10.59 -58.81
N THR F 287 13.31 -11.73 -58.18
CA THR F 287 14.03 -12.08 -56.96
C THR F 287 15.53 -12.15 -57.27
N LEU F 288 15.87 -12.85 -58.37
CA LEU F 288 17.23 -12.78 -58.94
C LEU F 288 17.71 -11.32 -59.12
N ARG F 289 17.00 -10.53 -59.92
CA ARG F 289 17.50 -9.20 -60.26
C ARG F 289 17.81 -8.52 -58.95
N TYR F 290 16.92 -8.66 -57.97
CA TYR F 290 17.15 -7.98 -56.69
C TYR F 290 18.37 -8.59 -56.01
N GLY F 291 18.48 -9.92 -56.10
CA GLY F 291 19.61 -10.64 -55.47
C GLY F 291 20.98 -10.04 -55.87
N PHE F 292 21.16 -9.87 -57.18
CA PHE F 292 22.48 -9.52 -57.67
C PHE F 292 22.81 -8.08 -57.41
N LEU F 293 21.79 -7.23 -57.47
CA LEU F 293 21.98 -5.87 -57.00
C LEU F 293 22.47 -5.96 -55.57
N LEU F 294 21.99 -6.95 -54.81
CA LEU F 294 22.38 -7.07 -53.41
C LEU F 294 23.82 -7.56 -53.33
N MET F 295 24.18 -8.39 -54.29
CA MET F 295 25.56 -8.88 -54.38
C MET F 295 26.52 -7.73 -54.74
N LEU F 296 26.12 -6.88 -55.66
CA LEU F 296 26.94 -5.73 -55.98
C LEU F 296 27.19 -4.87 -54.74
N LYS F 297 26.19 -4.78 -53.87
CA LYS F 297 26.27 -3.94 -52.68
C LYS F 297 26.99 -4.62 -51.52
N TYR F 298 27.00 -5.95 -51.51
CA TYR F 298 27.63 -6.68 -50.42
C TYR F 298 28.43 -7.81 -51.02
N PRO F 299 29.67 -7.49 -51.50
CA PRO F 299 30.50 -8.56 -52.06
C PRO F 299 31.01 -9.53 -51.01
N HIS F 300 31.10 -9.11 -49.76
CA HIS F 300 31.57 -10.01 -48.70
C HIS F 300 30.62 -11.14 -48.40
N VAL F 301 29.39 -10.93 -48.76
CA VAL F 301 28.38 -11.97 -48.75
C VAL F 301 28.54 -12.87 -49.98
N ALA F 302 28.75 -12.24 -51.16
CA ALA F 302 28.90 -12.91 -52.45
C ALA F 302 30.08 -13.89 -52.47
N GLU F 303 31.27 -13.40 -52.10
CA GLU F 303 32.49 -14.26 -52.04
C GLU F 303 32.45 -15.26 -50.89
N ARG F 304 31.70 -14.96 -49.83
CA ARG F 304 31.45 -15.95 -48.80
C ARG F 304 30.56 -17.10 -49.32
N VAL F 305 29.63 -16.76 -50.22
CA VAL F 305 28.81 -17.78 -50.87
C VAL F 305 29.70 -18.64 -51.77
N TYR F 306 30.55 -17.97 -52.55
CA TYR F 306 31.51 -18.64 -53.44
C TYR F 306 32.36 -19.66 -52.67
N ARG F 307 32.85 -19.24 -51.49
CA ARG F 307 33.67 -20.11 -50.65
C ARG F 307 32.90 -21.30 -50.11
N GLU F 308 31.58 -21.20 -50.09
CA GLU F 308 30.79 -22.38 -49.81
C GLU F 308 30.61 -23.30 -51.06
N ILE F 309 30.55 -22.67 -52.24
CA ILE F 309 30.40 -23.39 -53.50
C ILE F 309 31.66 -24.19 -53.71
N GLU F 310 32.78 -23.51 -53.44
CA GLU F 310 34.12 -24.08 -53.31
C GLU F 310 34.19 -25.46 -52.59
N GLN F 311 33.89 -25.46 -51.28
CA GLN F 311 33.95 -26.67 -50.44
C GLN F 311 33.03 -27.76 -50.94
N VAL F 312 31.81 -27.37 -51.27
CA VAL F 312 30.73 -28.36 -51.38
C VAL F 312 30.61 -28.97 -52.78
N ILE F 313 30.81 -28.14 -53.79
CA ILE F 313 30.55 -28.53 -55.17
C ILE F 313 31.85 -28.56 -55.98
N GLY F 314 32.78 -27.71 -55.58
CA GLY F 314 33.97 -27.48 -56.37
C GLY F 314 33.61 -26.47 -57.45
N PRO F 315 34.58 -26.10 -58.31
CA PRO F 315 34.36 -25.13 -59.40
C PRO F 315 34.01 -25.79 -60.75
N HIS F 316 33.55 -27.03 -60.72
CA HIS F 316 33.31 -27.75 -61.97
C HIS F 316 31.90 -28.33 -62.07
N ARG F 317 31.60 -29.27 -61.19
CA ARG F 317 30.32 -30.00 -61.24
C ARG F 317 29.10 -29.04 -61.23
N PRO F 318 28.19 -29.15 -62.25
CA PRO F 318 26.89 -28.42 -62.18
C PRO F 318 26.22 -28.64 -60.78
N PRO F 319 25.82 -27.54 -60.09
CA PRO F 319 25.16 -27.66 -58.77
C PRO F 319 23.82 -28.37 -58.91
N GLU F 320 23.35 -28.94 -57.80
CA GLU F 320 22.11 -29.72 -57.83
C GLU F 320 21.34 -29.61 -56.51
N LEU F 321 20.07 -30.03 -56.55
CA LEU F 321 19.20 -29.74 -55.41
C LEU F 321 19.63 -30.49 -54.14
N HIS F 322 20.25 -31.65 -54.34
CA HIS F 322 20.86 -32.33 -53.22
C HIS F 322 21.92 -31.47 -52.46
N ASP F 323 22.67 -30.62 -53.18
CA ASP F 323 23.72 -29.76 -52.58
C ASP F 323 23.21 -28.91 -51.41
N ARG F 324 21.89 -28.81 -51.34
CA ARG F 324 21.26 -27.79 -50.48
C ARG F 324 21.56 -27.91 -48.99
N ALA F 325 21.21 -29.07 -48.40
CA ALA F 325 21.51 -29.35 -46.99
C ALA F 325 22.95 -28.93 -46.61
N LYS F 326 23.90 -29.30 -47.47
CA LYS F 326 25.34 -29.01 -47.26
C LYS F 326 25.75 -27.52 -47.41
N MET F 327 24.85 -26.67 -47.90
CA MET F 327 25.17 -25.23 -48.06
C MET F 327 24.24 -24.30 -47.29
N PRO F 328 24.33 -24.34 -45.94
CA PRO F 328 23.36 -23.55 -45.17
C PRO F 328 23.58 -22.03 -45.26
N TYR F 329 24.75 -21.59 -45.71
CA TYR F 329 25.01 -20.15 -45.86
C TYR F 329 24.34 -19.64 -47.12
N THR F 330 24.58 -20.33 -48.23
CA THR F 330 23.97 -19.94 -49.49
C THR F 330 22.44 -19.93 -49.35
N GLU F 331 21.92 -20.98 -48.72
CA GLU F 331 20.48 -21.06 -48.47
C GLU F 331 19.95 -19.86 -47.63
N ALA F 332 20.67 -19.54 -46.56
CA ALA F 332 20.30 -18.38 -45.72
C ALA F 332 20.38 -17.07 -46.52
N VAL F 333 21.38 -16.98 -47.38
CA VAL F 333 21.50 -15.80 -48.22
C VAL F 333 20.28 -15.66 -49.14
N ILE F 334 19.79 -16.80 -49.64
CA ILE F 334 18.63 -16.80 -50.58
C ILE F 334 17.37 -16.40 -49.83
N TYR F 335 17.12 -17.07 -48.71
CA TYR F 335 16.02 -16.69 -47.86
C TYR F 335 15.99 -15.16 -47.59
N GLU F 336 17.16 -14.62 -47.22
CA GLU F 336 17.31 -13.21 -46.91
C GLU F 336 17.05 -12.34 -48.16
N ILE F 337 17.52 -12.80 -49.34
CA ILE F 337 17.19 -12.08 -50.58
C ILE F 337 15.64 -11.95 -50.75
N GLN F 338 14.95 -13.09 -50.57
CA GLN F 338 13.49 -13.13 -50.67
C GLN F 338 12.88 -12.19 -49.64
N ARG F 339 13.25 -12.38 -48.37
CA ARG F 339 12.76 -11.52 -47.28
C ARG F 339 12.92 -10.02 -47.63
N PHE F 340 14.18 -9.59 -47.83
CA PHE F 340 14.50 -8.19 -48.11
C PHE F 340 13.73 -7.70 -49.33
N SER F 341 13.80 -8.48 -50.43
CA SER F 341 13.11 -8.14 -51.72
C SER F 341 11.63 -7.87 -51.56
N ASP F 342 10.95 -8.73 -50.77
CA ASP F 342 9.56 -8.52 -50.30
C ASP F 342 8.68 -8.24 -51.49
N LEU F 343 8.76 -9.12 -52.50
CA LEU F 343 8.26 -8.80 -53.85
C LEU F 343 6.76 -8.59 -54.03
N LEU F 344 5.96 -8.98 -53.04
CA LEU F 344 4.54 -8.86 -53.09
C LEU F 344 4.18 -8.45 -51.68
N PRO F 345 4.47 -7.21 -51.34
CA PRO F 345 4.30 -6.77 -49.97
C PRO F 345 2.89 -7.01 -49.46
N MET F 346 1.88 -6.96 -50.36
CA MET F 346 0.49 -7.17 -49.93
C MET F 346 -0.07 -8.49 -50.38
N GLY F 347 0.80 -9.33 -50.94
CA GLY F 347 0.33 -10.65 -51.35
C GLY F 347 -0.64 -10.41 -52.50
N VAL F 348 -1.66 -11.24 -52.61
CA VAL F 348 -2.69 -11.06 -53.64
C VAL F 348 -4.01 -11.01 -52.86
N PRO F 349 -4.89 -10.07 -53.23
CA PRO F 349 -6.10 -9.88 -52.42
C PRO F 349 -6.95 -11.10 -52.27
N HIS F 350 -7.43 -11.30 -51.05
CA HIS F 350 -8.36 -12.39 -50.67
C HIS F 350 -9.73 -11.77 -50.45
N ILE F 351 -10.77 -12.62 -50.37
CA ILE F 351 -12.09 -12.24 -49.82
C ILE F 351 -12.54 -13.32 -48.87
N VAL F 352 -13.34 -12.97 -47.82
CA VAL F 352 -13.95 -14.02 -46.96
C VAL F 352 -15.17 -14.66 -47.64
N THR F 353 -15.36 -15.95 -47.45
CA THR F 353 -16.38 -16.70 -48.20
C THR F 353 -17.63 -16.86 -47.35
N GLN F 354 -17.61 -16.27 -46.14
CA GLN F 354 -18.75 -16.29 -45.23
C GLN F 354 -18.58 -15.19 -44.21
N HIS F 355 -19.69 -14.85 -43.48
CA HIS F 355 -19.62 -13.88 -42.43
C HIS F 355 -18.66 -14.45 -41.38
N THR F 356 -17.53 -13.82 -41.21
CA THR F 356 -16.45 -14.38 -40.42
C THR F 356 -16.28 -13.68 -39.07
N SER F 357 -15.89 -14.42 -38.03
CA SER F 357 -15.48 -13.79 -36.79
C SER F 357 -13.99 -13.76 -36.78
N PHE F 358 -13.42 -12.65 -36.32
CA PHE F 358 -12.00 -12.45 -36.07
C PHE F 358 -11.77 -11.58 -34.85
N ARG F 359 -10.85 -11.98 -34.02
CA ARG F 359 -10.62 -11.26 -32.81
C ARG F 359 -11.74 -10.31 -32.45
N GLY F 360 -12.94 -10.81 -32.36
CA GLY F 360 -13.99 -9.99 -31.82
C GLY F 360 -14.72 -9.15 -32.81
N TYR F 361 -14.19 -9.07 -34.01
CA TYR F 361 -14.80 -8.30 -35.07
C TYR F 361 -15.64 -9.21 -35.95
N ILE F 362 -16.44 -8.64 -36.85
CA ILE F 362 -17.19 -9.38 -37.86
C ILE F 362 -16.87 -8.89 -39.26
N ILE F 363 -16.48 -9.81 -40.14
CA ILE F 363 -16.18 -9.45 -41.50
C ILE F 363 -17.23 -10.08 -42.45
N PRO F 364 -18.13 -9.24 -43.01
CA PRO F 364 -19.15 -9.80 -43.93
C PRO F 364 -18.64 -10.62 -45.11
N LYS F 365 -19.40 -11.64 -45.44
CA LYS F 365 -19.09 -12.43 -46.63
C LYS F 365 -18.76 -11.50 -47.80
N ASP F 366 -17.65 -11.75 -48.46
CA ASP F 366 -17.28 -11.05 -49.65
C ASP F 366 -16.54 -9.75 -49.46
N THR F 367 -16.26 -9.38 -48.21
CA THR F 367 -15.42 -8.22 -47.95
C THR F 367 -13.96 -8.59 -48.20
N GLU F 368 -13.24 -7.73 -48.92
CA GLU F 368 -11.86 -8.03 -49.32
C GLU F 368 -10.87 -7.94 -48.16
N VAL F 369 -9.91 -8.86 -48.14
CA VAL F 369 -8.85 -8.85 -47.15
C VAL F 369 -7.47 -8.84 -47.84
N PHE F 370 -6.63 -7.90 -47.42
CA PHE F 370 -5.21 -7.85 -47.79
C PHE F 370 -4.42 -8.43 -46.63
N LEU F 371 -3.53 -9.38 -46.89
CA LEU F 371 -2.62 -9.84 -45.84
C LEU F 371 -1.30 -9.18 -46.15
N ILE F 372 -0.87 -8.30 -45.24
CA ILE F 372 0.29 -7.45 -45.52
C ILE F 372 1.57 -8.24 -45.24
N LEU F 373 1.89 -9.13 -46.19
CA LEU F 373 2.94 -10.11 -46.05
C LEU F 373 4.22 -9.38 -45.60
N SER F 374 4.42 -8.19 -46.12
CA SER F 374 5.60 -7.44 -45.79
C SER F 374 5.75 -7.16 -44.29
N THR F 375 4.65 -7.09 -43.54
CA THR F 375 4.80 -6.88 -42.09
C THR F 375 5.33 -8.11 -41.39
N ALA F 376 5.20 -9.27 -42.03
CA ALA F 376 5.65 -10.53 -41.42
C ALA F 376 7.17 -10.63 -41.67
N LEU F 377 7.55 -10.49 -42.94
CA LEU F 377 8.94 -10.41 -43.38
C LEU F 377 9.77 -9.27 -42.71
N HIS F 378 9.13 -8.30 -42.06
CA HIS F 378 9.86 -7.22 -41.39
C HIS F 378 9.59 -7.16 -39.88
N ASP F 379 8.96 -8.22 -39.38
CA ASP F 379 8.61 -8.33 -37.97
C ASP F 379 9.87 -8.31 -37.07
N PRO F 380 9.97 -7.31 -36.16
CA PRO F 380 11.15 -7.17 -35.28
C PRO F 380 11.36 -8.25 -34.18
N HIS F 381 10.30 -9.01 -33.83
CA HIS F 381 10.48 -10.16 -32.93
C HIS F 381 11.33 -11.24 -33.63
N TYR F 382 11.30 -11.29 -34.97
CA TYR F 382 11.90 -12.42 -35.68
C TYR F 382 13.16 -12.06 -36.42
N PHE F 383 13.35 -10.79 -36.70
CA PHE F 383 14.52 -10.36 -37.45
C PHE F 383 15.09 -9.14 -36.73
N GLU F 384 16.41 -9.07 -36.62
CA GLU F 384 16.98 -8.07 -35.71
C GLU F 384 17.12 -6.68 -36.32
N LYS F 385 17.54 -6.61 -37.57
CA LYS F 385 17.56 -5.30 -38.28
C LYS F 385 16.68 -5.42 -39.53
N PRO F 386 15.35 -5.48 -39.31
CA PRO F 386 14.42 -5.90 -40.36
C PRO F 386 14.66 -5.13 -41.65
N ASP F 387 15.18 -3.90 -41.53
CA ASP F 387 15.31 -3.02 -42.68
C ASP F 387 16.59 -3.28 -43.47
N ALA F 388 17.55 -3.91 -42.80
CA ALA F 388 18.86 -4.16 -43.38
C ALA F 388 19.01 -5.58 -44.01
N PHE F 389 19.87 -5.68 -45.02
CA PHE F 389 20.14 -6.96 -45.66
C PHE F 389 21.22 -7.77 -44.91
N ASN F 390 20.79 -8.83 -44.24
CA ASN F 390 21.68 -9.55 -43.31
C ASN F 390 21.29 -11.03 -43.20
N PRO F 391 22.09 -11.93 -43.83
CA PRO F 391 21.85 -13.39 -43.87
C PRO F 391 21.83 -14.05 -42.49
N ASP F 392 22.52 -13.43 -41.54
CA ASP F 392 22.54 -13.93 -40.16
C ASP F 392 21.12 -13.93 -39.58
N HIS F 393 20.16 -13.35 -40.32
CA HIS F 393 18.72 -13.45 -40.02
C HIS F 393 18.25 -14.91 -40.11
N PHE F 394 18.92 -15.70 -40.96
CA PHE F 394 18.53 -17.10 -41.20
C PHE F 394 19.61 -18.10 -40.77
N LEU F 395 20.44 -17.68 -39.82
CA LEU F 395 21.52 -18.53 -39.29
C LEU F 395 21.54 -18.47 -37.77
N ASP F 396 21.80 -19.61 -37.11
CA ASP F 396 22.01 -19.63 -35.65
C ASP F 396 23.47 -19.30 -35.35
N ALA F 397 23.86 -19.45 -34.07
CA ALA F 397 25.25 -19.14 -33.64
C ALA F 397 26.34 -20.01 -34.36
N ASN F 398 26.04 -21.29 -34.58
CA ASN F 398 26.97 -22.23 -35.26
C ASN F 398 27.11 -22.07 -36.78
N GLY F 399 26.51 -21.03 -37.37
CA GLY F 399 26.39 -20.90 -38.84
C GLY F 399 25.53 -21.98 -39.53
N ALA F 400 24.62 -22.61 -38.76
CA ALA F 400 23.63 -23.55 -39.33
C ALA F 400 22.37 -22.80 -39.82
N LEU F 401 21.58 -23.46 -40.69
CA LEU F 401 20.37 -22.82 -41.23
C LEU F 401 19.31 -22.67 -40.16
N LYS F 402 18.75 -21.47 -40.06
CA LYS F 402 17.69 -21.23 -39.08
C LYS F 402 16.47 -20.66 -39.81
N LYS F 403 15.55 -21.58 -40.14
CA LYS F 403 14.25 -21.27 -40.72
C LYS F 403 13.37 -20.63 -39.62
N THR F 404 12.41 -19.83 -40.04
CA THR F 404 11.55 -19.12 -39.06
C THR F 404 10.08 -19.02 -39.49
N GLU F 405 9.23 -19.14 -38.47
CA GLU F 405 7.78 -18.88 -38.55
C GLU F 405 7.29 -17.65 -39.36
N ALA F 406 8.14 -16.64 -39.53
CA ALA F 406 7.72 -15.41 -40.16
C ALA F 406 8.13 -15.33 -41.62
N PHE F 407 9.00 -16.24 -42.06
CA PHE F 407 9.36 -16.22 -43.48
C PHE F 407 8.20 -16.81 -44.32
N ILE F 408 7.31 -15.92 -44.76
CA ILE F 408 6.12 -16.31 -45.55
C ILE F 408 5.99 -15.49 -46.86
N PRO F 409 7.06 -15.36 -47.64
CA PRO F 409 6.91 -14.54 -48.86
C PRO F 409 5.96 -15.20 -49.89
N PHE F 410 5.51 -16.43 -49.60
CA PHE F 410 4.68 -17.19 -50.53
C PHE F 410 3.26 -17.22 -50.04
N SER F 411 3.05 -16.53 -48.92
CA SER F 411 1.78 -16.59 -48.21
C SER F 411 1.54 -18.01 -47.61
N LEU F 412 0.31 -18.27 -47.15
CA LEU F 412 -0.06 -19.50 -46.42
C LEU F 412 -1.48 -20.03 -46.76
N GLY F 413 -1.76 -21.28 -46.35
CA GLY F 413 -3.13 -21.85 -46.40
C GLY F 413 -3.54 -22.18 -47.81
N LYS F 414 -4.84 -22.40 -48.01
CA LYS F 414 -5.38 -22.87 -49.28
C LYS F 414 -4.81 -22.18 -50.51
N ARG F 415 -4.43 -20.92 -50.40
CA ARG F 415 -4.00 -20.17 -51.59
C ARG F 415 -2.46 -20.03 -51.79
N ILE F 416 -1.69 -20.70 -50.92
CA ILE F 416 -0.24 -20.58 -50.93
C ILE F 416 0.31 -20.72 -52.33
N CYS F 417 1.27 -19.87 -52.69
CA CYS F 417 1.85 -19.87 -54.03
C CYS F 417 2.04 -21.30 -54.53
N LEU F 418 1.31 -21.65 -55.58
CA LEU F 418 1.38 -23.00 -56.12
C LEU F 418 2.67 -23.15 -56.91
N GLY F 419 3.61 -22.24 -56.70
CA GLY F 419 4.86 -22.29 -57.44
C GLY F 419 6.10 -22.37 -56.52
N GLU F 420 5.84 -22.48 -55.20
CA GLU F 420 6.90 -22.38 -54.19
C GLU F 420 8.08 -23.28 -54.55
N GLY F 421 7.79 -24.58 -54.58
CA GLY F 421 8.79 -25.59 -54.87
C GLY F 421 9.68 -25.15 -56.04
N ILE F 422 9.07 -25.00 -57.23
CA ILE F 422 9.79 -24.63 -58.43
C ILE F 422 10.58 -23.33 -58.25
N ALA F 423 9.95 -22.33 -57.63
CA ALA F 423 10.60 -21.03 -57.41
C ALA F 423 11.89 -21.20 -56.54
N ARG F 424 11.78 -22.02 -55.48
CA ARG F 424 12.97 -22.29 -54.66
C ARG F 424 14.07 -23.13 -55.34
N ALA F 425 13.68 -24.17 -56.08
CA ALA F 425 14.59 -24.83 -57.00
C ALA F 425 15.28 -23.76 -57.87
N GLU F 426 14.52 -23.10 -58.74
CA GLU F 426 15.10 -22.15 -59.71
C GLU F 426 16.05 -21.17 -58.99
N LEU F 427 15.64 -20.70 -57.81
CA LEU F 427 16.42 -19.65 -57.15
C LEU F 427 17.80 -20.19 -56.73
N PHE F 428 17.78 -21.29 -55.98
CA PHE F 428 19.01 -21.95 -55.58
C PHE F 428 19.85 -22.36 -56.81
N LEU F 429 19.25 -23.11 -57.74
CA LEU F 429 20.00 -23.59 -58.91
C LEU F 429 20.64 -22.43 -59.72
N PHE F 430 19.80 -21.51 -60.20
CA PHE F 430 20.32 -20.38 -60.97
C PHE F 430 21.33 -19.52 -60.19
N PHE F 431 21.14 -19.41 -58.88
CA PHE F 431 21.98 -18.51 -58.12
C PHE F 431 23.40 -19.08 -58.02
N THR F 432 23.45 -20.29 -57.45
CA THR F 432 24.72 -21.01 -57.24
C THR F 432 25.49 -21.25 -58.57
N THR F 433 24.79 -21.82 -59.56
CA THR F 433 25.37 -22.03 -60.90
C THR F 433 25.96 -20.74 -61.51
N ILE F 434 25.37 -19.57 -61.23
CA ILE F 434 26.00 -18.29 -61.66
C ILE F 434 27.25 -17.92 -60.82
N LEU F 435 27.10 -17.97 -59.51
CA LEU F 435 28.22 -17.62 -58.64
C LEU F 435 29.44 -18.51 -58.83
N GLN F 436 29.19 -19.80 -59.08
CA GLN F 436 30.24 -20.78 -59.36
C GLN F 436 31.18 -20.23 -60.46
N ASN F 437 30.57 -19.79 -61.56
CA ASN F 437 31.31 -19.41 -62.75
C ASN F 437 31.71 -17.94 -62.86
N PHE F 438 31.06 -17.06 -62.11
CA PHE F 438 31.30 -15.65 -62.36
C PHE F 438 31.46 -14.83 -61.09
N SER F 439 32.06 -13.67 -61.29
CA SER F 439 32.26 -12.71 -60.24
C SER F 439 31.59 -11.43 -60.70
N MET F 440 31.28 -10.52 -59.77
CA MET F 440 30.42 -9.39 -60.14
C MET F 440 30.99 -8.00 -59.88
N ALA F 441 30.93 -7.15 -60.89
CA ALA F 441 31.35 -5.75 -60.77
C ALA F 441 30.42 -4.78 -61.54
N SER F 442 30.38 -3.51 -61.09
CA SER F 442 29.60 -2.43 -61.73
C SER F 442 30.38 -1.13 -61.63
N PRO F 443 29.99 -0.10 -62.41
CA PRO F 443 30.63 1.20 -62.18
C PRO F 443 30.37 1.68 -60.76
N VAL F 444 29.14 1.49 -60.26
CA VAL F 444 28.75 2.08 -58.93
C VAL F 444 29.45 1.41 -57.70
N ALA F 445 30.09 2.25 -56.86
CA ALA F 445 30.74 1.78 -55.62
C ALA F 445 29.69 1.17 -54.67
N PRO F 446 30.09 0.09 -53.94
CA PRO F 446 29.22 -0.62 -53.00
C PRO F 446 28.30 0.26 -52.15
N GLU F 447 28.86 1.22 -51.43
CA GLU F 447 27.99 2.03 -50.54
C GLU F 447 27.20 3.08 -51.28
N ASP F 448 27.59 3.38 -52.52
CA ASP F 448 26.85 4.34 -53.33
C ASP F 448 25.59 3.72 -53.93
N ILE F 449 25.50 2.38 -53.86
CA ILE F 449 24.42 1.63 -54.51
C ILE F 449 23.10 1.92 -53.81
N ASP F 450 22.11 2.34 -54.60
CA ASP F 450 20.76 2.63 -54.10
C ASP F 450 19.76 1.48 -54.27
N LEU F 451 19.34 0.90 -53.14
CA LEU F 451 18.40 -0.21 -53.16
C LEU F 451 16.95 0.29 -53.25
N THR F 452 16.79 1.59 -53.47
CA THR F 452 15.46 2.19 -53.57
C THR F 452 14.70 1.63 -54.75
N PRO F 453 13.61 0.92 -54.47
CA PRO F 453 12.78 0.33 -55.52
C PRO F 453 12.20 1.39 -56.46
N GLN F 454 12.09 1.06 -57.74
CA GLN F 454 11.54 1.99 -58.72
C GLN F 454 10.00 2.00 -58.74
N GLU F 455 9.35 0.96 -58.21
CA GLU F 455 7.91 0.94 -58.00
C GLU F 455 7.66 0.25 -56.68
N CYS F 456 6.56 0.55 -56.00
CA CYS F 456 6.27 -0.14 -54.75
C CYS F 456 4.77 -0.28 -54.64
N GLY F 457 4.20 -1.23 -55.37
CA GLY F 457 2.75 -1.27 -55.46
C GLY F 457 2.29 -2.66 -55.15
N VAL F 458 1.54 -3.23 -56.07
CA VAL F 458 1.23 -4.63 -55.94
C VAL F 458 2.54 -5.34 -55.85
N GLY F 459 3.48 -4.87 -56.64
CA GLY F 459 4.79 -5.43 -56.64
C GLY F 459 5.78 -4.41 -56.16
N LYS F 460 6.88 -4.90 -55.64
CA LYS F 460 8.03 -4.01 -55.32
C LYS F 460 9.08 -4.28 -56.42
N ILE F 461 9.49 -3.22 -57.12
CA ILE F 461 10.36 -3.42 -58.27
C ILE F 461 11.71 -2.71 -58.08
N PRO F 462 12.83 -3.48 -58.20
CA PRO F 462 14.19 -2.93 -57.99
C PRO F 462 14.57 -1.97 -59.10
N PRO F 463 15.49 -1.00 -58.78
CA PRO F 463 15.87 0.01 -59.77
C PRO F 463 16.65 -0.69 -60.86
N THR F 464 16.68 -0.09 -62.04
CA THR F 464 17.57 -0.58 -63.07
C THR F 464 19.03 -0.40 -62.60
N TYR F 465 19.86 -1.40 -62.92
CA TYR F 465 21.29 -1.27 -62.73
C TYR F 465 21.99 -2.00 -63.87
N GLN F 466 23.23 -1.59 -64.13
CA GLN F 466 24.15 -2.31 -65.01
C GLN F 466 25.04 -3.26 -64.20
N ILE F 467 25.46 -4.36 -64.82
CA ILE F 467 26.31 -5.32 -64.12
C ILE F 467 27.21 -6.04 -65.12
CHA HEM G . 1.14 24.46 7.19
CHB HEM G . -1.12 22.60 3.32
CHC HEM G . 1.80 25.15 0.39
CHD HEM G . 4.39 26.62 4.22
C1A HEM G . 0.33 23.68 6.40
C2A HEM G . -0.53 22.62 6.86
C3A HEM G . -1.15 22.10 5.79
C4A HEM G . -0.71 22.82 4.61
CMA HEM G . -2.17 20.93 5.80
CAA HEM G . -0.70 22.14 8.31
CBA HEM G . -2.12 21.63 8.52
CGA HEM G . -2.50 21.76 9.98
O1A HEM G . -1.65 21.47 10.84
O2A HEM G . -3.65 22.17 10.26
C1B HEM G . -0.54 23.14 2.18
C2B HEM G . -0.94 22.88 0.82
C3B HEM G . -0.14 23.59 0.01
C4B HEM G . 0.81 24.31 0.84
CMB HEM G . -2.10 21.96 0.37
CAB HEM G . -0.20 23.62 -1.53
CBB HEM G . -1.39 23.55 -2.15
C1C HEM G . 2.69 25.84 1.18
C2C HEM G . 3.57 26.92 0.75
C3C HEM G . 4.27 27.32 1.81
C4C HEM G . 3.88 26.52 2.95
CMC HEM G . 3.65 27.50 -0.68
CAC HEM G . 5.33 28.45 1.81
CBC HEM G . 6.13 28.62 2.87
C1D HEM G . 3.78 26.20 5.38
C2D HEM G . 4.26 26.45 6.72
C3D HEM G . 3.24 25.77 7.65
C4D HEM G . 2.25 25.18 6.78
CMD HEM G . 5.52 27.23 7.13
CAD HEM G . 3.26 25.73 9.20
CBD HEM G . 2.02 26.44 9.75
CGD HEM G . 2.16 26.60 11.24
O1D HEM G . 1.67 27.64 11.76
O2D HEM G . 2.75 25.71 11.89
NA HEM G . 0.20 23.79 5.03
NB HEM G . 0.53 24.01 2.16
NC HEM G . 2.92 25.62 2.52
ND HEM G . 2.60 25.44 5.46
FE HEM G . 1.57 24.72 3.80
CAC 3QU H . 3.53 22.53 2.55
CAD 3QU H . 2.74 21.81 4.63
CAE 3QU H . 4.30 21.40 2.40
CAF 3QU H . 3.51 20.67 4.54
CAK 3QU H . 5.12 19.24 3.29
NAL 3QU H . 2.78 22.72 3.62
CAM 3QU H . 4.28 20.47 3.42
C7 CM5 I . 15.32 -3.51 21.11
C8 CM5 I . 14.12 -2.69 21.49
C9 CM5 I . 14.29 -2.19 22.89
C10 CM5 I . 15.44 -1.26 22.88
C11 CM5 I . 16.69 -2.01 22.40
C6 CM5 I . 16.50 -2.62 21.04
C5 CM5 I . 17.71 -3.47 20.73
C4 CM5 I . 18.79 -2.66 20.03
C3 CM5 I . 19.67 -3.53 19.16
C2 CM5 I . 19.87 -2.86 17.82
C1 CM5 I . 21.21 -3.24 17.23
O12 CM5 I . 21.68 -2.12 16.56
C13 CM5 I . 22.09 -2.52 15.30
C18 CM5 I . 22.11 -1.23 14.57
O22 CM5 I . 20.78 -0.69 14.22
C17 CM5 I . 22.50 -1.10 13.26
O21 CM5 I . 22.44 -0.13 12.72
O14 CM5 I . 23.43 -2.60 15.36
C15 CM5 I . 23.76 -2.86 14.09
C19 CM5 I . 25.01 -3.59 14.15
O20 CM5 I . 25.83 -2.97 15.10
C16 CM5 I . 23.99 -1.65 13.59
O23 CM5 I . 24.64 -2.15 12.59
C24 CM5 I . 25.56 -1.47 11.98
O25 CM5 I . 26.81 -1.19 11.80
C26 CM5 I . 27.05 -1.01 10.36
C30 CM5 I . 27.82 0.30 10.38
O31 CM5 I . 29.26 0.13 10.14
C27 CM5 I . 26.09 -1.04 9.45
O32 CM5 I . 27.01 -1.68 8.36
C28 CM5 I . 25.48 -2.16 9.53
O33 CM5 I . 24.12 -2.02 9.84
C29 CM5 I . 25.28 -2.39 10.94
O34 CM5 I . 26.27 -3.50 10.88
CHA HEM J . -3.32 23.85 51.36
CHB HEM J . -5.58 22.45 55.36
CHC HEM J . -9.61 24.71 53.99
CHD HEM J . -7.39 25.77 49.84
C1A HEM J . -3.60 23.29 52.57
C2A HEM J . -2.67 22.54 53.40
C3A HEM J . -3.33 22.18 54.47
C4A HEM J . -4.66 22.68 54.38
CMA HEM J . -2.80 21.35 55.69
CAA HEM J . -1.20 22.16 53.12
CBA HEM J . -0.15 23.18 53.47
CGA HEM J . 1.11 22.62 52.81
O1A HEM J . 1.10 22.53 51.54
O2A HEM J . 2.11 22.29 53.53
C1B HEM J . -6.86 22.91 55.34
C2B HEM J . -7.83 22.64 56.38
C3B HEM J . -8.98 23.24 56.01
C4B HEM J . -8.75 23.91 54.72
CMB HEM J . -7.42 21.79 57.61
CAB HEM J . -10.35 23.29 56.72
CBB HEM J . -10.59 23.23 58.04
C1C HEM J . -9.29 25.26 52.77
C2C HEM J . -10.14 26.14 51.94
C3C HEM J . -9.50 26.35 50.80
C4C HEM J . -8.26 25.66 50.87
CMC HEM J . -11.56 26.64 52.31
CAC HEM J . -9.83 27.17 49.52
CBC HEM J . -10.28 28.42 49.48
C1D HEM J . -6.09 25.45 49.87
C2D HEM J . -5.18 25.78 48.81
C3D HEM J . -3.88 25.17 49.29
C4D HEM J . -4.18 24.56 50.57
CMD HEM J . -5.46 26.56 47.54
CAD HEM J . -2.53 25.25 48.54
CBD HEM J . -1.58 26.26 49.17
CGD HEM J . -0.33 26.36 48.30
O1D HEM J . 0.25 27.44 48.01
O2D HEM J . 0.15 25.32 47.83
NA HEM J . -4.80 23.34 53.20
NB HEM J . -7.45 23.65 54.32
NC HEM J . -8.15 25.00 52.04
ND HEM J . -5.50 24.72 50.86
FE HEM J . -6.49 24.13 52.59
OAA 3QU K . -6.07 16.32 44.85
OAB 3QU K . -7.08 18.10 44.14
CAC 3QU K . -6.15 21.29 51.42
CAD 3QU K . -8.41 21.81 51.60
CAE 3QU K . -6.42 20.02 50.99
CAF 3QU K . -8.76 20.54 51.17
CAG 3QU K . -8.49 18.69 47.94
CAH 3QU K . -6.74 17.22 48.69
CAI 3QU K . -8.18 18.48 46.61
CAJ 3QU K . -6.42 17.00 47.36
CAK 3QU K . -8.07 18.27 50.39
NAL 3QU K . -7.12 22.15 51.72
CAM 3QU K . -7.74 19.65 50.86
CAN 3QU K . -7.76 18.07 48.95
CAO 3QU K . -7.14 17.61 46.35
NAP 3QU K . -6.74 17.33 45.04
C7 CM5 L . 5.37 -2.61 32.59
C8 CM5 L . 6.33 -2.81 33.75
C9 CM5 L . 5.87 -1.96 34.90
C10 CM5 L . 4.50 -1.36 34.57
C11 CM5 L . 3.51 -2.44 34.14
C6 CM5 L . 4.02 -3.19 32.93
C5 CM5 L . 3.05 -3.06 31.75
C4 CM5 L . 1.84 -3.98 31.87
C3 CM5 L . 0.58 -3.22 31.46
C2 CM5 L . -0.64 -4.07 31.19
C1 CM5 L . -1.67 -3.18 30.55
O12 CM5 L . -2.86 -3.26 31.29
C13 CM5 L . -3.78 -2.41 30.72
C18 CM5 L . -4.38 -3.60 29.95
O22 CM5 L . -3.25 -3.52 28.93
C17 CM5 L . -5.57 -3.28 29.22
O21 CM5 L . -5.75 -4.55 28.51
O14 CM5 L . -4.82 -2.31 31.64
C15 CM5 L . -5.99 -1.98 30.82
C19 CM5 L . -6.96 -1.22 31.62
O20 CM5 L . -8.18 -1.41 30.94
C16 CM5 L . -6.62 -3.25 30.31
O23 CM5 L . -7.40 -3.13 29.18
C24 CM5 L . -8.73 -3.32 29.40
O25 CM5 L . -9.71 -2.62 30.07
C26 CM5 L . -10.58 -3.28 30.58
C30 CM5 L . -10.77 -2.76 31.91
O31 CM5 L . -12.32 -2.88 32.39
C27 CM5 L . -10.55 -4.68 30.56
O32 CM5 L . -12.15 -4.58 30.61
C28 CM5 L . -10.39 -4.86 29.03
O33 CM5 L . -10.08 -6.17 29.52
C29 CM5 L . -9.44 -4.03 28.39
O34 CM5 L . -9.93 -3.33 27.35
C7 CM5 M . 5.23 -4.13 43.86
C8 CM5 M . 4.25 -4.79 44.82
C9 CM5 M . 2.86 -4.20 44.81
C10 CM5 M . 2.38 -3.96 43.42
C11 CM5 M . 3.41 -3.25 42.59
C6 CM5 M . 4.66 -4.08 42.48
C5 CM5 M . 5.66 -3.51 41.44
C4 CM5 M . 7.01 -3.05 41.97
C3 CM5 M . 7.67 -2.02 41.03
C2 CM5 M . 8.26 -0.79 41.79
C1 CM5 M . 8.15 0.53 41.03
O12 CM5 M . 9.44 0.68 40.47
C13 CM5 M . 9.47 1.78 39.54
C18 CM5 M . 10.58 1.42 38.83
O22 CM5 M . 11.73 2.34 38.96
C17 CM5 M . 10.14 1.52 37.31
O21 CM5 M . 11.23 0.42 36.85
O14 CM5 M . 8.25 1.08 39.41
C15 CM5 M . 7.95 1.06 37.85
C19 CM5 M . 8.22 -0.34 38.54
O20 CM5 M . 7.99 -1.37 37.61
C16 CM5 M . 8.89 0.74 36.59
O23 CM5 M . 9.57 1.53 35.33
C24 CM5 M . 9.65 3.09 35.68
O25 CM5 M . 10.85 3.88 36.17
C26 CM5 M . 10.42 4.77 37.28
C30 CM5 M . 11.28 4.89 38.29
O31 CM5 M . 12.04 6.06 38.49
C27 CM5 M . 8.98 4.99 37.32
O32 CM5 M . 8.81 6.21 38.10
C28 CM5 M . 8.66 5.41 35.85
O33 CM5 M . 7.25 5.48 35.71
C29 CM5 M . 9.25 4.38 34.90
O34 CM5 M . 10.31 4.89 34.22
CHA HEM N . 8.00 -37.09 6.07
CHB HEM N . 6.96 -35.83 1.65
CHC HEM N . 3.04 -38.39 1.66
CHD HEM N . 3.99 -39.49 6.04
C1A HEM N . 7.97 -36.54 4.85
C2A HEM N . 9.01 -35.67 4.39
C3A HEM N . 8.71 -35.33 3.19
C4A HEM N . 7.51 -35.98 2.86
CMA HEM N . 9.52 -34.39 2.31
CAA HEM N . 10.24 -35.15 5.14
CBA HEM N . 11.30 -36.17 5.44
CGA HEM N . 12.51 -35.42 5.80
O1A HEM N . 12.59 -34.95 6.93
O2A HEM N . 13.42 -35.29 4.98
C1B HEM N . 5.81 -36.46 1.34
C2B HEM N . 5.21 -36.33 0.07
C3B HEM N . 4.13 -37.04 0.08
C4B HEM N . 4.06 -37.60 1.36
CMB HEM N . 5.76 -35.52 -1.09
CAB HEM N . 3.07 -37.30 -0.99
CBB HEM N . 3.02 -36.70 -2.16
C1C HEM N . 3.03 -38.93 2.86
C2C HEM N . 2.11 -39.91 3.25
C3C HEM N . 2.38 -40.20 4.47
C4C HEM N . 3.48 -39.39 4.83
CMC HEM N . 1.00 -40.50 2.39
CAC HEM N . 1.74 -41.20 5.43
CBC HEM N . 0.48 -41.61 5.36
C1D HEM N . 5.14 -38.96 6.36
C2D HEM N . 5.62 -39.21 7.65
C3D HEM N . 6.91 -38.50 7.74
C4D HEM N . 7.01 -37.88 6.45
CMD HEM N . 4.95 -40.08 8.70
CAD HEM N . 7.80 -38.49 8.98
CBD HEM N . 9.21 -38.82 8.65
CGD HEM N . 9.98 -38.98 9.91
O1D HEM N . 10.34 -40.08 10.22
O2D HEM N . 10.22 -38.01 10.57
NA HEM N . 7.02 -36.76 3.89
NB HEM N . 5.10 -37.28 2.18
NC HEM N . 3.92 -38.58 3.85
ND HEM N . 5.94 -38.14 5.63
FE HEM N . 5.40 -37.76 3.84
CAC 3QU O . 4.92 -34.77 5.00
CAD 3QU O . 2.98 -35.60 4.00
CAE 3QU O . 4.33 -33.56 5.26
CAF 3QU O . 2.32 -34.40 4.22
CAK 3QU O . 2.35 -32.08 5.13
NAL 3QU O . 4.25 -35.76 4.39
CAM 3QU O . 3.03 -33.40 4.86
C7 CM5 P . 5.85 -11.05 25.28
C8 CM5 P . 7.31 -11.42 25.55
C9 CM5 P . 8.04 -10.27 26.26
C10 CM5 P . 7.92 -8.97 25.47
C11 CM5 P . 6.45 -8.62 25.20
C6 CM5 P . 5.52 -9.66 25.82
C5 CM5 P . 4.07 -9.31 25.49
C4 CM5 P . 3.43 -8.47 26.60
C3 CM5 P . 2.01 -8.96 26.91
C2 CM5 P . 1.25 -9.27 25.62
C1 CM5 P . -0.25 -9.10 25.82
O12 CM5 P . -0.95 -10.20 25.21
C13 CM5 P . -2.26 -9.78 24.80
C18 CM5 P . -2.90 -11.12 24.24
O22 CM5 P . -2.09 -11.25 23.04
C17 CM5 P . -4.39 -10.87 23.72
O21 CM5 P . -4.31 -12.36 23.22
O14 CM5 P . -3.04 -9.46 25.96
C15 CM5 P . -4.47 -9.30 25.54
C19 CM5 P . -5.19 -8.63 26.69
O20 CM5 P . -4.31 -8.34 27.77
C16 CM5 P . -5.28 -10.32 24.97
O23 CM5 P . -5.82 -9.07 24.60
C24 CM5 P . -6.68 -9.61 24.43
O25 CM5 P . -7.27 -9.04 25.67
C26 CM5 P . -8.44 -9.86 26.00
C30 CM5 P . -8.06 -10.13 27.23
O31 CM5 P . -8.86 -9.17 28.29
C27 CM5 P . -8.79 -10.93 24.94
O32 CM5 P . -10.22 -10.37 25.34
C28 CM5 P . -8.81 -10.20 23.53
O33 CM5 P . -8.45 -11.57 23.37
C29 CM5 P . -7.60 -9.31 23.28
O34 CM5 P . -8.03 -7.95 23.12
CHA HEM Q . -2.89 44.26 -59.11
CHB HEM Q . 1.80 42.97 -58.97
CHC HEM Q . 2.34 45.35 -54.78
CHD HEM Q . -2.41 46.36 -54.71
C1A HEM Q . -1.69 43.64 -59.39
C2A HEM Q . -1.48 42.62 -60.41
C3A HEM Q . -0.18 42.27 -60.36
C4A HEM Q . 0.47 43.04 -59.33
CMA HEM Q . 0.50 41.21 -61.27
CAA HEM Q . -2.54 42.05 -61.36
CBA HEM Q . -2.79 43.03 -62.49
CGA HEM Q . -3.89 42.51 -63.39
O1A HEM Q . -5.03 42.33 -62.88
O2A HEM Q . -3.63 42.28 -64.59
C1B HEM Q . 2.35 43.50 -57.83
C2B HEM Q . 3.73 43.34 -57.40
C3B HEM Q . 3.87 44.00 -56.24
C4B HEM Q . 2.60 44.59 -55.89
CMB HEM Q . 4.83 42.56 -58.14
CAB HEM Q . 5.18 44.10 -55.42
CBB HEM Q . 6.36 43.96 -56.02
C1C HEM Q . 1.12 45.91 -54.45
C2C HEM Q . 0.88 46.92 -53.44
C3C HEM Q . -0.42 47.19 -53.41
C4C HEM Q . -1.07 46.37 -54.42
CMC HEM Q . 1.95 47.56 -52.53
CAC HEM Q . -1.12 48.21 -52.48
CBC HEM Q . -1.60 47.81 -51.30
C1D HEM Q . -3.00 45.86 -55.86
C2D HEM Q . -4.42 45.88 -56.14
C3D HEM Q . -4.57 45.22 -57.52
C4D HEM Q . -3.22 44.87 -57.93
CMD HEM Q . -5.55 46.43 -55.24
CAD HEM Q . -5.88 44.98 -58.30
CBD HEM Q . -6.55 46.31 -58.60
CGD HEM Q . -7.23 46.24 -59.93
O1D HEM Q . -7.37 47.31 -60.60
O2D HEM Q . -7.65 45.13 -60.35
NA HEM Q . -0.48 43.87 -58.76
NB HEM Q . 1.70 44.27 -56.89
NC HEM Q . -0.10 45.60 -55.03
ND HEM Q . -2.34 45.27 -56.93
FE HEM Q . -0.32 44.76 -56.90
CAC 3QU R . -1.26 41.78 -56.40
CAD 3QU R . -0.03 42.59 -54.59
CAE 3QU R . -1.35 40.52 -55.81
CAF 3QU R . -0.08 41.35 -53.96
CAG 3QU R . -3.00 37.74 -54.32
CAH 3QU R . -2.88 39.28 -52.47
CAI 3QU R . -4.32 37.47 -54.01
CAJ 3QU R . -4.20 39.00 -52.15
CAK 3QU R . -0.84 38.95 -53.91
NAL 3QU R . -0.61 42.77 -55.78
CAM 3QU R . -0.76 40.30 -54.58
CAN 3QU R . -2.28 38.65 -53.56
CAO 3QU R . -4.92 38.09 -52.91
C7 CM5 S . -20.02 16.71 -54.72
C8 CM5 S . -19.54 16.02 -55.98
C9 CM5 S . -20.65 15.88 -56.98
C10 CM5 S . -21.80 15.28 -56.26
C11 CM5 S . -21.33 14.74 -54.93
C6 CM5 S . -21.00 15.85 -53.98
C5 CM5 S . -20.33 15.26 -52.76
C4 CM5 S . -21.21 15.19 -51.53
C3 CM5 S . -20.47 14.45 -50.44
C2 CM5 S . -19.61 15.38 -49.62
C1 CM5 S . -19.66 15.06 -48.14
O12 CM5 S . -19.05 16.06 -47.38
C13 CM5 S . -18.24 15.42 -46.46
C18 CM5 S . -17.80 16.85 -45.90
O22 CM5 S . -16.78 17.30 -46.75
C17 CM5 S . -17.24 16.66 -44.66
O21 CM5 S . -16.74 17.88 -44.14
O14 CM5 S . -19.08 15.25 -45.42
C15 CM5 S . -18.50 14.85 -44.26
C19 CM5 S . -19.36 14.09 -43.57
O20 CM5 S . -19.24 13.56 -42.14
C16 CM5 S . -18.13 15.99 -43.62
O23 CM5 S . -18.86 15.77 -42.19
C24 CM5 S . -17.49 16.05 -41.41
O25 CM5 S . -16.88 17.21 -41.06
C26 CM5 S . -15.71 17.31 -41.15
C30 CM5 S . -14.90 17.71 -42.23
O31 CM5 S . -13.45 17.99 -42.16
C27 CM5 S . -14.99 15.91 -41.46
O32 CM5 S . -13.81 16.49 -40.61
C28 CM5 S . -15.68 15.13 -40.65
O33 CM5 S . -15.76 13.70 -40.79
C29 CM5 S . -16.89 14.93 -40.52
O34 CM5 S . -17.86 14.76 -39.42
C7 CM5 T . -14.01 14.80 -60.91
C8 CM5 T . -12.78 14.97 -60.06
C9 CM5 T . -11.57 15.27 -60.91
C10 CM5 T . -11.92 14.82 -62.30
C11 CM5 T . -13.06 15.65 -62.88
C6 CM5 T . -14.06 15.98 -61.83
C5 CM5 T . -15.45 16.15 -62.43
C4 CM5 T . -15.71 17.57 -62.96
C3 CM5 T . -16.40 18.51 -61.97
C2 CM5 T . -17.90 18.63 -62.24
C1 CM5 T . -18.46 20.07 -62.19
O12 CM5 T . -19.10 20.25 -60.93
C13 CM5 T . -20.31 20.97 -60.86
C18 CM5 T . -20.69 20.54 -59.36
O22 CM5 T . -20.39 19.20 -59.30
C17 CM5 T . -22.02 21.02 -58.97
O21 CM5 T . -21.92 21.03 -57.54
O14 CM5 T . -20.13 22.29 -60.47
C15 CM5 T . -21.40 22.87 -60.15
C19 CM5 T . -21.15 24.33 -60.19
O20 CM5 T . -19.74 24.54 -60.22
C16 CM5 T . -21.94 22.62 -58.67
O23 CM5 T . -23.23 22.46 -57.73
C24 CM5 T . -24.69 21.80 -57.78
O25 CM5 T . -24.48 20.18 -57.79
C26 CM5 T . -25.54 19.35 -57.17
C30 CM5 T . -26.43 19.09 -57.94
O31 CM5 T . -26.39 17.59 -57.60
C27 CM5 T . -26.41 20.19 -56.29
O32 CM5 T . -26.69 19.09 -55.44
C28 CM5 T . -25.80 21.01 -55.38
O33 CM5 T . -26.81 22.06 -54.68
C29 CM5 T . -24.69 21.77 -56.16
O34 CM5 T . -23.53 21.68 -55.64
CHA HEM U . -2.26 -37.96 49.15
CHB HEM U . -5.85 -36.51 52.08
CHC HEM U . -3.72 -38.75 55.82
CHD HEM U . 0.11 -39.81 53.02
C1A HEM U . -3.38 -37.32 49.63
C2A HEM U . -4.18 -36.35 48.91
C3A HEM U . -5.18 -35.96 49.71
C4A HEM U . -5.03 -36.65 50.98
CMA HEM U . -6.28 -34.93 49.36
CAA HEM U . -3.95 -35.87 47.46
CBA HEM U . -4.67 -36.81 46.49
CGA HEM U . -4.43 -36.35 45.08
O1A HEM U . -3.28 -35.94 44.76
O2A HEM U . -5.39 -36.40 44.26
C1B HEM U . -5.60 -37.00 53.34
C2B HEM U . -6.43 -36.81 54.51
C3B HEM U . -5.84 -37.42 55.54
C4B HEM U . -4.61 -38.02 55.06
CMB HEM U . -7.77 -36.04 54.57
CAB HEM U . -6.37 -37.48 56.99
CBB HEM U . -7.56 -38.05 57.24
C1C HEM U . -2.53 -39.31 55.36
C2C HEM U . -1.73 -40.29 56.06
C3C HEM U . -0.68 -40.58 55.29
C4C HEM U . -0.78 -39.80 54.06
CMC HEM U . -2.03 -40.90 57.45
CAC HEM U . 0.44 -41.58 55.63
CBC HEM U . 1.61 -41.53 54.98
C1D HEM U . -0.14 -39.41 51.72
C2D HEM U . 0.79 -39.51 50.62
C3D HEM U . 0.04 -38.93 49.41
C4D HEM U . -1.26 -38.53 49.91
CMD HEM U . 2.21 -40.08 50.65
CAD HEM U . 0.57 -38.79 47.96
CBD HEM U . -0.28 -39.62 47.03
CGD HEM U . 0.41 -39.76 45.69
O1D HEM U . -0.05 -40.57 44.86
O2D HEM U . 1.42 -39.04 45.47
NA HEM U . -3.93 -37.47 50.89
NB HEM U . -4.49 -37.74 53.71
NC HEM U . -1.93 -39.03 54.15
ND HEM U . -1.33 -38.83 51.27
FE HEM U . -2.91 -38.27 52.50
CAC 3QU V . -1.70 -35.58 52.07
CAD 3QU V . -1.50 -35.94 54.38
CAE 3QU V . -1.28 -34.26 52.18
CAF 3QU V . -1.08 -34.62 54.55
CAG 3QU V . 1.33 -31.05 52.42
CAH 3QU V . 1.98 -32.90 53.83
CAI 3QU V . 2.66 -30.78 52.10
CAJ 3QU V . 3.33 -32.66 53.52
CAK 3QU V . -0.49 -32.33 53.59
NAL 3QU V . -1.80 -36.38 53.15
CAM 3QU V . -0.95 -33.77 53.44
CAN 3QU V . 0.97 -32.11 53.27
CAO 3QU V . 3.67 -31.59 52.66
C7 CM5 W . 14.72 -10.15 39.35
C8 CM5 W . 14.26 -10.33 37.90
C9 CM5 W . 12.75 -10.60 37.84
C10 CM5 W . 11.97 -9.50 38.55
C11 CM5 W . 12.44 -9.33 39.99
C6 CM5 W . 13.94 -9.02 40.03
C5 CM5 W . 14.39 -8.90 41.50
C4 CM5 W . 15.61 -7.98 41.61
C3 CM5 W . 15.78 -7.48 43.05
C2 CM5 W . 16.32 -8.60 43.95
C1 CM5 W . 16.54 -8.09 45.39
O12 CM5 W . 16.43 -9.19 46.30
C13 CM5 W . 17.06 -9.06 47.44
C18 CM5 W . 17.09 -10.46 47.95
O22 CM5 W . 15.60 -10.88 47.85
C17 CM5 W . 17.17 -10.36 49.36
O21 CM5 W . 17.11 -11.77 49.85
O14 CM5 W . 18.03 -8.40 47.82
C15 CM5 W . 18.30 -8.19 49.22
C19 CM5 W . 19.63 -7.45 49.38
O20 CM5 W . 20.17 -7.75 50.67
C16 CM5 W . 18.36 -9.53 49.93
O23 CM5 W . 17.94 -9.37 51.29
C24 CM5 W . 18.47 -9.52 52.24
O25 CM5 W . 19.52 -8.44 52.41
C26 CM5 W . 20.29 -8.47 53.68
C30 CM5 W . 21.61 -9.07 53.62
O31 CM5 W . 22.34 -8.30 54.72
C27 CM5 W . 19.46 -9.31 54.66
O32 CM5 W . 19.99 -8.40 55.74
C28 CM5 W . 18.07 -9.12 54.67
O33 CM5 W . 17.49 -9.52 55.67
C29 CM5 W . 17.42 -9.07 53.22
O34 CM5 W . 16.81 -7.71 52.70
CHA HEM X . 0.13 -17.36 -55.60
CHB HEM X . 4.41 -15.44 -54.35
CHC HEM X . 6.51 -17.58 -58.15
CHD HEM X . 2.17 -19.12 -59.70
C1A HEM X . 1.10 -16.59 -54.99
C2A HEM X . 0.85 -15.59 -53.96
C3A HEM X . 2.02 -15.06 -53.62
C4A HEM X . 3.06 -15.70 -54.41
CMA HEM X . 2.25 -13.96 -52.56
CAA HEM X . -0.53 -15.21 -53.38
CBA HEM X . -1.08 -16.38 -52.56
CGA HEM X . -2.29 -15.93 -51.80
O1A HEM X . -3.35 -15.69 -52.43
O2A HEM X . -2.20 -15.82 -50.55
C1B HEM X . 5.36 -15.90 -55.22
C2B HEM X . 6.79 -15.73 -55.10
C3B HEM X . 7.37 -16.32 -56.15
C4B HEM X . 6.34 -16.89 -56.98
CMB HEM X . 7.53 -15.00 -53.95
CAB HEM X . 8.89 -16.39 -56.42
CBB HEM X . 9.73 -15.59 -55.76
C1C HEM X . 5.54 -18.25 -58.86
C2C HEM X . 5.75 -19.23 -59.89
C3C HEM X . 4.56 -19.66 -60.32
C4C HEM X . 3.53 -18.97 -59.56
CMC HEM X . 7.12 -19.70 -60.44
CAC HEM X . 4.30 -20.70 -61.44
CBC HEM X . 4.11 -20.30 -62.69
C1D HEM X . 1.23 -18.84 -58.74
C2D HEM X . -0.17 -19.23 -58.80
C3D HEM X . -0.80 -18.68 -57.52
C4D HEM X . 0.26 -18.01 -56.82
CMD HEM X . -0.86 -20.04 -59.93
CAD HEM X . -2.28 -18.81 -57.08
CBD HEM X . -2.35 -19.46 -55.70
CGD HEM X . -3.76 -19.89 -55.42
O1D HEM X . -3.94 -20.86 -54.63
O2D HEM X . -4.70 -19.28 -55.97
NA HEM X . 2.45 -16.63 -55.23
NB HEM X . 5.11 -16.62 -56.38
NC HEM X . 4.17 -18.12 -58.67
ND HEM X . 1.44 -18.12 -57.56
FE HEM X . 3.28 -17.38 -56.97
C7 CM5 Y . -18.42 8.94 -65.09
C8 CM5 Y . -19.63 8.62 -64.21
C9 CM5 Y . -19.94 9.79 -63.28
C10 CM5 Y . -18.99 10.95 -63.55
C11 CM5 Y . -19.03 11.36 -65.03
C6 CM5 Y . -18.66 10.20 -65.94
C5 CM5 Y . -17.39 10.53 -66.72
C4 CM5 Y . -17.70 10.63 -68.22
C3 CM5 Y . -16.41 10.46 -69.04
C2 CM5 Y . -16.70 10.59 -70.54
C1 CM5 Y . -15.45 11.02 -71.31
O12 CM5 Y . -14.56 9.90 -71.44
C13 CM5 Y . -13.51 10.23 -72.36
C18 CM5 Y . -13.32 8.66 -72.34
O22 CM5 Y . -12.52 8.84 -71.15
C17 CM5 Y . -12.42 8.33 -73.24
O21 CM5 Y . -11.75 7.02 -73.06
O14 CM5 Y . -14.06 10.37 -73.78
C15 CM5 Y . -13.18 9.93 -74.82
C19 CM5 Y . -13.94 10.17 -76.02
O20 CM5 Y . -13.48 10.30 -77.43
C16 CM5 Y . -12.42 8.55 -74.76
O23 CM5 Y . -11.11 9.25 -74.96
C24 CM5 Y . -10.37 8.67 -76.09
O25 CM5 Y . -9.63 7.61 -75.87
C26 CM5 Y . -8.56 7.36 -76.81
C30 CM5 Y . -7.36 7.41 -75.89
O31 CM5 Y . -6.02 6.90 -76.27
C27 CM5 Y . -8.71 8.09 -78.19
O32 CM5 Y . -8.20 7.56 -79.23
C28 CM5 Y . -9.87 8.20 -78.63
O33 CM5 Y . -9.94 9.10 -79.77
C29 CM5 Y . -10.84 8.64 -77.57
O34 CM5 Y . -12.02 7.66 -77.70
#